data_4RAU
#
_entry.id   4RAU
#
_cell.length_a   161.424
_cell.length_b   171.873
_cell.length_c   208.159
_cell.angle_alpha   90.00
_cell.angle_beta   90.00
_cell.angle_gamma   90.00
#
_symmetry.space_group_name_H-M   'P 21 21 2'
#
loop_
_entity.id
_entity.type
_entity.pdbx_description
1 polymer 'RTOFab light chain'
2 polymer 'RTOFab heavy chain'
3 polymer 'Platelet factor 4'
#
loop_
_entity_poly.entity_id
_entity_poly.type
_entity_poly.pdbx_seq_one_letter_code
_entity_poly.pdbx_strand_id
1 'polypeptide(L)'
;DIQMTQITSSLSASLGDRVTISCSASQGINNYLSWYRQKPDGTVKLLIYYTSSLHSGVPSRFSGSGSGTDYSLTISNLEP
EDIATYFCQQFSKLPYTFGGGTKLEIKRADAAPTVSIFPPSSEQLTSGGASVVCFLNNFYPKDINVKWKIDGSERQNGVL
NSWTDQDSKDSTYSMSSTLTLTKDEYERHNSYTCEATHKTSTSPIVKSFNRN
;
A,D,G,J,M,P,S,V
2 'polypeptide(L)'
;EVKLVESGGGLVKPGGSLKLSCAASGFAFSRYDMSWVRQTPEKRLEWVATITSGDNYTYYPDSVKGRFTISRDNARNTLY
LQMSRLRSEDTALYYCTRQGLLYYAMDYWGQGTSVNVSSAKTTPPSVYPLAPGCGDTTGSSVTLGCLVKGYFPESVTVTW
NSGSLSSSVHTFPALLQSGLYTMSSSVTVPSSTWPSQTVTCSVAHPASSTTVDKKLEPS
;
B,E,H,K,N,Q,T,W
3 'polypeptide(L)' EAEEDGDLQCLCVKTTSQVRPRHITSLEVIKAGPHCPTAQLIATLKNGRKICLDLQAPLYKKIIKKLLES C,F,I,L,O,R,U,X
#
# COMPACT_ATOMS: atom_id res chain seq x y z
N ASP A 1 13.02 47.12 -19.93
CA ASP A 1 11.91 46.21 -19.54
C ASP A 1 10.91 46.95 -18.65
N ILE A 2 9.63 46.66 -18.87
CA ILE A 2 8.58 47.20 -18.03
C ILE A 2 8.17 46.16 -17.00
N GLN A 3 8.39 46.46 -15.72
CA GLN A 3 7.88 45.61 -14.64
C GLN A 3 6.37 45.81 -14.52
N MET A 4 5.61 44.76 -14.84
CA MET A 4 4.14 44.76 -14.69
C MET A 4 3.77 44.07 -13.39
N THR A 5 3.26 44.85 -12.43
CA THR A 5 3.05 44.37 -11.07
C THR A 5 1.57 44.14 -10.76
N GLN A 6 1.22 42.88 -10.57
CA GLN A 6 -0.13 42.49 -10.19
C GLN A 6 -0.09 42.18 -8.70
N ILE A 7 -0.54 43.11 -7.87
CA ILE A 7 -0.14 43.10 -6.46
C ILE A 7 -0.68 41.95 -5.62
N THR A 8 -1.92 41.52 -5.91
CA THR A 8 -2.55 40.43 -5.14
C THR A 8 -2.35 39.09 -5.85
N SER A 9 -1.45 38.29 -5.30
CA SER A 9 -1.18 36.94 -5.78
C SER A 9 -2.47 36.15 -5.96
N SER A 10 -3.26 36.05 -4.90
CA SER A 10 -4.63 35.52 -4.98
C SER A 10 -5.59 36.38 -4.16
N LEU A 11 -6.88 36.24 -4.44
CA LEU A 11 -7.87 37.05 -3.72
C LEU A 11 -9.24 36.35 -3.64
N SER A 12 -9.89 36.57 -2.50
CA SER A 12 -11.06 35.82 -2.08
C SER A 12 -12.32 36.61 -2.39
N ALA A 13 -13.26 35.98 -3.07
CA ALA A 13 -14.50 36.65 -3.44
C ALA A 13 -15.66 35.67 -3.58
N SER A 14 -16.71 35.87 -2.80
CA SER A 14 -17.87 34.99 -2.82
C SER A 14 -18.59 35.12 -4.16
N LEU A 15 -19.27 34.04 -4.56
CA LEU A 15 -19.96 34.00 -5.86
C LEU A 15 -21.04 35.08 -5.98
N GLY A 16 -21.25 35.60 -7.18
CA GLY A 16 -22.22 36.67 -7.41
C GLY A 16 -21.78 38.06 -6.96
N ASP A 17 -20.48 38.21 -6.69
CA ASP A 17 -19.90 39.47 -6.18
C ASP A 17 -19.39 40.37 -7.30
N ARG A 18 -18.86 41.54 -6.91
CA ARG A 18 -18.17 42.43 -7.82
C ARG A 18 -16.70 42.37 -7.46
N VAL A 19 -15.85 42.11 -8.45
CA VAL A 19 -14.42 41.90 -8.22
C VAL A 19 -13.60 42.92 -8.98
N THR A 20 -12.64 43.53 -8.30
CA THR A 20 -11.66 44.38 -8.94
C THR A 20 -10.28 43.76 -8.78
N ILE A 21 -9.50 43.81 -9.84
CA ILE A 21 -8.25 43.09 -9.95
C ILE A 21 -7.23 44.04 -10.57
N SER A 22 -6.32 44.57 -9.75
CA SER A 22 -5.48 45.69 -10.16
C SER A 22 -4.14 45.23 -10.73
N CYS A 23 -3.67 45.99 -11.72
CA CYS A 23 -2.41 45.72 -12.38
C CYS A 23 -1.71 47.03 -12.63
N SER A 24 -0.58 47.22 -11.95
CA SER A 24 0.19 48.45 -12.03
C SER A 24 1.43 48.24 -12.90
N ALA A 25 1.90 49.30 -13.55
CA ALA A 25 3.00 49.23 -14.50
C ALA A 25 4.18 50.12 -14.06
N SER A 26 5.40 49.63 -14.29
CA SER A 26 6.61 50.35 -13.84
C SER A 26 6.73 51.72 -14.48
N GLN A 27 6.41 51.79 -15.77
CA GLN A 27 6.47 53.04 -16.52
C GLN A 27 5.16 53.21 -17.29
N GLY A 28 4.96 54.40 -17.82
CA GLY A 28 3.76 54.70 -18.55
C GLY A 28 3.68 53.85 -19.80
N ILE A 29 2.65 53.01 -19.86
CA ILE A 29 2.21 52.44 -21.13
C ILE A 29 1.02 53.29 -21.60
N ASN A 30 0.78 53.34 -22.90
CA ASN A 30 -0.28 54.20 -23.42
C ASN A 30 -1.59 53.46 -23.55
N ASN A 31 -2.20 53.18 -22.41
CA ASN A 31 -3.32 52.22 -22.28
C ASN A 31 -3.25 51.16 -23.35
N TYR A 32 -2.07 50.57 -23.53
CA TYR A 32 -1.88 49.47 -24.48
C TYR A 32 -1.76 48.15 -23.69
N LEU A 33 -2.57 48.04 -22.66
CA LEU A 33 -2.61 46.90 -21.78
C LEU A 33 -3.56 45.83 -22.30
N SER A 34 -3.44 44.61 -21.78
CA SER A 34 -4.40 43.56 -22.10
C SER A 34 -4.83 42.87 -20.83
N TRP A 35 -5.81 41.98 -20.95
CA TRP A 35 -6.17 41.10 -19.86
C TRP A 35 -6.41 39.70 -20.42
N TYR A 36 -5.96 38.71 -19.65
CA TYR A 36 -6.09 37.32 -20.05
C TYR A 36 -6.63 36.52 -18.88
N ARG A 37 -7.33 35.45 -19.20
CA ARG A 37 -7.86 34.55 -18.18
C ARG A 37 -7.41 33.14 -18.52
N GLN A 38 -6.91 32.43 -17.52
CA GLN A 38 -6.49 31.06 -17.71
C GLN A 38 -7.32 30.11 -16.82
N LYS A 39 -8.17 29.31 -17.45
CA LYS A 39 -8.95 28.30 -16.74
C LYS A 39 -7.99 27.33 -16.07
N PRO A 40 -8.32 26.88 -14.84
CA PRO A 40 -7.35 26.11 -14.04
C PRO A 40 -6.55 25.11 -14.85
N ASP A 41 -7.22 24.51 -15.82
CA ASP A 41 -6.60 23.58 -16.72
C ASP A 41 -6.41 24.13 -18.11
N GLY A 42 -7.47 24.75 -18.62
CA GLY A 42 -7.61 25.03 -20.02
C GLY A 42 -6.63 26.06 -20.55
N THR A 43 -6.75 26.30 -21.84
CA THR A 43 -6.01 27.34 -22.51
C THR A 43 -6.26 28.69 -21.82
N VAL A 44 -5.52 29.71 -22.24
CA VAL A 44 -5.84 31.09 -21.85
C VAL A 44 -6.55 31.78 -23.01
N LYS A 45 -7.40 32.76 -22.69
CA LYS A 45 -8.14 33.47 -23.71
C LYS A 45 -8.12 34.97 -23.44
N LEU A 46 -8.06 35.74 -24.52
CA LEU A 46 -8.00 37.19 -24.43
C LEU A 46 -9.34 37.72 -23.95
N LEU A 47 -9.28 38.57 -22.94
CA LEU A 47 -10.46 39.08 -22.30
C LEU A 47 -10.68 40.51 -22.78
N ILE A 48 -9.74 41.40 -22.45
CA ILE A 48 -9.81 42.80 -22.84
C ILE A 48 -8.52 43.17 -23.56
N TYR A 49 -8.64 43.96 -24.62
CA TYR A 49 -7.49 44.60 -25.23
C TYR A 49 -7.61 46.12 -25.12
N TYR A 50 -6.60 46.82 -25.62
CA TYR A 50 -6.43 48.25 -25.35
C TYR A 50 -6.35 48.51 -23.85
N THR A 51 -7.35 49.13 -23.24
CA THR A 51 -7.40 49.13 -21.80
C THR A 51 -8.76 48.69 -21.32
N SER A 52 -9.76 48.82 -22.20
CA SER A 52 -11.16 48.54 -21.87
C SER A 52 -12.01 47.91 -22.98
N SER A 53 -11.51 47.85 -24.21
CA SER A 53 -12.25 47.21 -25.30
C SER A 53 -12.26 45.70 -25.17
N LEU A 54 -13.46 45.12 -25.10
CA LEU A 54 -13.61 43.69 -24.87
C LEU A 54 -13.44 42.90 -26.17
N HIS A 55 -12.83 41.73 -26.06
CA HIS A 55 -12.65 40.81 -27.19
C HIS A 55 -13.99 40.21 -27.53
N SER A 56 -14.15 39.73 -28.75
CA SER A 56 -15.41 39.11 -29.17
C SER A 56 -15.68 37.84 -28.36
N GLY A 57 -16.95 37.61 -28.04
CA GLY A 57 -17.35 36.43 -27.28
C GLY A 57 -17.06 36.53 -25.80
N VAL A 58 -16.79 37.74 -25.31
CA VAL A 58 -16.56 37.96 -23.90
C VAL A 58 -17.86 38.48 -23.29
N PRO A 59 -18.26 37.94 -22.14
CA PRO A 59 -19.42 38.46 -21.41
C PRO A 59 -19.39 39.97 -21.15
N SER A 60 -20.56 40.53 -20.91
CA SER A 60 -20.69 41.96 -20.76
C SER A 60 -20.21 42.42 -19.37
N ARG A 61 -20.27 41.52 -18.38
CA ARG A 61 -19.83 41.83 -17.00
C ARG A 61 -18.35 42.19 -16.86
N PHE A 62 -17.53 41.75 -17.82
CA PHE A 62 -16.12 42.12 -17.88
C PHE A 62 -15.91 43.52 -18.43
N SER A 63 -15.27 44.40 -17.66
CA SER A 63 -15.00 45.75 -18.13
C SER A 63 -13.64 46.23 -17.63
N GLY A 64 -12.77 46.59 -18.58
CA GLY A 64 -11.45 47.13 -18.27
C GLY A 64 -11.46 48.63 -18.08
N SER A 65 -10.43 49.16 -17.44
CA SER A 65 -10.31 50.59 -17.18
C SER A 65 -8.90 50.94 -16.75
N GLY A 66 -8.62 52.25 -16.68
CA GLY A 66 -7.32 52.76 -16.25
C GLY A 66 -6.65 53.74 -17.21
N SER A 67 -5.55 54.32 -16.77
CA SER A 67 -4.75 55.24 -17.59
C SER A 67 -3.37 55.46 -16.97
N GLY A 68 -2.34 55.47 -17.81
CA GLY A 68 -0.97 55.73 -17.36
C GLY A 68 -0.28 54.48 -16.84
N THR A 69 -0.07 54.42 -15.54
CA THR A 69 0.62 53.27 -14.91
C THR A 69 -0.32 52.34 -14.17
N ASP A 70 -1.54 52.79 -13.88
CA ASP A 70 -2.50 51.98 -13.11
C ASP A 70 -3.68 51.56 -13.98
N TYR A 71 -4.08 50.31 -13.83
CA TYR A 71 -5.19 49.75 -14.58
C TYR A 71 -5.94 48.73 -13.75
N SER A 72 -7.20 48.50 -14.12
CA SER A 72 -8.03 47.52 -13.45
C SER A 72 -8.88 46.77 -14.46
N LEU A 73 -9.06 45.48 -14.19
CA LEU A 73 -10.13 44.68 -14.76
C LEU A 73 -11.15 44.54 -13.66
N THR A 74 -12.41 44.46 -14.03
CA THR A 74 -13.45 44.33 -13.02
C THR A 74 -14.62 43.49 -13.53
N ILE A 75 -15.10 42.60 -12.67
CA ILE A 75 -16.10 41.63 -13.03
C ILE A 75 -17.30 41.79 -12.10
N SER A 76 -18.39 42.34 -12.62
CA SER A 76 -19.65 42.40 -11.89
C SER A 76 -20.30 41.01 -11.84
N ASN A 77 -21.16 40.79 -10.84
CA ASN A 77 -21.76 39.47 -10.54
C ASN A 77 -20.92 38.26 -11.00
N LEU A 78 -19.91 37.94 -10.20
CA LEU A 78 -18.98 36.84 -10.48
C LEU A 78 -19.70 35.52 -10.68
N GLU A 79 -19.28 34.78 -11.69
CA GLU A 79 -19.84 33.47 -11.98
C GLU A 79 -18.76 32.41 -11.87
N PRO A 80 -19.15 31.15 -11.57
CA PRO A 80 -18.16 30.11 -11.23
C PRO A 80 -17.23 29.71 -12.39
N GLU A 81 -17.55 30.11 -13.62
CA GLU A 81 -16.64 29.94 -14.76
C GLU A 81 -15.42 30.86 -14.66
N ASP A 82 -15.49 31.85 -13.77
CA ASP A 82 -14.45 32.87 -13.63
C ASP A 82 -13.44 32.57 -12.53
N ILE A 83 -13.69 31.55 -11.71
CA ILE A 83 -12.68 31.09 -10.74
C ILE A 83 -11.48 30.60 -11.56
N ALA A 84 -10.44 31.42 -11.60
CA ALA A 84 -9.31 31.23 -12.51
C ALA A 84 -8.17 32.19 -12.13
N THR A 85 -7.08 32.15 -12.89
CA THR A 85 -6.02 33.14 -12.76
C THR A 85 -6.19 34.17 -13.86
N TYR A 86 -5.85 35.42 -13.57
CA TYR A 86 -5.95 36.51 -14.54
C TYR A 86 -4.61 37.20 -14.69
N PHE A 87 -4.27 37.56 -15.93
CA PHE A 87 -2.98 38.13 -16.25
C PHE A 87 -3.15 39.42 -17.02
N CYS A 88 -2.33 40.42 -16.71
CA CYS A 88 -2.27 41.62 -17.55
C CYS A 88 -0.97 41.62 -18.33
N GLN A 89 -1.07 41.92 -19.61
CA GLN A 89 0.09 42.17 -20.46
C GLN A 89 0.09 43.64 -20.84
N GLN A 90 1.26 44.12 -21.24
CA GLN A 90 1.36 45.39 -21.95
C GLN A 90 1.96 45.10 -23.31
N PHE A 91 1.61 45.91 -24.29
CA PHE A 91 2.20 45.75 -25.62
C PHE A 91 2.66 47.07 -26.23
N SER A 92 2.98 48.03 -25.37
CA SER A 92 3.37 49.35 -25.80
C SER A 92 4.78 49.30 -26.40
N LYS A 93 5.66 48.56 -25.77
CA LYS A 93 6.97 48.35 -26.36
C LYS A 93 7.59 47.02 -25.99
N LEU A 94 8.55 46.59 -26.80
CA LEU A 94 9.34 45.41 -26.51
C LEU A 94 10.25 45.68 -25.31
N PRO A 95 10.54 44.64 -24.52
CA PRO A 95 10.06 43.29 -24.66
C PRO A 95 8.70 43.18 -24.00
N TYR A 96 7.83 42.35 -24.55
CA TYR A 96 6.48 42.23 -24.02
C TYR A 96 6.54 41.52 -22.68
N THR A 97 5.94 42.14 -21.68
CA THR A 97 6.01 41.66 -20.32
C THR A 97 4.60 41.41 -19.78
N PHE A 98 4.44 40.40 -18.95
CA PHE A 98 3.15 40.08 -18.35
C PHE A 98 3.13 40.41 -16.87
N GLY A 99 1.95 40.27 -16.26
CA GLY A 99 1.82 40.43 -14.83
C GLY A 99 2.12 39.12 -14.13
N GLY A 100 2.28 39.19 -12.81
CA GLY A 100 2.51 38.01 -11.99
C GLY A 100 1.32 37.07 -11.97
N GLY A 101 0.13 37.63 -12.20
CA GLY A 101 -1.10 36.86 -12.23
C GLY A 101 -1.85 37.00 -10.92
N THR A 102 -3.18 37.01 -11.00
CA THR A 102 -4.03 37.03 -9.82
C THR A 102 -4.99 35.84 -9.86
N LYS A 103 -4.84 34.96 -8.87
CA LYS A 103 -5.68 33.78 -8.72
C LYS A 103 -6.96 34.17 -7.99
N LEU A 104 -8.09 33.69 -8.50
CA LEU A 104 -9.38 34.01 -7.94
C LEU A 104 -9.96 32.79 -7.24
N GLU A 105 -10.21 32.90 -5.95
CA GLU A 105 -10.73 31.79 -5.15
C GLU A 105 -11.96 32.25 -4.36
N ILE A 106 -12.77 31.29 -3.90
CA ILE A 106 -14.10 31.57 -3.35
C ILE A 106 -14.13 31.54 -1.82
N LYS A 107 -14.61 32.64 -1.22
CA LYS A 107 -14.57 32.82 0.23
C LYS A 107 -15.55 31.90 0.94
N ARG A 108 -15.08 31.27 2.01
CA ARG A 108 -15.92 30.53 2.95
C ARG A 108 -15.54 30.99 4.36
N ALA A 109 -16.29 30.53 5.37
CA ALA A 109 -16.01 30.89 6.77
C ALA A 109 -14.79 30.12 7.30
N ASP A 110 -13.69 30.84 7.49
CA ASP A 110 -12.40 30.24 7.87
C ASP A 110 -12.50 29.12 8.92
N ALA A 111 -11.95 27.95 8.59
CA ALA A 111 -11.91 26.80 9.49
C ALA A 111 -10.46 26.39 9.76
N ALA A 112 -10.23 25.79 10.93
CA ALA A 112 -8.89 25.42 11.38
C ALA A 112 -8.45 24.07 10.80
N PRO A 113 -7.13 23.78 10.81
CA PRO A 113 -6.63 22.56 10.16
C PRO A 113 -6.59 21.36 11.09
N THR A 114 -6.95 20.19 10.57
CA THR A 114 -6.80 18.93 11.28
C THR A 114 -5.39 18.41 11.04
N VAL A 115 -4.53 18.54 12.04
CA VAL A 115 -3.12 18.23 11.90
C VAL A 115 -2.82 16.79 12.30
N SER A 116 -2.13 16.08 11.42
CA SER A 116 -1.71 14.70 11.69
C SER A 116 -0.22 14.59 11.46
N ILE A 117 0.48 13.93 12.37
CA ILE A 117 1.93 13.73 12.23
C ILE A 117 2.24 12.25 12.08
N PHE A 118 3.29 11.95 11.32
CA PHE A 118 3.66 10.56 11.01
C PHE A 118 5.17 10.35 11.12
N PRO A 119 5.59 9.28 11.80
CA PRO A 119 7.00 8.97 11.82
C PRO A 119 7.41 8.26 10.53
N PRO A 120 8.70 8.26 10.21
CA PRO A 120 9.17 7.59 9.00
C PRO A 120 8.97 6.10 9.13
N SER A 121 8.45 5.47 8.06
CA SER A 121 8.08 4.06 8.10
C SER A 121 9.30 3.15 8.16
N SER A 122 9.09 1.94 8.65
CA SER A 122 10.13 0.93 8.74
C SER A 122 10.69 0.58 7.35
N GLU A 123 9.81 0.49 6.36
CA GLU A 123 10.21 0.22 4.96
C GLU A 123 11.28 1.19 4.47
N GLN A 124 11.17 2.45 4.88
CA GLN A 124 12.11 3.51 4.48
C GLN A 124 13.40 3.48 5.31
N LEU A 125 13.28 3.15 6.60
CA LEU A 125 14.45 3.04 7.47
C LEU A 125 15.41 1.96 6.98
N THR A 126 14.83 0.87 6.44
CA THR A 126 15.61 -0.17 5.77
C THR A 126 16.37 0.38 4.58
N SER A 127 15.69 1.23 3.79
CA SER A 127 16.29 1.88 2.64
C SER A 127 17.47 2.80 3.00
N GLY A 128 17.45 3.35 4.22
CA GLY A 128 18.52 4.22 4.69
C GLY A 128 18.17 5.70 4.54
N GLY A 129 16.91 6.02 4.83
CA GLY A 129 16.43 7.40 4.82
C GLY A 129 15.34 7.57 5.86
N ALA A 130 14.94 8.82 6.11
CA ALA A 130 13.94 9.09 7.15
C ALA A 130 13.19 10.39 6.87
N SER A 131 11.93 10.26 6.44
CA SER A 131 11.07 11.39 6.19
C SER A 131 9.94 11.48 7.21
N VAL A 132 9.95 12.55 8.00
CA VAL A 132 8.88 12.82 8.94
C VAL A 132 7.85 13.68 8.23
N VAL A 133 6.61 13.20 8.16
CA VAL A 133 5.55 13.87 7.43
C VAL A 133 4.50 14.47 8.36
N CYS A 134 3.97 15.61 7.97
CA CYS A 134 2.92 16.27 8.74
C CYS A 134 1.86 16.77 7.77
N PHE A 135 0.64 16.24 7.87
CA PHE A 135 -0.48 16.71 7.08
C PHE A 135 -1.24 17.78 7.86
N LEU A 136 -1.58 18.87 7.17
CA LEU A 136 -2.42 19.92 7.72
C LEU A 136 -3.57 20.06 6.74
N ASN A 137 -4.74 19.51 7.09
CA ASN A 137 -5.83 19.30 6.13
C ASN A 137 -7.10 20.10 6.39
N ASN A 138 -7.79 20.42 5.30
CA ASN A 138 -9.10 21.10 5.31
C ASN A 138 -9.16 22.34 6.20
N PHE A 139 -8.51 23.40 5.72
CA PHE A 139 -8.53 24.68 6.43
C PHE A 139 -8.79 25.84 5.48
N TYR A 140 -8.99 27.02 6.06
CA TYR A 140 -9.15 28.25 5.29
C TYR A 140 -8.82 29.43 6.22
N PRO A 141 -8.12 30.46 5.71
CA PRO A 141 -7.62 30.65 4.35
C PRO A 141 -6.25 30.01 4.11
N LYS A 142 -5.87 29.91 2.83
CA LYS A 142 -4.56 29.40 2.39
C LYS A 142 -3.38 29.82 3.28
N ASP A 143 -3.46 31.02 3.88
CA ASP A 143 -2.41 31.55 4.75
C ASP A 143 -2.18 30.67 5.95
N ILE A 144 -1.08 29.90 5.94
CA ILE A 144 -0.74 29.01 7.05
C ILE A 144 0.79 28.94 7.21
N ASN A 145 1.25 28.64 8.42
CA ASN A 145 2.68 28.62 8.71
C ASN A 145 3.07 27.40 9.55
N VAL A 146 4.25 26.83 9.28
CA VAL A 146 4.68 25.57 9.91
C VAL A 146 6.07 25.69 10.57
N LYS A 147 6.18 25.16 11.80
CA LYS A 147 7.45 25.05 12.53
C LYS A 147 7.78 23.59 12.80
N TRP A 148 8.97 23.15 12.40
CA TRP A 148 9.45 21.80 12.74
C TRP A 148 10.43 21.91 13.91
N LYS A 149 10.20 21.11 14.95
CA LYS A 149 11.03 21.15 16.16
C LYS A 149 11.53 19.76 16.58
N ILE A 150 12.84 19.55 16.46
CA ILE A 150 13.49 18.32 16.92
C ILE A 150 14.08 18.58 18.31
N ASP A 151 13.65 17.77 19.29
CA ASP A 151 14.05 17.93 20.68
C ASP A 151 13.88 19.39 21.16
N GLY A 152 12.75 20.00 20.81
CA GLY A 152 12.39 21.33 21.30
C GLY A 152 13.05 22.52 20.64
N SER A 153 14.08 22.32 19.83
CA SER A 153 14.74 23.42 19.12
C SER A 153 14.48 23.29 17.62
N GLU A 154 14.02 24.38 17.00
CA GLU A 154 13.48 24.31 15.64
C GLU A 154 14.52 24.02 14.57
N ARG A 155 14.04 23.56 13.43
CA ARG A 155 14.90 23.25 12.30
C ARG A 155 14.17 23.59 11.03
N GLN A 156 14.83 24.36 10.15
CA GLN A 156 14.25 24.76 8.87
C GLN A 156 15.08 24.23 7.71
N ASN A 157 15.74 23.08 7.93
CA ASN A 157 16.81 22.66 7.04
C ASN A 157 16.34 21.75 5.92
N GLY A 158 15.76 20.61 6.26
CA GLY A 158 15.31 19.64 5.26
C GLY A 158 13.82 19.66 4.99
N VAL A 159 13.20 20.84 5.17
CA VAL A 159 11.75 20.97 5.08
C VAL A 159 11.31 21.19 3.64
N LEU A 160 10.11 20.71 3.32
CA LEU A 160 9.48 20.94 2.02
C LEU A 160 7.97 20.98 2.15
N ASN A 161 7.37 22.11 1.78
CA ASN A 161 5.95 22.31 1.94
C ASN A 161 5.21 22.38 0.59
N SER A 162 4.17 21.57 0.44
CA SER A 162 3.38 21.50 -0.78
C SER A 162 1.92 21.77 -0.44
N TRP A 163 1.35 22.82 -1.03
CA TRP A 163 -0.07 23.17 -0.80
C TRP A 163 -0.92 22.63 -1.95
N THR A 164 -2.18 22.34 -1.67
CA THR A 164 -3.11 21.89 -2.71
C THR A 164 -3.82 23.08 -3.33
N ASP A 165 -4.51 22.84 -4.43
CA ASP A 165 -5.46 23.80 -4.95
C ASP A 165 -6.63 23.85 -3.97
N GLN A 166 -7.45 24.89 -4.08
CA GLN A 166 -8.66 24.97 -3.26
C GLN A 166 -9.58 23.82 -3.63
N ASP A 167 -10.03 23.07 -2.62
CA ASP A 167 -10.85 21.89 -2.88
C ASP A 167 -12.14 22.31 -3.58
N SER A 168 -12.33 21.80 -4.78
CA SER A 168 -13.54 22.07 -5.58
C SER A 168 -14.81 21.75 -4.80
N LYS A 169 -14.73 20.68 -4.01
CA LYS A 169 -15.83 20.23 -3.17
C LYS A 169 -16.28 21.28 -2.13
N ASP A 170 -15.38 21.65 -1.22
CA ASP A 170 -15.74 22.42 -0.02
C ASP A 170 -14.92 23.70 0.26
N SER A 171 -14.14 24.16 -0.72
CA SER A 171 -13.43 25.44 -0.62
C SER A 171 -12.43 25.50 0.54
N THR A 172 -11.75 24.39 0.80
CA THR A 172 -10.75 24.33 1.87
C THR A 172 -9.41 23.89 1.33
N TYR A 173 -8.36 24.56 1.79
CA TYR A 173 -7.01 24.23 1.40
C TYR A 173 -6.42 23.18 2.34
N SER A 174 -5.42 22.46 1.86
CA SER A 174 -4.73 21.44 2.62
C SER A 174 -3.25 21.43 2.21
N MET A 175 -2.35 21.23 3.16
CA MET A 175 -0.92 21.23 2.86
C MET A 175 -0.16 20.10 3.52
N SER A 176 1.04 19.86 3.02
CA SER A 176 1.86 18.70 3.35
C SER A 176 3.28 19.15 3.66
N SER A 177 3.75 18.89 4.88
CA SER A 177 5.10 19.28 5.29
C SER A 177 6.00 18.07 5.49
N THR A 178 7.00 17.94 4.61
CA THR A 178 7.91 16.78 4.61
C THR A 178 9.28 17.19 5.16
N LEU A 179 9.69 16.57 6.26
CA LEU A 179 11.02 16.80 6.83
C LEU A 179 11.96 15.65 6.46
N THR A 180 12.75 15.85 5.40
CA THR A 180 13.69 14.84 4.92
C THR A 180 14.96 14.87 5.76
N LEU A 181 15.36 13.71 6.29
CA LEU A 181 16.53 13.61 7.17
C LEU A 181 17.37 12.38 6.86
N THR A 182 18.68 12.54 6.97
CA THR A 182 19.61 11.42 6.99
C THR A 182 19.22 10.48 8.13
N LYS A 183 19.18 9.18 7.84
CA LYS A 183 18.59 8.22 8.77
C LYS A 183 19.41 8.04 10.06
N ASP A 184 20.71 8.33 10.00
CA ASP A 184 21.58 8.26 11.17
C ASP A 184 21.33 9.42 12.14
N GLU A 185 21.26 10.64 11.62
CA GLU A 185 21.00 11.83 12.43
C GLU A 185 19.53 11.95 12.85
N TYR A 186 18.67 11.16 12.21
CA TYR A 186 17.30 10.97 12.69
C TYR A 186 17.33 10.24 14.02
N GLU A 187 18.20 9.24 14.13
CA GLU A 187 18.31 8.43 15.35
C GLU A 187 19.17 9.09 16.45
N ARG A 188 19.83 10.20 16.13
CA ARG A 188 20.55 11.00 17.13
C ARG A 188 19.64 11.89 17.97
N HIS A 189 18.35 11.93 17.64
CA HIS A 189 17.36 12.72 18.39
C HIS A 189 16.09 11.91 18.63
N ASN A 190 15.26 12.34 19.58
CA ASN A 190 14.07 11.56 19.98
C ASN A 190 12.72 12.24 19.77
N SER A 191 12.61 13.51 20.16
CA SER A 191 11.34 14.27 20.07
C SER A 191 11.17 14.94 18.70
N TYR A 192 10.07 14.63 18.00
CA TYR A 192 9.75 15.24 16.71
C TYR A 192 8.39 15.92 16.76
N THR A 193 8.39 17.24 16.58
CA THR A 193 7.21 18.07 16.74
C THR A 193 6.95 18.88 15.48
N CYS A 194 5.68 19.10 15.18
CA CYS A 194 5.26 19.86 14.01
C CYS A 194 4.17 20.87 14.42
N GLU A 195 4.59 22.12 14.63
CA GLU A 195 3.68 23.20 14.99
C GLU A 195 3.06 23.85 13.76
N ALA A 196 1.91 24.48 13.94
CA ALA A 196 1.19 25.12 12.83
C ALA A 196 0.44 26.37 13.29
N THR A 197 0.94 27.55 12.91
CA THR A 197 0.26 28.81 13.19
C THR A 197 -0.78 29.08 12.10
N HIS A 198 -1.98 29.48 12.51
CA HIS A 198 -3.07 29.79 11.59
C HIS A 198 -3.94 30.91 12.15
N LYS A 199 -4.68 31.58 11.26
CA LYS A 199 -5.58 32.66 11.66
C LYS A 199 -6.60 32.25 12.73
N THR A 200 -7.03 30.99 12.73
CA THR A 200 -8.15 30.54 13.55
C THR A 200 -7.91 30.51 15.07
N SER A 201 -6.65 30.58 15.51
CA SER A 201 -6.35 30.75 16.94
C SER A 201 -5.00 31.42 17.15
N THR A 202 -4.83 32.04 18.33
CA THR A 202 -3.63 32.83 18.63
C THR A 202 -2.39 31.95 18.80
N SER A 203 -2.41 31.07 19.79
CA SER A 203 -1.30 30.13 19.99
C SER A 203 -1.48 28.93 19.06
N PRO A 204 -0.36 28.32 18.62
CA PRO A 204 -0.38 27.34 17.53
C PRO A 204 -0.95 25.97 17.91
N ILE A 205 -1.30 25.18 16.89
CA ILE A 205 -1.72 23.78 17.09
C ILE A 205 -0.50 22.86 16.85
N VAL A 206 -0.25 21.98 17.82
CA VAL A 206 0.97 21.19 17.86
C VAL A 206 0.67 19.69 17.88
N LYS A 207 1.31 18.96 16.99
CA LYS A 207 1.25 17.49 16.96
C LYS A 207 2.67 16.96 17.02
N SER A 208 2.88 15.90 17.80
CA SER A 208 4.22 15.40 18.07
C SER A 208 4.26 13.90 18.36
N PHE A 209 5.46 13.34 18.30
CA PHE A 209 5.70 11.96 18.69
C PHE A 209 7.13 11.78 19.17
N ASN A 210 7.35 10.77 19.99
CA ASN A 210 8.70 10.39 20.44
C ASN A 210 9.09 9.01 19.94
N ARG A 211 10.38 8.71 20.03
CA ARG A 211 10.91 7.42 19.61
C ARG A 211 11.20 6.59 20.86
N ASN A 212 10.59 5.41 20.95
CA ASN A 212 10.71 4.57 22.14
C ASN A 212 10.38 3.09 21.86
N GLU B 1 -14.00 28.63 -35.79
CA GLU B 1 -12.93 28.89 -34.79
C GLU B 1 -11.58 29.21 -35.43
N VAL B 2 -10.86 30.13 -34.83
CA VAL B 2 -9.43 30.25 -35.02
C VAL B 2 -8.79 29.21 -34.10
N LYS B 3 -7.93 28.35 -34.64
CA LYS B 3 -7.36 27.26 -33.87
C LYS B 3 -5.84 27.21 -34.01
N LEU B 4 -5.17 26.89 -32.91
CA LEU B 4 -3.72 26.79 -32.89
C LEU B 4 -3.25 25.49 -32.20
N VAL B 5 -3.00 24.46 -33.01
CA VAL B 5 -2.44 23.20 -32.51
C VAL B 5 -0.93 23.35 -32.43
N GLU B 6 -0.33 22.71 -31.44
CA GLU B 6 1.10 22.84 -31.18
C GLU B 6 1.68 21.46 -30.95
N SER B 7 2.97 21.29 -31.22
CA SER B 7 3.58 19.96 -31.15
C SER B 7 5.10 20.02 -31.10
N GLY B 8 5.71 18.86 -30.89
CA GLY B 8 7.16 18.73 -30.84
C GLY B 8 7.73 18.82 -29.43
N GLY B 9 6.88 19.12 -28.46
CA GLY B 9 7.31 19.27 -27.08
C GLY B 9 7.67 17.95 -26.46
N GLY B 10 8.68 17.95 -25.61
CA GLY B 10 9.11 16.73 -24.94
C GLY B 10 10.21 16.96 -23.93
N LEU B 11 10.83 15.87 -23.49
CA LEU B 11 11.96 15.92 -22.57
C LEU B 11 13.24 16.08 -23.37
N VAL B 12 14.10 17.01 -22.96
CA VAL B 12 15.41 17.13 -23.58
C VAL B 12 16.48 17.34 -22.53
N LYS B 13 17.67 16.83 -22.83
CA LYS B 13 18.82 16.94 -21.95
C LYS B 13 19.40 18.35 -22.09
N PRO B 14 19.88 18.94 -20.97
CA PRO B 14 20.55 20.24 -20.99
C PRO B 14 21.58 20.38 -22.12
N GLY B 15 21.65 21.58 -22.70
CA GLY B 15 22.53 21.84 -23.84
C GLY B 15 22.09 21.13 -25.12
N GLY B 16 20.81 20.76 -25.20
CA GLY B 16 20.28 20.02 -26.34
C GLY B 16 19.56 20.92 -27.34
N SER B 17 18.74 20.29 -28.16
CA SER B 17 17.96 21.00 -29.19
C SER B 17 16.55 20.42 -29.31
N LEU B 18 15.64 21.23 -29.84
CA LEU B 18 14.27 20.81 -30.06
C LEU B 18 13.56 21.83 -30.95
N LYS B 19 12.66 21.36 -31.79
CA LYS B 19 11.92 22.23 -32.69
C LYS B 19 10.43 22.11 -32.43
N LEU B 20 9.83 23.18 -31.92
CA LEU B 20 8.39 23.21 -31.66
C LEU B 20 7.67 23.61 -32.94
N SER B 21 6.46 23.10 -33.10
CA SER B 21 5.63 23.44 -34.24
C SER B 21 4.28 23.94 -33.76
N CYS B 22 3.64 24.78 -34.57
CA CYS B 22 2.33 25.33 -34.26
C CYS B 22 1.52 25.44 -35.54
N ALA B 23 0.53 24.55 -35.69
CA ALA B 23 -0.32 24.52 -36.87
C ALA B 23 -1.48 25.50 -36.73
N ALA B 24 -1.66 26.35 -37.74
CA ALA B 24 -2.68 27.39 -37.71
C ALA B 24 -3.86 27.03 -38.60
N SER B 25 -5.05 27.47 -38.18
CA SER B 25 -6.29 27.15 -38.90
C SER B 25 -7.42 28.10 -38.51
N GLY B 26 -8.08 28.67 -39.53
CA GLY B 26 -9.21 29.56 -39.31
C GLY B 26 -8.96 31.03 -39.64
N PHE B 27 -7.86 31.34 -40.34
CA PHE B 27 -7.54 32.72 -40.72
C PHE B 27 -6.45 32.79 -41.79
N ALA B 28 -6.26 34.00 -42.34
CA ALA B 28 -5.23 34.25 -43.35
C ALA B 28 -3.83 34.30 -42.73
N PHE B 29 -3.31 33.13 -42.37
CA PHE B 29 -2.06 33.02 -41.62
C PHE B 29 -0.93 33.92 -42.11
N SER B 30 -0.81 34.08 -43.43
CA SER B 30 0.29 34.85 -44.00
C SER B 30 0.21 36.34 -43.64
N ARG B 31 -1.00 36.85 -43.44
CA ARG B 31 -1.20 38.26 -43.11
C ARG B 31 -1.44 38.48 -41.61
N TYR B 32 -0.71 37.75 -40.76
CA TYR B 32 -0.82 37.89 -39.30
C TYR B 32 0.53 37.74 -38.58
N ASP B 33 0.84 38.66 -37.67
CA ASP B 33 2.03 38.55 -36.85
C ASP B 33 1.83 37.41 -35.84
N MET B 34 2.85 36.57 -35.68
CA MET B 34 2.76 35.39 -34.82
C MET B 34 3.85 35.40 -33.75
N SER B 35 3.52 34.83 -32.58
CA SER B 35 4.41 34.90 -31.43
C SER B 35 4.41 33.62 -30.59
N TRP B 36 5.43 33.50 -29.73
CA TRP B 36 5.56 32.38 -28.80
C TRP B 36 5.64 32.91 -27.38
N VAL B 37 4.88 32.31 -26.47
CA VAL B 37 4.91 32.67 -25.06
C VAL B 37 5.01 31.40 -24.25
N ARG B 38 5.68 31.48 -23.11
CA ARG B 38 5.86 30.30 -22.26
C ARG B 38 5.46 30.57 -20.81
N GLN B 39 4.97 29.52 -20.17
CA GLN B 39 4.52 29.57 -18.79
C GLN B 39 5.48 28.73 -17.94
N THR B 40 6.20 29.38 -17.03
CA THR B 40 7.18 28.67 -16.20
C THR B 40 6.45 27.71 -15.28
N PRO B 41 7.15 26.70 -14.73
CA PRO B 41 6.52 25.86 -13.72
C PRO B 41 6.14 26.70 -12.50
N GLU B 42 7.08 27.56 -12.10
CA GLU B 42 6.85 28.62 -11.11
C GLU B 42 5.44 29.24 -11.26
N LYS B 43 5.08 29.53 -12.52
CA LYS B 43 3.70 29.76 -13.00
C LYS B 43 3.58 30.93 -13.98
N ARG B 44 4.12 32.07 -13.58
CA ARG B 44 4.35 33.25 -14.45
C ARG B 44 4.41 33.03 -15.97
N LEU B 45 4.03 34.07 -16.71
CA LEU B 45 4.09 34.07 -18.18
C LEU B 45 5.31 34.85 -18.66
N GLU B 46 5.80 34.50 -19.86
CA GLU B 46 7.04 35.07 -20.37
C GLU B 46 7.03 35.13 -21.90
N TRP B 47 7.17 36.33 -22.46
CA TRP B 47 7.24 36.48 -23.91
C TRP B 47 8.54 35.87 -24.41
N VAL B 48 8.46 35.19 -25.55
CA VAL B 48 9.61 34.47 -26.09
C VAL B 48 10.04 34.92 -27.47
N ALA B 49 9.09 35.12 -28.38
CA ALA B 49 9.42 35.50 -29.76
C ALA B 49 8.23 36.11 -30.51
N THR B 50 8.52 36.92 -31.53
CA THR B 50 7.50 37.42 -32.45
C THR B 50 8.09 37.53 -33.84
N ILE B 51 7.24 37.40 -34.85
CA ILE B 51 7.67 37.49 -36.25
C ILE B 51 6.69 38.30 -37.10
N THR B 52 7.21 39.28 -37.85
CA THR B 52 6.39 40.15 -38.69
C THR B 52 5.82 39.37 -39.85
N SER B 53 4.55 39.64 -40.14
CA SER B 53 3.81 38.91 -41.17
C SER B 53 4.16 39.39 -42.57
N GLY B 54 4.63 40.63 -42.69
CA GLY B 54 5.28 41.08 -43.92
C GLY B 54 6.63 40.39 -44.04
N ASP B 55 6.61 39.06 -43.96
CA ASP B 55 7.78 38.17 -43.77
C ASP B 55 8.89 38.65 -42.81
N ASN B 56 8.98 39.96 -42.61
CA ASN B 56 10.22 40.63 -42.23
C ASN B 56 10.97 40.00 -41.05
N TYR B 57 10.83 40.59 -39.87
CA TYR B 57 11.84 40.45 -38.84
C TYR B 57 11.45 39.42 -37.80
N THR B 58 12.35 39.20 -36.86
CA THR B 58 12.04 38.43 -35.67
C THR B 58 12.54 39.24 -34.48
N TYR B 59 11.80 39.15 -33.38
CA TYR B 59 12.14 39.87 -32.14
C TYR B 59 12.13 38.89 -30.98
N TYR B 60 13.22 38.84 -30.23
CA TYR B 60 13.32 38.02 -29.02
C TYR B 60 13.73 38.86 -27.83
N PRO B 61 13.44 38.39 -26.61
CA PRO B 61 13.92 39.07 -25.42
C PRO B 61 15.34 38.65 -25.12
N ASP B 62 15.96 39.34 -24.17
CA ASP B 62 17.37 39.09 -23.84
C ASP B 62 17.61 37.67 -23.35
N SER B 63 16.67 37.14 -22.58
CA SER B 63 16.84 35.84 -21.95
C SER B 63 17.03 34.68 -22.94
N VAL B 64 16.69 34.85 -24.22
CA VAL B 64 16.81 33.76 -25.19
C VAL B 64 17.36 34.13 -26.57
N LYS B 65 17.99 35.29 -26.69
CA LYS B 65 18.48 35.73 -28.01
C LYS B 65 19.54 34.77 -28.51
N GLY B 66 19.53 34.50 -29.80
CA GLY B 66 20.56 33.67 -30.43
C GLY B 66 20.39 32.17 -30.20
N ARG B 67 19.82 31.81 -29.05
CA ARG B 67 19.55 30.41 -28.74
C ARG B 67 18.28 29.95 -29.45
N PHE B 68 17.27 30.81 -29.44
CA PHE B 68 15.97 30.51 -30.04
C PHE B 68 15.87 31.18 -31.41
N THR B 69 15.13 30.53 -32.32
CA THR B 69 14.99 31.02 -33.68
C THR B 69 13.58 30.78 -34.21
N ILE B 70 12.74 31.80 -34.12
CA ILE B 70 11.37 31.74 -34.63
C ILE B 70 11.41 31.73 -36.16
N SER B 71 10.41 31.10 -36.77
CA SER B 71 10.32 31.05 -38.23
C SER B 71 8.95 30.53 -38.65
N ARG B 72 8.50 30.94 -39.83
CA ARG B 72 7.18 30.57 -40.32
C ARG B 72 7.29 29.81 -41.63
N ASP B 73 6.17 29.23 -42.05
CA ASP B 73 6.01 28.68 -43.39
C ASP B 73 4.56 28.87 -43.80
N ASN B 74 4.31 29.99 -44.49
CA ASN B 74 2.96 30.36 -44.90
C ASN B 74 2.29 29.34 -45.81
N ALA B 75 3.11 28.60 -46.56
CA ALA B 75 2.62 27.50 -47.39
C ALA B 75 1.92 26.45 -46.53
N ARG B 76 2.59 26.05 -45.46
CA ARG B 76 2.09 24.98 -44.59
C ARG B 76 1.08 25.48 -43.54
N ASN B 77 1.04 26.80 -43.31
CA ASN B 77 0.31 27.38 -42.18
C ASN B 77 0.87 26.88 -40.86
N THR B 78 2.19 27.00 -40.72
CA THR B 78 2.89 26.46 -39.56
C THR B 78 3.98 27.40 -39.08
N LEU B 79 4.08 27.51 -37.76
CA LEU B 79 5.05 28.37 -37.10
C LEU B 79 6.00 27.50 -36.29
N TYR B 80 7.29 27.69 -36.50
CA TYR B 80 8.30 26.91 -35.80
C TYR B 80 9.03 27.78 -34.79
N LEU B 81 9.39 27.19 -33.66
CA LEU B 81 10.33 27.78 -32.73
C LEU B 81 11.52 26.83 -32.58
N GLN B 82 12.63 27.18 -33.20
CA GLN B 82 13.84 26.36 -33.17
C GLN B 82 14.66 26.69 -31.91
N MET B 83 14.58 25.81 -30.92
CA MET B 83 15.33 25.98 -29.68
C MET B 83 16.63 25.22 -29.78
N SER B 84 17.68 25.75 -29.15
CA SER B 84 18.97 25.05 -29.03
C SER B 84 19.77 25.63 -27.87
N ARG B 85 20.71 24.84 -27.36
CA ARG B 85 21.45 25.17 -26.14
C ARG B 85 20.48 25.42 -24.99
N LEU B 86 19.57 24.48 -24.78
CA LEU B 86 18.52 24.59 -23.75
C LEU B 86 19.13 24.67 -22.35
N ARG B 87 18.33 25.08 -21.38
CA ARG B 87 18.78 25.21 -20.00
C ARG B 87 17.74 24.72 -19.01
N SER B 88 18.09 24.82 -17.74
CA SER B 88 17.18 24.56 -16.64
C SER B 88 15.99 25.52 -16.68
N GLU B 89 16.28 26.80 -16.96
CA GLU B 89 15.26 27.84 -16.91
C GLU B 89 14.21 27.66 -18.00
N ASP B 90 14.65 27.15 -19.15
CA ASP B 90 13.76 27.00 -20.31
C ASP B 90 12.68 25.93 -20.13
N THR B 91 12.78 25.17 -19.04
CA THR B 91 11.71 24.27 -18.66
C THR B 91 10.42 25.07 -18.47
N ALA B 92 9.43 24.83 -19.33
CA ALA B 92 8.17 25.55 -19.26
C ALA B 92 7.13 24.98 -20.23
N LEU B 93 5.92 25.50 -20.14
CA LEU B 93 4.86 25.19 -21.10
C LEU B 93 4.87 26.28 -22.17
N TYR B 94 5.03 25.89 -23.43
CA TYR B 94 5.21 26.84 -24.55
C TYR B 94 3.95 26.99 -25.41
N TYR B 95 3.31 28.15 -25.33
CA TYR B 95 2.15 28.48 -26.17
C TYR B 95 2.58 29.26 -27.41
N CYS B 96 2.02 28.92 -28.57
CA CYS B 96 2.14 29.79 -29.74
C CYS B 96 0.88 30.66 -29.72
N THR B 97 1.01 31.89 -30.23
CA THR B 97 -0.08 32.88 -30.15
C THR B 97 -0.17 33.72 -31.40
N ARG B 98 -1.32 34.40 -31.54
CA ARG B 98 -1.55 35.29 -32.65
C ARG B 98 -1.68 36.72 -32.16
N GLN B 99 -0.73 37.56 -32.58
CA GLN B 99 -0.83 39.00 -32.40
C GLN B 99 -1.80 39.51 -33.46
N GLY B 100 -1.99 40.82 -33.51
CA GLY B 100 -2.23 41.46 -34.80
C GLY B 100 -3.39 42.40 -34.95
N LEU B 101 -3.50 42.86 -36.20
CA LEU B 101 -4.64 43.61 -36.70
C LEU B 101 -4.70 44.99 -36.07
N LEU B 102 -5.75 45.29 -35.32
CA LEU B 102 -5.95 46.65 -34.88
C LEU B 102 -5.12 47.02 -33.64
N TYR B 103 -5.02 46.13 -32.64
CA TYR B 103 -4.45 46.55 -31.36
C TYR B 103 -3.27 45.74 -30.78
N TYR B 104 -2.84 44.68 -31.46
CA TYR B 104 -1.55 44.01 -31.11
C TYR B 104 -1.44 43.44 -29.71
N ALA B 105 -2.45 42.71 -29.29
CA ALA B 105 -2.30 41.85 -28.14
C ALA B 105 -2.41 40.46 -28.70
N MET B 106 -2.11 39.47 -27.86
CA MET B 106 -2.24 38.11 -28.28
C MET B 106 -3.71 37.71 -28.14
N ASP B 107 -4.44 37.65 -29.25
CA ASP B 107 -5.89 37.40 -29.18
C ASP B 107 -6.25 35.90 -29.14
N TYR B 108 -5.40 35.06 -29.72
CA TYR B 108 -5.63 33.62 -29.72
C TYR B 108 -4.35 32.86 -29.36
N TRP B 109 -4.54 31.89 -28.45
CA TRP B 109 -3.47 31.08 -27.92
C TRP B 109 -3.80 29.61 -28.14
N GLY B 110 -2.79 28.78 -28.36
CA GLY B 110 -3.00 27.35 -28.53
C GLY B 110 -3.22 26.62 -27.22
N GLN B 111 -3.39 25.30 -27.30
CA GLN B 111 -3.54 24.46 -26.11
C GLN B 111 -2.30 24.55 -25.24
N GLY B 112 -1.13 24.42 -25.88
CA GLY B 112 0.16 24.55 -25.20
C GLY B 112 0.87 23.22 -25.26
N THR B 113 2.05 23.19 -25.91
CA THR B 113 2.91 22.00 -25.90
C THR B 113 4.01 22.17 -24.85
N SER B 114 4.26 21.11 -24.08
CA SER B 114 5.08 21.20 -22.89
C SER B 114 6.54 20.85 -23.17
N VAL B 115 7.43 21.50 -22.43
CA VAL B 115 8.87 21.28 -22.56
C VAL B 115 9.47 21.13 -21.17
N ASN B 116 9.47 19.89 -20.68
CA ASN B 116 10.22 19.51 -19.49
C ASN B 116 11.70 19.35 -19.92
N VAL B 117 12.64 19.93 -19.17
CA VAL B 117 14.07 19.92 -19.55
C VAL B 117 14.99 19.60 -18.37
N SER B 118 15.48 18.36 -18.33
CA SER B 118 16.31 17.89 -17.22
C SER B 118 17.21 16.74 -17.69
N SER B 119 18.19 16.41 -16.85
CA SER B 119 19.13 15.35 -17.16
C SER B 119 18.72 13.98 -16.61
N ALA B 120 17.65 13.93 -15.82
CA ALA B 120 17.27 12.72 -15.09
C ALA B 120 16.65 11.65 -16.01
N LYS B 121 16.99 10.40 -15.74
CA LYS B 121 16.44 9.25 -16.47
C LYS B 121 15.22 8.72 -15.73
N THR B 122 14.33 8.04 -16.46
CA THR B 122 13.09 7.51 -15.88
C THR B 122 13.38 6.63 -14.67
N THR B 123 12.61 6.81 -13.61
CA THR B 123 12.80 6.06 -12.37
C THR B 123 11.45 5.76 -11.73
N PRO B 124 11.17 4.48 -11.44
CA PRO B 124 9.92 4.19 -10.73
C PRO B 124 9.95 4.69 -9.28
N PRO B 125 8.76 4.80 -8.65
CA PRO B 125 8.65 5.39 -7.32
C PRO B 125 8.84 4.39 -6.17
N SER B 126 9.58 4.81 -5.14
CA SER B 126 9.51 4.14 -3.84
C SER B 126 8.19 4.58 -3.23
N VAL B 127 7.50 3.67 -2.56
CA VAL B 127 6.22 3.98 -1.90
C VAL B 127 6.32 3.51 -0.47
N TYR B 128 6.09 4.43 0.47
CA TYR B 128 6.15 4.10 1.89
C TYR B 128 4.79 4.42 2.53
N PRO B 129 4.27 3.51 3.34
CA PRO B 129 2.95 3.73 3.96
C PRO B 129 3.05 4.67 5.15
N LEU B 130 2.02 5.49 5.34
CA LEU B 130 1.98 6.45 6.45
C LEU B 130 0.84 6.07 7.40
N ALA B 131 1.21 5.58 8.58
CA ALA B 131 0.25 5.18 9.61
C ALA B 131 0.71 5.74 10.96
N PRO B 132 -0.25 5.97 11.89
CA PRO B 132 0.09 6.56 13.18
C PRO B 132 0.82 5.57 14.07
N GLY B 133 2.01 5.95 14.54
CA GLY B 133 2.83 5.04 15.35
C GLY B 133 2.57 5.25 16.84
N CYS B 134 2.53 4.14 17.59
CA CYS B 134 2.48 4.16 19.06
C CYS B 134 1.25 4.90 19.64
N GLY B 135 1.42 6.17 20.03
CA GLY B 135 0.40 6.91 20.80
C GLY B 135 -1.04 6.69 20.33
N ASP B 136 -1.87 6.15 21.23
CA ASP B 136 -3.16 5.56 20.84
C ASP B 136 -4.28 6.65 20.83
N THR B 137 -4.00 7.89 20.40
CA THR B 137 -4.98 9.01 20.46
C THR B 137 -6.27 8.71 19.67
N THR B 138 -6.20 7.88 18.62
CA THR B 138 -7.38 7.33 17.97
C THR B 138 -8.34 8.47 17.69
N GLY B 139 -9.29 8.77 18.58
CA GLY B 139 -10.27 9.84 18.27
C GLY B 139 -11.27 9.24 17.34
N SER B 140 -12.23 10.01 16.82
CA SER B 140 -13.38 9.43 16.17
C SER B 140 -13.22 9.33 14.65
N SER B 141 -12.26 10.05 14.08
CA SER B 141 -11.79 9.84 12.70
C SER B 141 -10.30 9.57 12.76
N VAL B 142 -9.76 8.95 11.72
CA VAL B 142 -8.32 8.73 11.62
C VAL B 142 -7.81 8.99 10.19
N THR B 143 -6.67 9.67 10.11
CA THR B 143 -6.08 10.04 8.83
C THR B 143 -4.82 9.22 8.57
N LEU B 144 -4.68 8.73 7.35
CA LEU B 144 -3.55 7.90 6.93
C LEU B 144 -3.01 8.45 5.63
N GLY B 145 -1.99 7.80 5.07
CA GLY B 145 -1.44 8.25 3.79
C GLY B 145 -0.37 7.38 3.17
N CYS B 146 0.19 7.86 2.06
CA CYS B 146 1.24 7.18 1.33
C CYS B 146 2.28 8.17 0.83
N LEU B 147 3.53 8.02 1.27
CA LEU B 147 4.64 8.81 0.77
C LEU B 147 5.22 8.18 -0.49
N VAL B 148 5.37 8.98 -1.55
CA VAL B 148 5.90 8.49 -2.83
C VAL B 148 7.20 9.22 -3.18
N LYS B 149 8.33 8.59 -2.89
CA LYS B 149 9.65 9.22 -3.01
C LYS B 149 10.36 8.78 -4.29
N GLY B 150 11.32 9.60 -4.73
CA GLY B 150 12.31 9.22 -5.75
C GLY B 150 11.79 8.68 -7.08
N TYR B 151 11.03 9.50 -7.79
CA TYR B 151 10.52 9.10 -9.11
C TYR B 151 10.67 10.19 -10.17
N PHE B 152 10.53 9.79 -11.43
CA PHE B 152 10.67 10.68 -12.58
C PHE B 152 10.20 9.92 -13.82
N PRO B 153 9.53 10.60 -14.76
CA PRO B 153 9.04 11.97 -14.74
C PRO B 153 7.75 12.11 -13.95
N GLU B 154 7.48 13.32 -13.47
CA GLU B 154 6.26 13.62 -12.73
C GLU B 154 5.05 13.22 -13.60
N SER B 155 4.13 12.47 -13.00
CA SER B 155 2.94 11.92 -13.70
C SER B 155 2.19 10.92 -12.81
N VAL B 156 2.71 10.64 -11.62
CA VAL B 156 2.14 9.64 -10.71
C VAL B 156 0.69 9.98 -10.32
N THR B 157 -0.15 8.95 -10.18
CA THR B 157 -1.59 9.12 -9.88
C THR B 157 -2.09 8.16 -8.78
N VAL B 158 -1.95 8.60 -7.53
CA VAL B 158 -2.30 7.80 -6.35
C VAL B 158 -3.82 7.74 -6.11
N THR B 159 -4.37 6.52 -6.12
CA THR B 159 -5.80 6.28 -5.84
C THR B 159 -5.98 5.32 -4.65
N TRP B 160 -7.09 5.46 -3.92
CA TRP B 160 -7.31 4.70 -2.68
C TRP B 160 -8.45 3.68 -2.80
N ASN B 161 -8.16 2.42 -2.45
CA ASN B 161 -9.15 1.33 -2.44
C ASN B 161 -9.93 1.18 -3.75
N SER B 162 -9.27 1.42 -4.88
CA SER B 162 -9.93 1.57 -6.17
C SER B 162 -11.00 2.67 -6.06
N GLY B 163 -10.56 3.84 -5.61
CA GLY B 163 -11.44 5.01 -5.41
C GLY B 163 -12.72 4.76 -4.63
N SER B 164 -12.65 3.89 -3.62
CA SER B 164 -13.79 3.60 -2.76
C SER B 164 -13.93 4.73 -1.74
N LEU B 165 -12.93 4.87 -0.88
CA LEU B 165 -12.82 6.04 0.00
C LEU B 165 -12.07 7.14 -0.74
N SER B 166 -12.76 7.79 -1.68
CA SER B 166 -12.18 8.86 -2.53
C SER B 166 -12.55 10.27 -2.04
N SER B 167 -13.69 10.40 -1.37
CA SER B 167 -13.98 11.61 -0.61
C SER B 167 -13.19 11.53 0.70
N SER B 168 -12.74 12.68 1.19
CA SER B 168 -11.84 12.74 2.35
C SER B 168 -10.43 12.29 1.97
N VAL B 169 -9.99 12.70 0.77
CA VAL B 169 -8.65 12.40 0.25
C VAL B 169 -7.98 13.68 -0.24
N HIS B 170 -6.68 13.80 0.01
CA HIS B 170 -5.89 14.96 -0.42
C HIS B 170 -4.58 14.51 -1.02
N THR B 171 -4.46 14.61 -2.34
CA THR B 171 -3.20 14.35 -3.03
C THR B 171 -2.47 15.68 -3.22
N PHE B 172 -1.21 15.74 -2.82
CA PHE B 172 -0.44 16.98 -2.84
C PHE B 172 0.45 17.10 -4.07
N PRO B 173 0.67 18.33 -4.56
CA PRO B 173 1.55 18.50 -5.72
C PRO B 173 2.96 18.03 -5.44
N ALA B 174 3.59 17.45 -6.46
CA ALA B 174 4.93 16.89 -6.31
C ALA B 174 5.97 18.00 -6.35
N LEU B 175 6.75 18.10 -5.27
CA LEU B 175 7.94 18.94 -5.28
C LEU B 175 9.11 18.14 -5.84
N LEU B 176 10.11 18.85 -6.34
CA LEU B 176 11.29 18.21 -6.92
C LEU B 176 12.45 18.37 -5.95
N GLN B 177 12.89 17.28 -5.34
CA GLN B 177 14.05 17.31 -4.43
C GLN B 177 15.15 16.37 -4.90
N SER B 178 16.37 16.90 -4.99
CA SER B 178 17.55 16.11 -5.34
C SER B 178 17.40 15.43 -6.71
N GLY B 179 16.91 16.18 -7.70
CA GLY B 179 16.78 15.68 -9.07
C GLY B 179 15.63 14.71 -9.34
N LEU B 180 14.92 14.30 -8.29
CA LEU B 180 13.81 13.35 -8.41
C LEU B 180 12.57 13.87 -7.69
N TYR B 181 11.39 13.44 -8.16
CA TYR B 181 10.12 13.95 -7.62
C TYR B 181 9.70 13.23 -6.34
N THR B 182 8.95 13.97 -5.51
CA THR B 182 8.43 13.48 -4.24
C THR B 182 7.03 14.06 -4.05
N MET B 183 6.07 13.20 -3.78
CA MET B 183 4.71 13.65 -3.47
C MET B 183 4.13 12.76 -2.37
N SER B 184 3.01 13.19 -1.80
CA SER B 184 2.32 12.39 -0.80
C SER B 184 0.81 12.47 -1.02
N SER B 185 0.08 11.61 -0.32
CA SER B 185 -1.38 11.56 -0.43
C SER B 185 -1.96 11.13 0.90
N SER B 186 -2.94 11.88 1.41
CA SER B 186 -3.57 11.55 2.68
C SER B 186 -5.02 11.14 2.43
N VAL B 187 -5.57 10.38 3.37
CA VAL B 187 -6.93 9.90 3.30
C VAL B 187 -7.51 9.77 4.70
N THR B 188 -8.76 10.20 4.88
CA THR B 188 -9.41 10.19 6.19
C THR B 188 -10.64 9.30 6.15
N VAL B 189 -10.80 8.48 7.20
CA VAL B 189 -11.93 7.58 7.35
C VAL B 189 -12.40 7.55 8.81
N PRO B 190 -13.64 7.08 9.04
CA PRO B 190 -14.09 6.85 10.42
C PRO B 190 -13.14 5.94 11.19
N SER B 191 -12.82 6.33 12.43
CA SER B 191 -11.81 5.65 13.24
C SER B 191 -12.11 4.16 13.43
N SER B 192 -13.38 3.86 13.71
CA SER B 192 -13.84 2.50 13.91
C SER B 192 -13.47 1.59 12.74
N THR B 193 -13.81 2.03 11.54
CA THR B 193 -13.77 1.17 10.36
C THR B 193 -12.38 0.98 9.72
N TRP B 194 -11.31 1.55 10.28
CA TRP B 194 -9.98 1.31 9.68
C TRP B 194 -9.36 -0.03 10.07
N PRO B 195 -8.87 -0.17 11.31
CA PRO B 195 -8.03 -1.34 11.62
C PRO B 195 -8.62 -2.67 11.11
N SER B 196 -9.95 -2.75 11.11
CA SER B 196 -10.69 -3.92 10.59
C SER B 196 -10.75 -3.98 9.06
N GLN B 197 -11.06 -2.85 8.42
CA GLN B 197 -11.25 -2.82 6.96
C GLN B 197 -9.91 -2.77 6.23
N THR B 198 -9.90 -3.30 5.01
CA THR B 198 -8.73 -3.21 4.14
C THR B 198 -8.61 -1.80 3.58
N VAL B 199 -7.41 -1.21 3.70
CA VAL B 199 -7.15 0.15 3.19
C VAL B 199 -5.84 0.17 2.40
N THR B 200 -5.98 0.24 1.08
CA THR B 200 -4.85 0.12 0.16
C THR B 200 -4.70 1.37 -0.70
N CYS B 201 -3.48 1.90 -0.77
CA CYS B 201 -3.16 2.99 -1.69
C CYS B 201 -2.47 2.43 -2.93
N SER B 202 -2.96 2.80 -4.10
CA SER B 202 -2.44 2.30 -5.37
C SER B 202 -1.76 3.43 -6.15
N VAL B 203 -0.46 3.28 -6.37
CA VAL B 203 0.38 4.35 -6.94
C VAL B 203 0.83 3.96 -8.35
N ALA B 204 0.08 4.41 -9.35
CA ALA B 204 0.40 4.14 -10.76
C ALA B 204 1.27 5.26 -11.31
N HIS B 205 2.36 4.88 -11.96
CA HIS B 205 3.32 5.84 -12.54
C HIS B 205 3.64 5.40 -13.96
N PRO B 206 2.68 5.59 -14.89
CA PRO B 206 2.74 5.00 -16.23
C PRO B 206 4.02 5.28 -17.01
N ALA B 207 4.74 6.33 -16.64
CA ALA B 207 6.02 6.66 -17.27
C ALA B 207 7.06 5.54 -17.17
N SER B 208 7.15 4.90 -16.00
CA SER B 208 8.05 3.76 -15.79
C SER B 208 7.30 2.42 -15.87
N SER B 209 6.04 2.46 -16.31
CA SER B 209 5.25 1.27 -16.58
C SER B 209 4.92 0.48 -15.30
N THR B 210 4.77 1.20 -14.19
CA THR B 210 4.70 0.60 -12.85
C THR B 210 3.36 0.86 -12.14
N THR B 211 2.98 -0.03 -11.22
CA THR B 211 1.86 0.19 -10.30
C THR B 211 2.16 -0.46 -8.96
N VAL B 212 2.28 0.34 -7.90
CA VAL B 212 2.70 -0.15 -6.59
C VAL B 212 1.58 0.00 -5.55
N ASP B 213 0.94 -1.11 -5.19
CA ASP B 213 -0.07 -1.11 -4.12
C ASP B 213 0.58 -1.19 -2.74
N LYS B 214 -0.13 -0.73 -1.72
CA LYS B 214 0.34 -0.85 -0.34
C LYS B 214 -0.80 -0.73 0.68
N LYS B 215 -1.06 -1.81 1.39
CA LYS B 215 -2.01 -1.82 2.49
C LYS B 215 -1.39 -1.11 3.68
N LEU B 216 -2.23 -0.48 4.49
CA LEU B 216 -1.76 0.27 5.64
C LEU B 216 -1.92 -0.53 6.91
N GLU B 217 -0.79 -0.98 7.46
CA GLU B 217 -0.78 -1.84 8.63
C GLU B 217 -0.63 -0.98 9.89
N PRO B 218 -1.41 -1.26 10.95
CA PRO B 218 -1.33 -0.46 12.17
C PRO B 218 -0.03 -0.59 12.97
N SER B 219 0.03 0.09 14.12
CA SER B 219 1.13 -0.04 15.07
C SER B 219 0.60 0.12 16.49
N GLU C 4 10.72 60.50 -19.91
CA GLU C 4 10.53 59.10 -20.39
C GLU C 4 11.32 58.86 -21.68
N ASP C 5 12.47 58.21 -21.54
CA ASP C 5 13.32 57.86 -22.70
C ASP C 5 12.48 57.50 -23.92
N GLY C 6 12.38 58.45 -24.84
CA GLY C 6 11.44 58.37 -25.93
C GLY C 6 11.78 57.31 -26.96
N ASP C 7 11.03 56.21 -26.90
CA ASP C 7 11.08 55.22 -27.95
C ASP C 7 10.40 55.83 -29.18
N LEU C 8 10.43 55.09 -30.28
CA LEU C 8 9.76 55.50 -31.49
C LEU C 8 8.27 55.57 -31.20
N GLN C 9 7.54 56.32 -32.01
CA GLN C 9 6.09 56.45 -31.83
C GLN C 9 5.27 56.15 -33.08
N CYS C 10 3.96 56.08 -32.89
CA CYS C 10 3.04 55.99 -34.00
C CYS C 10 3.07 57.29 -34.77
N LEU C 11 2.84 57.21 -36.08
CA LEU C 11 2.71 58.42 -36.90
C LEU C 11 1.40 59.10 -36.54
N CYS C 12 0.42 58.30 -36.15
CA CYS C 12 -0.92 58.78 -35.81
C CYS C 12 -1.18 58.61 -34.33
N VAL C 13 -0.73 59.56 -33.54
CA VAL C 13 -0.97 59.50 -32.10
C VAL C 13 -2.35 60.07 -31.85
N LYS C 14 -2.72 61.12 -32.57
CA LYS C 14 -4.04 61.70 -32.46
C LYS C 14 -4.66 61.83 -33.84
N THR C 15 -5.99 61.95 -33.86
CA THR C 15 -6.79 61.74 -35.06
C THR C 15 -7.96 62.71 -35.11
N THR C 16 -8.66 62.73 -36.25
CA THR C 16 -9.96 63.39 -36.37
C THR C 16 -10.91 62.58 -37.22
N SER C 17 -12.18 62.62 -36.84
CA SER C 17 -13.26 62.09 -37.68
C SER C 17 -13.66 63.15 -38.70
N GLN C 18 -13.30 64.40 -38.40
CA GLN C 18 -13.80 65.56 -39.12
C GLN C 18 -12.92 65.83 -40.33
N VAL C 19 -13.33 65.32 -41.49
CA VAL C 19 -12.68 65.68 -42.75
C VAL C 19 -13.61 65.47 -43.94
N ARG C 20 -13.47 66.34 -44.93
CA ARG C 20 -14.27 66.25 -46.14
C ARG C 20 -13.69 65.14 -47.01
N PRO C 21 -14.49 64.09 -47.29
CA PRO C 21 -14.03 63.01 -48.17
C PRO C 21 -13.74 63.44 -49.60
N ARG C 22 -14.43 64.47 -50.08
CA ARG C 22 -14.08 65.14 -51.34
C ARG C 22 -12.57 65.45 -51.49
N HIS C 23 -11.89 65.78 -50.39
CA HIS C 23 -10.48 66.14 -50.43
C HIS C 23 -9.51 64.96 -50.57
N ILE C 24 -9.93 63.77 -50.13
CA ILE C 24 -9.00 62.66 -49.94
C ILE C 24 -8.65 61.92 -51.23
N THR C 25 -7.46 62.12 -51.76
CA THR C 25 -7.07 61.47 -53.02
C THR C 25 -6.66 60.01 -52.86
N SER C 26 -6.34 59.62 -51.63
CA SER C 26 -5.77 58.30 -51.41
C SER C 26 -5.87 57.88 -49.95
N LEU C 27 -5.55 56.63 -49.69
CA LEU C 27 -5.74 56.07 -48.36
C LEU C 27 -4.82 54.90 -48.10
N GLU C 28 -3.87 55.09 -47.19
CA GLU C 28 -2.94 54.03 -46.77
C GLU C 28 -3.40 53.48 -45.43
N VAL C 29 -3.27 52.17 -45.27
CA VAL C 29 -3.56 51.50 -44.00
C VAL C 29 -2.37 50.66 -43.60
N ILE C 30 -1.99 50.74 -42.34
CA ILE C 30 -0.93 49.89 -41.82
C ILE C 30 -1.40 49.19 -40.55
N LYS C 31 -0.95 47.94 -40.40
CA LYS C 31 -1.42 47.04 -39.35
C LYS C 31 -0.94 47.59 -38.03
N ALA C 32 -1.25 46.86 -36.98
CA ALA C 32 -0.62 47.09 -35.70
C ALA C 32 0.74 46.42 -35.77
N GLY C 33 1.69 46.94 -35.02
CA GLY C 33 3.04 46.39 -34.99
C GLY C 33 3.71 46.57 -33.64
N PRO C 34 4.93 46.02 -33.48
CA PRO C 34 5.69 46.21 -32.26
C PRO C 34 6.21 47.64 -32.11
N HIS C 35 6.24 48.39 -33.21
CA HIS C 35 6.66 49.80 -33.15
C HIS C 35 5.49 50.76 -33.20
N CYS C 36 4.27 50.23 -33.32
CA CYS C 36 3.07 51.04 -33.12
C CYS C 36 1.92 50.13 -32.73
N PRO C 37 1.61 50.04 -31.43
CA PRO C 37 0.60 49.12 -30.91
C PRO C 37 -0.76 49.22 -31.59
N THR C 38 -1.33 50.41 -31.69
CA THR C 38 -2.57 50.57 -32.45
C THR C 38 -2.27 50.58 -33.94
N ALA C 39 -3.22 50.11 -34.74
CA ALA C 39 -3.14 50.25 -36.18
C ALA C 39 -3.58 51.66 -36.51
N GLN C 40 -3.32 52.07 -37.75
CA GLN C 40 -3.59 53.44 -38.16
C GLN C 40 -4.02 53.41 -39.60
N LEU C 41 -4.58 54.51 -40.08
CA LEU C 41 -4.72 54.72 -41.52
C LEU C 41 -4.56 56.19 -41.87
N ILE C 42 -3.89 56.41 -42.99
CA ILE C 42 -3.39 57.70 -43.36
C ILE C 42 -4.12 58.14 -44.62
N ALA C 43 -5.04 59.08 -44.45
CA ALA C 43 -5.73 59.67 -45.59
C ALA C 43 -4.85 60.77 -46.11
N THR C 44 -4.61 60.76 -47.42
CA THR C 44 -3.73 61.73 -48.05
C THR C 44 -4.60 62.64 -48.92
N LEU C 45 -4.51 63.96 -48.69
CA LEU C 45 -5.46 64.91 -49.26
C LEU C 45 -5.07 65.44 -50.65
N LYS C 46 -5.91 66.28 -51.23
CA LYS C 46 -5.67 66.81 -52.57
C LYS C 46 -4.45 67.69 -52.62
N ASN C 47 -4.36 68.61 -51.65
CA ASN C 47 -3.26 69.57 -51.61
C ASN C 47 -1.92 68.95 -51.22
N GLY C 48 -1.95 67.80 -50.55
CA GLY C 48 -0.73 67.04 -50.30
C GLY C 48 -0.57 66.52 -48.89
N ARG C 49 -1.26 67.14 -47.93
CA ARG C 49 -1.13 66.75 -46.52
C ARG C 49 -1.62 65.33 -46.34
N LYS C 50 -1.30 64.75 -45.19
CA LYS C 50 -1.81 63.47 -44.80
C LYS C 50 -2.43 63.63 -43.45
N ILE C 51 -3.44 62.84 -43.16
CA ILE C 51 -4.11 62.91 -41.87
C ILE C 51 -4.43 61.55 -41.31
N CYS C 52 -4.63 61.53 -40.00
CA CYS C 52 -4.90 60.31 -39.28
C CYS C 52 -6.35 60.35 -38.87
N LEU C 53 -7.07 59.28 -39.16
CA LEU C 53 -8.49 59.28 -38.90
C LEU C 53 -8.83 58.23 -37.86
N ASP C 54 -9.89 58.49 -37.12
CA ASP C 54 -10.21 57.76 -35.92
C ASP C 54 -10.70 56.35 -36.24
N LEU C 55 -10.22 55.38 -35.47
CA LEU C 55 -10.69 54.02 -35.58
C LEU C 55 -11.79 53.76 -34.56
N GLN C 56 -12.02 54.70 -33.63
CA GLN C 56 -13.14 54.61 -32.70
C GLN C 56 -14.45 54.92 -33.39
N ALA C 57 -14.41 55.80 -34.39
CA ALA C 57 -15.60 56.10 -35.18
C ALA C 57 -15.88 54.95 -36.14
N PRO C 58 -17.06 54.96 -36.81
CA PRO C 58 -17.39 53.94 -37.82
C PRO C 58 -16.74 54.18 -39.19
N LEU C 59 -15.62 54.89 -39.19
CA LEU C 59 -14.60 54.83 -40.23
C LEU C 59 -13.75 53.54 -40.05
N TYR C 60 -14.09 52.73 -39.04
CA TYR C 60 -13.26 51.59 -38.62
C TYR C 60 -13.69 50.27 -39.21
N LYS C 61 -14.96 50.15 -39.59
CA LYS C 61 -15.46 48.89 -40.15
C LYS C 61 -15.01 48.69 -41.60
N LYS C 62 -14.56 49.79 -42.21
CA LYS C 62 -13.85 49.75 -43.49
C LYS C 62 -12.33 49.53 -43.37
N ILE C 63 -11.88 49.14 -42.18
CA ILE C 63 -10.48 48.80 -41.92
C ILE C 63 -10.38 47.29 -41.69
N ILE C 64 -11.03 46.83 -40.63
CA ILE C 64 -11.00 45.42 -40.21
C ILE C 64 -11.13 44.50 -41.41
N LYS C 65 -12.13 44.78 -42.24
CA LYS C 65 -12.34 44.08 -43.49
C LYS C 65 -11.29 44.41 -44.52
N LYS C 66 -11.02 45.71 -44.69
CA LYS C 66 -10.12 46.20 -45.74
C LYS C 66 -8.80 45.45 -45.85
N LEU C 67 -7.90 45.69 -44.90
CA LEU C 67 -6.57 45.12 -44.98
C LEU C 67 -6.58 43.71 -44.42
N LEU C 68 -7.48 43.46 -43.48
CA LEU C 68 -7.37 42.31 -42.61
C LEU C 68 -8.61 41.42 -42.69
N ASP D 1 34.52 -41.07 3.28
CA ASP D 1 33.22 -40.80 2.59
C ASP D 1 32.99 -41.83 1.50
N ILE D 2 31.74 -42.26 1.36
CA ILE D 2 31.35 -43.16 0.29
C ILE D 2 30.72 -42.36 -0.84
N GLN D 3 31.36 -42.36 -2.00
CA GLN D 3 30.78 -41.77 -3.19
C GLN D 3 29.65 -42.69 -3.70
N MET D 4 28.41 -42.19 -3.64
CA MET D 4 27.25 -42.91 -4.15
C MET D 4 26.91 -42.36 -5.54
N THR D 5 27.11 -43.18 -6.56
CA THR D 5 27.01 -42.74 -7.95
C THR D 5 25.74 -43.24 -8.64
N GLN D 6 24.85 -42.30 -8.95
CA GLN D 6 23.62 -42.60 -9.68
C GLN D 6 23.85 -42.14 -11.11
N ILE D 7 24.17 -43.08 -12.00
CA ILE D 7 24.81 -42.71 -13.26
C ILE D 7 23.98 -41.90 -14.24
N THR D 8 22.67 -42.18 -14.31
CA THR D 8 21.77 -41.48 -15.22
C THR D 8 21.07 -40.31 -14.52
N SER D 9 21.54 -39.10 -14.82
CA SER D 9 20.94 -37.86 -14.33
C SER D 9 19.43 -37.85 -14.52
N SER D 10 18.99 -38.05 -15.76
CA SER D 10 17.57 -38.28 -16.04
C SER D 10 17.41 -39.40 -17.07
N LEU D 11 16.21 -39.96 -17.14
CA LEU D 11 15.99 -41.07 -18.07
C LEU D 11 14.52 -41.14 -18.54
N SER D 12 14.38 -41.53 -19.80
CA SER D 12 13.13 -41.42 -20.54
C SER D 12 12.42 -42.76 -20.55
N ALA D 13 11.15 -42.77 -20.15
CA ALA D 13 10.40 -44.02 -20.10
C ALA D 13 8.91 -43.77 -20.31
N SER D 14 8.34 -44.38 -21.35
CA SER D 14 6.92 -44.22 -21.65
C SER D 14 6.07 -44.83 -20.54
N LEU D 15 4.86 -44.30 -20.35
CA LEU D 15 3.97 -44.76 -19.27
C LEU D 15 3.61 -46.23 -19.42
N GLY D 16 3.41 -46.93 -18.31
CA GLY D 16 3.09 -48.37 -18.32
C GLY D 16 4.28 -49.28 -18.59
N ASP D 17 5.50 -48.73 -18.49
CA ASP D 17 6.74 -49.46 -18.81
C ASP D 17 7.36 -50.11 -17.59
N ARG D 18 8.47 -50.79 -17.79
CA ARG D 18 9.29 -51.31 -16.70
C ARG D 18 10.55 -50.48 -16.65
N VAL D 19 10.87 -49.95 -15.48
CA VAL D 19 12.00 -49.02 -15.33
C VAL D 19 13.02 -49.56 -14.35
N THR D 20 14.29 -49.52 -14.74
CA THR D 20 15.39 -49.83 -13.83
C THR D 20 16.24 -48.58 -13.64
N ILE D 21 16.62 -48.32 -12.38
CA ILE D 21 17.38 -47.11 -11.96
C ILE D 21 18.52 -47.57 -11.13
N SER D 22 19.73 -47.47 -11.68
CA SER D 22 20.89 -48.05 -11.03
C SER D 22 21.60 -47.04 -10.13
N CYS D 23 22.15 -47.55 -9.03
CA CYS D 23 22.88 -46.75 -8.07
C CYS D 23 24.08 -47.56 -7.61
N SER D 24 25.27 -47.08 -7.97
CA SER D 24 26.51 -47.78 -7.66
C SER D 24 27.22 -47.06 -6.52
N ALA D 25 28.01 -47.82 -5.74
CA ALA D 25 28.65 -47.31 -4.53
C ALA D 25 30.16 -47.42 -4.62
N SER D 26 30.88 -46.42 -4.10
CA SER D 26 32.33 -46.38 -4.19
C SER D 26 32.99 -47.57 -3.50
N GLN D 27 32.46 -47.92 -2.34
CA GLN D 27 32.98 -49.06 -1.56
C GLN D 27 31.80 -49.94 -1.16
N GLY D 28 32.12 -51.13 -0.67
CA GLY D 28 31.10 -52.07 -0.25
C GLY D 28 30.30 -51.51 0.90
N ILE D 29 29.02 -51.30 0.68
CA ILE D 29 28.06 -51.19 1.77
C ILE D 29 27.42 -52.57 1.94
N ASN D 30 26.93 -52.88 3.13
CA ASN D 30 26.38 -54.21 3.39
C ASN D 30 24.89 -54.25 3.15
N ASN D 31 24.52 -54.16 1.88
CA ASN D 31 23.16 -53.86 1.44
C ASN D 31 22.39 -53.05 2.45
N TYR D 32 23.00 -51.97 2.92
CA TYR D 32 22.37 -51.05 3.85
C TYR D 32 21.98 -49.78 3.09
N LEU D 33 21.50 -49.98 1.86
CA LEU D 33 21.09 -48.92 0.97
C LEU D 33 19.63 -48.53 1.22
N SER D 34 19.23 -47.37 0.71
CA SER D 34 17.83 -46.98 0.72
C SER D 34 17.41 -46.45 -0.64
N TRP D 35 16.12 -46.19 -0.79
CA TRP D 35 15.62 -45.50 -1.96
C TRP D 35 14.59 -44.48 -1.52
N TYR D 36 14.63 -43.33 -2.17
CA TYR D 36 13.71 -42.24 -1.86
C TYR D 36 13.14 -41.70 -3.16
N ARG D 37 11.92 -41.17 -3.07
CA ARG D 37 11.26 -40.57 -4.21
C ARG D 37 10.82 -39.16 -3.80
N GLN D 38 11.10 -38.19 -4.65
CA GLN D 38 10.70 -36.81 -4.41
C GLN D 38 9.74 -36.34 -5.50
N LYS D 39 8.48 -36.15 -5.13
CA LYS D 39 7.49 -35.59 -6.05
C LYS D 39 7.95 -34.19 -6.48
N PRO D 40 7.74 -33.83 -7.76
CA PRO D 40 8.32 -32.60 -8.30
C PRO D 40 8.27 -31.43 -7.33
N ASP D 41 7.18 -31.36 -6.58
CA ASP D 41 6.99 -30.36 -5.57
C ASP D 41 7.11 -30.90 -4.17
N GLY D 42 6.43 -32.01 -3.95
CA GLY D 42 6.12 -32.48 -2.61
C GLY D 42 7.33 -32.93 -1.83
N THR D 43 7.04 -33.35 -0.61
CA THR D 43 8.03 -33.95 0.26
C THR D 43 8.69 -35.14 -0.44
N VAL D 44 9.72 -35.70 0.19
CA VAL D 44 10.26 -36.98 -0.23
C VAL D 44 9.76 -38.07 0.72
N LYS D 45 9.63 -39.29 0.21
CA LYS D 45 9.15 -40.39 1.03
C LYS D 45 10.00 -41.64 0.81
N LEU D 46 10.19 -42.39 1.89
CA LEU D 46 11.00 -43.59 1.85
C LEU D 46 10.30 -44.66 1.05
N LEU D 47 11.03 -45.25 0.12
CA LEU D 47 10.46 -46.22 -0.79
C LEU D 47 10.89 -47.60 -0.34
N ILE D 48 12.20 -47.86 -0.39
CA ILE D 48 12.78 -49.12 0.00
C ILE D 48 13.86 -48.87 1.05
N TYR D 49 13.91 -49.73 2.06
CA TYR D 49 15.05 -49.76 2.98
C TYR D 49 15.76 -51.12 2.88
N TYR D 50 16.84 -51.28 3.64
CA TYR D 50 17.78 -52.39 3.47
C TYR D 50 18.34 -52.41 2.05
N THR D 51 17.97 -53.37 1.23
CA THR D 51 18.27 -53.24 -0.19
C THR D 51 17.03 -53.48 -1.02
N SER D 52 16.06 -54.19 -0.42
CA SER D 52 14.85 -54.61 -1.13
C SER D 52 13.57 -54.62 -0.29
N SER D 53 13.65 -54.46 1.03
CA SER D 53 12.45 -54.41 1.87
C SER D 53 11.68 -53.10 1.69
N LEU D 54 10.41 -53.19 1.29
CA LEU D 54 9.59 -52.00 1.00
C LEU D 54 9.06 -51.40 2.28
N HIS D 55 8.99 -50.08 2.30
CA HIS D 55 8.39 -49.34 3.40
C HIS D 55 6.88 -49.54 3.35
N SER D 56 6.21 -49.35 4.49
CA SER D 56 4.75 -49.49 4.55
C SER D 56 4.07 -48.43 3.66
N GLY D 57 2.98 -48.83 3.01
CA GLY D 57 2.24 -47.93 2.14
C GLY D 57 2.88 -47.70 0.78
N VAL D 58 3.84 -48.56 0.42
CA VAL D 58 4.47 -48.48 -0.88
C VAL D 58 3.83 -49.52 -1.80
N PRO D 59 3.49 -49.13 -3.03
CA PRO D 59 2.96 -50.07 -4.02
C PRO D 59 3.82 -51.32 -4.22
N SER D 60 3.21 -52.35 -4.76
CA SER D 60 3.86 -53.65 -4.91
C SER D 60 4.83 -53.63 -6.09
N ARG D 61 4.57 -52.78 -7.10
CA ARG D 61 5.42 -52.68 -8.29
C ARG D 61 6.86 -52.23 -8.02
N PHE D 62 7.08 -51.55 -6.90
CA PHE D 62 8.42 -51.16 -6.46
C PHE D 62 9.16 -52.33 -5.83
N SER D 63 10.33 -52.66 -6.39
CA SER D 63 11.14 -53.74 -5.83
C SER D 63 12.63 -53.43 -5.93
N GLY D 64 13.30 -53.41 -4.79
CA GLY D 64 14.74 -53.16 -4.73
C GLY D 64 15.54 -54.44 -4.88
N SER D 65 16.82 -54.29 -5.20
CA SER D 65 17.70 -55.43 -5.39
C SER D 65 19.16 -54.98 -5.41
N GLY D 66 20.08 -55.95 -5.38
CA GLY D 66 21.51 -55.69 -5.43
C GLY D 66 22.33 -56.32 -4.32
N SER D 67 23.65 -56.23 -4.45
CA SER D 67 24.60 -56.70 -3.43
C SER D 67 25.99 -56.13 -3.64
N GLY D 68 26.64 -55.72 -2.56
CA GLY D 68 28.02 -55.20 -2.62
C GLY D 68 28.06 -53.72 -2.97
N THR D 69 28.52 -53.41 -4.18
CA THR D 69 28.65 -52.03 -4.63
C THR D 69 27.57 -51.61 -5.63
N ASP D 70 26.87 -52.58 -6.21
CA ASP D 70 25.84 -52.28 -7.22
C ASP D 70 24.46 -52.59 -6.70
N TYR D 71 23.51 -51.70 -6.99
CA TYR D 71 22.12 -51.85 -6.56
C TYR D 71 21.18 -51.26 -7.59
N SER D 72 19.94 -51.74 -7.57
CA SER D 72 18.91 -51.24 -8.47
C SER D 72 17.59 -51.12 -7.74
N LEU D 73 16.85 -50.06 -8.08
CA LEU D 73 15.42 -49.99 -7.82
C LEU D 73 14.76 -50.25 -9.15
N THR D 74 13.58 -50.85 -9.14
CA THR D 74 12.89 -51.15 -10.38
C THR D 74 11.37 -51.08 -10.23
N ILE D 75 10.71 -50.49 -11.23
CA ILE D 75 9.28 -50.17 -11.18
C ILE D 75 8.32 -50.71 -12.28
N SER D 76 8.19 -52.02 -12.38
CA SER D 76 7.11 -52.53 -13.21
C SER D 76 5.85 -51.63 -13.43
N ASN D 77 5.26 -51.76 -14.61
CA ASN D 77 4.16 -50.89 -15.10
C ASN D 77 4.10 -49.48 -14.47
N LEU D 78 4.97 -48.62 -14.99
CA LEU D 78 5.10 -47.25 -14.50
C LEU D 78 3.78 -46.50 -14.53
N GLU D 79 3.51 -45.76 -13.46
CA GLU D 79 2.31 -44.94 -13.38
C GLU D 79 2.69 -43.48 -13.22
N PRO D 80 1.79 -42.56 -13.64
CA PRO D 80 2.16 -41.14 -13.73
C PRO D 80 2.43 -40.45 -12.39
N GLU D 81 2.07 -41.10 -11.28
CA GLU D 81 2.47 -40.63 -9.94
C GLU D 81 3.98 -40.79 -9.70
N ASP D 82 4.63 -41.58 -10.53
CA ASP D 82 6.05 -41.90 -10.37
C ASP D 82 7.00 -41.02 -11.17
N ILE D 83 6.46 -40.17 -12.06
CA ILE D 83 7.28 -39.17 -12.74
C ILE D 83 7.82 -38.22 -11.65
N ALA D 84 9.10 -38.41 -11.32
CA ALA D 84 9.72 -37.78 -10.15
C ALA D 84 11.23 -37.98 -10.19
N THR D 85 11.92 -37.48 -9.17
CA THR D 85 13.34 -37.79 -8.99
C THR D 85 13.47 -38.88 -7.93
N TYR D 86 14.46 -39.75 -8.10
CA TYR D 86 14.71 -40.86 -7.16
C TYR D 86 16.14 -40.80 -6.65
N PHE D 87 16.30 -41.06 -5.35
CA PHE D 87 17.59 -40.95 -4.68
C PHE D 87 17.93 -42.23 -3.95
N CYS D 88 19.19 -42.65 -4.00
CA CYS D 88 19.66 -43.74 -3.17
C CYS D 88 20.55 -43.18 -2.08
N GLN D 89 20.31 -43.63 -0.85
CA GLN D 89 21.18 -43.35 0.28
C GLN D 89 21.85 -44.65 0.68
N GLN D 90 22.96 -44.54 1.39
CA GLN D 90 23.52 -45.65 2.14
C GLN D 90 23.54 -45.26 3.59
N PHE D 91 23.44 -46.23 4.48
CA PHE D 91 23.52 -45.94 5.91
C PHE D 91 24.44 -46.93 6.65
N SER D 92 25.39 -47.49 5.93
CA SER D 92 26.31 -48.46 6.50
C SER D 92 27.32 -47.76 7.45
N LYS D 93 27.87 -46.64 7.00
CA LYS D 93 28.91 -45.92 7.73
C LYS D 93 28.67 -44.40 7.62
N LEU D 94 28.97 -43.68 8.69
CA LEU D 94 29.06 -42.21 8.62
C LEU D 94 30.21 -41.84 7.70
N PRO D 95 30.12 -40.70 7.01
CA PRO D 95 28.99 -39.79 6.97
C PRO D 95 27.96 -40.32 5.98
N TYR D 96 26.68 -40.12 6.26
CA TYR D 96 25.63 -40.61 5.39
C TYR D 96 25.62 -39.82 4.10
N THR D 97 25.68 -40.54 2.98
CA THR D 97 25.83 -39.93 1.68
C THR D 97 24.67 -40.37 0.79
N PHE D 98 24.23 -39.49 -0.09
CA PHE D 98 23.15 -39.79 -1.02
C PHE D 98 23.67 -39.92 -2.45
N GLY D 99 22.77 -40.33 -3.35
CA GLY D 99 23.08 -40.37 -4.76
C GLY D 99 22.83 -39.02 -5.39
N GLY D 100 23.30 -38.84 -6.62
CA GLY D 100 23.07 -37.63 -7.39
C GLY D 100 21.62 -37.41 -7.74
N GLY D 101 20.87 -38.52 -7.81
CA GLY D 101 19.44 -38.47 -8.12
C GLY D 101 19.20 -38.83 -9.56
N THR D 102 18.10 -39.51 -9.83
CA THR D 102 17.68 -39.81 -11.20
C THR D 102 16.27 -39.27 -11.44
N LYS D 103 16.18 -38.34 -12.38
CA LYS D 103 14.90 -37.72 -12.78
C LYS D 103 14.22 -38.61 -13.81
N LEU D 104 12.94 -38.81 -13.62
CA LEU D 104 12.17 -39.69 -14.49
C LEU D 104 11.23 -38.84 -15.34
N GLU D 105 11.39 -38.92 -16.66
CA GLU D 105 10.58 -38.15 -17.61
C GLU D 105 9.99 -39.07 -18.68
N ILE D 106 8.95 -38.60 -19.37
CA ILE D 106 8.13 -39.46 -20.25
C ILE D 106 8.47 -39.28 -21.72
N LYS D 107 8.77 -40.38 -22.39
CA LYS D 107 9.25 -40.36 -23.77
C LYS D 107 8.15 -39.99 -24.75
N ARG D 108 8.49 -39.09 -25.67
CA ARG D 108 7.67 -38.78 -26.83
C ARG D 108 8.57 -38.82 -28.08
N ALA D 109 7.97 -38.70 -29.26
CA ALA D 109 8.73 -38.70 -30.51
C ALA D 109 9.46 -37.37 -30.73
N ASP D 110 10.79 -37.40 -30.58
CA ASP D 110 11.62 -36.20 -30.61
C ASP D 110 11.24 -35.17 -31.70
N ALA D 111 10.99 -33.93 -31.27
CA ALA D 111 10.64 -32.82 -32.17
C ALA D 111 11.68 -31.71 -32.05
N ALA D 112 11.87 -30.96 -33.13
CA ALA D 112 12.89 -29.92 -33.22
C ALA D 112 12.40 -28.60 -32.59
N PRO D 113 13.33 -27.70 -32.23
CA PRO D 113 12.95 -26.46 -31.54
C PRO D 113 12.60 -25.30 -32.48
N THR D 114 11.56 -24.54 -32.13
CA THR D 114 11.23 -23.30 -32.84
C THR D 114 12.06 -22.18 -32.23
N VAL D 115 13.09 -21.75 -32.97
CA VAL D 115 14.06 -20.78 -32.45
C VAL D 115 13.67 -19.35 -32.83
N SER D 116 13.64 -18.47 -31.84
CA SER D 116 13.35 -17.06 -32.04
C SER D 116 14.47 -16.24 -31.42
N ILE D 117 14.94 -15.21 -32.14
CA ILE D 117 15.99 -14.33 -31.60
C ILE D 117 15.45 -12.91 -31.46
N PHE D 118 15.96 -12.20 -30.45
CA PHE D 118 15.48 -10.86 -30.13
C PHE D 118 16.64 -9.91 -29.82
N PRO D 119 16.62 -8.71 -30.42
CA PRO D 119 17.63 -7.72 -30.06
C PRO D 119 17.26 -7.04 -28.76
N PRO D 120 18.23 -6.43 -28.09
CA PRO D 120 17.95 -5.73 -26.85
C PRO D 120 17.06 -4.52 -27.11
N SER D 121 16.04 -4.33 -26.28
CA SER D 121 15.04 -3.29 -26.50
C SER D 121 15.60 -1.88 -26.27
N SER D 122 14.96 -0.90 -26.89
CA SER D 122 15.34 0.51 -26.73
C SER D 122 15.24 0.96 -25.26
N GLU D 123 14.21 0.49 -24.57
CA GLU D 123 14.01 0.80 -23.15
C GLU D 123 15.25 0.46 -22.31
N GLN D 124 15.90 -0.66 -22.65
CA GLN D 124 17.08 -1.14 -21.94
C GLN D 124 18.36 -0.41 -22.37
N LEU D 125 18.44 -0.05 -23.65
CA LEU D 125 19.59 0.70 -24.16
C LEU D 125 19.69 2.06 -23.49
N THR D 126 18.54 2.66 -23.20
CA THR D 126 18.46 3.89 -22.40
C THR D 126 19.05 3.67 -21.01
N SER D 127 18.70 2.54 -20.41
CA SER D 127 19.20 2.17 -19.09
C SER D 127 20.72 1.99 -19.05
N GLY D 128 21.31 1.63 -20.18
CA GLY D 128 22.76 1.44 -20.28
C GLY D 128 23.17 -0.01 -20.15
N GLY D 129 22.39 -0.89 -20.76
CA GLY D 129 22.67 -2.33 -20.79
C GLY D 129 22.14 -2.92 -22.09
N ALA D 130 22.51 -4.17 -22.38
CA ALA D 130 22.12 -4.82 -23.64
C ALA D 130 22.07 -6.33 -23.52
N SER D 131 20.86 -6.87 -23.46
CA SER D 131 20.66 -8.32 -23.39
C SER D 131 20.06 -8.85 -24.68
N VAL D 132 20.81 -9.70 -25.37
CA VAL D 132 20.33 -10.38 -26.57
C VAL D 132 19.73 -11.70 -26.12
N VAL D 133 18.45 -11.92 -26.44
CA VAL D 133 17.72 -13.11 -25.98
C VAL D 133 17.43 -14.05 -27.15
N CYS D 134 17.47 -15.34 -26.86
CA CYS D 134 17.14 -16.36 -27.84
C CYS D 134 16.28 -17.44 -27.18
N PHE D 135 15.04 -17.58 -27.66
CA PHE D 135 14.16 -18.64 -27.18
C PHE D 135 14.28 -19.87 -28.08
N LEU D 136 14.39 -21.03 -27.46
CA LEU D 136 14.37 -22.31 -28.15
C LEU D 136 13.25 -23.13 -27.53
N ASN D 137 12.11 -23.21 -28.22
CA ASN D 137 10.86 -23.69 -27.61
C ASN D 137 10.31 -25.01 -28.17
N ASN D 138 9.62 -25.74 -27.29
CA ASN D 138 8.92 -26.98 -27.62
C ASN D 138 9.73 -27.98 -28.44
N PHE D 139 10.70 -28.61 -27.77
CA PHE D 139 11.54 -29.63 -28.39
C PHE D 139 11.69 -30.85 -27.50
N TYR D 140 12.29 -31.89 -28.05
CA TYR D 140 12.61 -33.12 -27.32
C TYR D 140 13.71 -33.87 -28.07
N PRO D 141 14.68 -34.45 -27.36
CA PRO D 141 14.85 -34.50 -25.90
C PRO D 141 15.56 -33.27 -25.33
N LYS D 142 15.50 -33.15 -24.00
CA LYS D 142 16.19 -32.09 -23.22
C LYS D 142 17.61 -31.75 -23.73
N ASP D 143 18.31 -32.74 -24.28
CA ASP D 143 19.67 -32.58 -24.80
C ASP D 143 19.70 -31.57 -25.93
N ILE D 144 20.18 -30.37 -25.64
CA ILE D 144 20.29 -29.30 -26.63
C ILE D 144 21.51 -28.46 -26.35
N ASN D 145 22.05 -27.83 -27.40
CA ASN D 145 23.29 -27.07 -27.29
C ASN D 145 23.19 -25.74 -28.03
N VAL D 146 23.77 -24.70 -27.45
CA VAL D 146 23.65 -23.35 -27.99
C VAL D 146 25.01 -22.69 -28.23
N LYS D 147 25.17 -22.06 -29.39
CA LYS D 147 26.36 -21.27 -29.74
C LYS D 147 25.94 -19.82 -29.98
N TRP D 148 26.58 -18.88 -29.28
CA TRP D 148 26.38 -17.45 -29.54
C TRP D 148 27.54 -16.94 -30.38
N LYS D 149 27.23 -16.26 -31.48
CA LYS D 149 28.26 -15.76 -32.40
C LYS D 149 28.09 -14.28 -32.75
N ILE D 150 29.02 -13.47 -32.27
CA ILE D 150 29.06 -12.04 -32.59
C ILE D 150 30.04 -11.84 -33.76
N ASP D 151 29.55 -11.25 -34.84
CA ASP D 151 30.33 -11.06 -36.06
C ASP D 151 31.06 -12.34 -36.49
N GLY D 152 30.35 -13.46 -36.41
CA GLY D 152 30.86 -14.73 -36.92
C GLY D 152 31.81 -15.51 -36.02
N SER D 153 32.34 -14.90 -34.96
CA SER D 153 33.26 -15.58 -34.04
C SER D 153 32.57 -15.75 -32.70
N GLU D 154 32.57 -16.97 -32.18
CA GLU D 154 31.71 -17.32 -31.04
C GLU D 154 32.14 -16.67 -29.73
N ARG D 155 31.21 -16.61 -28.80
CA ARG D 155 31.44 -16.02 -27.49
C ARG D 155 30.67 -16.81 -26.45
N GLN D 156 31.36 -17.21 -25.39
CA GLN D 156 30.75 -17.99 -24.31
C GLN D 156 30.84 -17.22 -23.00
N ASN D 157 30.87 -15.90 -23.08
CA ASN D 157 31.30 -15.08 -21.95
C ASN D 157 30.14 -14.64 -21.05
N GLY D 158 29.18 -13.91 -21.61
CA GLY D 158 28.06 -13.38 -20.82
C GLY D 158 26.78 -14.18 -20.98
N VAL D 159 26.91 -15.47 -21.26
CA VAL D 159 25.76 -16.32 -21.60
C VAL D 159 25.12 -16.88 -20.32
N LEU D 160 23.81 -17.10 -20.38
CA LEU D 160 23.08 -17.73 -19.29
C LEU D 160 21.90 -18.52 -19.86
N ASN D 161 21.89 -19.83 -19.62
CA ASN D 161 20.88 -20.71 -20.17
C ASN D 161 19.97 -21.28 -19.08
N SER D 162 18.65 -21.13 -19.28
CA SER D 162 17.65 -21.58 -18.32
C SER D 162 16.70 -22.53 -19.03
N TRP D 163 16.63 -23.77 -18.58
CA TRP D 163 15.74 -24.78 -19.17
C TRP D 163 14.47 -24.89 -18.33
N THR D 164 13.36 -25.26 -18.96
CA THR D 164 12.12 -25.50 -18.23
C THR D 164 12.04 -26.94 -17.79
N ASP D 165 11.08 -27.22 -16.91
CA ASP D 165 10.68 -28.60 -16.64
C ASP D 165 10.00 -29.13 -17.90
N GLN D 166 9.84 -30.44 -17.99
CA GLN D 166 9.13 -31.04 -19.11
C GLN D 166 7.68 -30.57 -19.04
N ASP D 167 7.18 -30.05 -20.16
CA ASP D 167 5.83 -29.50 -20.18
C ASP D 167 4.83 -30.59 -19.84
N SER D 168 4.09 -30.38 -18.75
CA SER D 168 3.06 -31.32 -18.30
C SER D 168 2.05 -31.61 -19.40
N LYS D 169 1.75 -30.57 -20.19
CA LYS D 169 0.84 -30.67 -21.31
C LYS D 169 1.29 -31.67 -22.38
N ASP D 170 2.44 -31.42 -23.00
CA ASP D 170 2.85 -32.12 -24.23
C ASP D 170 4.25 -32.76 -24.23
N SER D 171 4.88 -32.85 -23.06
CA SER D 171 6.15 -33.56 -22.90
C SER D 171 7.29 -32.98 -23.74
N THR D 172 7.33 -31.66 -23.85
CA THR D 172 8.38 -30.98 -24.62
C THR D 172 9.10 -29.97 -23.76
N TYR D 173 10.42 -29.95 -23.89
CA TYR D 173 11.24 -29.01 -23.16
C TYR D 173 11.39 -27.72 -23.95
N SER D 174 11.71 -26.64 -23.24
CA SER D 174 11.95 -25.33 -23.83
C SER D 174 13.03 -24.62 -23.03
N MET D 175 13.91 -23.88 -23.71
CA MET D 175 14.98 -23.17 -23.01
C MET D 175 15.19 -21.74 -23.49
N SER D 176 15.90 -20.98 -22.69
CA SER D 176 16.07 -19.54 -22.85
C SER D 176 17.54 -19.17 -22.72
N SER D 177 18.11 -18.59 -23.77
CA SER D 177 19.53 -18.20 -23.77
C SER D 177 19.70 -16.68 -23.76
N THR D 178 20.20 -16.14 -22.65
CA THR D 178 20.38 -14.70 -22.46
C THR D 178 21.86 -14.31 -22.57
N LEU D 179 22.18 -13.46 -23.54
CA LEU D 179 23.54 -12.93 -23.71
C LEU D 179 23.62 -11.51 -23.16
N THR D 180 24.08 -11.39 -21.90
CA THR D 180 24.20 -10.10 -21.24
C THR D 180 25.50 -9.40 -21.68
N LEU D 181 25.38 -8.16 -22.15
CA LEU D 181 26.53 -7.40 -22.67
C LEU D 181 26.51 -5.96 -22.22
N THR D 182 27.71 -5.45 -21.94
CA THR D 182 27.91 -4.00 -21.76
C THR D 182 27.43 -3.28 -23.01
N LYS D 183 26.67 -2.21 -22.83
CA LYS D 183 25.95 -1.58 -23.93
C LYS D 183 26.88 -0.90 -24.94
N ASP D 184 28.07 -0.52 -24.51
CA ASP D 184 29.08 0.09 -25.38
C ASP D 184 29.71 -0.94 -26.30
N GLU D 185 30.12 -2.09 -25.75
CA GLU D 185 30.73 -3.16 -26.55
C GLU D 185 29.70 -3.95 -27.35
N TYR D 186 28.42 -3.76 -27.02
CA TYR D 186 27.33 -4.22 -27.88
C TYR D 186 27.33 -3.46 -29.20
N GLU D 187 27.58 -2.15 -29.12
CA GLU D 187 27.60 -1.28 -30.30
C GLU D 187 28.93 -1.32 -31.07
N ARG D 188 29.95 -1.98 -30.51
CA ARG D 188 31.22 -2.20 -31.22
C ARG D 188 31.14 -3.35 -32.24
N HIS D 189 30.01 -4.05 -32.28
CA HIS D 189 29.81 -5.15 -33.23
C HIS D 189 28.40 -5.06 -33.86
N ASN D 190 28.19 -5.75 -34.98
CA ASN D 190 26.95 -5.63 -35.75
C ASN D 190 26.12 -6.92 -35.87
N SER D 191 26.77 -8.03 -36.21
CA SER D 191 26.10 -9.32 -36.44
C SER D 191 25.93 -10.12 -35.13
N TYR D 192 24.68 -10.46 -34.81
CA TYR D 192 24.37 -11.27 -33.63
C TYR D 192 23.61 -12.53 -34.01
N THR D 193 24.24 -13.68 -33.77
CA THR D 193 23.71 -14.97 -34.21
C THR D 193 23.58 -15.92 -33.04
N CYS D 194 22.57 -16.78 -33.10
CA CYS D 194 22.29 -17.75 -32.04
C CYS D 194 22.03 -19.12 -32.68
N GLU D 195 23.06 -19.97 -32.69
CA GLU D 195 22.96 -21.32 -33.26
C GLU D 195 22.47 -22.31 -32.22
N ALA D 196 21.89 -23.41 -32.69
CA ALA D 196 21.35 -24.42 -31.80
C ALA D 196 21.49 -25.82 -32.40
N THR D 197 22.42 -26.60 -31.85
CA THR D 197 22.58 -28.00 -32.25
C THR D 197 21.58 -28.87 -31.49
N HIS D 198 20.92 -29.77 -32.21
CA HIS D 198 19.95 -30.67 -31.62
C HIS D 198 19.96 -32.00 -32.37
N LYS D 199 19.48 -33.05 -31.71
CA LYS D 199 19.39 -34.39 -32.28
C LYS D 199 18.63 -34.45 -33.61
N THR D 200 17.63 -33.58 -33.76
CA THR D 200 16.69 -33.68 -34.89
C THR D 200 17.25 -33.36 -36.29
N SER D 201 18.42 -32.73 -36.36
CA SER D 201 19.10 -32.56 -37.65
C SER D 201 20.61 -32.45 -37.46
N THR D 202 21.35 -32.77 -38.52
CA THR D 202 22.82 -32.84 -38.46
C THR D 202 23.43 -31.46 -38.29
N SER D 203 23.23 -30.59 -39.27
CA SER D 203 23.71 -29.21 -39.19
C SER D 203 22.72 -28.37 -38.37
N PRO D 204 23.21 -27.34 -37.65
CA PRO D 204 22.42 -26.63 -36.66
C PRO D 204 21.37 -25.69 -37.23
N ILE D 205 20.41 -25.30 -36.40
CA ILE D 205 19.41 -24.28 -36.75
C ILE D 205 19.87 -22.91 -36.24
N VAL D 206 19.88 -21.94 -37.14
CA VAL D 206 20.50 -20.64 -36.89
C VAL D 206 19.49 -19.51 -37.06
N LYS D 207 19.41 -18.65 -36.06
CA LYS D 207 18.61 -17.42 -36.13
C LYS D 207 19.52 -16.25 -35.81
N SER D 208 19.36 -15.17 -36.56
CA SER D 208 20.28 -14.04 -36.48
C SER D 208 19.63 -12.70 -36.83
N PHE D 209 20.32 -11.62 -36.47
CA PHE D 209 19.92 -10.27 -36.85
C PHE D 209 21.15 -9.36 -36.90
N ASN D 210 21.03 -8.29 -37.69
CA ASN D 210 22.06 -7.26 -37.77
C ASN D 210 21.56 -5.92 -37.26
N ARG D 211 22.49 -5.01 -36.99
CA ARG D 211 22.17 -3.68 -36.51
C ARG D 211 22.32 -2.69 -37.67
N ASN D 212 21.25 -1.99 -38.01
CA ASN D 212 21.25 -1.09 -39.16
C ASN D 212 20.17 -0.01 -39.09
N GLU E 1 -1.11 -40.57 10.92
CA GLU E 1 0.14 -40.14 10.23
C GLU E 1 1.25 -39.79 11.22
N VAL E 2 2.48 -40.15 10.84
CA VAL E 2 3.67 -39.54 11.40
C VAL E 2 3.85 -38.22 10.65
N LYS E 3 3.98 -37.12 11.36
CA LYS E 3 4.06 -35.80 10.72
C LYS E 3 5.24 -35.00 11.26
N LEU E 4 5.89 -34.26 10.35
CA LEU E 4 7.04 -33.45 10.69
C LEU E 4 6.91 -32.04 10.10
N VAL E 5 6.38 -31.11 10.90
CA VAL E 5 6.29 -29.70 10.51
C VAL E 5 7.63 -29.05 10.83
N GLU E 6 8.02 -28.10 10.00
CA GLU E 6 9.33 -27.44 10.12
C GLU E 6 9.13 -25.94 10.01
N SER E 7 10.03 -25.16 10.60
CA SER E 7 9.85 -23.72 10.65
C SER E 7 11.13 -22.98 11.00
N GLY E 8 11.07 -21.65 10.91
CA GLY E 8 12.21 -20.79 11.22
C GLY E 8 13.06 -20.45 10.02
N GLY E 9 12.75 -21.04 8.87
CA GLY E 9 13.52 -20.81 7.66
C GLY E 9 13.24 -19.44 7.09
N GLY E 10 14.28 -18.82 6.54
CA GLY E 10 14.14 -17.50 5.97
C GLY E 10 15.39 -17.01 5.30
N LEU E 11 15.43 -15.71 5.03
CA LEU E 11 16.59 -15.09 4.44
C LEU E 11 17.54 -14.63 5.54
N VAL E 12 18.83 -14.93 5.40
CA VAL E 12 19.83 -14.43 6.34
C VAL E 12 21.06 -13.93 5.61
N LYS E 13 21.69 -12.92 6.20
CA LYS E 13 22.90 -12.32 5.66
C LYS E 13 24.08 -13.24 5.97
N PRO E 14 25.05 -13.36 5.03
CA PRO E 14 26.28 -14.13 5.26
C PRO E 14 26.95 -13.85 6.61
N GLY E 15 27.48 -14.89 7.24
CA GLY E 15 28.07 -14.79 8.57
C GLY E 15 27.04 -14.55 9.67
N GLY E 16 25.79 -14.91 9.41
CA GLY E 16 24.69 -14.67 10.35
C GLY E 16 24.33 -15.91 11.15
N SER E 17 23.12 -15.89 11.72
CA SER E 17 22.61 -17.00 12.53
C SER E 17 21.14 -17.25 12.26
N LEU E 18 20.70 -18.46 12.55
CA LEU E 18 19.30 -18.84 12.40
C LEU E 18 19.05 -20.16 13.11
N LYS E 19 17.86 -20.30 13.68
CA LYS E 19 17.49 -21.52 14.38
C LYS E 19 16.26 -22.16 13.73
N LEU E 20 16.46 -23.32 13.13
CA LEU E 20 15.37 -24.07 12.51
C LEU E 20 14.69 -24.92 13.56
N SER E 21 13.39 -25.12 13.38
CA SER E 21 12.60 -25.95 14.29
C SER E 21 11.88 -27.02 13.48
N CYS E 22 11.61 -28.14 14.14
CA CYS E 22 10.90 -29.25 13.52
C CYS E 22 9.97 -29.89 14.57
N ALA E 23 8.68 -29.65 14.41
CA ALA E 23 7.67 -30.18 15.34
C ALA E 23 7.27 -31.59 14.94
N ALA E 24 7.32 -32.51 15.90
CA ALA E 24 7.04 -33.92 15.64
C ALA E 24 5.68 -34.31 16.17
N SER E 25 5.03 -35.26 15.49
CA SER E 25 3.68 -35.70 15.85
C SER E 25 3.34 -37.05 15.21
N GLY E 26 2.86 -37.98 16.04
CA GLY E 26 2.46 -39.31 15.58
C GLY E 26 3.35 -40.46 16.02
N PHE E 27 4.24 -40.22 16.98
CA PHE E 27 5.13 -41.27 17.48
C PHE E 27 5.82 -40.89 18.80
N ALA E 28 6.46 -41.86 19.42
CA ALA E 28 7.18 -41.66 20.67
C ALA E 28 8.50 -40.92 20.43
N PHE E 29 8.40 -39.62 20.19
CA PHE E 29 9.55 -38.81 19.79
C PHE E 29 10.83 -39.04 20.60
N SER E 30 10.70 -39.23 21.91
CA SER E 30 11.86 -39.40 22.78
C SER E 30 12.66 -40.68 22.47
N ARG E 31 11.99 -41.72 21.97
CA ARG E 31 12.64 -42.99 21.66
C ARG E 31 12.93 -43.13 20.15
N TYR E 32 13.35 -42.05 19.50
CA TYR E 32 13.67 -42.07 18.06
C TYR E 32 14.87 -41.18 17.72
N ASP E 33 15.82 -41.71 16.95
CA ASP E 33 16.94 -40.91 16.46
C ASP E 33 16.43 -39.96 15.39
N MET E 34 16.86 -38.70 15.47
CA MET E 34 16.38 -37.64 14.57
C MET E 34 17.53 -36.98 13.82
N SER E 35 17.25 -36.54 12.60
CA SER E 35 18.29 -36.03 11.71
C SER E 35 17.83 -34.84 10.85
N TRP E 36 18.79 -34.12 10.28
CA TRP E 36 18.54 -33.01 9.37
C TRP E 36 19.23 -33.28 8.04
N VAL E 37 18.51 -33.06 6.95
CA VAL E 37 19.06 -33.22 5.61
C VAL E 37 18.67 -32.01 4.80
N ARG E 38 19.54 -31.61 3.87
CA ARG E 38 19.28 -30.43 3.05
C ARG E 38 19.45 -30.71 1.57
N GLN E 39 18.65 -30.01 0.79
CA GLN E 39 18.66 -30.13 -0.65
C GLN E 39 19.19 -28.84 -1.25
N THR E 40 20.35 -28.92 -1.91
CA THR E 40 20.98 -27.74 -2.49
C THR E 40 20.11 -27.19 -3.63
N PRO E 41 20.29 -25.92 -4.00
CA PRO E 41 19.58 -25.43 -5.19
C PRO E 41 20.01 -26.22 -6.42
N GLU E 42 21.31 -26.44 -6.52
CA GLU E 42 21.92 -27.35 -7.49
C GLU E 42 21.06 -28.63 -7.68
N LYS E 43 20.61 -29.18 -6.56
CA LYS E 43 19.49 -30.14 -6.43
C LYS E 43 19.79 -31.29 -5.47
N ARG E 44 20.93 -31.94 -5.68
CA ARG E 44 21.51 -32.92 -4.73
C ARG E 44 21.07 -32.87 -3.25
N LEU E 45 21.12 -34.02 -2.60
CA LEU E 45 20.81 -34.14 -1.18
C LEU E 45 22.09 -34.22 -0.36
N GLU E 46 22.02 -33.79 0.90
CA GLU E 46 23.20 -33.68 1.75
C GLU E 46 22.85 -33.90 3.22
N TRP E 47 23.46 -34.90 3.84
CA TRP E 47 23.24 -35.16 5.26
C TRP E 47 23.86 -34.02 6.05
N VAL E 48 23.16 -33.59 7.10
CA VAL E 48 23.60 -32.43 7.89
C VAL E 48 23.86 -32.74 9.35
N ALA E 49 22.96 -33.50 10.00
CA ALA E 49 23.10 -33.78 11.43
C ALA E 49 22.26 -34.99 11.87
N THR E 50 22.68 -35.64 12.96
CA THR E 50 21.89 -36.69 13.60
C THR E 50 22.09 -36.62 15.10
N ILE E 51 21.08 -37.03 15.85
CA ILE E 51 21.16 -37.06 17.31
C ILE E 51 20.57 -38.35 17.91
N THR E 52 21.33 -38.98 18.80
CA THR E 52 20.90 -40.23 19.43
C THR E 52 19.74 -39.98 20.38
N SER E 53 18.77 -40.89 20.34
CA SER E 53 17.54 -40.76 21.11
C SER E 53 17.74 -41.14 22.57
N GLY E 54 18.75 -41.96 22.86
CA GLY E 54 19.21 -42.14 24.23
C GLY E 54 19.93 -40.87 24.68
N ASP E 55 19.23 -39.74 24.54
CA ASP E 55 19.76 -38.36 24.63
C ASP E 55 21.16 -38.10 24.02
N ASN E 56 21.97 -39.15 23.89
CA ASN E 56 23.42 -39.03 23.87
C ASN E 56 23.99 -37.99 22.90
N TYR E 57 24.48 -38.45 21.75
CA TYR E 57 25.48 -37.70 21.00
C TYR E 57 24.86 -36.92 19.87
N THR E 58 25.71 -36.17 19.18
CA THR E 58 25.36 -35.55 17.92
C THR E 58 26.47 -35.87 16.93
N TYR E 59 26.08 -36.06 15.67
CA TYR E 59 27.04 -36.37 14.60
C TYR E 59 26.80 -35.42 13.43
N TYR E 60 27.86 -34.73 12.99
CA TYR E 60 27.78 -33.84 11.83
C TYR E 60 28.84 -34.23 10.81
N PRO E 61 28.65 -33.85 9.53
CA PRO E 61 29.68 -34.07 8.53
C PRO E 61 30.70 -32.95 8.58
N ASP E 62 31.80 -33.11 7.85
CA ASP E 62 32.90 -32.15 7.90
C ASP E 62 32.47 -30.76 7.43
N SER E 63 31.60 -30.72 6.42
CA SER E 63 31.22 -29.45 5.82
C SER E 63 30.51 -28.47 6.77
N VAL E 64 30.02 -28.93 7.92
CA VAL E 64 29.33 -28.03 8.85
C VAL E 64 29.63 -28.21 10.33
N LYS E 65 30.73 -28.89 10.66
CA LYS E 65 31.05 -29.13 12.08
C LYS E 65 31.31 -27.83 12.80
N GLY E 66 30.83 -27.74 14.04
CA GLY E 66 31.09 -26.57 14.87
C GLY E 66 30.22 -25.36 14.54
N ARG E 67 29.84 -25.22 13.27
CA ARG E 67 28.95 -24.15 12.85
C ARG E 67 27.50 -24.49 13.19
N PHE E 68 27.13 -25.74 12.94
CA PHE E 68 25.77 -26.21 13.18
C PHE E 68 25.71 -26.98 14.50
N THR E 69 24.56 -26.90 15.16
CA THR E 69 24.36 -27.51 16.47
C THR E 69 22.95 -28.09 16.59
N ILE E 70 22.82 -29.39 16.33
CA ILE E 70 21.55 -30.09 16.48
C ILE E 70 21.20 -30.22 17.95
N SER E 71 19.91 -30.25 18.26
CA SER E 71 19.46 -30.42 19.64
C SER E 71 17.96 -30.72 19.68
N ARG E 72 17.53 -31.43 20.71
CA ARG E 72 16.14 -31.84 20.84
C ARG E 72 15.51 -31.27 22.10
N ASP E 73 14.19 -31.39 22.19
CA ASP E 73 13.45 -31.14 23.42
C ASP E 73 12.27 -32.10 23.45
N ASN E 74 12.48 -33.24 24.10
CA ASN E 74 11.47 -34.31 24.16
C ASN E 74 10.18 -33.88 24.84
N ALA E 75 10.29 -32.91 25.74
CA ALA E 75 9.10 -32.31 26.36
C ALA E 75 8.20 -31.68 25.31
N ARG E 76 8.78 -30.88 24.43
CA ARG E 76 8.03 -30.14 23.42
C ARG E 76 7.71 -30.98 22.18
N ASN E 77 8.42 -32.09 21.99
CA ASN E 77 8.40 -32.85 20.73
C ASN E 77 8.92 -31.98 19.59
N THR E 78 10.09 -31.39 19.80
CA THR E 78 10.67 -30.46 18.84
C THR E 78 12.16 -30.65 18.69
N LEU E 79 12.62 -30.56 17.45
CA LEU E 79 14.02 -30.73 17.10
C LEU E 79 14.53 -29.41 16.53
N TYR E 80 15.63 -28.92 17.08
CA TYR E 80 16.23 -27.67 16.62
C TYR E 80 17.53 -27.93 15.88
N LEU E 81 17.78 -27.13 14.85
CA LEU E 81 19.09 -27.06 14.23
C LEU E 81 19.59 -25.63 14.34
N GLN E 82 20.54 -25.41 15.25
CA GLN E 82 21.10 -24.09 15.49
C GLN E 82 22.25 -23.82 14.51
N MET E 83 21.97 -23.01 13.49
CA MET E 83 22.96 -22.65 12.49
C MET E 83 23.60 -21.33 12.89
N SER E 84 24.89 -21.18 12.58
CA SER E 84 25.60 -19.91 12.76
C SER E 84 26.85 -19.87 11.88
N ARG E 85 27.32 -18.66 11.61
CA ARG E 85 28.40 -18.43 10.64
C ARG E 85 28.00 -19.02 9.27
N LEU E 86 26.81 -18.65 8.80
CA LEU E 86 26.26 -19.17 7.55
C LEU E 86 27.13 -18.78 6.36
N ARG E 87 26.91 -19.44 5.23
CA ARG E 87 27.69 -19.17 4.03
C ARG E 87 26.80 -19.17 2.78
N SER E 88 27.45 -18.94 1.64
CA SER E 88 26.82 -19.09 0.33
C SER E 88 26.35 -20.52 0.10
N GLU E 89 27.19 -21.49 0.48
CA GLU E 89 26.93 -22.91 0.23
C GLU E 89 25.72 -23.41 1.00
N ASP E 90 25.54 -22.89 2.20
CA ASP E 90 24.45 -23.34 3.09
C ASP E 90 23.06 -22.97 2.59
N THR E 91 22.98 -22.14 1.53
CA THR E 91 21.73 -21.88 0.86
C THR E 91 21.16 -23.21 0.37
N ALA E 92 20.03 -23.61 0.94
CA ALA E 92 19.40 -24.88 0.58
C ALA E 92 18.02 -25.02 1.22
N LEU E 93 17.32 -26.09 0.84
CA LEU E 93 16.07 -26.48 1.48
C LEU E 93 16.38 -27.51 2.55
N TYR E 94 16.00 -27.22 3.79
CA TYR E 94 16.38 -28.06 4.95
C TYR E 94 15.22 -28.91 5.45
N TYR E 95 15.32 -30.23 5.26
CA TYR E 95 14.35 -31.19 5.79
C TYR E 95 14.82 -31.75 7.14
N CYS E 96 13.90 -31.87 8.10
CA CYS E 96 14.17 -32.68 9.30
C CYS E 96 13.60 -34.06 8.98
N THR E 97 14.21 -35.10 9.55
CA THR E 97 13.86 -36.47 9.23
C THR E 97 13.93 -37.39 10.44
N ARG E 98 13.32 -38.56 10.31
CA ARG E 98 13.32 -39.55 11.37
C ARG E 98 14.08 -40.79 10.92
N GLN E 99 15.20 -41.06 11.60
CA GLN E 99 15.91 -42.32 11.45
C GLN E 99 15.15 -43.36 12.25
N GLY E 100 15.66 -44.57 12.30
CA GLY E 100 15.47 -45.38 13.48
C GLY E 100 14.98 -46.79 13.36
N LEU E 101 14.81 -47.40 14.55
CA LEU E 101 14.15 -48.66 14.73
C LEU E 101 14.95 -49.80 14.15
N LEU E 102 14.42 -50.49 13.14
CA LEU E 102 15.05 -51.72 12.67
C LEU E 102 16.23 -51.47 11.76
N TYR E 103 16.11 -50.55 10.81
CA TYR E 103 17.12 -50.47 9.74
C TYR E 103 17.82 -49.13 9.49
N TYR E 104 17.46 -48.08 10.24
CA TYR E 104 18.24 -46.82 10.21
C TYR E 104 18.39 -46.14 8.86
N ALA E 105 17.28 -45.99 8.16
CA ALA E 105 17.22 -45.06 7.05
C ALA E 105 16.27 -43.98 7.51
N MET E 106 16.19 -42.90 6.74
CA MET E 106 15.27 -41.84 7.08
C MET E 106 13.90 -42.23 6.53
N ASP E 107 13.00 -42.66 7.40
CA ASP E 107 11.70 -43.20 6.95
C ASP E 107 10.64 -42.11 6.76
N TYR E 108 10.75 -41.03 7.53
CA TYR E 108 9.81 -39.91 7.41
C TYR E 108 10.53 -38.56 7.36
N TRP E 109 10.11 -37.74 6.40
CA TRP E 109 10.70 -36.45 6.13
C TRP E 109 9.60 -35.41 6.20
N GLY E 110 9.95 -34.20 6.64
CA GLY E 110 8.97 -33.11 6.70
C GLY E 110 8.74 -32.46 5.34
N GLN E 111 7.89 -31.44 5.33
CA GLN E 111 7.61 -30.67 4.12
C GLN E 111 8.89 -30.03 3.60
N GLY E 112 9.63 -29.39 4.50
CA GLY E 112 10.90 -28.76 4.19
C GLY E 112 10.78 -27.27 4.37
N THR E 113 11.56 -26.70 5.28
CA THR E 113 11.63 -25.24 5.46
C THR E 113 12.88 -24.73 4.74
N SER E 114 12.71 -23.62 4.03
CA SER E 114 13.72 -23.15 3.10
C SER E 114 14.65 -22.13 3.74
N VAL E 115 15.90 -22.16 3.29
CA VAL E 115 16.93 -21.23 3.78
C VAL E 115 17.67 -20.64 2.59
N ASN E 116 17.13 -19.53 2.08
CA ASN E 116 17.82 -18.68 1.11
C ASN E 116 18.84 -17.83 1.90
N VAL E 117 20.09 -17.75 1.44
CA VAL E 117 21.15 -17.04 2.19
C VAL E 117 22.00 -16.15 1.28
N SER E 118 21.75 -14.84 1.35
CA SER E 118 22.41 -13.87 0.48
C SER E 118 22.44 -12.50 1.14
N SER E 119 23.25 -11.61 0.58
CA SER E 119 23.40 -10.27 1.10
C SER E 119 22.47 -9.24 0.50
N ALA E 120 21.71 -9.62 -0.53
CA ALA E 120 20.94 -8.67 -1.32
C ALA E 120 19.67 -8.12 -0.64
N LYS E 121 19.40 -6.84 -0.87
CA LYS E 121 18.18 -6.18 -0.38
C LYS E 121 17.10 -6.21 -1.46
N THR E 122 15.83 -6.09 -1.06
CA THR E 122 14.68 -6.16 -1.99
C THR E 122 14.82 -5.15 -3.12
N THR E 123 14.53 -5.58 -4.34
CA THR E 123 14.67 -4.73 -5.51
C THR E 123 13.57 -5.07 -6.51
N PRO E 124 12.80 -4.05 -6.96
CA PRO E 124 11.82 -4.34 -8.01
C PRO E 124 12.46 -4.62 -9.36
N PRO E 125 11.70 -5.23 -10.29
CA PRO E 125 12.25 -5.68 -11.56
C PRO E 125 12.24 -4.64 -12.66
N SER E 126 13.33 -4.55 -13.42
CA SER E 126 13.29 -3.91 -14.72
C SER E 126 12.57 -4.88 -15.65
N VAL E 127 11.74 -4.36 -16.55
CA VAL E 127 11.02 -5.18 -17.51
C VAL E 127 11.24 -4.62 -18.90
N TYR E 128 11.75 -5.44 -19.80
CA TYR E 128 12.04 -5.02 -21.17
C TYR E 128 11.25 -5.90 -22.12
N PRO E 129 10.58 -5.29 -23.12
CA PRO E 129 9.79 -6.06 -24.06
C PRO E 129 10.65 -6.74 -25.12
N LEU E 130 10.23 -7.92 -25.55
CA LEU E 130 10.95 -8.66 -26.57
C LEU E 130 10.08 -8.81 -27.81
N ALA E 131 10.48 -8.11 -28.86
CA ALA E 131 9.79 -8.15 -30.15
C ALA E 131 10.79 -8.30 -31.31
N PRO E 132 10.37 -8.90 -32.43
CA PRO E 132 11.29 -9.14 -33.53
C PRO E 132 11.64 -7.85 -34.27
N GLY E 133 12.93 -7.56 -34.39
CA GLY E 133 13.38 -6.32 -35.04
C GLY E 133 13.65 -6.52 -36.53
N CYS E 134 13.29 -5.51 -37.32
CA CYS E 134 13.69 -5.40 -38.73
C CYS E 134 13.22 -6.55 -39.64
N GLY E 135 14.10 -7.52 -39.93
CA GLY E 135 13.88 -8.49 -41.03
C GLY E 135 12.47 -9.03 -41.16
N ASP E 136 11.82 -8.73 -42.29
CA ASP E 136 10.35 -8.80 -42.42
C ASP E 136 9.77 -10.18 -42.68
N THR E 137 10.60 -11.22 -42.60
CA THR E 137 10.17 -12.55 -42.93
C THR E 137 9.20 -12.93 -41.84
N THR E 138 7.97 -13.21 -42.23
CA THR E 138 6.86 -13.24 -41.33
C THR E 138 6.27 -14.61 -41.49
N GLY E 139 6.35 -15.46 -40.47
CA GLY E 139 5.88 -16.82 -40.53
C GLY E 139 4.40 -16.82 -40.28
N SER E 140 3.79 -17.98 -40.08
CA SER E 140 2.37 -18.06 -39.88
C SER E 140 2.02 -17.99 -38.40
N SER E 141 3.02 -18.21 -37.53
CA SER E 141 2.94 -17.88 -36.09
C SER E 141 4.07 -16.92 -35.76
N VAL E 142 3.92 -16.19 -34.65
CA VAL E 142 4.98 -15.29 -34.18
C VAL E 142 5.13 -15.39 -32.68
N THR E 143 6.38 -15.43 -32.22
CA THR E 143 6.70 -15.56 -30.80
C THR E 143 7.28 -14.25 -30.28
N LEU E 144 6.82 -13.85 -29.09
CA LEU E 144 7.24 -12.61 -28.45
C LEU E 144 7.60 -12.93 -27.01
N GLY E 145 7.98 -11.91 -26.23
CA GLY E 145 8.29 -12.14 -24.83
C GLY E 145 8.59 -10.91 -23.98
N CYS E 146 8.98 -11.16 -22.73
CA CYS E 146 9.32 -10.11 -21.79
C CYS E 146 10.51 -10.50 -20.94
N LEU E 147 11.59 -9.74 -21.03
CA LEU E 147 12.77 -9.95 -20.20
C LEU E 147 12.59 -9.22 -18.88
N VAL E 148 12.82 -9.93 -17.77
CA VAL E 148 12.68 -9.35 -16.43
C VAL E 148 14.02 -9.41 -15.68
N LYS E 149 14.74 -8.29 -15.69
CA LYS E 149 16.10 -8.22 -15.17
C LYS E 149 16.14 -7.60 -13.77
N GLY E 150 17.22 -7.88 -13.05
CA GLY E 150 17.59 -7.16 -11.82
C GLY E 150 16.55 -7.05 -10.72
N TYR E 151 16.11 -8.19 -10.18
CA TYR E 151 15.12 -8.21 -9.09
C TYR E 151 15.49 -9.18 -7.98
N PHE E 152 14.84 -9.00 -6.83
CA PHE E 152 15.08 -9.80 -5.63
C PHE E 152 14.00 -9.47 -4.60
N PRO E 153 13.52 -10.47 -3.85
CA PRO E 153 13.76 -11.91 -3.94
C PRO E 153 12.95 -12.58 -5.07
N GLU E 154 13.43 -13.73 -5.55
CA GLU E 154 12.82 -14.70 -6.56
C GLU E 154 11.40 -14.95 -7.04
N SER E 155 10.41 -14.35 -6.40
CA SER E 155 8.97 -14.62 -6.52
C SER E 155 8.11 -14.06 -7.69
N VAL E 156 8.71 -13.48 -8.72
CA VAL E 156 7.99 -12.83 -9.83
C VAL E 156 7.05 -13.79 -10.59
N THR E 157 5.89 -13.28 -11.03
CA THR E 157 4.86 -14.09 -11.71
C THR E 157 4.27 -13.41 -12.95
N VAL E 158 4.93 -13.62 -14.09
CA VAL E 158 4.58 -13.00 -15.36
C VAL E 158 3.36 -13.65 -16.02
N THR E 159 2.30 -12.86 -16.24
CA THR E 159 1.07 -13.31 -16.93
C THR E 159 0.79 -12.47 -18.19
N TRP E 160 0.13 -13.07 -19.18
CA TRP E 160 -0.08 -12.41 -20.48
C TRP E 160 -1.54 -12.07 -20.76
N ASN E 161 -1.82 -10.80 -21.09
CA ASN E 161 -3.17 -10.32 -21.44
C ASN E 161 -4.25 -10.67 -20.43
N SER E 162 -3.88 -10.65 -19.15
CA SER E 162 -4.71 -11.21 -18.07
C SER E 162 -5.05 -12.67 -18.40
N GLY E 163 -4.00 -13.46 -18.63
CA GLY E 163 -4.11 -14.87 -18.99
C GLY E 163 -5.08 -15.21 -20.11
N SER E 164 -5.17 -14.32 -21.11
CA SER E 164 -6.02 -14.56 -22.28
C SER E 164 -5.31 -15.54 -23.23
N LEU E 165 -4.16 -15.12 -23.75
CA LEU E 165 -3.28 -16.00 -24.50
C LEU E 165 -2.33 -16.67 -23.51
N SER E 166 -2.86 -17.65 -22.75
CA SER E 166 -2.11 -18.39 -21.71
C SER E 166 -1.56 -19.72 -22.24
N SER E 167 -2.26 -20.33 -23.19
CA SER E 167 -1.73 -21.46 -23.91
C SER E 167 -0.74 -20.93 -24.96
N SER E 168 0.33 -21.68 -25.22
CA SER E 168 1.45 -21.22 -26.06
C SER E 168 2.30 -20.17 -25.32
N VAL E 169 2.52 -20.41 -24.03
CA VAL E 169 3.33 -19.53 -23.16
C VAL E 169 4.38 -20.36 -22.44
N HIS E 170 5.59 -19.82 -22.30
CA HIS E 170 6.68 -20.49 -21.60
C HIS E 170 7.39 -19.52 -20.68
N THR E 171 7.16 -19.65 -19.38
CA THR E 171 7.91 -18.88 -18.38
C THR E 171 9.09 -19.72 -17.91
N PHE E 172 10.28 -19.13 -17.94
CA PHE E 172 11.51 -19.85 -17.63
C PHE E 172 11.95 -19.62 -16.20
N PRO E 173 12.60 -20.63 -15.59
CA PRO E 173 13.10 -20.44 -14.24
C PRO E 173 14.13 -19.33 -14.15
N ALA E 174 14.10 -18.60 -13.04
CA ALA E 174 15.00 -17.46 -12.85
C ALA E 174 16.39 -17.92 -12.46
N LEU E 175 17.37 -17.55 -13.27
CA LEU E 175 18.76 -17.72 -12.88
C LEU E 175 19.21 -16.50 -12.08
N LEU E 176 20.26 -16.67 -11.30
CA LEU E 176 20.77 -15.61 -10.45
C LEU E 176 22.08 -15.12 -11.05
N GLN E 177 22.08 -13.89 -11.59
CA GLN E 177 23.30 -13.28 -12.12
C GLN E 177 23.64 -11.97 -11.42
N SER E 178 24.89 -11.86 -10.97
CA SER E 178 25.38 -10.63 -10.36
C SER E 178 24.55 -10.22 -9.14
N GLY E 179 24.24 -11.19 -8.28
CA GLY E 179 23.54 -10.93 -7.04
C GLY E 179 22.04 -10.68 -7.16
N LEU E 180 21.53 -10.55 -8.38
CA LEU E 180 20.11 -10.27 -8.62
C LEU E 180 19.51 -11.25 -9.62
N TYR E 181 18.21 -11.50 -9.51
CA TYR E 181 17.55 -12.49 -10.35
C TYR E 181 17.19 -11.97 -11.74
N THR E 182 17.16 -12.90 -12.68
CA THR E 182 16.83 -12.63 -14.07
C THR E 182 15.99 -13.79 -14.59
N MET E 183 14.85 -13.47 -15.18
CA MET E 183 14.03 -14.49 -15.83
C MET E 183 13.42 -13.91 -17.09
N SER E 184 12.85 -14.78 -17.92
CA SER E 184 12.16 -14.33 -19.13
C SER E 184 10.88 -15.14 -19.32
N SER E 185 10.04 -14.68 -20.24
CA SER E 185 8.78 -15.35 -20.55
C SER E 185 8.46 -15.15 -22.01
N SER E 186 8.15 -16.22 -22.72
CA SER E 186 7.82 -16.15 -24.14
C SER E 186 6.35 -16.50 -24.33
N VAL E 187 5.79 -16.03 -25.43
CA VAL E 187 4.39 -16.28 -25.77
C VAL E 187 4.24 -16.33 -27.29
N THR E 188 3.47 -17.30 -27.77
CA THR E 188 3.30 -17.51 -29.19
C THR E 188 1.83 -17.33 -29.56
N VAL E 189 1.59 -16.63 -30.67
CA VAL E 189 0.25 -16.38 -31.19
C VAL E 189 0.24 -16.46 -32.71
N PRO E 190 -0.95 -16.62 -33.31
CA PRO E 190 -1.06 -16.56 -34.76
C PRO E 190 -0.50 -15.24 -35.32
N SER E 191 0.31 -15.34 -36.37
CA SER E 191 1.03 -14.20 -36.93
C SER E 191 0.11 -13.04 -37.31
N SER E 192 -1.02 -13.37 -37.93
CA SER E 192 -2.01 -12.39 -38.34
C SER E 192 -2.47 -11.51 -37.18
N THR E 193 -2.85 -12.15 -36.10
CA THR E 193 -3.55 -11.47 -35.01
C THR E 193 -2.69 -10.68 -34.02
N TRP E 194 -1.37 -10.61 -34.23
CA TRP E 194 -0.54 -9.80 -33.31
C TRP E 194 -0.58 -8.30 -33.61
N PRO E 195 0.10 -7.84 -34.68
CA PRO E 195 0.30 -6.39 -34.82
C PRO E 195 -0.98 -5.58 -34.59
N SER E 196 -2.12 -6.14 -34.96
CA SER E 196 -3.43 -5.53 -34.75
C SER E 196 -3.94 -5.61 -33.30
N GLN E 197 -3.82 -6.79 -32.70
CA GLN E 197 -4.35 -7.03 -31.34
C GLN E 197 -3.42 -6.46 -30.27
N THR E 198 -3.99 -6.08 -29.13
CA THR E 198 -3.21 -5.65 -27.97
C THR E 198 -2.57 -6.87 -27.30
N VAL E 199 -1.27 -6.80 -27.05
CA VAL E 199 -0.53 -7.88 -26.39
C VAL E 199 0.35 -7.34 -25.26
N THR E 200 -0.09 -7.56 -24.02
CA THR E 200 0.53 -6.99 -22.83
C THR E 200 1.02 -8.09 -21.88
N CYS E 201 2.27 -7.96 -21.44
CA CYS E 201 2.81 -8.83 -20.40
C CYS E 201 2.77 -8.10 -19.06
N SER E 202 2.22 -8.77 -18.04
CA SER E 202 2.06 -8.19 -16.71
C SER E 202 2.97 -8.91 -15.71
N VAL E 203 3.91 -8.17 -15.13
CA VAL E 203 4.96 -8.74 -14.29
C VAL E 203 4.76 -8.30 -12.83
N ALA E 204 4.08 -9.14 -12.05
CA ALA E 204 3.86 -8.87 -10.62
C ALA E 204 4.98 -9.47 -9.78
N HIS E 205 5.53 -8.67 -8.88
CA HIS E 205 6.64 -9.08 -8.00
C HIS E 205 6.30 -8.66 -6.57
N PRO E 206 5.33 -9.36 -5.95
CA PRO E 206 4.74 -8.93 -4.67
C PRO E 206 5.74 -8.62 -3.55
N ALA E 207 6.95 -9.17 -3.64
CA ALA E 207 7.99 -8.90 -2.65
C ALA E 207 8.35 -7.41 -2.53
N SER E 208 8.42 -6.71 -3.67
CA SER E 208 8.68 -5.27 -3.69
C SER E 208 7.39 -4.46 -3.90
N SER E 209 6.25 -5.15 -3.83
CA SER E 209 4.94 -4.51 -3.86
C SER E 209 4.63 -3.87 -5.23
N THR E 210 5.15 -4.48 -6.30
CA THR E 210 5.15 -3.88 -7.63
C THR E 210 4.36 -4.70 -8.67
N THR E 211 3.86 -4.02 -9.71
CA THR E 211 3.29 -4.68 -10.89
C THR E 211 3.58 -3.86 -12.15
N VAL E 212 4.35 -4.42 -13.08
CA VAL E 212 4.81 -3.67 -14.27
C VAL E 212 4.24 -4.26 -15.55
N ASP E 213 3.28 -3.57 -16.16
CA ASP E 213 2.71 -3.98 -17.46
C ASP E 213 3.60 -3.48 -18.60
N LYS E 214 3.51 -4.14 -19.75
CA LYS E 214 4.22 -3.69 -20.96
C LYS E 214 3.61 -4.27 -22.23
N LYS E 215 3.06 -3.38 -23.07
CA LYS E 215 2.58 -3.76 -24.40
C LYS E 215 3.76 -3.98 -25.31
N LEU E 216 3.59 -4.88 -26.29
CA LEU E 216 4.66 -5.20 -27.21
C LEU E 216 4.47 -4.48 -28.54
N GLU E 217 5.34 -3.50 -28.78
CA GLU E 217 5.25 -2.65 -29.96
C GLU E 217 6.14 -3.22 -31.07
N PRO E 218 5.63 -3.26 -32.32
CA PRO E 218 6.42 -3.82 -33.43
C PRO E 218 7.64 -3.01 -33.85
N SER E 219 8.32 -3.47 -34.90
CA SER E 219 9.42 -2.75 -35.52
C SER E 219 9.44 -3.04 -37.02
N GLU F 4 38.67 -54.56 2.94
CA GLU F 4 37.76 -53.44 3.32
C GLU F 4 38.13 -52.88 4.69
N ASP F 5 38.85 -51.75 4.71
CA ASP F 5 39.25 -51.08 5.95
C ASP F 5 38.15 -51.19 7.01
N GLY F 6 38.36 -52.09 7.98
CA GLY F 6 37.31 -52.51 8.88
C GLY F 6 36.90 -51.48 9.91
N ASP F 7 35.75 -50.86 9.67
CA ASP F 7 35.09 -50.06 10.69
C ASP F 7 34.54 -51.01 11.75
N LEU F 8 33.94 -50.43 12.78
CA LEU F 8 33.29 -51.22 13.81
C LEU F 8 32.13 -51.97 13.17
N GLN F 9 31.69 -53.06 13.81
CA GLN F 9 30.59 -53.86 13.27
C GLN F 9 29.46 -54.09 14.27
N CYS F 10 28.38 -54.65 13.75
CA CYS F 10 27.29 -55.09 14.59
C CYS F 10 27.77 -56.28 15.40
N LEU F 11 27.24 -56.43 16.61
CA LEU F 11 27.51 -57.62 17.41
C LEU F 11 26.80 -58.81 16.77
N CYS F 12 25.67 -58.54 16.12
CA CYS F 12 24.84 -59.55 15.49
C CYS F 12 24.87 -59.41 13.99
N VAL F 13 25.90 -59.97 13.36
CA VAL F 13 26.00 -59.92 11.91
C VAL F 13 25.15 -61.03 11.33
N LYS F 14 25.16 -62.18 11.98
CA LYS F 14 24.32 -63.31 11.58
C LYS F 14 23.53 -63.81 12.76
N THR F 15 22.45 -64.54 12.46
CA THR F 15 21.40 -64.85 13.43
C THR F 15 20.84 -66.25 13.22
N THR F 16 20.01 -66.69 14.18
CA THR F 16 19.18 -67.90 14.01
C THR F 16 17.80 -67.70 14.60
N SER F 17 16.81 -68.31 13.95
CA SER F 17 15.46 -68.42 14.49
C SER F 17 15.40 -69.63 15.43
N GLN F 18 16.36 -70.53 15.24
CA GLN F 18 16.35 -71.85 15.89
C GLN F 18 16.97 -71.76 17.27
N VAL F 19 16.13 -71.62 18.29
CA VAL F 19 16.59 -71.75 19.67
C VAL F 19 15.45 -72.10 20.61
N ARG F 20 15.77 -72.89 21.63
CA ARG F 20 14.79 -73.29 22.64
C ARG F 20 14.58 -72.11 23.59
N PRO F 21 13.33 -71.59 23.67
CA PRO F 21 13.02 -70.48 24.59
C PRO F 21 13.17 -70.84 26.07
N ARG F 22 12.98 -72.12 26.40
CA ARG F 22 13.35 -72.66 27.72
C ARG F 22 14.75 -72.24 28.21
N HIS F 23 15.71 -72.12 27.30
CA HIS F 23 17.10 -71.77 27.66
C HIS F 23 17.32 -70.29 27.98
N ILE F 24 16.49 -69.41 27.44
CA ILE F 24 16.79 -67.97 27.43
C ILE F 24 16.46 -67.26 28.75
N THR F 25 17.47 -66.92 29.53
CA THR F 25 17.23 -66.30 30.84
C THR F 25 16.91 -64.81 30.73
N SER F 26 17.24 -64.20 29.61
CA SER F 26 17.14 -62.75 29.48
C SER F 26 17.16 -62.32 28.02
N LEU F 27 16.88 -61.03 27.80
CA LEU F 27 16.71 -60.53 26.46
C LEU F 27 16.98 -59.03 26.37
N GLU F 28 18.09 -58.68 25.72
CA GLU F 28 18.46 -57.28 25.48
C GLU F 28 18.10 -56.89 24.07
N VAL F 29 17.61 -55.67 23.90
CA VAL F 29 17.31 -55.11 22.58
C VAL F 29 18.00 -53.78 22.45
N ILE F 30 18.63 -53.57 21.30
CA ILE F 30 19.24 -52.28 21.01
C ILE F 30 18.79 -51.76 19.65
N LYS F 31 18.61 -50.45 19.57
CA LYS F 31 18.02 -49.80 18.40
C LYS F 31 18.97 -49.96 17.25
N ALA F 32 18.58 -49.38 16.12
CA ALA F 32 19.52 -49.17 15.04
C ALA F 32 20.33 -47.94 15.41
N GLY F 33 21.56 -47.89 14.92
CA GLY F 33 22.45 -46.77 15.21
C GLY F 33 23.41 -46.48 14.08
N PRO F 34 24.21 -45.42 14.23
CA PRO F 34 25.24 -45.10 13.24
C PRO F 34 26.40 -46.10 13.28
N HIS F 35 26.53 -46.85 14.37
CA HIS F 35 27.55 -47.86 14.48
C HIS F 35 27.02 -49.28 14.26
N CYS F 36 25.72 -49.41 14.04
CA CYS F 36 25.15 -50.66 13.58
C CYS F 36 23.81 -50.39 12.89
N PRO F 37 23.81 -50.37 11.54
CA PRO F 37 22.63 -49.99 10.75
C PRO F 37 21.37 -50.77 11.08
N THR F 38 21.43 -52.10 11.09
CA THR F 38 20.28 -52.88 11.55
C THR F 38 20.21 -52.86 13.08
N ALA F 39 19.00 -52.95 13.61
CA ALA F 39 18.81 -53.16 15.03
C ALA F 39 19.02 -54.63 15.31
N GLN F 40 19.15 -54.97 16.57
CA GLN F 40 19.49 -56.33 16.95
C GLN F 40 18.79 -56.62 18.26
N LEU F 41 18.74 -57.89 18.63
CA LEU F 41 18.39 -58.27 19.99
C LEU F 41 19.16 -59.52 20.41
N ILE F 42 19.59 -59.49 21.67
CA ILE F 42 20.56 -60.42 22.18
C ILE F 42 19.89 -61.26 23.25
N ALA F 43 19.59 -62.49 22.89
CA ALA F 43 19.05 -63.43 23.86
C ALA F 43 20.21 -64.04 24.58
N THR F 44 20.13 -64.03 25.92
CA THR F 44 21.21 -64.51 26.76
C THR F 44 20.74 -65.81 27.43
N LEU F 45 21.50 -66.89 27.26
CA LEU F 45 21.03 -68.23 27.62
C LEU F 45 21.33 -68.62 29.06
N LYS F 46 20.90 -69.82 29.46
CA LYS F 46 21.07 -70.27 30.83
C LYS F 46 22.53 -70.47 31.17
N ASN F 47 23.24 -71.14 30.28
CA ASN F 47 24.65 -71.46 30.51
C ASN F 47 25.57 -70.25 30.42
N GLY F 48 25.13 -69.20 29.75
CA GLY F 48 25.85 -67.93 29.75
C GLY F 48 26.05 -67.28 28.40
N ARG F 49 25.96 -68.07 27.32
CA ARG F 49 26.18 -67.54 25.97
C ARG F 49 25.12 -66.51 25.66
N LYS F 50 25.37 -65.76 24.60
CA LYS F 50 24.38 -64.83 24.08
C LYS F 50 24.22 -65.17 22.62
N ILE F 51 23.02 -64.93 22.08
CA ILE F 51 22.76 -65.21 20.68
C ILE F 51 21.96 -64.11 20.04
N CYS F 52 22.06 -64.07 18.72
CA CYS F 52 21.41 -63.07 17.92
C CYS F 52 20.29 -63.74 17.18
N LEU F 53 19.09 -63.18 17.29
CA LEU F 53 17.92 -63.82 16.70
C LEU F 53 17.35 -62.97 15.59
N ASP F 54 16.72 -63.63 14.64
CA ASP F 54 16.38 -63.04 13.36
C ASP F 54 15.23 -62.07 13.52
N LEU F 55 15.35 -60.93 12.85
CA LEU F 55 14.28 -59.95 12.81
C LEU F 55 13.44 -60.14 11.54
N GLN F 56 13.91 -60.98 10.62
CA GLN F 56 13.13 -61.34 9.44
C GLN F 56 12.00 -62.32 9.81
N ALA F 57 12.22 -63.17 10.81
CA ALA F 57 11.17 -64.04 11.32
C ALA F 57 10.17 -63.23 12.14
N PRO F 58 9.01 -63.82 12.50
CA PRO F 58 8.03 -63.18 13.40
C PRO F 58 8.39 -63.21 14.90
N LEU F 59 9.70 -63.31 15.17
CA LEU F 59 10.32 -62.87 16.42
C LEU F 59 10.48 -61.34 16.41
N TYR F 60 10.03 -60.69 15.32
CA TYR F 60 10.28 -59.27 15.07
C TYR F 60 9.14 -58.35 15.50
N LYS F 61 7.92 -58.87 15.57
CA LYS F 61 6.77 -58.05 15.96
C LYS F 61 6.73 -57.80 17.48
N LYS F 62 7.50 -58.62 18.21
CA LYS F 62 7.81 -58.35 19.62
C LYS F 62 9.04 -57.43 19.85
N ILE F 63 9.50 -56.77 18.78
CA ILE F 63 10.58 -55.79 18.86
C ILE F 63 10.01 -54.40 18.62
N ILE F 64 9.47 -54.20 17.41
CA ILE F 64 8.92 -52.92 16.97
C ILE F 64 8.10 -52.27 18.07
N LYS F 65 7.20 -53.05 18.65
CA LYS F 65 6.41 -52.64 19.79
C LYS F 65 7.25 -52.53 21.06
N LYS F 66 8.05 -53.56 21.33
CA LYS F 66 8.81 -53.66 22.58
C LYS F 66 9.57 -52.41 22.97
N LEU F 67 10.65 -52.11 22.27
CA LEU F 67 11.50 -50.99 22.63
C LEU F 67 10.94 -49.70 22.06
N LEU F 68 10.26 -49.83 20.93
CA LEU F 68 9.99 -48.70 20.08
C LEU F 68 8.50 -48.51 19.85
N ASP G 1 -21.65 16.44 27.09
CA ASP G 1 -22.58 15.39 26.59
C ASP G 1 -22.88 14.36 27.68
N ILE G 2 -24.13 13.93 27.73
CA ILE G 2 -24.52 12.88 28.64
C ILE G 2 -24.56 11.55 27.89
N GLN G 3 -23.70 10.61 28.28
CA GLN G 3 -23.76 9.24 27.74
C GLN G 3 -24.97 8.53 28.36
N MET G 4 -25.96 8.22 27.52
CA MET G 4 -27.15 7.47 27.94
C MET G 4 -26.96 6.00 27.56
N THR G 5 -26.79 5.13 28.56
CA THR G 5 -26.40 3.74 28.35
C THR G 5 -27.57 2.78 28.58
N GLN G 6 -28.00 2.14 27.50
CA GLN G 6 -29.05 1.14 27.55
C GLN G 6 -28.34 -0.21 27.44
N ILE G 7 -28.17 -0.88 28.57
CA ILE G 7 -27.17 -1.95 28.73
C ILE G 7 -27.41 -3.20 27.89
N THR G 8 -28.68 -3.58 27.75
CA THR G 8 -29.07 -4.75 26.97
C THR G 8 -29.47 -4.38 25.53
N SER G 9 -28.57 -4.65 24.59
CA SER G 9 -28.81 -4.45 23.17
C SER G 9 -30.13 -5.06 22.74
N SER G 10 -30.32 -6.35 23.01
CA SER G 10 -31.63 -7.00 22.87
C SER G 10 -31.91 -7.91 24.05
N LEU G 11 -33.18 -8.27 24.24
CA LEU G 11 -33.54 -9.12 25.38
C LEU G 11 -34.80 -9.97 25.09
N SER G 12 -34.77 -11.18 25.66
CA SER G 12 -35.71 -12.22 25.34
C SER G 12 -36.80 -12.32 26.37
N ALA G 13 -38.05 -12.31 25.89
CA ALA G 13 -39.19 -12.36 26.80
C ALA G 13 -40.40 -13.00 26.13
N SER G 14 -40.89 -14.10 26.71
CA SER G 14 -42.05 -14.80 26.17
C SER G 14 -43.28 -13.93 26.30
N LEU G 15 -44.23 -14.14 25.40
CA LEU G 15 -45.43 -13.33 25.36
C LEU G 15 -46.28 -13.44 26.65
N GLY G 16 -46.97 -12.36 27.03
CA GLY G 16 -47.74 -12.32 28.28
C GLY G 16 -46.91 -12.17 29.55
N ASP G 17 -45.64 -11.79 29.39
CA ASP G 17 -44.69 -11.68 30.51
C ASP G 17 -44.64 -10.27 31.09
N ARG G 18 -43.80 -10.10 32.12
CA ARG G 18 -43.49 -8.78 32.66
C ARG G 18 -42.05 -8.46 32.26
N VAL G 19 -41.83 -7.30 31.64
CA VAL G 19 -40.53 -6.93 31.10
C VAL G 19 -40.01 -5.67 31.75
N THR G 20 -38.74 -5.69 32.16
CA THR G 20 -38.05 -4.49 32.63
C THR G 20 -36.90 -4.19 31.68
N ILE G 21 -36.74 -2.91 31.38
CA ILE G 21 -35.82 -2.46 30.35
C ILE G 21 -35.07 -1.23 30.89
N SER G 22 -33.81 -1.43 31.25
CA SER G 22 -33.06 -0.45 32.04
C SER G 22 -32.28 0.52 31.15
N CYS G 23 -32.20 1.77 31.62
CA CYS G 23 -31.49 2.83 30.93
C CYS G 23 -30.77 3.67 31.95
N SER G 24 -29.44 3.61 31.91
CA SER G 24 -28.60 4.30 32.89
C SER G 24 -27.98 5.55 32.24
N ALA G 25 -27.70 6.57 33.05
CA ALA G 25 -27.24 7.87 32.56
C ALA G 25 -25.86 8.21 33.12
N SER G 26 -25.01 8.82 32.31
CA SER G 26 -23.63 9.13 32.73
C SER G 26 -23.60 10.05 33.92
N GLN G 27 -24.50 11.03 33.92
CA GLN G 27 -24.58 12.01 34.99
C GLN G 27 -26.03 12.19 35.39
N GLY G 28 -26.25 12.85 36.52
CA GLY G 28 -27.59 13.03 37.05
C GLY G 28 -28.44 13.87 36.12
N ILE G 29 -29.49 13.25 35.63
CA ILE G 29 -30.59 13.94 35.03
C ILE G 29 -31.60 14.14 36.12
N ASN G 30 -32.43 15.17 36.06
CA ASN G 30 -33.46 15.37 37.07
C ASN G 30 -34.78 14.73 36.69
N ASN G 31 -34.79 13.40 36.72
CA ASN G 31 -35.83 12.59 36.10
C ASN G 31 -36.52 13.28 34.94
N TYR G 32 -35.70 13.80 34.03
CA TYR G 32 -36.20 14.45 32.82
C TYR G 32 -35.96 13.51 31.64
N LEU G 33 -36.17 12.22 31.90
CA LEU G 33 -35.98 11.15 30.92
C LEU G 33 -37.24 10.95 30.08
N SER G 34 -37.11 10.26 28.95
CA SER G 34 -38.26 9.86 28.16
C SER G 34 -38.15 8.39 27.79
N TRP G 35 -39.21 7.86 27.17
CA TRP G 35 -39.15 6.54 26.57
C TRP G 35 -39.86 6.58 25.23
N TYR G 36 -39.28 5.88 24.26
CA TYR G 36 -39.82 5.84 22.92
C TYR G 36 -39.86 4.39 22.46
N ARG G 37 -40.81 4.09 21.58
CA ARG G 37 -40.94 2.76 21.00
C ARG G 37 -40.96 2.91 19.49
N GLN G 38 -40.18 2.08 18.80
CA GLN G 38 -40.14 2.08 17.35
C GLN G 38 -40.59 0.74 16.80
N LYS G 39 -41.77 0.71 16.18
CA LYS G 39 -42.26 -0.49 15.51
C LYS G 39 -41.28 -0.89 14.42
N PRO G 40 -41.06 -2.22 14.23
CA PRO G 40 -39.99 -2.68 13.33
C PRO G 40 -39.88 -1.89 12.03
N ASP G 41 -41.02 -1.51 11.46
CA ASP G 41 -41.07 -0.68 10.23
C ASP G 41 -41.53 0.76 10.59
N GLY G 42 -42.55 0.88 11.43
CA GLY G 42 -43.27 2.14 11.58
C GLY G 42 -42.51 3.27 12.24
N THR G 43 -43.20 4.40 12.34
CA THR G 43 -42.66 5.56 13.06
C THR G 43 -42.32 5.16 14.49
N VAL G 44 -41.73 6.10 15.22
CA VAL G 44 -41.58 5.96 16.66
C VAL G 44 -42.62 6.83 17.36
N LYS G 45 -43.03 6.43 18.56
CA LYS G 45 -44.02 7.18 19.31
C LYS G 45 -43.63 7.31 20.77
N LEU G 46 -43.96 8.47 21.34
CA LEU G 46 -43.62 8.76 22.73
C LEU G 46 -44.44 7.89 23.65
N LEU G 47 -43.75 7.24 24.58
CA LEU G 47 -44.37 6.31 25.47
C LEU G 47 -44.54 6.98 26.83
N ILE G 48 -43.42 7.31 27.47
CA ILE G 48 -43.40 7.96 28.78
C ILE G 48 -42.58 9.24 28.68
N TYR G 49 -43.06 10.31 29.32
CA TYR G 49 -42.25 11.50 29.54
C TYR G 49 -42.05 11.73 31.04
N TYR G 50 -41.31 12.77 31.39
CA TYR G 50 -40.76 12.90 32.72
C TYR G 50 -40.24 11.47 32.90
N THR G 51 -40.30 10.95 34.10
CA THR G 51 -39.70 9.64 34.33
C THR G 51 -40.73 8.52 34.33
N SER G 52 -41.98 8.88 34.60
CA SER G 52 -43.08 7.91 34.75
C SER G 52 -44.46 8.35 34.22
N SER G 53 -44.63 9.63 33.87
CA SER G 53 -45.91 10.10 33.32
C SER G 53 -46.13 9.61 31.88
N LEU G 54 -47.24 8.89 31.65
CA LEU G 54 -47.51 8.28 30.34
C LEU G 54 -48.10 9.31 29.40
N HIS G 55 -47.71 9.19 28.14
CA HIS G 55 -48.26 10.02 27.08
C HIS G 55 -49.71 9.58 26.84
N SER G 56 -50.52 10.46 26.26
CA SER G 56 -51.92 10.13 25.94
C SER G 56 -51.99 9.01 24.90
N GLY G 57 -52.96 8.12 25.06
CA GLY G 57 -53.14 7.00 24.14
C GLY G 57 -52.16 5.87 24.35
N VAL G 58 -51.49 5.85 25.50
CA VAL G 58 -50.58 4.77 25.83
C VAL G 58 -51.30 3.80 26.73
N PRO G 59 -51.18 2.49 26.47
CA PRO G 59 -51.75 1.47 27.37
C PRO G 59 -51.33 1.61 28.83
N SER G 60 -52.13 1.02 29.72
CA SER G 60 -51.91 1.16 31.16
C SER G 60 -50.73 0.32 31.62
N ARG G 61 -50.47 -0.79 30.92
CA ARG G 61 -49.39 -1.71 31.28
C ARG G 61 -47.99 -1.09 31.26
N PHE G 62 -47.82 -0.01 30.49
CA PHE G 62 -46.57 0.75 30.46
C PHE G 62 -46.43 1.65 31.68
N SER G 63 -45.35 1.48 32.44
CA SER G 63 -45.09 2.33 33.60
C SER G 63 -43.60 2.62 33.76
N GLY G 64 -43.24 3.90 33.74
CA GLY G 64 -41.86 4.32 33.95
C GLY G 64 -41.51 4.50 35.42
N SER G 65 -40.21 4.53 35.72
CA SER G 65 -39.73 4.70 37.08
C SER G 65 -38.25 5.03 37.10
N GLY G 66 -37.74 5.38 38.28
CA GLY G 66 -36.32 5.71 38.47
C GLY G 66 -36.03 7.06 39.10
N SER G 67 -34.76 7.29 39.43
CA SER G 67 -34.30 8.56 39.98
C SER G 67 -32.78 8.69 39.92
N GLY G 68 -32.31 9.87 39.54
CA GLY G 68 -30.88 10.14 39.47
C GLY G 68 -30.25 9.71 38.15
N THR G 69 -29.43 8.66 38.18
CA THR G 69 -28.75 8.14 37.00
C THR G 69 -29.37 6.87 36.45
N ASP G 70 -30.20 6.18 37.26
CA ASP G 70 -30.80 4.92 36.84
C ASP G 70 -32.31 5.05 36.64
N TYR G 71 -32.81 4.45 35.56
CA TYR G 71 -34.22 4.50 35.23
C TYR G 71 -34.66 3.21 34.57
N SER G 72 -35.96 2.93 34.65
CA SER G 72 -36.52 1.74 34.02
C SER G 72 -37.86 2.07 33.40
N LEU G 73 -38.12 1.44 32.25
CA LEU G 73 -39.46 1.28 31.72
C LEU G 73 -39.84 -0.16 32.00
N THR G 74 -41.12 -0.41 32.20
CA THR G 74 -41.56 -1.76 32.51
C THR G 74 -42.96 -2.03 31.95
N ILE G 75 -43.11 -3.21 31.34
CA ILE G 75 -44.32 -3.58 30.62
C ILE G 75 -44.88 -4.86 31.22
N SER G 76 -45.98 -4.75 31.96
CA SER G 76 -46.71 -5.92 32.45
C SER G 76 -47.47 -6.58 31.30
N ASN G 77 -47.78 -7.87 31.46
CA ASN G 77 -48.38 -8.72 30.40
C ASN G 77 -48.08 -8.27 28.96
N LEU G 78 -46.88 -8.60 28.49
CA LEU G 78 -46.40 -8.21 27.17
C LEU G 78 -47.35 -8.67 26.07
N GLU G 79 -47.58 -7.79 25.11
CA GLU G 79 -48.41 -8.11 23.96
C GLU G 79 -47.61 -7.99 22.68
N PRO G 80 -48.00 -8.73 21.62
CA PRO G 80 -47.18 -8.83 20.41
C PRO G 80 -47.01 -7.52 19.61
N GLU G 81 -47.83 -6.50 19.91
CA GLU G 81 -47.61 -5.15 19.37
C GLU G 81 -46.35 -4.49 19.95
N ASP G 82 -45.82 -5.03 21.04
CA ASP G 82 -44.69 -4.46 21.75
C ASP G 82 -43.34 -5.05 21.36
N ILE G 83 -43.33 -6.12 20.55
CA ILE G 83 -42.07 -6.61 20.00
C ILE G 83 -41.53 -5.52 19.08
N ALA G 84 -40.49 -4.84 19.57
CA ALA G 84 -39.99 -3.62 18.95
C ALA G 84 -38.68 -3.21 19.60
N THR G 85 -38.11 -2.09 19.17
CA THR G 85 -36.98 -1.48 19.86
C THR G 85 -37.48 -0.34 20.73
N TYR G 86 -36.82 -0.14 21.88
CA TYR G 86 -37.19 0.92 22.83
C TYR G 86 -36.00 1.81 23.11
N PHE G 87 -36.25 3.11 23.19
CA PHE G 87 -35.19 4.11 23.35
C PHE G 87 -35.49 5.00 24.53
N CYS G 88 -34.45 5.33 25.31
CA CYS G 88 -34.59 6.37 26.32
C CYS G 88 -33.85 7.61 25.88
N GLN G 89 -34.50 8.76 26.02
CA GLN G 89 -33.87 10.05 25.83
C GLN G 89 -33.77 10.73 27.19
N GLN G 90 -32.89 11.70 27.29
CA GLN G 90 -32.93 12.66 28.37
C GLN G 90 -33.12 14.04 27.76
N PHE G 91 -33.74 14.94 28.50
CA PHE G 91 -33.91 16.32 28.03
C PHE G 91 -33.58 17.36 29.08
N SER G 92 -32.72 16.99 30.02
CA SER G 92 -32.33 17.88 31.11
C SER G 92 -31.47 18.99 30.58
N LYS G 93 -30.55 18.65 29.69
CA LYS G 93 -29.74 19.67 29.08
C LYS G 93 -29.26 19.30 27.69
N LEU G 94 -28.90 20.32 26.93
CA LEU G 94 -28.29 20.13 25.63
C LEU G 94 -26.89 19.53 25.79
N PRO G 95 -26.45 18.74 24.81
CA PRO G 95 -27.17 18.32 23.63
C PRO G 95 -28.03 17.14 24.00
N TYR G 96 -29.20 17.03 23.38
CA TYR G 96 -30.13 15.94 23.68
C TYR G 96 -29.59 14.62 23.17
N THR G 97 -29.50 13.64 24.05
CA THR G 97 -28.84 12.40 23.74
C THR G 97 -29.83 11.27 23.97
N PHE G 98 -29.72 10.22 23.15
CA PHE G 98 -30.60 9.06 23.27
C PHE G 98 -29.84 7.85 23.79
N GLY G 99 -30.58 6.78 24.06
CA GLY G 99 -29.97 5.51 24.42
C GLY G 99 -29.60 4.72 23.19
N GLY G 100 -28.83 3.67 23.39
CA GLY G 100 -28.44 2.77 22.30
C GLY G 100 -29.63 2.01 21.73
N GLY G 101 -30.66 1.83 22.56
CA GLY G 101 -31.87 1.12 22.15
C GLY G 101 -31.86 -0.29 22.67
N THR G 102 -33.04 -0.80 23.04
CA THR G 102 -33.19 -2.19 23.43
C THR G 102 -34.23 -2.86 22.56
N LYS G 103 -33.78 -3.88 21.82
CA LYS G 103 -34.63 -4.67 20.95
C LYS G 103 -35.31 -5.77 21.76
N LEU G 104 -36.60 -5.93 21.53
CA LEU G 104 -37.39 -6.90 22.28
C LEU G 104 -37.76 -8.06 21.37
N GLU G 105 -37.32 -9.26 21.73
CA GLU G 105 -37.55 -10.46 20.92
C GLU G 105 -38.16 -11.56 21.80
N ILE G 106 -38.78 -12.55 21.15
CA ILE G 106 -39.62 -13.54 21.85
C ILE G 106 -38.89 -14.88 22.06
N LYS G 107 -38.87 -15.32 23.32
CA LYS G 107 -38.11 -16.52 23.70
C LYS G 107 -38.74 -17.79 23.19
N ARG G 108 -37.89 -18.66 22.64
CA ARG G 108 -38.26 -20.03 22.29
C ARG G 108 -37.19 -20.95 22.88
N ALA G 109 -37.41 -22.26 22.79
CA ALA G 109 -36.44 -23.24 23.30
C ALA G 109 -35.23 -23.36 22.37
N ASP G 110 -34.10 -22.84 22.82
CA ASP G 110 -32.87 -22.76 22.01
C ASP G 110 -32.57 -23.99 21.16
N ALA G 111 -32.41 -23.77 19.84
CA ALA G 111 -32.08 -24.81 18.88
C ALA G 111 -30.74 -24.51 18.20
N ALA G 112 -30.04 -25.56 17.77
CA ALA G 112 -28.70 -25.44 17.20
C ALA G 112 -28.77 -25.10 15.70
N PRO G 113 -27.66 -24.58 15.13
CA PRO G 113 -27.68 -24.15 13.73
C PRO G 113 -27.33 -25.24 12.73
N THR G 114 -28.04 -25.27 11.60
CA THR G 114 -27.69 -26.16 10.49
C THR G 114 -26.64 -25.45 9.63
N VAL G 115 -25.39 -25.88 9.74
CA VAL G 115 -24.27 -25.20 9.09
C VAL G 115 -23.97 -25.79 7.72
N SER G 116 -23.88 -24.93 6.72
CA SER G 116 -23.53 -25.33 5.35
C SER G 116 -22.36 -24.48 4.88
N ILE G 117 -21.38 -25.11 4.23
CA ILE G 117 -20.22 -24.39 3.70
C ILE G 117 -20.19 -24.52 2.19
N PHE G 118 -19.69 -23.48 1.53
CA PHE G 118 -19.67 -23.42 0.07
C PHE G 118 -18.33 -22.88 -0.46
N PRO G 119 -17.74 -23.56 -1.45
CA PRO G 119 -16.54 -23.01 -2.07
C PRO G 119 -16.90 -21.92 -3.07
N PRO G 120 -15.94 -21.05 -3.40
CA PRO G 120 -16.21 -19.99 -4.37
C PRO G 120 -16.48 -20.60 -5.75
N SER G 121 -17.51 -20.10 -6.42
CA SER G 121 -17.95 -20.67 -7.69
C SER G 121 -16.96 -20.41 -8.82
N SER G 122 -17.02 -21.26 -9.84
CA SER G 122 -16.18 -21.12 -11.03
C SER G 122 -16.42 -19.78 -11.74
N GLU G 123 -17.69 -19.35 -11.81
CA GLU G 123 -18.06 -18.08 -12.42
C GLU G 123 -17.28 -16.90 -11.82
N GLN G 124 -17.05 -16.97 -10.51
CA GLN G 124 -16.33 -15.92 -9.78
C GLN G 124 -14.81 -16.04 -9.92
N LEU G 125 -14.31 -17.27 -9.99
CA LEU G 125 -12.88 -17.51 -10.18
C LEU G 125 -12.40 -16.96 -11.53
N THR G 126 -13.27 -17.04 -12.53
CA THR G 126 -13.05 -16.40 -13.82
C THR G 126 -12.92 -14.89 -13.68
N SER G 127 -13.81 -14.31 -12.88
CA SER G 127 -13.80 -12.87 -12.59
C SER G 127 -12.52 -12.40 -11.91
N GLY G 128 -11.87 -13.29 -11.16
CA GLY G 128 -10.63 -12.97 -10.46
C GLY G 128 -10.86 -12.61 -9.01
N GLY G 129 -11.76 -13.34 -8.37
CA GLY G 129 -12.05 -13.18 -6.93
C GLY G 129 -12.45 -14.51 -6.34
N ALA G 130 -12.54 -14.58 -5.02
CA ALA G 130 -12.86 -15.85 -4.33
C ALA G 130 -13.51 -15.62 -2.97
N SER G 131 -14.82 -15.86 -2.91
CA SER G 131 -15.59 -15.72 -1.67
C SER G 131 -16.04 -17.08 -1.16
N VAL G 132 -15.53 -17.46 0.01
CA VAL G 132 -15.95 -18.69 0.68
C VAL G 132 -17.10 -18.32 1.60
N VAL G 133 -18.26 -18.97 1.41
CA VAL G 133 -19.47 -18.63 2.16
C VAL G 133 -19.84 -19.74 3.12
N CYS G 134 -20.38 -19.36 4.28
CA CYS G 134 -20.84 -20.30 5.27
C CYS G 134 -22.18 -19.83 5.82
N PHE G 135 -23.23 -20.62 5.60
CA PHE G 135 -24.54 -20.32 6.17
C PHE G 135 -24.72 -21.04 7.50
N LEU G 136 -25.22 -20.31 8.49
CA LEU G 136 -25.57 -20.87 9.79
C LEU G 136 -27.04 -20.52 10.02
N ASN G 137 -27.93 -21.50 9.83
CA ASN G 137 -29.37 -21.22 9.72
C ASN G 137 -30.25 -21.80 10.83
N ASN G 138 -31.35 -21.09 11.10
CA ASN G 138 -32.38 -21.50 12.05
C ASN G 138 -31.86 -21.95 13.41
N PHE G 139 -31.41 -20.99 14.20
CA PHE G 139 -30.91 -21.26 15.54
C PHE G 139 -31.46 -20.25 16.53
N TYR G 140 -31.19 -20.50 17.81
CA TYR G 140 -31.56 -19.61 18.90
C TYR G 140 -30.67 -19.95 20.10
N PRO G 141 -30.19 -18.92 20.84
CA PRO G 141 -30.41 -17.48 20.67
C PRO G 141 -29.43 -16.84 19.69
N LYS G 142 -29.74 -15.61 19.29
CA LYS G 142 -28.89 -14.79 18.42
C LYS G 142 -27.38 -14.89 18.71
N ASP G 143 -27.01 -15.12 19.97
CA ASP G 143 -25.62 -15.24 20.40
C ASP G 143 -24.94 -16.41 19.71
N ILE G 144 -24.11 -16.11 18.72
CA ILE G 144 -23.37 -17.12 17.99
C ILE G 144 -22.00 -16.58 17.61
N ASN G 145 -21.04 -17.49 17.44
CA ASN G 145 -19.66 -17.09 17.15
C ASN G 145 -19.05 -17.96 16.05
N VAL G 146 -18.26 -17.33 15.18
CA VAL G 146 -17.72 -18.00 13.99
C VAL G 146 -16.20 -17.90 13.92
N LYS G 147 -15.55 -19.03 13.61
CA LYS G 147 -14.10 -19.10 13.37
C LYS G 147 -13.86 -19.57 11.94
N TRP G 148 -13.08 -18.81 11.18
CA TRP G 148 -12.64 -19.23 9.86
C TRP G 148 -11.21 -19.75 9.95
N LYS G 149 -10.96 -20.96 9.43
CA LYS G 149 -9.64 -21.59 9.49
C LYS G 149 -9.15 -22.10 8.14
N ILE G 150 -8.10 -21.44 7.63
CA ILE G 150 -7.44 -21.87 6.40
C ILE G 150 -6.22 -22.72 6.76
N ASP G 151 -6.19 -23.95 6.25
CA ASP G 151 -5.14 -24.92 6.58
C ASP G 151 -4.90 -25.02 8.09
N GLY G 152 -5.98 -25.06 8.87
CA GLY G 152 -5.90 -25.29 10.31
C GLY G 152 -5.54 -24.10 11.19
N SER G 153 -5.08 -22.99 10.61
CA SER G 153 -4.74 -21.79 11.40
C SER G 153 -5.73 -20.68 11.06
N GLU G 154 -6.31 -20.06 12.09
CA GLU G 154 -7.46 -19.19 11.88
C GLU G 154 -7.13 -17.87 11.19
N ARG G 155 -8.15 -17.24 10.64
CA ARG G 155 -8.01 -15.98 9.95
C ARG G 155 -9.25 -15.13 10.21
N GLN G 156 -9.03 -13.89 10.64
CA GLN G 156 -10.12 -12.96 10.92
C GLN G 156 -10.03 -11.75 10.01
N ASN G 157 -9.48 -11.93 8.82
CA ASN G 157 -9.03 -10.80 8.01
C ASN G 157 -10.10 -10.29 7.04
N GLY G 158 -10.55 -11.17 6.12
CA GLY G 158 -11.53 -10.78 5.10
C GLY G 158 -12.95 -11.22 5.41
N VAL G 159 -13.26 -11.35 6.70
CA VAL G 159 -14.55 -11.90 7.14
C VAL G 159 -15.63 -10.82 7.18
N LEU G 160 -16.87 -11.21 6.93
CA LEU G 160 -18.03 -10.33 7.04
C LEU G 160 -19.26 -11.13 7.45
N ASN G 161 -19.83 -10.78 8.60
CA ASN G 161 -20.97 -11.53 9.14
C ASN G 161 -22.25 -10.69 9.12
N SER G 162 -23.31 -11.27 8.55
CA SER G 162 -24.61 -10.60 8.44
C SER G 162 -25.68 -11.48 9.09
N TRP G 163 -26.34 -10.96 10.12
CA TRP G 163 -27.38 -11.69 10.83
C TRP G 163 -28.74 -11.24 10.32
N THR G 164 -29.73 -12.13 10.37
CA THR G 164 -31.10 -11.78 10.00
C THR G 164 -31.86 -11.24 11.19
N ASP G 165 -33.03 -10.67 10.93
CA ASP G 165 -33.99 -10.40 11.99
C ASP G 165 -34.50 -11.75 12.50
N GLN G 166 -35.14 -11.75 13.67
CA GLN G 166 -35.75 -12.96 14.19
C GLN G 166 -36.87 -13.35 13.26
N ASP G 167 -36.87 -14.61 12.83
CA ASP G 167 -37.85 -15.07 11.85
C ASP G 167 -39.25 -14.93 12.44
N SER G 168 -40.08 -14.11 11.79
CA SER G 168 -41.46 -13.89 12.21
C SER G 168 -42.22 -15.21 12.34
N LYS G 169 -41.91 -16.13 11.43
CA LYS G 169 -42.49 -17.45 11.41
C LYS G 169 -42.24 -18.23 12.70
N ASP G 170 -40.96 -18.52 13.00
CA ASP G 170 -40.60 -19.53 14.01
C ASP G 170 -39.59 -19.07 15.08
N SER G 171 -39.35 -17.78 15.16
CA SER G 171 -38.53 -17.20 16.23
C SER G 171 -37.08 -17.74 16.24
N THR G 172 -36.50 -17.95 15.06
CA THR G 172 -35.12 -18.44 14.95
C THR G 172 -34.28 -17.51 14.11
N TYR G 173 -33.06 -17.26 14.56
CA TYR G 173 -32.13 -16.41 13.86
C TYR G 173 -31.30 -17.24 12.89
N SER G 174 -30.76 -16.56 11.88
CA SER G 174 -29.90 -17.18 10.87
C SER G 174 -28.83 -16.16 10.46
N MET G 175 -27.61 -16.62 10.23
CA MET G 175 -26.53 -15.72 9.83
C MET G 175 -25.68 -16.24 8.68
N SER G 176 -24.92 -15.31 8.08
CA SER G 176 -24.18 -15.56 6.87
C SER G 176 -22.75 -15.05 7.02
N SER G 177 -21.77 -15.94 6.89
CA SER G 177 -20.35 -15.57 7.04
C SER G 177 -19.60 -15.64 5.71
N THR G 178 -19.20 -14.48 5.20
CA THR G 178 -18.53 -14.37 3.90
C THR G 178 -17.03 -14.11 4.09
N LEU G 179 -16.19 -15.02 3.59
CA LEU G 179 -14.74 -14.84 3.62
C LEU G 179 -14.24 -14.40 2.25
N THR G 180 -14.06 -13.09 2.07
CA THR G 180 -13.60 -12.53 0.81
C THR G 180 -12.07 -12.64 0.72
N LEU G 181 -11.59 -13.21 -0.38
CA LEU G 181 -10.16 -13.45 -0.58
C LEU G 181 -9.71 -13.14 -2.00
N THR G 182 -8.50 -12.58 -2.10
CA THR G 182 -7.81 -12.48 -3.38
C THR G 182 -7.67 -13.89 -3.98
N LYS G 183 -7.97 -14.01 -5.27
CA LYS G 183 -8.12 -15.32 -5.91
C LYS G 183 -6.80 -16.09 -6.02
N ASP G 184 -5.69 -15.37 -6.03
CA ASP G 184 -4.35 -15.98 -6.07
C ASP G 184 -3.98 -16.61 -4.73
N GLU G 185 -4.18 -15.87 -3.65
CA GLU G 185 -3.86 -16.36 -2.30
C GLU G 185 -4.91 -17.35 -1.78
N TYR G 186 -6.07 -17.41 -2.46
CA TYR G 186 -7.02 -18.49 -2.26
C TYR G 186 -6.41 -19.82 -2.73
N GLU G 187 -5.70 -19.78 -3.85
CA GLU G 187 -5.08 -20.97 -4.42
C GLU G 187 -3.74 -21.35 -3.78
N ARG G 188 -3.22 -20.46 -2.92
CA ARG G 188 -2.01 -20.77 -2.13
C ARG G 188 -2.29 -21.67 -0.92
N HIS G 189 -3.56 -21.96 -0.65
CA HIS G 189 -3.96 -22.84 0.45
C HIS G 189 -5.03 -23.84 -0.01
N ASN G 190 -5.23 -24.91 0.75
CA ASN G 190 -6.13 -26.01 0.35
C ASN G 190 -7.34 -26.26 1.26
N SER G 191 -7.11 -26.30 2.57
CA SER G 191 -8.15 -26.60 3.56
C SER G 191 -8.91 -25.34 3.99
N TYR G 192 -10.24 -25.35 3.81
CA TYR G 192 -11.09 -24.23 4.23
C TYR G 192 -12.17 -24.71 5.19
N THR G 193 -12.11 -24.20 6.42
CA THR G 193 -12.97 -24.65 7.50
C THR G 193 -13.74 -23.47 8.10
N CYS G 194 -14.96 -23.75 8.54
CA CYS G 194 -15.82 -22.74 9.14
C CYS G 194 -16.44 -23.31 10.43
N GLU G 195 -15.86 -22.96 11.58
CA GLU G 195 -16.34 -23.40 12.89
C GLU G 195 -17.41 -22.46 13.42
N ALA G 196 -18.24 -22.97 14.32
CA ALA G 196 -19.33 -22.20 14.89
C ALA G 196 -19.61 -22.60 16.34
N THR G 197 -19.22 -21.73 17.27
CA THR G 197 -19.52 -21.95 18.69
C THR G 197 -20.92 -21.41 18.99
N HIS G 198 -21.70 -22.22 19.71
CA HIS G 198 -23.06 -21.85 20.08
C HIS G 198 -23.39 -22.43 21.45
N LYS G 199 -24.38 -21.84 22.10
CA LYS G 199 -24.85 -22.29 23.42
C LYS G 199 -25.25 -23.77 23.46
N THR G 200 -25.78 -24.30 22.34
CA THR G 200 -26.39 -25.62 22.31
C THR G 200 -25.44 -26.82 22.49
N SER G 201 -24.14 -26.61 22.35
CA SER G 201 -23.16 -27.66 22.69
C SER G 201 -21.82 -27.05 23.09
N THR G 202 -21.04 -27.81 23.85
CA THR G 202 -19.76 -27.32 24.40
C THR G 202 -18.70 -27.11 23.32
N SER G 203 -18.32 -28.19 22.64
CA SER G 203 -17.37 -28.10 21.53
C SER G 203 -18.13 -27.70 20.24
N PRO G 204 -17.45 -26.97 19.34
CA PRO G 204 -18.11 -26.32 18.21
C PRO G 204 -18.56 -27.25 17.08
N ILE G 205 -19.46 -26.76 16.23
CA ILE G 205 -19.87 -27.48 15.01
C ILE G 205 -19.05 -26.98 13.83
N VAL G 206 -18.44 -27.92 13.11
CA VAL G 206 -17.44 -27.62 12.09
C VAL G 206 -17.88 -28.16 10.73
N LYS G 207 -17.85 -27.30 9.71
CA LYS G 207 -18.06 -27.71 8.32
C LYS G 207 -16.87 -27.25 7.50
N SER G 208 -16.42 -28.10 6.58
CA SER G 208 -15.17 -27.86 5.86
C SER G 208 -15.15 -28.50 4.47
N PHE G 209 -14.20 -28.05 3.65
CA PHE G 209 -13.95 -28.64 2.34
C PHE G 209 -12.48 -28.44 1.95
N ASN G 210 -11.99 -29.31 1.06
CA ASN G 210 -10.65 -29.18 0.49
C ASN G 210 -10.71 -28.95 -1.01
N ARG G 211 -9.59 -28.51 -1.57
CA ARG G 211 -9.46 -28.25 -2.99
C ARG G 211 -8.68 -29.39 -3.63
N ASN G 212 -9.29 -30.06 -4.60
CA ASN G 212 -8.68 -31.25 -5.22
C ASN G 212 -9.25 -31.56 -6.60
N GLU H 1 -55.72 13.69 14.72
CA GLU H 1 -54.28 13.36 14.82
C GLU H 1 -53.39 14.59 14.67
N VAL H 2 -52.31 14.62 15.44
CA VAL H 2 -51.16 15.45 15.12
C VAL H 2 -50.36 14.67 14.08
N LYS H 3 -50.05 15.31 12.95
CA LYS H 3 -49.37 14.62 11.85
C LYS H 3 -48.16 15.40 11.36
N LEU H 4 -47.10 14.67 11.02
CA LEU H 4 -45.86 15.27 10.54
C LEU H 4 -45.35 14.55 9.28
N VAL H 5 -45.70 15.11 8.12
CA VAL H 5 -45.21 14.61 6.84
C VAL H 5 -43.86 15.24 6.58
N GLU H 6 -42.97 14.50 5.94
CA GLU H 6 -41.59 14.93 5.70
C GLU H 6 -41.24 14.65 4.25
N SER H 7 -40.30 15.41 3.72
CA SER H 7 -39.97 15.28 2.29
C SER H 7 -38.63 15.92 1.94
N GLY H 8 -38.20 15.70 0.70
CA GLY H 8 -36.95 16.27 0.18
C GLY H 8 -35.76 15.34 0.31
N GLY H 9 -35.97 14.18 0.95
CA GLY H 9 -34.90 13.23 1.17
C GLY H 9 -34.52 12.51 -0.11
N GLY H 10 -33.23 12.23 -0.27
CA GLY H 10 -32.74 11.53 -1.46
C GLY H 10 -31.27 11.17 -1.39
N LEU H 11 -30.71 10.79 -2.53
CA LEU H 11 -29.28 10.50 -2.66
C LEU H 11 -28.55 11.79 -2.99
N VAL H 12 -27.45 12.06 -2.28
CA VAL H 12 -26.62 13.21 -2.60
C VAL H 12 -25.15 12.84 -2.55
N LYS H 13 -24.36 13.49 -3.41
CA LYS H 13 -22.93 13.27 -3.48
C LYS H 13 -22.26 14.01 -2.33
N PRO H 14 -21.21 13.42 -1.74
CA PRO H 14 -20.43 14.07 -0.67
C PRO H 14 -20.08 15.52 -0.98
N GLY H 15 -20.11 16.36 0.05
CA GLY H 15 -19.87 17.80 -0.11
C GLY H 15 -20.98 18.53 -0.83
N GLY H 16 -22.18 17.93 -0.84
CA GLY H 16 -23.32 18.49 -1.56
C GLY H 16 -24.27 19.25 -0.65
N SER H 17 -25.49 19.45 -1.13
CA SER H 17 -26.53 20.17 -0.40
C SER H 17 -27.89 19.50 -0.58
N LEU H 18 -28.78 19.76 0.37
CA LEU H 18 -30.15 19.23 0.32
C LEU H 18 -31.00 19.94 1.36
N LYS H 19 -32.27 20.17 1.04
CA LYS H 19 -33.20 20.83 1.95
C LYS H 19 -34.37 19.92 2.28
N LEU H 20 -34.44 19.49 3.54
CA LEU H 20 -35.53 18.65 4.00
C LEU H 20 -36.70 19.53 4.40
N SER H 21 -37.91 19.02 4.22
CA SER H 21 -39.12 19.71 4.62
C SER H 21 -39.95 18.83 5.54
N CYS H 22 -40.73 19.46 6.40
CA CYS H 22 -41.61 18.76 7.33
C CYS H 22 -42.92 19.54 7.47
N ALA H 23 -43.99 19.00 6.89
CA ALA H 23 -45.31 19.64 6.92
C ALA H 23 -46.06 19.24 8.19
N ALA H 24 -46.56 20.25 8.91
CA ALA H 24 -47.22 20.04 10.18
C ALA H 24 -48.73 20.19 10.06
N SER H 25 -49.46 19.42 10.86
CA SER H 25 -50.91 19.41 10.81
C SER H 25 -51.53 18.82 12.08
N GLY H 26 -52.47 19.54 12.67
CA GLY H 26 -53.19 19.08 13.85
C GLY H 26 -52.87 19.83 15.13
N PHE H 27 -52.22 20.99 15.03
CA PHE H 27 -51.89 21.80 16.20
C PHE H 27 -51.46 23.23 15.84
N ALA H 28 -51.37 24.09 16.86
CA ALA H 28 -50.94 25.48 16.67
C ALA H 28 -49.43 25.57 16.42
N PHE H 29 -49.01 25.21 15.20
CA PHE H 29 -47.60 25.08 14.86
C PHE H 29 -46.71 26.23 15.33
N SER H 30 -47.23 27.46 15.27
CA SER H 30 -46.43 28.64 15.64
C SER H 30 -46.06 28.67 17.12
N ARG H 31 -46.91 28.09 17.97
CA ARG H 31 -46.66 28.06 19.41
C ARG H 31 -46.09 26.70 19.88
N TYR H 32 -45.18 26.11 19.11
CA TYR H 32 -44.54 24.83 19.48
C TYR H 32 -43.07 24.79 19.06
N ASP H 33 -42.20 24.35 19.97
CA ASP H 33 -40.79 24.14 19.64
C ASP H 33 -40.68 22.90 18.76
N MET H 34 -39.89 23.01 17.69
CA MET H 34 -39.74 21.94 16.69
C MET H 34 -38.29 21.51 16.52
N SER H 35 -38.09 20.22 16.22
CA SER H 35 -36.76 19.62 16.22
C SER H 35 -36.58 18.60 15.12
N TRP H 36 -35.32 18.27 14.84
CA TRP H 36 -34.95 17.22 13.88
C TRP H 36 -34.09 16.17 14.56
N VAL H 37 -34.39 14.91 14.31
CA VAL H 37 -33.62 13.79 14.86
C VAL H 37 -33.36 12.81 13.73
N ARG H 38 -32.22 12.14 13.78
CA ARG H 38 -31.87 11.21 12.73
C ARG H 38 -31.45 9.86 13.29
N GLN H 39 -31.73 8.82 12.51
CA GLN H 39 -31.43 7.46 12.87
C GLN H 39 -30.35 6.94 11.93
N THR H 40 -29.18 6.64 12.48
CA THR H 40 -28.06 6.17 11.66
C THR H 40 -28.39 4.81 11.06
N PRO H 41 -27.70 4.40 9.99
CA PRO H 41 -27.90 3.03 9.51
C PRO H 41 -27.48 2.04 10.59
N GLU H 42 -26.34 2.31 11.21
CA GLU H 42 -25.87 1.62 12.41
C GLU H 42 -27.04 1.30 13.37
N LYS H 43 -27.91 2.30 13.57
CA LYS H 43 -29.29 2.16 14.10
C LYS H 43 -29.65 3.26 15.11
N ARG H 44 -28.78 3.43 16.11
CA ARG H 44 -28.81 4.57 17.04
C ARG H 44 -29.54 5.86 16.61
N LEU H 45 -30.04 6.59 17.60
CA LEU H 45 -30.72 7.87 17.37
C LEU H 45 -29.77 9.02 17.71
N GLU H 46 -30.01 10.18 17.09
CA GLU H 46 -29.09 11.31 17.21
C GLU H 46 -29.83 12.63 17.05
N TRP H 47 -29.77 13.46 18.08
CA TRP H 47 -30.40 14.79 18.00
C TRP H 47 -29.66 15.63 16.99
N VAL H 48 -30.40 16.40 16.21
CA VAL H 48 -29.80 17.19 15.13
C VAL H 48 -30.03 18.70 15.26
N ALA H 49 -31.24 19.11 15.60
CA ALA H 49 -31.57 20.54 15.67
C ALA H 49 -32.85 20.82 16.46
N THR H 50 -32.95 22.03 17.00
CA THR H 50 -34.18 22.50 17.64
C THR H 50 -34.33 23.97 17.39
N ILE H 51 -35.58 24.44 17.37
CA ILE H 51 -35.87 25.87 17.16
C ILE H 51 -36.99 26.37 18.09
N THR H 52 -36.73 27.48 18.77
CA THR H 52 -37.69 28.07 19.72
C THR H 52 -38.88 28.62 18.97
N SER H 53 -40.06 28.38 19.54
CA SER H 53 -41.32 28.75 18.91
C SER H 53 -41.63 30.23 19.08
N GLY H 54 -41.06 30.85 20.12
CA GLY H 54 -41.03 32.31 20.19
C GLY H 54 -40.04 32.85 19.15
N ASP H 55 -40.27 32.42 17.90
CA ASP H 55 -39.34 32.56 16.77
C ASP H 55 -37.83 32.34 17.04
N ASN H 56 -37.42 32.53 18.30
CA ASN H 56 -36.06 32.93 18.65
C ASN H 56 -34.95 32.08 18.01
N TYR H 57 -34.38 31.15 18.77
CA TYR H 57 -33.04 30.65 18.51
C TYR H 57 -33.07 29.33 17.77
N THR H 58 -31.87 28.86 17.42
CA THR H 58 -31.69 27.51 16.93
C THR H 58 -30.55 26.90 17.74
N TYR H 59 -30.65 25.61 18.01
CA TYR H 59 -29.64 24.89 18.78
C TYR H 59 -29.26 23.64 18.00
N TYR H 60 -27.96 23.47 17.75
CA TYR H 60 -27.44 22.27 17.09
C TYR H 60 -26.37 21.62 17.96
N PRO H 61 -26.10 20.33 17.75
CA PRO H 61 -24.99 19.67 18.44
C PRO H 61 -23.69 19.94 17.70
N ASP H 62 -22.58 19.57 18.31
CA ASP H 62 -21.27 19.87 17.74
C ASP H 62 -21.08 19.20 16.37
N SER H 63 -21.61 17.99 16.23
CA SER H 63 -21.37 17.19 15.03
C SER H 63 -21.90 17.83 13.74
N VAL H 64 -22.77 18.83 13.83
CA VAL H 64 -23.33 19.45 12.61
C VAL H 64 -23.48 20.96 12.64
N LYS H 65 -22.80 21.65 13.55
CA LYS H 65 -22.94 23.10 13.65
C LYS H 65 -22.45 23.75 12.38
N GLY H 66 -23.14 24.81 11.94
CA GLY H 66 -22.71 25.59 10.78
C GLY H 66 -23.00 24.94 9.45
N ARG H 67 -22.99 23.62 9.40
CA ARG H 67 -23.33 22.88 8.19
C ARG H 67 -24.85 22.81 8.00
N PHE H 68 -25.54 22.56 9.10
CA PHE H 68 -27.00 22.43 9.09
C PHE H 68 -27.64 23.71 9.57
N THR H 69 -28.81 24.01 9.03
CA THR H 69 -29.52 25.24 9.34
C THR H 69 -31.02 25.00 9.42
N ILE H 70 -31.51 24.81 10.64
CA ILE H 70 -32.94 24.65 10.89
C ILE H 70 -33.66 25.97 10.68
N SER H 71 -34.92 25.91 10.26
CA SER H 71 -35.72 27.11 10.05
C SER H 71 -37.18 26.75 9.85
N ARG H 72 -38.07 27.67 10.22
CA ARG H 72 -39.51 27.43 10.15
C ARG H 72 -40.19 28.42 9.22
N ASP H 73 -41.45 28.13 8.92
CA ASP H 73 -42.34 29.09 8.26
C ASP H 73 -43.74 28.86 8.79
N ASN H 74 -44.10 29.62 9.83
CA ASN H 74 -45.38 29.47 10.51
C ASN H 74 -46.58 29.72 9.60
N ALA H 75 -46.38 30.54 8.58
CA ALA H 75 -47.40 30.76 7.55
C ALA H 75 -47.76 29.44 6.85
N ARG H 76 -46.75 28.70 6.42
CA ARG H 76 -46.94 27.47 5.67
C ARG H 76 -47.20 26.24 6.56
N ASN H 77 -46.89 26.35 7.85
CA ASN H 77 -46.85 25.20 8.76
C ASN H 77 -45.82 24.19 8.30
N THR H 78 -44.60 24.67 8.06
CA THR H 78 -43.53 23.86 7.52
C THR H 78 -42.20 24.15 8.19
N LEU H 79 -41.45 23.08 8.44
CA LEU H 79 -40.15 23.17 9.08
C LEU H 79 -39.10 22.67 8.09
N TYR H 80 -38.07 23.47 7.88
CA TYR H 80 -36.99 23.10 6.97
C TYR H 80 -35.71 22.78 7.74
N LEU H 81 -34.97 21.80 7.23
CA LEU H 81 -33.59 21.58 7.67
C LEU H 81 -32.67 21.71 6.45
N GLN H 82 -31.95 22.83 6.39
CA GLN H 82 -31.05 23.12 5.29
C GLN H 82 -29.69 22.51 5.54
N MET H 83 -29.43 21.38 4.87
CA MET H 83 -28.16 20.67 5.00
C MET H 83 -27.22 21.14 3.90
N SER H 84 -25.93 21.20 4.21
CA SER H 84 -24.89 21.48 3.21
C SER H 84 -23.53 21.00 3.69
N ARG H 85 -22.62 20.78 2.76
CA ARG H 85 -21.33 20.15 3.04
C ARG H 85 -21.56 18.79 3.70
N LEU H 86 -22.39 17.96 3.08
CA LEU H 86 -22.75 16.64 3.62
C LEU H 86 -21.54 15.74 3.73
N ARG H 87 -21.69 14.64 4.47
CA ARG H 87 -20.60 13.70 4.67
C ARG H 87 -21.09 12.25 4.61
N SER H 88 -20.15 11.34 4.79
CA SER H 88 -20.44 9.93 4.96
C SER H 88 -21.31 9.69 6.19
N GLU H 89 -20.97 10.38 7.28
CA GLU H 89 -21.65 10.15 8.58
C GLU H 89 -23.11 10.58 8.54
N ASP H 90 -23.39 11.63 7.78
CA ASP H 90 -24.74 12.19 7.70
C ASP H 90 -25.75 11.28 7.00
N THR H 91 -25.28 10.19 6.41
CA THR H 91 -26.16 9.16 5.89
C THR H 91 -27.01 8.63 7.02
N ALA H 92 -28.32 8.87 6.94
CA ALA H 92 -29.25 8.44 7.99
C ALA H 92 -30.71 8.68 7.59
N LEU H 93 -31.62 8.20 8.44
CA LEU H 93 -33.05 8.48 8.31
C LEU H 93 -33.38 9.68 9.19
N TYR H 94 -33.92 10.74 8.59
CA TYR H 94 -34.14 12.01 9.31
C TYR H 94 -35.61 12.23 9.66
N TYR H 95 -35.92 12.16 10.96
CA TYR H 95 -37.26 12.47 11.47
C TYR H 95 -37.36 13.93 11.92
N CYS H 96 -38.46 14.61 11.59
CA CYS H 96 -38.79 15.88 12.24
C CYS H 96 -39.70 15.54 13.40
N THR H 97 -39.63 16.35 14.47
CA THR H 97 -40.33 16.03 15.71
C THR H 97 -40.88 17.28 16.38
N ARG H 98 -41.80 17.06 17.32
CA ARG H 98 -42.38 18.15 18.08
C ARG H 98 -41.99 18.02 19.55
N GLN H 99 -41.24 19.00 20.04
CA GLN H 99 -40.99 19.17 21.47
C GLN H 99 -42.23 19.79 22.07
N GLY H 100 -42.19 20.07 23.36
CA GLY H 100 -42.92 21.22 23.88
C GLY H 100 -43.80 21.08 25.07
N LEU H 101 -44.43 22.21 25.39
CA LEU H 101 -45.52 22.30 26.34
C LEU H 101 -45.03 22.05 27.75
N LEU H 102 -45.50 21.00 28.41
CA LEU H 102 -45.23 20.82 29.81
C LEU H 102 -43.85 20.26 30.10
N TYR H 103 -43.41 19.24 29.36
CA TYR H 103 -42.23 18.50 29.77
C TYR H 103 -41.06 18.36 28.77
N TYR H 104 -41.22 18.88 27.56
CA TYR H 104 -40.08 18.97 26.60
C TYR H 104 -39.39 17.67 26.23
N ALA H 105 -40.18 16.67 25.88
CA ALA H 105 -39.65 15.53 25.16
C ALA H 105 -40.27 15.62 23.78
N MET H 106 -39.79 14.78 22.88
CA MET H 106 -40.35 14.76 21.54
C MET H 106 -41.59 13.89 21.59
N ASP H 107 -42.77 14.51 21.58
CA ASP H 107 -44.02 13.75 21.75
C ASP H 107 -44.58 13.18 20.43
N TYR H 108 -44.31 13.87 19.33
CA TYR H 108 -44.74 13.41 18.01
C TYR H 108 -43.61 13.46 16.97
N TRP H 109 -43.49 12.37 16.22
CA TRP H 109 -42.45 12.17 15.23
C TRP H 109 -43.12 11.87 13.90
N GLY H 110 -42.50 12.28 12.81
CA GLY H 110 -43.02 11.97 11.48
C GLY H 110 -42.68 10.56 11.02
N GLN H 111 -43.09 10.23 9.80
CA GLN H 111 -42.80 8.93 9.20
C GLN H 111 -41.29 8.75 9.09
N GLY H 112 -40.63 9.78 8.56
CA GLY H 112 -39.18 9.79 8.41
C GLY H 112 -38.83 9.83 6.94
N THR H 113 -38.15 10.88 6.50
CA THR H 113 -37.61 10.95 5.13
C THR H 113 -36.13 10.58 5.14
N SER H 114 -35.73 9.76 4.17
CA SER H 114 -34.43 9.12 4.20
C SER H 114 -33.38 9.90 3.43
N VAL H 115 -32.14 9.84 3.91
CA VAL H 115 -31.01 10.51 3.28
C VAL H 115 -29.84 9.54 3.17
N ASN H 116 -29.81 8.81 2.06
CA ASN H 116 -28.65 8.02 1.65
C ASN H 116 -27.63 9.01 1.04
N VAL H 117 -26.36 8.92 1.43
CA VAL H 117 -25.31 9.88 0.98
C VAL H 117 -24.01 9.18 0.59
N SER H 118 -23.77 9.05 -0.71
CA SER H 118 -22.59 8.34 -1.22
C SER H 118 -22.23 8.85 -2.60
N SER H 119 -21.04 8.48 -3.04
CA SER H 119 -20.53 8.89 -4.35
C SER H 119 -20.78 7.86 -5.45
N ALA H 120 -21.23 6.66 -5.08
CA ALA H 120 -21.20 5.53 -5.99
C ALA H 120 -22.23 5.66 -7.09
N LYS H 121 -21.86 5.22 -8.29
CA LYS H 121 -22.76 5.23 -9.43
C LYS H 121 -23.48 3.89 -9.51
N THR H 122 -24.66 3.87 -10.14
CA THR H 122 -25.46 2.65 -10.26
C THR H 122 -24.65 1.52 -10.90
N THR H 123 -24.75 0.32 -10.34
CA THR H 123 -24.00 -0.83 -10.83
C THR H 123 -24.84 -2.09 -10.70
N PRO H 124 -25.00 -2.85 -11.79
CA PRO H 124 -25.73 -4.11 -11.65
C PRO H 124 -24.93 -5.16 -10.89
N PRO H 125 -25.61 -6.22 -10.40
CA PRO H 125 -24.98 -7.20 -9.53
C PRO H 125 -24.29 -8.34 -10.27
N SER H 126 -23.11 -8.72 -9.80
CA SER H 126 -22.57 -10.03 -10.14
C SER H 126 -23.34 -11.04 -9.31
N VAL H 127 -23.64 -12.19 -9.89
CA VAL H 127 -24.37 -13.26 -9.20
C VAL H 127 -23.59 -14.54 -9.35
N TYR H 128 -23.24 -15.16 -8.23
CA TYR H 128 -22.51 -16.41 -8.24
C TYR H 128 -23.32 -17.48 -7.51
N PRO H 129 -23.43 -18.69 -8.11
CA PRO H 129 -24.20 -19.75 -7.48
C PRO H 129 -23.41 -20.41 -6.35
N LEU H 130 -24.13 -20.83 -5.32
CA LEU H 130 -23.53 -21.51 -4.19
C LEU H 130 -24.06 -22.96 -4.12
N ALA H 131 -23.18 -23.91 -4.42
CA ALA H 131 -23.50 -25.34 -4.35
C ALA H 131 -22.37 -26.10 -3.64
N PRO H 132 -22.70 -27.25 -3.02
CA PRO H 132 -21.69 -27.98 -2.25
C PRO H 132 -20.69 -28.69 -3.17
N GLY H 133 -19.40 -28.42 -2.99
CA GLY H 133 -18.35 -28.97 -3.85
C GLY H 133 -17.68 -30.22 -3.27
N CYS H 134 -17.50 -31.22 -4.13
CA CYS H 134 -16.74 -32.44 -3.80
C CYS H 134 -17.29 -33.23 -2.59
N GLY H 135 -16.68 -33.06 -1.41
CA GLY H 135 -16.93 -33.93 -0.24
C GLY H 135 -18.39 -34.29 -0.02
N ASP H 136 -18.71 -35.58 -0.09
CA ASP H 136 -20.09 -36.04 -0.31
C ASP H 136 -21.01 -36.05 0.91
N THR H 137 -20.56 -35.49 2.02
CA THR H 137 -21.35 -35.46 3.23
C THR H 137 -22.52 -34.56 2.98
N THR H 138 -23.73 -35.07 3.19
CA THR H 138 -24.95 -34.39 2.76
C THR H 138 -26.05 -34.56 3.80
N GLY H 139 -26.68 -35.73 3.77
CA GLY H 139 -27.86 -36.05 4.56
C GLY H 139 -29.15 -35.98 3.82
N SER H 140 -30.20 -35.77 4.60
CA SER H 140 -31.52 -35.94 4.15
C SER H 140 -32.14 -34.63 3.68
N SER H 141 -31.54 -33.49 4.03
CA SER H 141 -31.84 -32.18 3.43
C SER H 141 -30.55 -31.62 2.85
N VAL H 142 -30.67 -30.67 1.91
CA VAL H 142 -29.50 -29.99 1.36
C VAL H 142 -29.78 -28.49 1.19
N THR H 143 -28.79 -27.67 1.57
CA THR H 143 -28.91 -26.23 1.52
C THR H 143 -28.02 -25.68 0.41
N LEU H 144 -28.58 -24.73 -0.35
CA LEU H 144 -27.90 -24.09 -1.47
C LEU H 144 -28.06 -22.58 -1.36
N GLY H 145 -27.53 -21.83 -2.32
CA GLY H 145 -27.69 -20.37 -2.28
C GLY H 145 -27.16 -19.60 -3.47
N CYS H 146 -27.22 -18.28 -3.37
CA CYS H 146 -26.75 -17.37 -4.40
C CYS H 146 -26.04 -16.16 -3.79
N LEU H 147 -24.77 -15.98 -4.10
CA LEU H 147 -24.02 -14.80 -3.67
C LEU H 147 -24.21 -13.68 -4.67
N VAL H 148 -24.57 -12.49 -4.17
CA VAL H 148 -24.81 -11.32 -5.02
C VAL H 148 -23.83 -10.20 -4.67
N LYS H 149 -22.76 -10.08 -5.44
CA LYS H 149 -21.65 -9.17 -5.15
C LYS H 149 -21.74 -7.88 -5.99
N GLY H 150 -21.08 -6.83 -5.50
CA GLY H 150 -20.78 -5.63 -6.28
C GLY H 150 -21.94 -4.93 -6.97
N TYR H 151 -22.92 -4.45 -6.19
CA TYR H 151 -24.06 -3.73 -6.75
C TYR H 151 -24.40 -2.46 -5.97
N PHE H 152 -25.21 -1.60 -6.60
CA PHE H 152 -25.62 -0.32 -6.03
C PHE H 152 -26.71 0.27 -6.93
N PRO H 153 -27.71 0.93 -6.33
CA PRO H 153 -28.03 1.08 -4.92
C PRO H 153 -28.71 -0.16 -4.35
N GLU H 154 -28.59 -0.33 -3.03
CA GLU H 154 -29.24 -1.44 -2.34
C GLU H 154 -30.75 -1.41 -2.65
N SER H 155 -31.27 -2.56 -3.06
CA SER H 155 -32.68 -2.71 -3.49
C SER H 155 -32.95 -4.09 -4.09
N VAL H 156 -31.90 -4.93 -4.20
CA VAL H 156 -31.99 -6.23 -4.83
C VAL H 156 -33.00 -7.15 -4.12
N THR H 157 -33.72 -7.97 -4.89
CA THR H 157 -34.77 -8.84 -4.36
C THR H 157 -34.69 -10.26 -4.94
N VAL H 158 -33.90 -11.11 -4.27
CA VAL H 158 -33.66 -12.49 -4.68
C VAL H 158 -34.84 -13.43 -4.37
N THR H 159 -35.41 -14.05 -5.41
CA THR H 159 -36.52 -15.03 -5.26
C THR H 159 -36.13 -16.38 -5.88
N TRP H 160 -36.69 -17.47 -5.36
CA TRP H 160 -36.30 -18.82 -5.78
C TRP H 160 -37.40 -19.57 -6.53
N ASN H 161 -37.08 -20.09 -7.71
CA ASN H 161 -38.00 -20.89 -8.54
C ASN H 161 -39.34 -20.22 -8.79
N SER H 162 -39.33 -18.89 -8.95
CA SER H 162 -40.55 -18.10 -8.94
C SER H 162 -41.32 -18.38 -7.64
N GLY H 163 -40.64 -18.21 -6.52
CA GLY H 163 -41.19 -18.45 -5.17
C GLY H 163 -41.90 -19.78 -4.96
N SER H 164 -41.40 -20.83 -5.61
CA SER H 164 -41.96 -22.16 -5.46
C SER H 164 -41.46 -22.75 -4.13
N LEU H 165 -40.15 -22.94 -4.02
CA LEU H 165 -39.51 -23.29 -2.75
C LEU H 165 -39.17 -21.99 -2.01
N SER H 166 -40.20 -21.34 -1.45
CA SER H 166 -40.06 -20.07 -0.73
C SER H 166 -40.01 -20.24 0.80
N SER H 167 -40.62 -21.30 1.31
CA SER H 167 -40.39 -21.73 2.69
C SER H 167 -39.05 -22.46 2.74
N SER H 168 -38.33 -22.30 3.84
CA SER H 168 -36.95 -22.79 3.96
C SER H 168 -35.98 -21.94 3.15
N VAL H 169 -36.19 -20.62 3.18
CA VAL H 169 -35.35 -19.64 2.48
C VAL H 169 -34.91 -18.56 3.46
N HIS H 170 -33.66 -18.11 3.35
CA HIS H 170 -33.14 -17.04 4.20
C HIS H 170 -32.37 -16.03 3.36
N THR H 171 -32.94 -14.86 3.13
CA THR H 171 -32.24 -13.77 2.47
C THR H 171 -31.62 -12.89 3.55
N PHE H 172 -30.33 -12.60 3.43
CA PHE H 172 -29.60 -11.85 4.45
C PHE H 172 -29.47 -10.37 4.09
N PRO H 173 -29.44 -9.48 5.11
CA PRO H 173 -29.28 -8.06 4.83
C PRO H 173 -27.97 -7.77 4.13
N ALA H 174 -28.01 -6.80 3.23
CA ALA H 174 -26.83 -6.45 2.45
C ALA H 174 -25.88 -5.59 3.27
N LEU H 175 -24.65 -6.07 3.44
CA LEU H 175 -23.57 -5.26 3.99
C LEU H 175 -22.92 -4.48 2.86
N LEU H 176 -22.27 -3.37 3.21
CA LEU H 176 -21.62 -2.51 2.24
C LEU H 176 -20.11 -2.70 2.36
N GLN H 177 -19.51 -3.33 1.35
CA GLN H 177 -18.05 -3.53 1.33
C GLN H 177 -17.43 -2.88 0.10
N SER H 178 -16.39 -2.07 0.34
CA SER H 178 -15.62 -1.46 -0.74
C SER H 178 -16.51 -0.59 -1.65
N GLY H 179 -17.38 0.21 -1.03
CA GLY H 179 -18.23 1.14 -1.77
C GLY H 179 -19.44 0.55 -2.50
N LEU H 180 -19.52 -0.78 -2.53
CA LEU H 180 -20.59 -1.49 -3.23
C LEU H 180 -21.25 -2.53 -2.32
N TYR H 181 -22.51 -2.83 -2.58
CA TYR H 181 -23.28 -3.73 -1.73
C TYR H 181 -23.02 -5.21 -2.03
N THR H 182 -23.17 -6.03 -1.00
CA THR H 182 -23.01 -7.48 -1.08
C THR H 182 -24.06 -8.13 -0.21
N MET H 183 -24.81 -9.08 -0.76
CA MET H 183 -25.78 -9.85 0.02
C MET H 183 -25.77 -11.29 -0.47
N SER H 184 -26.39 -12.18 0.29
CA SER H 184 -26.53 -13.57 -0.10
C SER H 184 -27.92 -14.08 0.25
N SER H 185 -28.25 -15.25 -0.28
CA SER H 185 -29.54 -15.87 -0.03
C SER H 185 -29.38 -17.38 -0.02
N SER H 186 -29.89 -18.04 1.00
CA SER H 186 -29.82 -19.49 1.10
C SER H 186 -31.21 -20.08 0.96
N VAL H 187 -31.25 -21.35 0.56
CA VAL H 187 -32.50 -22.07 0.38
C VAL H 187 -32.27 -23.55 0.69
N THR H 188 -33.21 -24.16 1.42
CA THR H 188 -33.09 -25.55 1.83
C THR H 188 -34.24 -26.37 1.24
N VAL H 189 -33.90 -27.55 0.73
CA VAL H 189 -34.87 -28.48 0.15
C VAL H 189 -34.53 -29.91 0.53
N PRO H 190 -35.50 -30.84 0.40
CA PRO H 190 -35.22 -32.26 0.58
C PRO H 190 -34.07 -32.72 -0.32
N SER H 191 -33.13 -33.47 0.25
CA SER H 191 -31.91 -33.89 -0.44
C SER H 191 -32.19 -34.63 -1.75
N SER H 192 -33.16 -35.54 -1.69
CA SER H 192 -33.58 -36.33 -2.86
C SER H 192 -33.93 -35.46 -4.06
N THR H 193 -34.80 -34.47 -3.82
CA THR H 193 -35.43 -33.72 -4.89
C THR H 193 -34.59 -32.59 -5.52
N TRP H 194 -33.34 -32.39 -5.10
CA TRP H 194 -32.52 -31.35 -5.74
C TRP H 194 -31.90 -31.78 -7.07
N PRO H 195 -30.86 -32.65 -7.05
CA PRO H 195 -30.09 -32.85 -8.29
C PRO H 195 -30.97 -33.11 -9.53
N SER H 196 -32.12 -33.75 -9.31
CA SER H 196 -33.10 -34.01 -10.36
C SER H 196 -33.94 -32.78 -10.74
N GLN H 197 -34.45 -32.06 -9.74
CA GLN H 197 -35.34 -30.91 -9.98
C GLN H 197 -34.55 -29.65 -10.39
N THR H 198 -35.20 -28.78 -11.16
CA THR H 198 -34.63 -27.48 -11.53
C THR H 198 -34.69 -26.55 -10.33
N VAL H 199 -33.57 -25.91 -10.00
CA VAL H 199 -33.48 -24.97 -8.88
C VAL H 199 -32.78 -23.67 -9.30
N THR H 200 -33.56 -22.62 -9.49
CA THR H 200 -33.09 -21.36 -10.06
C THR H 200 -33.30 -20.21 -9.09
N CYS H 201 -32.26 -19.41 -8.87
CA CYS H 201 -32.38 -18.18 -8.09
C CYS H 201 -32.46 -17.01 -9.05
N SER H 202 -33.45 -16.15 -8.83
CA SER H 202 -33.69 -15.00 -9.69
C SER H 202 -33.41 -13.71 -8.93
N VAL H 203 -32.43 -12.94 -9.40
CA VAL H 203 -31.94 -11.76 -8.70
C VAL H 203 -32.29 -10.49 -9.47
N ALA H 204 -33.42 -9.88 -9.09
CA ALA H 204 -33.88 -8.64 -9.73
C ALA H 204 -33.32 -7.45 -8.97
N HIS H 205 -32.75 -6.50 -9.70
CA HIS H 205 -32.17 -5.29 -9.12
C HIS H 205 -32.68 -4.08 -9.93
N PRO H 206 -33.96 -3.73 -9.76
CA PRO H 206 -34.64 -2.74 -10.62
C PRO H 206 -33.93 -1.41 -10.79
N ALA H 207 -33.05 -1.06 -9.84
CA ALA H 207 -32.28 0.18 -9.93
C ALA H 207 -31.40 0.26 -11.19
N SER H 208 -30.77 -0.85 -11.56
CA SER H 208 -29.97 -0.93 -12.79
C SER H 208 -30.74 -1.59 -13.94
N SER H 209 -32.03 -1.83 -13.74
CA SER H 209 -32.92 -2.33 -14.78
C SER H 209 -32.59 -3.79 -15.18
N THR H 210 -32.11 -4.57 -14.21
CA THR H 210 -31.53 -5.89 -14.48
C THR H 210 -32.30 -7.03 -13.79
N THR H 211 -32.21 -8.24 -14.34
CA THR H 211 -32.68 -9.47 -13.69
C THR H 211 -31.78 -10.64 -14.09
N VAL H 212 -31.09 -11.23 -13.13
CA VAL H 212 -30.10 -12.27 -13.39
C VAL H 212 -30.51 -13.61 -12.79
N ASP H 213 -30.97 -14.53 -13.62
CA ASP H 213 -31.29 -15.89 -13.17
C ASP H 213 -30.04 -16.76 -13.09
N LYS H 214 -30.09 -17.81 -12.28
CA LYS H 214 -28.99 -18.77 -12.20
C LYS H 214 -29.43 -20.12 -11.63
N LYS H 215 -29.38 -21.16 -12.46
CA LYS H 215 -29.62 -22.52 -12.01
C LYS H 215 -28.43 -23.02 -11.22
N LEU H 216 -28.68 -23.89 -10.26
CA LEU H 216 -27.62 -24.41 -9.40
C LEU H 216 -27.17 -25.79 -9.87
N GLU H 217 -25.97 -25.86 -10.42
CA GLU H 217 -25.44 -27.09 -11.00
C GLU H 217 -24.60 -27.82 -9.94
N PRO H 218 -24.75 -29.15 -9.83
CA PRO H 218 -24.00 -29.90 -8.81
C PRO H 218 -22.49 -30.02 -9.08
N SER H 219 -21.81 -30.76 -8.20
CA SER H 219 -20.39 -31.09 -8.34
C SER H 219 -20.12 -32.47 -7.75
N GLU I 4 -22.86 17.84 41.00
CA GLU I 4 -23.38 17.93 39.60
C GLU I 4 -23.08 19.29 39.00
N ASP I 5 -22.03 19.35 38.17
CA ASP I 5 -21.63 20.57 37.48
C ASP I 5 -22.86 21.39 37.05
N GLY I 6 -23.13 22.45 37.82
CA GLY I 6 -24.39 23.16 37.73
C GLY I 6 -24.58 24.00 36.48
N ASP I 7 -25.40 23.49 35.56
CA ASP I 7 -25.91 24.28 34.44
C ASP I 7 -26.92 25.26 35.00
N LEU I 8 -27.50 26.06 34.12
CA LEU I 8 -28.56 26.96 34.52
C LEU I 8 -29.74 26.12 35.01
N GLN I 9 -30.62 26.72 35.81
CA GLN I 9 -31.77 25.98 36.33
C GLN I 9 -33.10 26.65 36.07
N CYS I 10 -34.16 25.91 36.37
CA CYS I 10 -35.50 26.45 36.35
C CYS I 10 -35.64 27.43 37.49
N LEU I 11 -36.48 28.46 37.29
CA LEU I 11 -36.80 29.39 38.36
C LEU I 11 -37.67 28.67 39.37
N CYS I 12 -38.46 27.71 38.88
CA CYS I 12 -39.39 26.95 39.71
C CYS I 12 -38.96 25.51 39.82
N VAL I 13 -38.04 25.24 40.74
CA VAL I 13 -37.57 23.87 40.96
C VAL I 13 -38.58 23.17 41.86
N LYS I 14 -39.09 23.89 42.85
CA LYS I 14 -40.12 23.35 43.73
C LYS I 14 -41.30 24.31 43.81
N THR I 15 -42.44 23.78 44.25
CA THR I 15 -43.73 24.42 44.07
C THR I 15 -44.65 24.19 45.26
N THR I 16 -45.80 24.88 45.27
CA THR I 16 -46.91 24.57 46.18
C THR I 16 -48.25 24.71 45.49
N SER I 17 -49.20 23.85 45.86
CA SER I 17 -50.61 24.00 45.48
C SER I 17 -51.28 24.94 46.45
N GLN I 18 -50.67 25.12 47.63
CA GLN I 18 -51.27 25.82 48.75
C GLN I 18 -51.02 27.32 48.65
N VAL I 19 -51.98 28.04 48.10
CA VAL I 19 -51.94 29.50 48.14
C VAL I 19 -53.32 30.11 47.98
N ARG I 20 -53.52 31.24 48.66
CA ARG I 20 -54.79 31.96 48.61
C ARG I 20 -54.84 32.72 47.28
N PRO I 21 -55.83 32.41 46.42
CA PRO I 21 -55.99 33.12 45.13
C PRO I 21 -56.32 34.61 45.29
N ARG I 22 -56.98 34.96 46.38
CA ARG I 22 -57.14 36.38 46.80
C ARG I 22 -55.83 37.21 46.73
N HIS I 23 -54.70 36.60 47.04
CA HIS I 23 -53.41 37.31 47.05
C HIS I 23 -52.81 37.57 45.67
N ILE I 24 -53.14 36.74 44.69
CA ILE I 24 -52.40 36.72 43.42
C ILE I 24 -52.80 37.83 42.45
N THR I 25 -51.96 38.85 42.30
CA THR I 25 -52.30 39.97 41.42
C THR I 25 -52.08 39.68 39.94
N SER I 26 -51.29 38.65 39.63
CA SER I 26 -50.89 38.38 38.26
C SER I 26 -50.37 36.96 38.08
N LEU I 27 -50.17 36.57 36.82
CA LEU I 27 -49.84 35.20 36.52
C LEU I 27 -49.08 35.10 35.19
N GLU I 28 -47.80 34.75 35.29
CA GLU I 28 -46.95 34.54 34.11
C GLU I 28 -46.80 33.05 33.86
N VAL I 29 -46.80 32.67 32.59
CA VAL I 29 -46.56 31.29 32.19
C VAL I 29 -45.46 31.26 31.16
N ILE I 30 -44.53 30.33 31.32
CA ILE I 30 -43.49 30.12 30.32
C ILE I 30 -43.42 28.66 29.93
N LYS I 31 -43.13 28.43 28.65
CA LYS I 31 -43.18 27.11 28.05
C LYS I 31 -42.09 26.27 28.66
N ALA I 32 -41.98 25.04 28.18
CA ALA I 32 -40.80 24.25 28.42
C ALA I 32 -39.74 24.71 27.43
N GLY I 33 -38.48 24.58 27.82
CA GLY I 33 -37.37 25.00 26.97
C GLY I 33 -36.15 24.14 27.17
N PRO I 34 -35.11 24.39 26.37
CA PRO I 34 -33.85 23.70 26.55
C PRO I 34 -33.11 24.12 27.82
N HIS I 35 -33.48 25.28 28.37
CA HIS I 35 -32.89 25.76 29.61
C HIS I 35 -33.78 25.55 30.83
N CYS I 36 -34.98 25.01 30.62
CA CYS I 36 -35.79 24.51 31.71
C CYS I 36 -36.75 23.46 31.19
N PRO I 37 -36.42 22.17 31.39
CA PRO I 37 -37.18 21.06 30.80
C PRO I 37 -38.67 21.09 31.10
N THR I 38 -39.05 21.21 32.37
CA THR I 38 -40.46 21.40 32.72
C THR I 38 -40.88 22.84 32.43
N ALA I 39 -42.15 23.02 32.08
CA ALA I 39 -42.72 24.35 31.99
C ALA I 39 -43.06 24.77 33.39
N GLN I 40 -43.36 26.05 33.55
CA GLN I 40 -43.60 26.61 34.87
C GLN I 40 -44.65 27.68 34.73
N LEU I 41 -45.21 28.10 35.86
CA LEU I 41 -45.97 29.34 35.91
C LEU I 41 -45.81 30.05 37.24
N ILE I 42 -45.71 31.38 37.14
CA ILE I 42 -45.24 32.20 38.21
C ILE I 42 -46.39 33.09 38.64
N ALA I 43 -46.98 32.75 39.78
CA ALA I 43 -48.01 33.59 40.36
C ALA I 43 -47.32 34.67 41.15
N THR I 44 -47.71 35.92 40.91
CA THR I 44 -47.08 37.07 41.55
C THR I 44 -48.10 37.67 42.52
N LEU I 45 -47.71 37.81 43.78
CA LEU I 45 -48.67 38.11 44.86
C LEU I 45 -48.87 39.61 45.09
N LYS I 46 -49.74 39.96 46.03
CA LYS I 46 -50.08 41.36 46.29
C LYS I 46 -48.90 42.11 46.84
N ASN I 47 -48.25 41.51 47.83
CA ASN I 47 -47.13 42.16 48.50
C ASN I 47 -45.86 42.24 47.65
N GLY I 48 -45.76 41.38 46.63
CA GLY I 48 -44.68 41.51 45.66
C GLY I 48 -43.95 40.22 45.32
N ARG I 49 -44.03 39.23 46.20
CA ARG I 49 -43.33 37.95 45.97
C ARG I 49 -43.89 37.29 44.75
N LYS I 50 -43.17 36.28 44.27
CA LYS I 50 -43.64 35.43 43.20
C LYS I 50 -43.55 34.01 43.71
N ILE I 51 -44.43 33.15 43.22
CA ILE I 51 -44.41 31.75 43.62
C ILE I 51 -44.64 30.83 42.45
N CYS I 52 -44.20 29.59 42.65
CA CYS I 52 -44.26 28.57 41.64
C CYS I 52 -45.33 27.60 42.07
N LEU I 53 -46.27 27.32 41.17
CA LEU I 53 -47.38 26.47 41.54
C LEU I 53 -47.34 25.19 40.74
N ASP I 54 -47.89 24.14 41.33
CA ASP I 54 -47.69 22.78 40.88
C ASP I 54 -48.45 22.51 39.59
N LEU I 55 -47.79 21.83 38.67
CA LEU I 55 -48.42 21.40 37.44
C LEU I 55 -48.91 19.95 37.57
N GLN I 56 -48.55 19.28 38.67
CA GLN I 56 -49.08 17.95 38.97
C GLN I 56 -50.51 18.03 39.47
N ALA I 57 -50.85 19.12 40.17
CA ALA I 57 -52.22 19.36 40.58
C ALA I 57 -53.07 19.78 39.38
N PRO I 58 -54.39 19.82 39.52
CA PRO I 58 -55.28 20.33 38.48
C PRO I 58 -55.36 21.87 38.39
N LEU I 59 -54.31 22.55 38.86
CA LEU I 59 -53.98 23.91 38.36
C LEU I 59 -53.28 23.81 36.99
N TYR I 60 -53.17 22.58 36.44
CA TYR I 60 -52.40 22.32 35.21
C TYR I 60 -53.23 22.34 33.93
N LYS I 61 -54.52 22.06 34.03
CA LYS I 61 -55.37 22.03 32.83
C LYS I 61 -55.72 23.45 32.36
N LYS I 62 -55.51 24.43 33.23
CA LYS I 62 -55.51 25.86 32.86
C LYS I 62 -54.16 26.38 32.34
N ILE I 63 -53.23 25.47 32.04
CA ILE I 63 -51.94 25.80 31.44
C ILE I 63 -51.93 25.31 29.99
N ILE I 64 -52.02 23.99 29.84
CA ILE I 64 -51.96 23.33 28.53
C ILE I 64 -52.78 24.09 27.50
N LYS I 65 -54.01 24.42 27.86
CA LYS I 65 -54.88 25.23 27.06
C LYS I 65 -54.41 26.68 27.01
N LYS I 66 -54.10 27.25 28.18
CA LYS I 66 -53.75 28.67 28.29
C LYS I 66 -52.71 29.16 27.26
N LEU I 67 -51.46 28.71 27.44
CA LEU I 67 -50.26 28.91 26.60
C LEU I 67 -50.48 28.44 25.17
N LEU I 68 -51.26 27.37 24.97
CA LEU I 68 -51.41 26.72 23.63
C LEU I 68 -51.43 27.64 22.40
N GLU I 69 -52.14 28.77 22.48
CA GLU I 69 -52.47 29.57 21.31
C GLU I 69 -51.75 30.92 21.38
N ASP J 1 -1.41 -32.19 -54.71
CA ASP J 1 -2.81 -31.74 -54.42
C ASP J 1 -3.40 -31.01 -55.62
N ILE J 2 -4.67 -31.25 -55.88
CA ILE J 2 -5.37 -30.54 -56.94
C ILE J 2 -6.17 -29.41 -56.30
N GLN J 3 -5.83 -28.17 -56.66
CA GLN J 3 -6.64 -27.02 -56.28
C GLN J 3 -7.94 -27.00 -57.10
N MET J 4 -9.08 -27.21 -56.43
CA MET J 4 -10.39 -27.14 -57.06
C MET J 4 -11.01 -25.77 -56.79
N THR J 5 -11.14 -24.96 -57.84
CA THR J 5 -11.53 -23.56 -57.70
C THR J 5 -12.97 -23.32 -58.15
N GLN J 6 -13.83 -22.98 -57.19
CA GLN J 6 -15.21 -22.63 -57.45
C GLN J 6 -15.30 -21.11 -57.36
N ILE J 7 -15.31 -20.43 -58.51
CA ILE J 7 -14.93 -19.02 -58.53
C ILE J 7 -15.90 -18.07 -57.86
N THR J 8 -17.20 -18.35 -57.95
CA THR J 8 -18.23 -17.50 -57.34
C THR J 8 -18.61 -18.02 -55.95
N SER J 9 -18.12 -17.32 -54.93
CA SER J 9 -18.45 -17.60 -53.55
C SER J 9 -19.97 -17.74 -53.34
N SER J 10 -20.72 -16.72 -53.74
CA SER J 10 -22.19 -16.81 -53.80
C SER J 10 -22.72 -16.15 -55.07
N LEU J 11 -23.95 -16.50 -55.43
CA LEU J 11 -24.54 -16.11 -56.69
C LEU J 11 -26.03 -15.87 -56.58
N SER J 12 -26.51 -14.76 -57.16
CA SER J 12 -27.90 -14.31 -57.05
C SER J 12 -28.72 -14.78 -58.23
N ALA J 13 -29.84 -15.45 -57.96
CA ALA J 13 -30.69 -15.97 -59.02
C ALA J 13 -32.14 -16.05 -58.59
N SER J 14 -33.01 -15.33 -59.30
CA SER J 14 -34.43 -15.31 -58.99
C SER J 14 -35.02 -16.70 -59.24
N LEU J 15 -36.08 -17.00 -58.51
CA LEU J 15 -36.71 -18.31 -58.58
C LEU J 15 -37.27 -18.62 -59.98
N GLY J 16 -37.27 -19.89 -60.37
CA GLY J 16 -37.71 -20.29 -61.72
C GLY J 16 -36.72 -20.01 -62.85
N ASP J 17 -35.47 -19.70 -62.48
CA ASP J 17 -34.42 -19.31 -63.43
C ASP J 17 -33.59 -20.51 -63.90
N ARG J 18 -32.64 -20.23 -64.78
CA ARG J 18 -31.63 -21.22 -65.17
C ARG J 18 -30.31 -20.77 -64.56
N VAL J 19 -29.66 -21.68 -63.83
CA VAL J 19 -28.44 -21.37 -63.10
C VAL J 19 -27.27 -22.21 -63.57
N THR J 20 -26.14 -21.55 -63.82
CA THR J 20 -24.89 -22.24 -64.10
C THR J 20 -23.89 -21.93 -62.98
N ILE J 21 -23.17 -22.96 -62.56
CA ILE J 21 -22.32 -22.90 -61.39
C ILE J 21 -21.00 -23.59 -61.74
N SER J 22 -19.96 -22.79 -61.95
CA SER J 22 -18.72 -23.29 -62.55
C SER J 22 -17.71 -23.72 -61.50
N CYS J 23 -16.95 -24.77 -61.84
CA CYS J 23 -15.93 -25.33 -60.98
C CYS J 23 -14.73 -25.70 -61.83
N SER J 24 -13.63 -24.99 -61.63
CA SER J 24 -12.42 -25.18 -62.42
C SER J 24 -11.38 -25.95 -61.59
N ALA J 25 -10.50 -26.70 -62.24
CA ALA J 25 -9.55 -27.58 -61.58
C ALA J 25 -8.12 -27.20 -61.93
N SER J 26 -7.21 -27.29 -60.97
CA SER J 26 -5.81 -26.89 -61.17
C SER J 26 -5.15 -27.69 -62.28
N GLN J 27 -5.45 -28.99 -62.29
CA GLN J 27 -4.85 -29.94 -63.19
C GLN J 27 -5.96 -30.76 -63.83
N GLY J 28 -5.63 -31.44 -64.93
CA GLY J 28 -6.59 -32.29 -65.61
C GLY J 28 -7.05 -33.42 -64.71
N ILE J 29 -8.34 -33.41 -64.42
CA ILE J 29 -9.05 -34.57 -63.91
C ILE J 29 -9.63 -35.26 -65.11
N ASN J 30 -9.85 -36.57 -65.06
CA ASN J 30 -10.48 -37.26 -66.20
C ASN J 30 -11.99 -37.36 -66.06
N ASN J 31 -12.63 -36.22 -66.22
CA ASN J 31 -14.03 -36.02 -65.86
C ASN J 31 -14.45 -36.97 -64.73
N TYR J 32 -13.64 -37.00 -63.67
CA TYR J 32 -13.94 -37.76 -62.48
C TYR J 32 -14.37 -36.80 -61.36
N LEU J 33 -15.15 -35.80 -61.74
CA LEU J 33 -15.67 -34.79 -60.84
C LEU J 33 -16.98 -35.23 -60.19
N SER J 34 -17.38 -34.57 -59.12
CA SER J 34 -18.70 -34.79 -58.53
C SER J 34 -19.38 -33.46 -58.26
N TRP J 35 -20.64 -33.52 -57.85
CA TRP J 35 -21.35 -32.35 -57.36
C TRP J 35 -22.14 -32.73 -56.14
N TYR J 36 -22.14 -31.83 -55.16
CA TYR J 36 -22.84 -32.06 -53.91
C TYR J 36 -23.66 -30.83 -53.59
N ARG J 37 -24.75 -31.03 -52.87
CA ARG J 37 -25.60 -29.95 -52.42
C ARG J 37 -25.77 -30.08 -50.91
N GLN J 38 -25.62 -28.97 -50.20
CA GLN J 38 -25.81 -28.95 -48.76
C GLN J 38 -26.93 -28.01 -48.38
N LYS J 39 -28.06 -28.57 -47.93
CA LYS J 39 -29.18 -27.78 -47.43
C LYS J 39 -28.70 -26.94 -46.25
N PRO J 40 -29.17 -25.68 -46.13
CA PRO J 40 -28.63 -24.74 -45.15
C PRO J 40 -28.35 -25.36 -43.79
N ASP J 41 -29.23 -26.26 -43.34
CA ASP J 41 -29.06 -26.99 -42.07
C ASP J 41 -28.69 -28.47 -42.37
N GLY J 42 -29.37 -29.09 -43.33
CA GLY J 42 -29.35 -30.54 -43.48
C GLY J 42 -28.04 -31.14 -43.93
N THR J 43 -28.06 -32.47 -44.04
CA THR J 43 -26.92 -33.21 -44.58
C THR J 43 -26.60 -32.70 -45.98
N VAL J 44 -25.52 -33.22 -46.55
CA VAL J 44 -25.24 -33.03 -47.96
C VAL J 44 -25.60 -34.31 -48.71
N LYS J 45 -25.95 -34.16 -49.99
CA LYS J 45 -26.33 -35.31 -50.80
C LYS J 45 -25.69 -35.23 -52.18
N LEU J 46 -25.32 -36.40 -52.69
CA LEU J 46 -24.67 -36.48 -53.99
C LEU J 46 -25.66 -36.13 -55.08
N LEU J 47 -25.23 -35.24 -55.95
CA LEU J 47 -26.10 -34.74 -57.01
C LEU J 47 -25.70 -35.41 -58.32
N ILE J 48 -24.48 -35.14 -58.77
CA ILE J 48 -23.95 -35.71 -60.01
C ILE J 48 -22.63 -36.40 -59.69
N TYR J 49 -22.41 -37.57 -60.30
CA TYR J 49 -21.10 -38.19 -60.31
C TYR J 49 -20.56 -38.28 -61.74
N TYR J 50 -19.35 -38.81 -61.89
CA TYR J 50 -18.59 -38.71 -63.14
C TYR J 50 -18.41 -37.25 -63.53
N THR J 51 -19.05 -36.79 -64.59
CA THR J 51 -19.10 -35.36 -64.81
C THR J 51 -20.52 -34.90 -65.04
N SER J 52 -21.37 -35.84 -65.45
CA SER J 52 -22.75 -35.54 -65.84
C SER J 52 -23.79 -36.61 -65.47
N SER J 53 -23.37 -37.79 -65.04
CA SER J 53 -24.32 -38.84 -64.64
C SER J 53 -24.98 -38.52 -63.29
N LEU J 54 -26.31 -38.45 -63.28
CA LEU J 54 -27.05 -38.05 -62.07
C LEU J 54 -27.21 -39.22 -61.14
N HIS J 55 -27.14 -38.93 -59.84
CA HIS J 55 -27.37 -39.92 -58.81
C HIS J 55 -28.86 -40.25 -58.79
N SER J 56 -29.21 -41.42 -58.27
CA SER J 56 -30.62 -41.82 -58.16
C SER J 56 -31.38 -40.88 -57.24
N GLY J 57 -32.64 -40.59 -57.60
CA GLY J 57 -33.48 -39.71 -56.81
C GLY J 57 -33.16 -38.23 -56.98
N VAL J 58 -32.40 -37.89 -58.02
CA VAL J 58 -32.10 -36.50 -58.31
C VAL J 58 -33.05 -36.03 -59.41
N PRO J 59 -33.61 -34.82 -59.25
CA PRO J 59 -34.47 -34.24 -60.28
C PRO J 59 -33.82 -34.18 -61.66
N SER J 60 -34.65 -34.07 -62.69
CA SER J 60 -34.18 -34.10 -64.06
C SER J 60 -33.54 -32.76 -64.46
N ARG J 61 -33.96 -31.67 -63.81
CA ARG J 61 -33.41 -30.33 -64.10
C ARG J 61 -31.91 -30.16 -63.82
N PHE J 62 -31.36 -31.01 -62.96
CA PHE J 62 -29.92 -31.03 -62.69
C PHE J 62 -29.17 -31.75 -63.81
N SER J 63 -28.21 -31.07 -64.43
CA SER J 63 -27.39 -31.68 -65.48
C SER J 63 -25.96 -31.19 -65.42
N GLY J 64 -25.02 -32.12 -65.24
CA GLY J 64 -23.59 -31.81 -65.20
C GLY J 64 -22.97 -31.82 -66.59
N SER J 65 -21.80 -31.19 -66.71
CA SER J 65 -21.10 -31.12 -67.98
C SER J 65 -19.66 -30.69 -67.76
N GLY J 66 -18.86 -30.77 -68.83
CA GLY J 66 -17.45 -30.35 -68.80
C GLY J 66 -16.44 -31.39 -69.27
N SER J 67 -15.19 -30.96 -69.41
CA SER J 67 -14.09 -31.83 -69.78
C SER J 67 -12.74 -31.18 -69.49
N GLY J 68 -11.81 -31.96 -68.96
CA GLY J 68 -10.46 -31.48 -68.68
C GLY J 68 -10.35 -30.76 -67.34
N THR J 69 -10.16 -29.45 -67.38
CA THR J 69 -10.02 -28.65 -66.15
C THR J 69 -11.26 -27.86 -65.81
N ASP J 70 -12.18 -27.68 -66.77
CA ASP J 70 -13.39 -26.88 -66.55
C ASP J 70 -14.63 -27.74 -66.54
N TYR J 71 -15.53 -27.44 -65.60
CA TYR J 71 -16.78 -28.18 -65.45
C TYR J 71 -17.88 -27.27 -64.96
N SER J 72 -19.13 -27.67 -65.23
CA SER J 72 -20.29 -26.92 -64.79
C SER J 72 -21.38 -27.86 -64.32
N LEU J 73 -22.08 -27.44 -63.27
CA LEU J 73 -23.39 -27.97 -62.93
C LEU J 73 -24.38 -26.91 -63.38
N THR J 74 -25.56 -27.34 -63.79
CA THR J 74 -26.56 -26.37 -64.23
C THR J 74 -27.97 -26.84 -63.88
N ILE J 75 -28.77 -25.89 -63.41
CA ILE J 75 -30.10 -26.17 -62.90
C ILE J 75 -31.12 -25.33 -63.66
N SER J 76 -31.89 -25.97 -64.54
CA SER J 76 -33.00 -25.32 -65.22
C SER J 76 -34.16 -25.12 -64.24
N ASN J 77 -35.04 -24.16 -64.53
CA ASN J 77 -36.13 -23.73 -63.63
C ASN J 77 -35.90 -23.99 -62.13
N LEU J 78 -35.10 -23.11 -61.55
CA LEU J 78 -34.72 -23.20 -60.14
C LEU J 78 -35.92 -23.28 -59.22
N GLU J 79 -35.85 -24.16 -58.23
CA GLU J 79 -36.89 -24.31 -57.23
C GLU J 79 -36.35 -24.02 -55.84
N PRO J 80 -37.22 -23.59 -54.90
CA PRO J 80 -36.75 -23.09 -53.60
C PRO J 80 -36.08 -24.13 -52.70
N GLU J 81 -36.23 -25.42 -53.03
CA GLU J 81 -35.46 -26.47 -52.36
C GLU J 81 -33.98 -26.41 -52.70
N ASP J 82 -33.62 -25.66 -53.74
CA ASP J 82 -32.25 -25.58 -54.24
C ASP J 82 -31.45 -24.40 -53.70
N ILE J 83 -32.09 -23.48 -52.99
CA ILE J 83 -31.35 -22.41 -52.31
C ILE J 83 -30.48 -23.07 -51.24
N ALA J 84 -29.19 -23.15 -51.55
CA ALA J 84 -28.24 -23.96 -50.78
C ALA J 84 -26.82 -23.65 -51.22
N THR J 85 -25.85 -24.34 -50.63
CA THR J 85 -24.47 -24.29 -51.12
C THR J 85 -24.20 -25.54 -51.95
N TYR J 86 -23.37 -25.37 -52.99
CA TYR J 86 -23.02 -26.48 -53.88
C TYR J 86 -21.51 -26.65 -53.93
N PHE J 87 -21.07 -27.91 -53.93
CA PHE J 87 -19.65 -28.23 -53.87
C PHE J 87 -19.28 -29.16 -55.00
N CYS J 88 -18.11 -28.94 -55.60
CA CYS J 88 -17.56 -29.90 -56.53
C CYS J 88 -16.38 -30.61 -55.89
N GLN J 89 -16.36 -31.93 -56.00
CA GLN J 89 -15.22 -32.75 -55.63
C GLN J 89 -14.59 -33.31 -56.90
N GLN J 90 -13.34 -33.71 -56.79
CA GLN J 90 -12.72 -34.56 -57.79
C GLN J 90 -12.32 -35.83 -57.09
N PHE J 91 -12.29 -36.94 -57.82
CA PHE J 91 -11.82 -38.20 -57.24
C PHE J 91 -10.86 -38.95 -58.15
N SER J 92 -10.17 -38.21 -59.01
CA SER J 92 -9.25 -38.81 -59.97
C SER J 92 -8.02 -39.32 -59.23
N LYS J 93 -7.52 -38.54 -58.28
CA LYS J 93 -6.40 -39.01 -57.47
C LYS J 93 -6.42 -38.44 -56.07
N LEU J 94 -5.76 -39.16 -55.16
CA LEU J 94 -5.54 -38.68 -53.81
C LEU J 94 -4.61 -37.47 -53.84
N PRO J 95 -4.75 -36.54 -52.88
CA PRO J 95 -5.77 -36.53 -51.84
C PRO J 95 -7.03 -35.94 -52.44
N TYR J 96 -8.19 -36.43 -51.99
CA TYR J 96 -9.45 -35.95 -52.52
C TYR J 96 -9.70 -34.52 -52.04
N THR J 97 -9.97 -33.64 -52.98
CA THR J 97 -10.08 -32.22 -52.71
C THR J 97 -11.44 -31.75 -53.16
N PHE J 98 -12.00 -30.79 -52.42
CA PHE J 98 -13.31 -30.22 -52.75
C PHE J 98 -13.16 -28.78 -53.27
N GLY J 99 -14.28 -28.23 -53.74
CA GLY J 99 -14.33 -26.83 -54.14
C GLY J 99 -14.59 -25.96 -52.93
N GLY J 100 -14.41 -24.65 -53.12
CA GLY J 100 -14.69 -23.67 -52.07
C GLY J 100 -16.17 -23.60 -51.73
N GLY J 101 -17.01 -23.97 -52.69
CA GLY J 101 -18.45 -23.96 -52.50
C GLY J 101 -19.06 -22.74 -53.14
N THR J 102 -20.26 -22.89 -53.69
CA THR J 102 -21.02 -21.76 -54.21
C THR J 102 -22.38 -21.70 -53.53
N LYS J 103 -22.61 -20.61 -52.82
CA LYS J 103 -23.86 -20.34 -52.11
C LYS J 103 -24.87 -19.74 -53.09
N LEU J 104 -26.09 -20.26 -53.05
CA LEU J 104 -27.15 -19.82 -53.96
C LEU J 104 -28.17 -19.01 -53.18
N GLU J 105 -28.33 -17.75 -53.56
CA GLU J 105 -29.26 -16.85 -52.87
C GLU J 105 -30.20 -16.21 -53.89
N ILE J 106 -31.34 -15.69 -53.40
CA ILE J 106 -32.44 -15.25 -54.27
C ILE J 106 -32.48 -13.74 -54.46
N LYS J 107 -32.49 -13.31 -55.72
CA LYS J 107 -32.40 -11.91 -56.06
C LYS J 107 -33.68 -11.16 -55.72
N ARG J 108 -33.53 -10.01 -55.07
CA ARG J 108 -34.63 -9.06 -54.86
C ARG J 108 -34.15 -7.69 -55.33
N ALA J 109 -35.04 -6.70 -55.35
CA ALA J 109 -34.67 -5.34 -55.76
C ALA J 109 -33.87 -4.63 -54.66
N ASP J 110 -32.58 -4.45 -54.91
CA ASP J 110 -31.64 -3.90 -53.92
C ASP J 110 -32.19 -2.73 -53.10
N ALA J 111 -32.16 -2.89 -51.77
CA ALA J 111 -32.59 -1.86 -50.83
C ALA J 111 -31.42 -1.42 -49.94
N ALA J 112 -31.47 -0.17 -49.48
CA ALA J 112 -30.38 0.42 -48.69
C ALA J 112 -30.50 0.04 -47.21
N PRO J 113 -29.40 0.18 -46.45
CA PRO J 113 -29.41 -0.25 -45.05
C PRO J 113 -29.86 0.84 -44.06
N THR J 114 -30.65 0.44 -43.06
CA THR J 114 -31.02 1.34 -41.96
C THR J 114 -29.91 1.28 -40.91
N VAL J 115 -29.09 2.32 -40.85
CA VAL J 115 -27.89 2.33 -40.01
C VAL J 115 -28.19 2.95 -38.64
N SER J 116 -27.81 2.24 -37.59
CA SER J 116 -27.97 2.72 -36.22
C SER J 116 -26.61 2.62 -35.52
N ILE J 117 -26.25 3.66 -34.77
CA ILE J 117 -24.98 3.66 -34.02
C ILE J 117 -25.26 3.75 -32.52
N PHE J 118 -24.39 3.14 -31.74
CA PHE J 118 -24.58 3.06 -30.29
C PHE J 118 -23.26 3.30 -29.55
N PRO J 119 -23.29 4.16 -28.52
CA PRO J 119 -22.11 4.32 -27.69
C PRO J 119 -21.99 3.17 -26.69
N PRO J 120 -20.78 2.96 -26.15
CA PRO J 120 -20.59 1.90 -25.17
C PRO J 120 -21.36 2.21 -23.88
N SER J 121 -22.05 1.21 -23.34
CA SER J 121 -22.93 1.41 -22.19
C SER J 121 -22.15 1.70 -20.92
N SER J 122 -22.82 2.34 -19.96
CA SER J 122 -22.23 2.64 -18.65
C SER J 122 -21.83 1.37 -17.91
N GLU J 123 -22.67 0.32 -18.00
CA GLU J 123 -22.38 -0.98 -17.39
C GLU J 123 -21.00 -1.52 -17.80
N GLN J 124 -20.63 -1.30 -19.06
CA GLN J 124 -19.37 -1.76 -19.60
C GLN J 124 -18.19 -0.84 -19.24
N LEU J 125 -18.45 0.46 -19.18
CA LEU J 125 -17.42 1.42 -18.78
C LEU J 125 -16.94 1.17 -17.35
N THR J 126 -17.87 0.75 -16.49
CA THR J 126 -17.54 0.29 -15.14
C THR J 126 -16.60 -0.91 -15.18
N SER J 127 -16.90 -1.85 -16.07
CA SER J 127 -16.08 -3.05 -16.26
C SER J 127 -14.65 -2.73 -16.70
N GLY J 128 -14.48 -1.60 -17.41
CA GLY J 128 -13.16 -1.19 -17.89
C GLY J 128 -12.93 -1.57 -19.34
N GLY J 129 -13.97 -1.41 -20.16
CA GLY J 129 -13.89 -1.66 -21.60
C GLY J 129 -14.85 -0.74 -22.33
N ALA J 130 -14.75 -0.70 -23.66
CA ALA J 130 -15.58 0.22 -24.45
C ALA J 130 -15.78 -0.29 -25.88
N SER J 131 -16.98 -0.78 -26.15
CA SER J 131 -17.34 -1.27 -27.49
C SER J 131 -18.36 -0.36 -28.14
N VAL J 132 -17.96 0.26 -29.24
CA VAL J 132 -18.87 1.09 -30.04
C VAL J 132 -19.48 0.18 -31.10
N VAL J 133 -20.81 0.09 -31.12
CA VAL J 133 -21.51 -0.82 -32.03
C VAL J 133 -22.26 -0.05 -33.11
N CYS J 134 -22.31 -0.63 -34.30
CA CYS J 134 -23.04 -0.06 -35.43
C CYS J 134 -23.81 -1.17 -36.14
N PHE J 135 -25.13 -1.07 -36.14
CA PHE J 135 -25.97 -2.03 -36.87
C PHE J 135 -26.29 -1.46 -38.26
N LEU J 136 -26.15 -2.31 -39.27
CA LEU J 136 -26.52 -1.98 -40.64
C LEU J 136 -27.52 -3.07 -41.08
N ASN J 137 -28.81 -2.73 -41.07
CA ASN J 137 -29.88 -3.74 -41.17
C ASN J 137 -30.74 -3.69 -42.43
N ASN J 138 -31.23 -4.87 -42.83
CA ASN J 138 -32.16 -5.05 -43.96
C ASN J 138 -31.76 -4.35 -45.23
N PHE J 139 -30.73 -4.89 -45.89
CA PHE J 139 -30.24 -4.35 -47.15
C PHE J 139 -30.00 -5.47 -48.16
N TYR J 140 -29.71 -5.07 -49.39
CA TYR J 140 -29.36 -5.97 -50.47
C TYR J 140 -28.62 -5.19 -51.55
N PRO J 141 -27.56 -5.76 -52.14
CA PRO J 141 -27.01 -7.09 -51.92
C PRO J 141 -26.01 -7.15 -50.76
N LYS J 142 -25.67 -8.37 -50.35
CA LYS J 142 -24.65 -8.65 -49.32
C LYS J 142 -23.41 -7.73 -49.37
N ASP J 143 -23.04 -7.31 -50.57
CA ASP J 143 -21.87 -6.43 -50.79
C ASP J 143 -22.04 -5.10 -50.07
N ILE J 144 -21.35 -4.95 -48.94
CA ILE J 144 -21.39 -3.70 -48.17
C ILE J 144 -20.03 -3.43 -47.54
N ASN J 145 -19.74 -2.16 -47.28
CA ASN J 145 -18.44 -1.75 -46.77
C ASN J 145 -18.56 -0.74 -45.63
N VAL J 146 -17.71 -0.86 -44.62
CA VAL J 146 -17.82 -0.04 -43.41
C VAL J 146 -16.51 0.70 -43.09
N LYS J 147 -16.64 1.99 -42.77
CA LYS J 147 -15.52 2.83 -42.30
C LYS J 147 -15.80 3.31 -40.89
N TRP J 148 -14.86 3.06 -39.98
CA TRP J 148 -14.94 3.62 -38.63
C TRP J 148 -14.02 4.84 -38.53
N LYS J 149 -14.55 5.97 -38.06
CA LYS J 149 -13.79 7.22 -37.96
C LYS J 149 -13.86 7.86 -36.58
N ILE J 150 -12.73 7.88 -35.88
CA ILE J 150 -12.62 8.54 -34.59
C ILE J 150 -12.01 9.92 -34.82
N ASP J 151 -12.73 10.97 -34.39
CA ASP J 151 -12.32 12.36 -34.61
C ASP J 151 -11.94 12.63 -36.06
N GLY J 152 -12.73 12.10 -36.99
CA GLY J 152 -12.55 12.38 -38.41
C GLY J 152 -11.48 11.61 -39.16
N SER J 153 -10.59 10.91 -38.45
CA SER J 153 -9.54 10.10 -39.11
C SER J 153 -9.82 8.62 -38.85
N GLU J 154 -9.81 7.82 -39.92
CA GLU J 154 -10.32 6.46 -39.84
C GLU J 154 -9.44 5.52 -39.02
N ARG J 155 -10.04 4.41 -38.59
CA ARG J 155 -9.35 3.40 -37.81
C ARG J 155 -9.88 2.03 -38.20
N GLN J 156 -8.95 1.12 -38.52
CA GLN J 156 -9.32 -0.24 -38.91
C GLN J 156 -8.73 -1.25 -37.92
N ASN J 157 -8.57 -0.83 -36.67
CA ASN J 157 -7.73 -1.56 -35.74
C ASN J 157 -8.49 -2.59 -34.91
N GLY J 158 -9.47 -2.14 -34.14
CA GLY J 158 -10.23 -3.02 -33.26
C GLY J 158 -11.60 -3.41 -33.80
N VAL J 159 -11.72 -3.44 -35.13
CA VAL J 159 -13.02 -3.65 -35.79
C VAL J 159 -13.32 -5.14 -35.94
N LEU J 160 -14.61 -5.48 -35.90
CA LEU J 160 -15.07 -6.85 -36.13
C LEU J 160 -16.45 -6.84 -36.77
N ASN J 161 -16.56 -7.40 -37.96
CA ASN J 161 -17.81 -7.38 -38.71
C ASN J 161 -18.42 -8.77 -38.84
N SER J 162 -19.70 -8.89 -38.47
CA SER J 162 -20.44 -10.14 -38.52
C SER J 162 -21.69 -9.97 -39.39
N TRP J 163 -21.79 -10.73 -40.48
CA TRP J 163 -22.94 -10.66 -41.39
C TRP J 163 -23.91 -11.78 -41.06
N THR J 164 -25.20 -11.58 -41.35
CA THR J 164 -26.20 -12.62 -41.15
C THR J 164 -26.35 -13.44 -42.42
N ASP J 165 -27.07 -14.55 -42.32
CA ASP J 165 -27.56 -15.25 -43.49
C ASP J 165 -28.63 -14.38 -44.15
N GLN J 166 -28.97 -14.68 -45.41
CA GLN J 166 -30.05 -13.98 -46.09
C GLN J 166 -31.35 -14.28 -45.36
N ASP J 167 -32.08 -13.23 -45.00
CA ASP J 167 -33.29 -13.41 -44.21
C ASP J 167 -34.28 -14.25 -45.00
N SER J 168 -34.63 -15.41 -44.44
CA SER J 168 -35.61 -16.31 -45.06
C SER J 168 -36.93 -15.58 -45.35
N LYS J 169 -37.30 -14.65 -44.46
CA LYS J 169 -38.50 -13.80 -44.59
C LYS J 169 -38.50 -13.02 -45.91
N ASP J 170 -37.55 -12.09 -46.03
CA ASP J 170 -37.61 -11.02 -47.02
C ASP J 170 -36.38 -10.83 -47.88
N SER J 171 -35.46 -11.80 -47.86
CA SER J 171 -34.30 -11.81 -48.74
C SER J 171 -33.37 -10.59 -48.57
N THR J 172 -33.20 -10.14 -47.34
CA THR J 172 -32.33 -9.00 -47.05
C THR J 172 -31.26 -9.37 -46.04
N TYR J 173 -30.05 -8.92 -46.30
CA TYR J 173 -28.93 -9.15 -45.41
C TYR J 173 -28.84 -8.05 -44.36
N SER J 174 -28.19 -8.36 -43.24
CA SER J 174 -27.96 -7.40 -42.15
C SER J 174 -26.61 -7.70 -41.51
N MET J 175 -25.87 -6.65 -41.13
CA MET J 175 -24.55 -6.85 -40.52
C MET J 175 -24.31 -5.97 -39.29
N SER J 176 -23.28 -6.35 -38.53
CA SER J 176 -22.99 -5.79 -37.22
C SER J 176 -21.51 -5.44 -37.13
N SER J 177 -21.20 -4.16 -36.91
CA SER J 177 -19.81 -3.72 -36.81
C SER J 177 -19.44 -3.28 -35.38
N THR J 178 -18.56 -4.06 -34.75
CA THR J 178 -18.16 -3.83 -33.36
C THR J 178 -16.75 -3.24 -33.30
N LEU J 179 -16.62 -2.04 -32.74
CA LEU J 179 -15.31 -1.40 -32.53
C LEU J 179 -14.89 -1.54 -31.08
N THR J 180 -14.06 -2.54 -30.79
CA THR J 180 -13.58 -2.81 -29.44
C THR J 180 -12.40 -1.90 -29.12
N LEU J 181 -12.49 -1.19 -28.00
CA LEU J 181 -11.46 -0.23 -27.60
C LEU J 181 -11.14 -0.28 -26.12
N THR J 182 -9.87 -0.10 -25.80
CA THR J 182 -9.44 0.15 -24.41
C THR J 182 -10.18 1.38 -23.89
N LYS J 183 -10.69 1.28 -22.67
CA LYS J 183 -11.63 2.28 -22.15
C LYS J 183 -10.96 3.65 -21.89
N ASP J 184 -9.65 3.64 -21.66
CA ASP J 184 -8.88 4.88 -21.46
C ASP J 184 -8.70 5.64 -22.77
N GLU J 185 -8.29 4.94 -23.82
CA GLU J 185 -8.09 5.57 -25.14
C GLU J 185 -9.41 5.85 -25.86
N TYR J 186 -10.49 5.26 -25.35
CA TYR J 186 -11.84 5.66 -25.77
C TYR J 186 -12.13 7.08 -25.30
N GLU J 187 -11.70 7.40 -24.08
CA GLU J 187 -11.92 8.73 -23.49
C GLU J 187 -10.90 9.78 -23.95
N ARG J 188 -9.86 9.36 -24.67
CA ARG J 188 -8.90 10.29 -25.28
C ARG J 188 -9.42 10.93 -26.57
N HIS J 189 -10.59 10.50 -27.04
CA HIS J 189 -11.21 11.06 -28.25
C HIS J 189 -12.71 11.30 -28.01
N ASN J 190 -13.32 12.12 -28.87
CA ASN J 190 -14.72 12.54 -28.67
C ASN J 190 -15.71 12.13 -29.76
N SER J 191 -15.33 12.33 -31.02
CA SER J 191 -16.21 12.04 -32.17
C SER J 191 -16.09 10.59 -32.64
N TYR J 192 -17.21 9.87 -32.66
CA TYR J 192 -17.26 8.49 -33.14
C TYR J 192 -18.25 8.34 -34.29
N THR J 193 -17.73 7.98 -35.46
CA THR J 193 -18.52 7.92 -36.69
C THR J 193 -18.42 6.55 -37.32
N CYS J 194 -19.51 6.13 -37.96
CA CYS J 194 -19.58 4.84 -38.62
C CYS J 194 -20.20 5.03 -40.02
N GLU J 195 -19.33 5.08 -41.04
CA GLU J 195 -19.76 5.23 -42.43
C GLU J 195 -20.06 3.87 -43.06
N ALA J 196 -20.88 3.88 -44.10
CA ALA J 196 -21.27 2.65 -44.79
C ALA J 196 -21.49 2.88 -46.29
N THR J 197 -20.55 2.40 -47.10
CA THR J 197 -20.69 2.46 -48.55
C THR J 197 -21.51 1.28 -49.03
N HIS J 198 -22.47 1.56 -49.91
CA HIS J 198 -23.32 0.52 -50.46
C HIS J 198 -23.71 0.86 -51.89
N LYS J 199 -24.11 -0.14 -52.66
CA LYS J 199 -24.52 0.03 -54.05
C LYS J 199 -25.64 1.07 -54.24
N THR J 200 -26.53 1.18 -53.25
CA THR J 200 -27.76 1.98 -53.40
C THR J 200 -27.59 3.50 -53.50
N SER J 201 -26.42 4.02 -53.14
CA SER J 201 -26.12 5.44 -53.39
C SER J 201 -24.62 5.67 -53.53
N THR J 202 -24.26 6.76 -54.22
CA THR J 202 -22.86 7.05 -54.54
C THR J 202 -22.05 7.41 -53.29
N SER J 203 -22.42 8.50 -52.63
CA SER J 203 -21.76 8.90 -51.39
C SER J 203 -22.37 8.12 -50.22
N PRO J 204 -21.57 7.84 -49.18
CA PRO J 204 -21.94 6.89 -48.13
C PRO J 204 -22.99 7.40 -47.15
N ILE J 205 -23.61 6.47 -46.41
CA ILE J 205 -24.55 6.81 -45.32
C ILE J 205 -23.79 6.80 -43.99
N VAL J 206 -23.92 7.90 -43.24
CA VAL J 206 -23.09 8.14 -42.07
C VAL J 206 -23.95 8.33 -40.82
N LYS J 207 -23.62 7.59 -39.77
CA LYS J 207 -24.24 7.76 -38.45
C LYS J 207 -23.13 8.01 -37.43
N SER J 208 -23.37 8.95 -36.51
CA SER J 208 -22.33 9.40 -35.59
C SER J 208 -22.88 9.89 -34.26
N PHE J 209 -21.97 10.00 -33.28
CA PHE J 209 -22.30 10.59 -31.98
C PHE J 209 -21.04 11.19 -31.34
N ASN J 210 -21.24 12.16 -30.45
CA ASN J 210 -20.15 12.76 -29.67
C ASN J 210 -20.31 12.48 -28.19
N ARG J 211 -19.23 12.71 -27.45
CA ARG J 211 -19.23 12.51 -26.01
C ARG J 211 -19.29 13.88 -25.34
N ASN J 212 -20.31 14.10 -24.50
CA ASN J 212 -20.53 15.41 -23.86
C ASN J 212 -21.38 15.32 -22.60
N GLU K 1 -33.89 -46.64 -47.34
CA GLU K 1 -32.79 -45.63 -47.26
C GLU K 1 -31.45 -46.27 -46.88
N VAL K 2 -30.39 -45.77 -47.49
CA VAL K 2 -29.05 -45.93 -46.95
C VAL K 2 -28.91 -44.85 -45.87
N LYS K 3 -28.51 -45.23 -44.67
CA LYS K 3 -28.43 -44.28 -43.54
C LYS K 3 -27.09 -44.36 -42.83
N LEU K 4 -26.59 -43.20 -42.41
CA LEU K 4 -25.31 -43.09 -41.72
C LEU K 4 -25.42 -42.20 -40.47
N VAL K 5 -25.66 -42.84 -39.33
CA VAL K 5 -25.68 -42.15 -38.05
C VAL K 5 -24.25 -42.01 -37.55
N GLU K 6 -23.96 -40.92 -36.87
CA GLU K 6 -22.60 -40.62 -36.41
C GLU K 6 -22.66 -40.17 -34.95
N SER K 7 -21.58 -40.36 -34.22
CA SER K 7 -21.59 -40.07 -32.78
C SER K 7 -20.19 -39.96 -32.20
N GLY K 8 -20.12 -39.55 -30.93
CA GLY K 8 -18.86 -39.43 -30.20
C GLY K 8 -18.27 -38.03 -30.25
N GLY K 9 -18.90 -37.14 -31.02
CA GLY K 9 -18.40 -35.78 -31.18
C GLY K 9 -18.62 -34.95 -29.93
N GLY K 10 -17.68 -34.05 -29.63
CA GLY K 10 -17.80 -33.19 -28.45
C GLY K 10 -16.68 -32.17 -28.35
N LEU K 11 -16.57 -31.54 -27.18
CA LEU K 11 -15.49 -30.59 -26.89
C LEU K 11 -14.29 -31.36 -26.35
N VAL K 12 -13.11 -31.06 -26.87
CA VAL K 12 -11.88 -31.65 -26.34
C VAL K 12 -10.79 -30.59 -26.22
N LYS K 13 -9.94 -30.76 -25.20
CA LYS K 13 -8.82 -29.88 -24.95
C LYS K 13 -7.70 -30.21 -25.95
N PRO K 14 -6.96 -29.19 -26.43
CA PRO K 14 -5.82 -29.39 -27.32
C PRO K 14 -4.86 -30.48 -26.85
N GLY K 15 -4.32 -31.24 -27.79
CA GLY K 15 -3.46 -32.37 -27.48
C GLY K 15 -4.19 -33.56 -26.85
N GLY K 16 -5.51 -33.62 -27.05
CA GLY K 16 -6.33 -34.65 -26.44
C GLY K 16 -6.64 -35.80 -27.39
N SER K 17 -7.68 -36.55 -27.07
CA SER K 17 -8.10 -37.70 -27.87
C SER K 17 -9.62 -37.77 -27.94
N LEU K 18 -10.12 -38.45 -28.97
CA LEU K 18 -11.54 -38.66 -29.15
C LEU K 18 -11.77 -39.73 -30.23
N LYS K 19 -12.81 -40.53 -30.07
CA LYS K 19 -13.12 -41.59 -31.02
C LYS K 19 -14.53 -41.36 -31.59
N LEU K 20 -14.59 -41.04 -32.88
CA LEU K 20 -15.85 -40.86 -33.56
C LEU K 20 -16.37 -42.21 -34.04
N SER K 21 -17.70 -42.35 -34.07
CA SER K 21 -18.34 -43.56 -34.56
C SER K 21 -19.33 -43.20 -35.66
N CYS K 22 -19.56 -44.15 -36.56
CA CYS K 22 -20.51 -43.98 -37.66
C CYS K 22 -21.23 -45.31 -37.91
N ALA K 23 -22.51 -45.37 -37.52
CA ALA K 23 -23.31 -46.57 -37.67
C ALA K 23 -23.95 -46.62 -39.07
N ALA K 24 -23.77 -47.75 -39.75
CA ALA K 24 -24.24 -47.91 -41.12
C ALA K 24 -25.48 -48.78 -41.18
N SER K 25 -26.36 -48.49 -42.14
CA SER K 25 -27.62 -49.20 -42.29
C SER K 25 -28.23 -49.00 -43.67
N GLY K 26 -28.62 -50.10 -44.32
CA GLY K 26 -29.25 -50.06 -45.63
C GLY K 26 -28.41 -50.59 -46.78
N PHE K 27 -27.30 -51.28 -46.48
CA PHE K 27 -26.43 -51.84 -47.52
C PHE K 27 -25.43 -52.87 -46.96
N ALA K 28 -24.77 -53.58 -47.87
CA ALA K 28 -23.76 -54.58 -47.50
C ALA K 28 -22.46 -53.90 -47.04
N PHE K 29 -22.48 -53.37 -45.83
CA PHE K 29 -21.37 -52.56 -45.30
C PHE K 29 -19.97 -53.13 -45.54
N SER K 30 -19.83 -54.45 -45.43
CA SER K 30 -18.51 -55.09 -45.58
C SER K 30 -17.95 -54.95 -46.99
N ARG K 31 -18.81 -54.88 -48.00
CA ARG K 31 -18.38 -54.75 -49.39
C ARG K 31 -18.47 -53.30 -49.91
N TYR K 32 -18.09 -52.33 -49.08
CA TYR K 32 -18.10 -50.91 -49.46
C TYR K 32 -16.94 -50.14 -48.86
N ASP K 33 -16.25 -49.35 -49.69
CA ASP K 33 -15.19 -48.46 -49.20
C ASP K 33 -15.84 -47.32 -48.43
N MET K 34 -15.28 -47.00 -47.26
CA MET K 34 -15.83 -45.98 -46.37
C MET K 34 -14.82 -44.88 -46.06
N SER K 35 -15.32 -43.66 -45.86
CA SER K 35 -14.47 -42.49 -45.72
C SER K 35 -14.99 -41.49 -44.68
N TRP K 36 -14.11 -40.58 -44.27
CA TRP K 36 -14.44 -39.48 -43.37
C TRP K 36 -14.10 -38.16 -44.02
N VAL K 37 -15.03 -37.21 -43.94
CA VAL K 37 -14.80 -35.85 -44.46
C VAL K 37 -15.24 -34.85 -43.40
N ARG K 38 -14.56 -33.71 -43.36
CA ARG K 38 -14.87 -32.70 -42.36
C ARG K 38 -15.07 -31.32 -42.98
N GLN K 39 -15.96 -30.56 -42.34
CA GLN K 39 -16.30 -29.22 -42.79
C GLN K 39 -15.78 -28.23 -41.76
N THR K 40 -14.82 -27.39 -42.16
CA THR K 40 -14.21 -26.43 -41.25
C THR K 40 -15.26 -25.40 -40.83
N PRO K 41 -15.03 -24.69 -39.72
CA PRO K 41 -15.94 -23.59 -39.39
C PRO K 41 -15.89 -22.54 -40.49
N GLU K 42 -14.67 -22.22 -40.93
CA GLU K 42 -14.41 -21.41 -42.12
C GLU K 42 -15.41 -21.72 -43.25
N LYS K 43 -15.65 -23.02 -43.47
CA LYS K 43 -16.81 -23.59 -44.19
C LYS K 43 -16.43 -24.73 -45.13
N ARG K 44 -15.44 -24.47 -45.99
CA ARG K 44 -14.76 -25.49 -46.82
C ARG K 44 -14.84 -26.96 -46.37
N LEU K 45 -14.76 -27.85 -47.35
CA LEU K 45 -14.75 -29.30 -47.10
C LEU K 45 -13.33 -29.84 -47.19
N GLU K 46 -13.07 -30.95 -46.49
CA GLU K 46 -11.72 -31.48 -46.39
C GLU K 46 -11.74 -33.01 -46.22
N TRP K 47 -11.12 -33.72 -47.16
CA TRP K 47 -11.04 -35.18 -47.05
C TRP K 47 -10.15 -35.54 -45.87
N VAL K 48 -10.53 -36.57 -45.12
CA VAL K 48 -9.81 -36.94 -43.91
C VAL K 48 -9.26 -38.35 -43.93
N ALA K 49 -10.06 -39.33 -44.37
CA ALA K 49 -9.64 -40.73 -44.37
C ALA K 49 -10.47 -41.61 -45.31
N THR K 50 -9.89 -42.72 -45.75
CA THR K 50 -10.62 -43.74 -46.51
C THR K 50 -10.09 -45.11 -46.13
N ILE K 51 -10.94 -46.12 -46.23
CA ILE K 51 -10.53 -47.50 -45.94
C ILE K 51 -11.10 -48.49 -46.97
N THR K 52 -10.22 -49.35 -47.49
CA THR K 52 -10.61 -50.34 -48.50
C THR K 52 -11.49 -51.42 -47.88
N SER K 53 -12.53 -51.80 -48.62
CA SER K 53 -13.54 -52.72 -48.12
C SER K 53 -13.05 -54.16 -48.20
N GLY K 54 -12.10 -54.44 -49.08
CA GLY K 54 -11.35 -55.69 -49.02
C GLY K 54 -10.43 -55.65 -47.82
N ASP K 55 -11.02 -55.39 -46.65
CA ASP K 55 -10.34 -55.03 -45.38
C ASP K 55 -9.11 -54.11 -45.48
N ASN K 56 -8.45 -54.09 -46.64
CA ASN K 56 -7.04 -53.76 -46.77
C ASN K 56 -6.60 -52.47 -46.06
N TYR K 57 -6.43 -51.39 -46.83
CA TYR K 57 -5.56 -50.29 -46.44
C TYR K 57 -6.35 -49.15 -45.83
N THR K 58 -5.61 -48.14 -45.39
CA THR K 58 -6.18 -46.87 -45.00
C THR K 58 -5.35 -45.79 -45.69
N TYR K 59 -6.03 -44.72 -46.09
CA TYR K 59 -5.38 -43.61 -46.77
C TYR K 59 -5.78 -42.32 -46.07
N TYR K 60 -4.79 -41.53 -45.66
CA TYR K 60 -5.03 -40.22 -45.05
C TYR K 60 -4.28 -39.14 -45.82
N PRO K 61 -4.72 -37.88 -45.70
CA PRO K 61 -3.96 -36.77 -46.28
C PRO K 61 -2.83 -36.36 -45.34
N ASP K 62 -1.95 -35.49 -45.83
CA ASP K 62 -0.77 -35.09 -45.05
C ASP K 62 -1.15 -34.39 -43.76
N SER K 63 -2.20 -33.59 -43.80
CA SER K 63 -2.59 -32.78 -42.66
C SER K 63 -2.95 -33.57 -41.40
N VAL K 64 -3.22 -34.87 -41.51
CA VAL K 64 -3.59 -35.67 -40.33
C VAL K 64 -2.98 -37.06 -40.24
N LYS K 65 -1.91 -37.34 -40.98
CA LYS K 65 -1.32 -38.69 -40.96
C LYS K 65 -0.77 -39.00 -39.58
N GLY K 66 -0.94 -40.24 -39.15
CA GLY K 66 -0.38 -40.70 -37.89
C GLY K 66 -1.16 -40.26 -36.66
N ARG K 67 -1.79 -39.09 -36.74
CA ARG K 67 -2.64 -38.59 -35.66
C ARG K 67 -4.01 -39.27 -35.69
N PHE K 68 -4.56 -39.41 -36.89
CA PHE K 68 -5.88 -40.02 -37.09
C PHE K 68 -5.73 -41.47 -37.53
N THR K 69 -6.67 -42.29 -37.13
CA THR K 69 -6.63 -43.73 -37.41
C THR K 69 -8.03 -44.26 -37.72
N ILE K 70 -8.34 -44.36 -39.00
CA ILE K 70 -9.62 -44.91 -39.47
C ILE K 70 -9.63 -46.43 -39.22
N SER K 71 -10.81 -46.97 -38.98
CA SER K 71 -10.96 -48.41 -38.76
C SER K 71 -12.43 -48.82 -38.81
N ARG K 72 -12.69 -50.06 -39.21
CA ARG K 72 -14.05 -50.55 -39.36
C ARG K 72 -14.30 -51.73 -38.45
N ASP K 73 -15.57 -52.09 -38.34
CA ASP K 73 -15.98 -53.35 -37.71
C ASP K 73 -17.22 -53.85 -38.46
N ASN K 74 -16.99 -54.71 -39.45
CA ASN K 74 -18.06 -55.22 -40.31
C ASN K 74 -19.11 -56.00 -39.54
N ALA K 75 -18.71 -56.60 -38.43
CA ALA K 75 -19.65 -57.28 -37.53
C ALA K 75 -20.71 -56.30 -37.02
N ARG K 76 -20.25 -55.16 -36.53
CA ARG K 76 -21.14 -54.16 -35.93
C ARG K 76 -21.81 -53.24 -36.95
N ASN K 77 -21.28 -53.21 -38.17
CA ASN K 77 -21.66 -52.20 -39.18
C ASN K 77 -21.34 -50.80 -38.67
N THR K 78 -20.09 -50.63 -38.23
CA THR K 78 -19.66 -49.37 -37.63
C THR K 78 -18.25 -48.99 -38.08
N LEU K 79 -18.08 -47.70 -38.33
CA LEU K 79 -16.82 -47.14 -38.78
C LEU K 79 -16.32 -46.16 -37.72
N TYR K 80 -15.07 -46.36 -37.29
CA TYR K 80 -14.49 -45.50 -36.27
C TYR K 80 -13.43 -44.60 -36.89
N LEU K 81 -13.33 -43.38 -36.37
CA LEU K 81 -12.19 -42.51 -36.65
C LEU K 81 -11.52 -42.16 -35.32
N GLN K 82 -10.39 -42.79 -35.06
CA GLN K 82 -9.65 -42.59 -33.82
C GLN K 82 -8.74 -41.38 -33.94
N MET K 83 -9.16 -40.26 -33.35
CA MET K 83 -8.38 -39.03 -33.36
C MET K 83 -7.52 -38.96 -32.11
N SER K 84 -6.33 -38.37 -32.22
CA SER K 84 -5.47 -38.09 -31.08
C SER K 84 -4.46 -37.02 -31.43
N ARG K 85 -3.93 -36.36 -30.40
CA ARG K 85 -3.07 -35.18 -30.56
C ARG K 85 -3.82 -34.11 -31.38
N LEU K 86 -5.05 -33.81 -30.94
CA LEU K 86 -5.90 -32.83 -31.63
C LEU K 86 -5.28 -31.45 -31.66
N ARG K 87 -5.82 -30.58 -32.52
CA ARG K 87 -5.30 -29.22 -32.65
C ARG K 87 -6.43 -28.20 -32.80
N SER K 88 -6.02 -26.94 -32.92
CA SER K 88 -6.93 -25.86 -33.26
C SER K 88 -7.59 -26.09 -34.62
N GLU K 89 -6.80 -26.54 -35.59
CA GLU K 89 -7.27 -26.69 -36.96
C GLU K 89 -8.33 -27.77 -37.08
N ASP K 90 -8.19 -28.83 -36.27
CA ASP K 90 -9.08 -29.98 -36.34
C ASP K 90 -10.51 -29.68 -35.87
N THR K 91 -10.72 -28.48 -35.32
CA THR K 91 -12.07 -28.01 -35.02
C THR K 91 -12.88 -27.99 -36.31
N ALA K 92 -13.90 -28.84 -36.39
CA ALA K 92 -14.74 -28.95 -37.59
C ALA K 92 -15.94 -29.87 -37.38
N LEU K 93 -16.81 -29.91 -38.38
CA LEU K 93 -17.93 -30.85 -38.41
C LEU K 93 -17.50 -32.07 -39.21
N TYR K 94 -17.55 -33.25 -38.61
CA TYR K 94 -17.01 -34.47 -39.22
C TYR K 94 -18.10 -35.40 -39.75
N TYR K 95 -18.19 -35.51 -41.08
CA TYR K 95 -19.11 -36.44 -41.73
C TYR K 95 -18.42 -37.77 -42.06
N CYS K 96 -19.10 -38.89 -41.82
CA CYS K 96 -18.66 -40.18 -42.38
C CYS K 96 -19.43 -40.35 -43.68
N THR K 97 -18.81 -41.02 -44.66
CA THR K 97 -19.35 -41.12 -46.01
C THR K 97 -19.12 -42.48 -46.63
N ARG K 98 -19.86 -42.76 -47.69
CA ARG K 98 -19.72 -44.00 -48.43
C ARG K 98 -19.20 -43.72 -49.83
N GLN K 99 -18.00 -44.22 -50.12
CA GLN K 99 -17.47 -44.26 -51.48
C GLN K 99 -18.15 -45.42 -52.19
N GLY K 100 -17.77 -45.66 -53.44
CA GLY K 100 -17.75 -47.03 -53.92
C GLY K 100 -18.40 -47.38 -55.24
N LEU K 101 -18.33 -48.68 -55.51
CA LEU K 101 -19.06 -49.33 -56.60
C LEU K 101 -18.52 -48.91 -57.96
N LEU K 102 -19.33 -48.25 -58.77
CA LEU K 102 -18.94 -47.99 -60.15
C LEU K 102 -17.98 -46.82 -60.29
N TYR K 103 -18.25 -45.71 -59.62
CA TYR K 103 -17.52 -44.48 -59.96
C TYR K 103 -16.77 -43.79 -58.82
N TYR K 104 -16.86 -44.35 -57.62
CA TYR K 104 -16.16 -43.83 -56.50
C TYR K 104 -17.13 -42.61 -56.31
N ALA K 105 -16.59 -41.54 -55.84
CA ALA K 105 -17.34 -40.46 -55.22
C ALA K 105 -18.13 -40.85 -53.97
N MET K 106 -18.30 -39.87 -53.10
CA MET K 106 -19.03 -40.10 -51.87
C MET K 106 -20.51 -39.95 -52.16
N ASP K 107 -21.25 -41.07 -52.25
CA ASP K 107 -22.66 -41.03 -52.66
C ASP K 107 -23.62 -40.78 -51.50
N TYR K 108 -23.23 -41.21 -50.30
CA TYR K 108 -24.04 -41.01 -49.10
C TYR K 108 -23.21 -40.50 -47.94
N TRP K 109 -23.76 -39.47 -47.28
CA TRP K 109 -23.13 -38.78 -46.18
C TRP K 109 -24.06 -38.81 -44.98
N GLY K 110 -23.51 -38.86 -43.78
CA GLY K 110 -24.31 -38.84 -42.57
C GLY K 110 -24.78 -37.44 -42.20
N GLN K 111 -25.50 -37.33 -41.08
CA GLN K 111 -25.96 -36.05 -40.57
C GLN K 111 -24.78 -35.14 -40.26
N GLY K 112 -23.79 -35.70 -39.56
CA GLY K 112 -22.57 -35.00 -39.21
C GLY K 112 -22.49 -34.84 -37.71
N THR K 113 -21.46 -35.42 -37.09
CA THR K 113 -21.20 -35.20 -35.66
C THR K 113 -20.10 -34.14 -35.50
N SER K 114 -20.30 -33.21 -34.57
CA SER K 114 -19.48 -32.01 -34.47
C SER K 114 -18.33 -32.17 -33.50
N VAL K 115 -17.21 -31.51 -33.82
CA VAL K 115 -16.01 -31.54 -32.98
C VAL K 115 -15.49 -30.11 -32.79
N ASN K 116 -16.01 -29.45 -31.75
CA ASN K 116 -15.45 -28.19 -31.28
C ASN K 116 -14.19 -28.53 -30.44
N VAL K 117 -13.07 -27.83 -30.67
CA VAL K 117 -11.79 -28.14 -29.99
C VAL K 117 -11.06 -26.90 -29.49
N SER K 118 -11.13 -26.65 -28.18
CA SER K 118 -10.52 -25.45 -27.58
C SER K 118 -10.18 -25.70 -26.12
N SER K 119 -9.39 -24.80 -25.56
CA SER K 119 -8.97 -24.88 -24.16
C SER K 119 -9.84 -24.08 -23.18
N ALA K 120 -10.74 -23.25 -23.69
CA ALA K 120 -11.45 -22.29 -22.85
C ALA K 120 -12.42 -22.98 -21.91
N LYS K 121 -12.54 -22.47 -20.69
CA LYS K 121 -13.48 -23.00 -19.70
C LYS K 121 -14.81 -22.24 -19.82
N THR K 122 -15.89 -22.89 -19.40
CA THR K 122 -17.23 -22.30 -19.48
C THR K 122 -17.27 -20.94 -18.78
N THR K 123 -17.90 -19.96 -19.43
CA THR K 123 -17.98 -18.60 -18.88
C THR K 123 -19.33 -17.98 -19.21
N PRO K 124 -20.06 -17.47 -18.22
CA PRO K 124 -21.31 -16.79 -18.53
C PRO K 124 -21.09 -15.45 -19.21
N PRO K 125 -22.13 -14.90 -19.86
CA PRO K 125 -21.99 -13.70 -20.66
C PRO K 125 -22.16 -12.40 -19.88
N SER K 126 -21.31 -11.42 -20.17
CA SER K 126 -21.62 -10.03 -19.82
C SER K 126 -22.66 -9.55 -20.82
N VAL K 127 -23.64 -8.77 -20.36
CA VAL K 127 -24.69 -8.26 -21.23
C VAL K 127 -24.76 -6.76 -21.02
N TYR K 128 -24.63 -6.01 -22.11
CA TYR K 128 -24.68 -4.55 -22.05
C TYR K 128 -25.80 -4.06 -22.95
N PRO K 129 -26.64 -3.13 -22.47
CA PRO K 129 -27.74 -2.62 -23.28
C PRO K 129 -27.27 -1.59 -24.29
N LEU K 130 -27.91 -1.58 -25.46
CA LEU K 130 -27.58 -0.64 -26.51
C LEU K 130 -28.76 0.29 -26.76
N ALA K 131 -28.59 1.56 -26.39
CA ALA K 131 -29.60 2.59 -26.59
C ALA K 131 -28.96 3.87 -27.14
N PRO K 132 -29.74 4.68 -27.87
CA PRO K 132 -29.19 5.88 -28.49
C PRO K 132 -28.91 6.98 -27.45
N GLY K 133 -27.69 7.48 -27.42
CA GLY K 133 -27.30 8.51 -26.45
C GLY K 133 -27.53 9.90 -27.00
N CYS K 134 -27.93 10.81 -26.12
CA CYS K 134 -27.99 12.26 -26.40
C CYS K 134 -28.95 12.66 -27.54
N GLY K 135 -28.43 12.86 -28.76
CA GLY K 135 -29.20 13.46 -29.86
C GLY K 135 -30.65 12.99 -29.97
N ASP K 136 -31.59 13.92 -29.81
CA ASP K 136 -32.98 13.59 -29.46
C ASP K 136 -33.90 13.11 -30.59
N THR K 137 -33.34 12.76 -31.74
CA THR K 137 -34.22 12.08 -32.72
C THR K 137 -33.83 11.92 -34.19
N THR K 138 -34.55 11.00 -34.83
CA THR K 138 -34.70 11.01 -36.30
C THR K 138 -35.50 9.79 -36.75
N GLY K 139 -36.51 9.96 -37.60
CA GLY K 139 -36.90 8.92 -38.51
C GLY K 139 -38.37 8.60 -38.34
N SER K 140 -38.78 8.03 -37.20
CA SER K 140 -40.24 7.56 -36.95
C SER K 140 -40.25 6.09 -36.49
N SER K 141 -39.11 5.44 -36.68
CA SER K 141 -38.79 4.15 -36.05
C SER K 141 -37.51 4.35 -35.24
N VAL K 142 -37.29 3.46 -34.28
CA VAL K 142 -36.05 3.49 -33.50
C VAL K 142 -35.51 2.07 -33.29
N THR K 143 -34.20 1.93 -33.45
CA THR K 143 -33.52 0.65 -33.32
C THR K 143 -32.70 0.61 -32.04
N LEU K 144 -32.78 -0.51 -31.33
CA LEU K 144 -32.07 -0.72 -30.08
C LEU K 144 -31.38 -2.07 -30.13
N GLY K 145 -30.70 -2.46 -29.05
CA GLY K 145 -30.04 -3.77 -29.04
C GLY K 145 -29.40 -4.19 -27.72
N CYS K 146 -28.72 -5.32 -27.76
CA CYS K 146 -28.02 -5.88 -26.59
C CYS K 146 -26.70 -6.50 -27.00
N LEU K 147 -25.60 -5.97 -26.47
CA LEU K 147 -24.26 -6.53 -26.71
C LEU K 147 -23.99 -7.63 -25.68
N VAL K 148 -23.56 -8.79 -26.16
CA VAL K 148 -23.28 -9.94 -25.30
C VAL K 148 -21.81 -10.34 -25.42
N LYS K 149 -21.00 -9.89 -24.47
CA LYS K 149 -19.54 -10.06 -24.53
C LYS K 149 -19.06 -11.22 -23.64
N GLY K 150 -17.87 -11.73 -23.95
CA GLY K 150 -17.11 -12.63 -23.07
C GLY K 150 -17.81 -13.87 -22.55
N TYR K 151 -18.24 -14.76 -23.45
CA TYR K 151 -18.89 -16.01 -23.06
C TYR K 151 -18.35 -17.23 -23.81
N PHE K 152 -18.68 -18.42 -23.29
CA PHE K 152 -18.23 -19.68 -23.84
C PHE K 152 -18.96 -20.81 -23.12
N PRO K 153 -19.34 -21.88 -23.83
CA PRO K 153 -19.29 -22.11 -25.27
C PRO K 153 -20.41 -21.40 -26.01
N GLU K 154 -20.18 -21.13 -27.30
CA GLU K 154 -21.19 -20.52 -28.18
C GLU K 154 -22.47 -21.37 -28.11
N SER K 155 -23.59 -20.70 -27.85
CA SER K 155 -24.91 -21.36 -27.67
C SER K 155 -25.97 -20.35 -27.18
N VAL K 156 -25.56 -19.10 -26.95
CA VAL K 156 -26.45 -18.07 -26.41
C VAL K 156 -27.65 -17.81 -27.34
N THR K 157 -28.80 -17.55 -26.74
CA THR K 157 -30.06 -17.36 -27.48
C THR K 157 -30.86 -16.15 -26.98
N VAL K 158 -30.55 -14.98 -27.55
CA VAL K 158 -31.16 -13.71 -27.19
C VAL K 158 -32.59 -13.56 -27.76
N THR K 159 -33.58 -13.40 -26.86
CA THR K 159 -34.99 -13.15 -27.25
C THR K 159 -35.50 -11.82 -26.66
N TRP K 160 -36.45 -11.20 -27.34
CA TRP K 160 -36.93 -9.86 -26.95
C TRP K 160 -38.37 -9.85 -26.44
N ASN K 161 -38.59 -9.28 -25.25
CA ASN K 161 -39.92 -9.14 -24.64
C ASN K 161 -40.72 -10.42 -24.57
N SER K 162 -40.03 -11.53 -24.33
CA SER K 162 -40.61 -12.86 -24.49
C SER K 162 -41.17 -12.98 -25.91
N GLY K 163 -40.31 -12.73 -26.90
CA GLY K 163 -40.67 -12.79 -28.33
C GLY K 163 -41.93 -12.05 -28.73
N SER K 164 -42.19 -10.91 -28.10
CA SER K 164 -43.35 -10.07 -28.42
C SER K 164 -43.06 -9.26 -29.67
N LEU K 165 -42.08 -8.36 -29.57
CA LEU K 165 -41.52 -7.68 -30.74
C LEU K 165 -40.54 -8.73 -31.10
N SER K 166 -40.34 -8.98 -32.37
CA SER K 166 -39.83 -10.32 -32.72
C SER K 166 -39.58 -10.30 -34.19
N SER K 167 -40.58 -9.79 -34.88
CA SER K 167 -40.39 -9.28 -36.21
C SER K 167 -39.67 -7.94 -36.03
N SER K 168 -38.78 -7.64 -36.97
CA SER K 168 -37.89 -6.47 -36.88
C SER K 168 -36.77 -6.70 -35.85
N VAL K 169 -36.24 -7.93 -35.84
CA VAL K 169 -35.15 -8.32 -34.96
C VAL K 169 -34.04 -8.97 -35.78
N HIS K 170 -32.79 -8.67 -35.44
CA HIS K 170 -31.64 -9.26 -36.11
C HIS K 170 -30.60 -9.71 -35.10
N THR K 171 -30.49 -11.02 -34.90
CA THR K 171 -29.42 -11.59 -34.07
C THR K 171 -28.26 -11.95 -34.97
N PHE K 172 -27.06 -11.50 -34.62
CA PHE K 172 -25.89 -11.69 -35.47
C PHE K 172 -25.04 -12.88 -35.02
N PRO K 173 -24.39 -13.56 -35.97
CA PRO K 173 -23.53 -14.67 -35.58
C PRO K 173 -22.39 -14.24 -34.66
N ALA K 174 -22.05 -15.12 -33.72
CA ALA K 174 -21.03 -14.81 -32.74
C ALA K 174 -19.66 -14.97 -33.33
N LEU K 175 -18.87 -13.89 -33.32
CA LEU K 175 -17.45 -13.96 -33.63
C LEU K 175 -16.68 -14.31 -32.36
N LEU K 176 -15.48 -14.88 -32.54
CA LEU K 176 -14.65 -15.31 -31.41
C LEU K 176 -13.51 -14.32 -31.29
N GLN K 177 -13.52 -13.52 -30.23
CA GLN K 177 -12.41 -12.59 -29.97
C GLN K 177 -11.77 -12.85 -28.62
N SER K 178 -10.44 -12.96 -28.62
CA SER K 178 -9.66 -13.12 -27.40
C SER K 178 -10.09 -14.37 -26.61
N GLY K 179 -10.27 -15.49 -27.31
CA GLY K 179 -10.59 -16.77 -26.68
C GLY K 179 -12.03 -16.94 -26.20
N LEU K 180 -12.82 -15.87 -26.26
CA LEU K 180 -14.21 -15.89 -25.81
C LEU K 180 -15.15 -15.32 -26.87
N TYR K 181 -16.40 -15.76 -26.85
CA TYR K 181 -17.37 -15.36 -27.87
C TYR K 181 -18.01 -13.99 -27.60
N THR K 182 -18.39 -13.34 -28.69
CA THR K 182 -19.05 -12.03 -28.66
C THR K 182 -20.12 -12.01 -29.74
N MET K 183 -21.35 -11.64 -29.37
CA MET K 183 -22.41 -11.48 -30.34
C MET K 183 -23.27 -10.29 -29.95
N SER K 184 -24.13 -9.85 -30.87
CA SER K 184 -25.06 -8.77 -30.58
C SER K 184 -26.41 -9.09 -31.19
N SER K 185 -27.42 -8.31 -30.80
CA SER K 185 -28.78 -8.47 -31.29
C SER K 185 -29.45 -7.11 -31.36
N SER K 186 -30.05 -6.79 -32.49
CA SER K 186 -30.75 -5.53 -32.66
C SER K 186 -32.24 -5.77 -32.80
N VAL K 187 -33.03 -4.75 -32.49
CA VAL K 187 -34.47 -4.82 -32.56
C VAL K 187 -35.02 -3.44 -32.91
N THR K 188 -35.99 -3.41 -33.82
CA THR K 188 -36.57 -2.16 -34.30
C THR K 188 -38.07 -2.10 -33.97
N VAL K 189 -38.50 -0.95 -33.48
CA VAL K 189 -39.90 -0.71 -33.12
C VAL K 189 -40.32 0.70 -33.53
N PRO K 190 -41.64 0.95 -33.62
CA PRO K 190 -42.12 2.31 -33.84
C PRO K 190 -41.59 3.28 -32.78
N SER K 191 -41.12 4.44 -33.23
CA SER K 191 -40.44 5.43 -32.38
C SER K 191 -41.30 5.84 -31.18
N SER K 192 -42.58 6.10 -31.45
CA SER K 192 -43.55 6.48 -30.43
C SER K 192 -43.58 5.51 -29.26
N THR K 193 -43.73 4.22 -29.57
CA THR K 193 -44.05 3.21 -28.58
C THR K 193 -42.86 2.68 -27.75
N TRP K 194 -41.65 3.20 -27.94
CA TRP K 194 -40.52 2.74 -27.10
C TRP K 194 -40.48 3.37 -25.72
N PRO K 195 -40.07 4.65 -25.61
CA PRO K 195 -39.76 5.19 -24.28
C PRO K 195 -40.84 4.89 -23.23
N SER K 196 -42.10 4.83 -23.67
CA SER K 196 -43.23 4.46 -22.82
C SER K 196 -43.33 2.96 -22.52
N GLN K 197 -43.19 2.12 -23.55
CA GLN K 197 -43.35 0.67 -23.39
C GLN K 197 -42.11 0.01 -22.78
N THR K 198 -42.31 -1.10 -22.08
CA THR K 198 -41.21 -1.89 -21.54
C THR K 198 -40.56 -2.67 -22.67
N VAL K 199 -39.22 -2.59 -22.76
CA VAL K 199 -38.46 -3.30 -23.79
C VAL K 199 -37.26 -4.01 -23.17
N THR K 200 -37.37 -5.33 -23.05
CA THR K 200 -36.39 -6.17 -22.35
C THR K 200 -35.78 -7.21 -23.28
N CYS K 201 -34.45 -7.31 -23.27
CA CYS K 201 -33.74 -8.37 -23.98
C CYS K 201 -33.35 -9.46 -22.98
N SER K 202 -33.67 -10.70 -23.31
CA SER K 202 -33.41 -11.84 -22.43
C SER K 202 -32.35 -12.74 -23.06
N VAL K 203 -31.21 -12.88 -22.38
CA VAL K 203 -30.04 -13.57 -22.92
C VAL K 203 -29.79 -14.87 -22.15
N ALA K 204 -30.33 -15.97 -22.66
CA ALA K 204 -30.15 -17.28 -22.05
C ALA K 204 -28.93 -17.96 -22.64
N HIS K 205 -28.07 -18.49 -21.77
CA HIS K 205 -26.84 -19.16 -22.17
C HIS K 205 -26.76 -20.48 -21.40
N PRO K 206 -27.61 -21.47 -21.76
CA PRO K 206 -27.78 -22.69 -20.97
C PRO K 206 -26.49 -23.43 -20.60
N ALA K 207 -25.42 -23.22 -21.36
CA ALA K 207 -24.13 -23.84 -21.08
C ALA K 207 -23.58 -23.50 -19.70
N SER K 208 -23.72 -22.25 -19.29
CA SER K 208 -23.31 -21.80 -17.95
C SER K 208 -24.50 -21.69 -16.99
N SER K 209 -25.65 -22.20 -17.41
CA SER K 209 -26.83 -22.30 -16.56
C SER K 209 -27.41 -20.91 -16.20
N THR K 210 -27.27 -19.95 -17.11
CA THR K 210 -27.55 -18.53 -16.84
C THR K 210 -28.68 -17.95 -17.71
N THR K 211 -29.35 -16.91 -17.21
CA THR K 211 -30.29 -16.10 -18.00
C THR K 211 -30.24 -14.66 -17.51
N VAL K 212 -29.82 -13.75 -18.39
CA VAL K 212 -29.61 -12.35 -18.02
C VAL K 212 -30.57 -11.42 -18.76
N ASP K 213 -31.59 -10.92 -18.07
CA ASP K 213 -32.51 -9.93 -18.66
C ASP K 213 -31.93 -8.53 -18.56
N LYS K 214 -32.40 -7.64 -19.43
CA LYS K 214 -32.00 -6.24 -19.37
C LYS K 214 -32.99 -5.32 -20.11
N LYS K 215 -33.65 -4.46 -19.34
CA LYS K 215 -34.50 -3.41 -19.91
C LYS K 215 -33.63 -2.32 -20.53
N LEU K 216 -34.15 -1.67 -21.56
CA LEU K 216 -33.41 -0.64 -22.25
C LEU K 216 -33.86 0.74 -21.80
N GLU K 217 -32.99 1.42 -21.05
CA GLU K 217 -33.31 2.72 -20.48
C GLU K 217 -32.83 3.83 -21.41
N PRO K 218 -33.65 4.87 -21.64
CA PRO K 218 -33.24 5.96 -22.54
C PRO K 218 -32.11 6.84 -22.04
N SER K 219 -31.79 7.87 -22.82
CA SER K 219 -30.81 8.90 -22.44
C SER K 219 -31.21 10.24 -23.06
N GLU L 4 1.39 -33.49 -67.19
CA GLU L 4 0.69 -33.88 -65.93
C GLU L 4 1.43 -35.02 -65.24
N ASP L 5 2.20 -34.66 -64.20
CA ASP L 5 2.92 -35.65 -63.39
C ASP L 5 2.12 -36.94 -63.24
N GLY L 6 2.51 -37.95 -64.00
CA GLY L 6 1.72 -39.16 -64.17
C GLY L 6 1.64 -40.04 -62.95
N ASP L 7 0.49 -39.97 -62.27
CA ASP L 7 0.18 -40.93 -61.22
C ASP L 7 -0.10 -42.27 -61.88
N LEU L 8 -0.37 -43.28 -61.08
CA LEU L 8 -0.73 -44.59 -61.59
C LEU L 8 -2.04 -44.44 -62.35
N GLN L 9 -2.33 -45.38 -63.24
CA GLN L 9 -3.56 -45.33 -64.02
C GLN L 9 -4.40 -46.61 -63.96
N CYS L 10 -5.60 -46.50 -64.49
CA CYS L 10 -6.46 -47.65 -64.68
C CYS L 10 -5.85 -48.53 -65.75
N LEU L 11 -6.07 -49.84 -65.63
CA LEU L 11 -5.64 -50.79 -66.66
C LEU L 11 -6.51 -50.58 -67.87
N CYS L 12 -7.76 -50.17 -67.62
CA CYS L 12 -8.75 -49.97 -68.67
C CYS L 12 -9.10 -48.50 -68.81
N VAL L 13 -8.27 -47.78 -69.56
CA VAL L 13 -8.54 -46.36 -69.79
C VAL L 13 -9.53 -46.23 -70.92
N LYS L 14 -9.39 -47.09 -71.94
CA LYS L 14 -10.33 -47.11 -73.04
C LYS L 14 -10.82 -48.54 -73.26
N THR L 15 -11.95 -48.65 -73.94
CA THR L 15 -12.75 -49.87 -73.96
C THR L 15 -13.37 -50.09 -75.32
N THR L 16 -13.96 -51.26 -75.52
CA THR L 16 -14.85 -51.52 -76.66
C THR L 16 -16.05 -52.37 -76.25
N SER L 17 -17.19 -52.09 -76.88
CA SER L 17 -18.37 -52.94 -76.78
C SER L 17 -18.24 -54.06 -77.81
N GLN L 18 -17.38 -53.84 -78.81
CA GLN L 18 -17.26 -54.70 -79.98
C GLN L 18 -16.31 -55.86 -79.71
N VAL L 19 -16.86 -57.01 -79.32
CA VAL L 19 -16.07 -58.23 -79.23
C VAL L 19 -16.95 -59.45 -79.33
N ARG L 20 -16.40 -60.50 -79.95
CA ARG L 20 -17.10 -61.76 -80.11
C ARG L 20 -17.06 -62.49 -78.77
N PRO L 21 -18.24 -62.73 -78.16
CA PRO L 21 -18.28 -63.48 -76.91
C PRO L 21 -17.73 -64.91 -77.02
N ARG L 22 -17.88 -65.51 -78.21
CA ARG L 22 -17.24 -66.82 -78.53
C ARG L 22 -15.76 -66.89 -78.11
N HIS L 23 -15.05 -65.77 -78.21
CA HIS L 23 -13.62 -65.73 -77.87
C HIS L 23 -13.31 -65.71 -76.38
N ILE L 24 -14.22 -65.22 -75.55
CA ILE L 24 -13.90 -64.87 -74.16
C ILE L 24 -13.89 -66.07 -73.21
N THR L 25 -12.71 -66.52 -72.80
CA THR L 25 -12.62 -67.70 -71.91
C THR L 25 -12.91 -67.38 -70.45
N SER L 26 -12.84 -66.11 -70.07
CA SER L 26 -12.94 -65.73 -68.67
C SER L 26 -13.26 -64.25 -68.50
N LEU L 27 -13.54 -63.86 -67.27
CA LEU L 27 -14.01 -62.52 -66.99
C LEU L 27 -13.70 -62.08 -65.57
N GLU L 28 -12.78 -61.14 -65.42
CA GLU L 28 -12.43 -60.56 -64.12
C GLU L 28 -13.12 -59.21 -63.96
N VAL L 29 -13.58 -58.93 -62.75
CA VAL L 29 -14.15 -57.62 -62.42
C VAL L 29 -13.47 -57.07 -61.19
N ILE L 30 -13.13 -55.78 -61.24
CA ILE L 30 -12.57 -55.11 -60.06
C ILE L 30 -13.32 -53.82 -59.78
N LYS L 31 -13.46 -53.52 -58.50
CA LYS L 31 -14.29 -52.42 -58.02
C LYS L 31 -13.67 -51.12 -58.48
N ALA L 32 -14.29 -50.03 -58.07
CA ALA L 32 -13.65 -48.74 -58.14
C ALA L 32 -12.73 -48.64 -56.94
N GLY L 33 -11.66 -47.86 -57.08
CA GLY L 33 -10.68 -47.68 -56.01
C GLY L 33 -10.03 -46.32 -56.05
N PRO L 34 -9.18 -46.03 -55.04
CA PRO L 34 -8.44 -44.78 -55.02
C PRO L 34 -7.36 -44.73 -56.10
N HIS L 35 -6.98 -45.91 -56.62
CA HIS L 35 -5.99 -45.97 -57.68
C HIS L 35 -6.60 -46.21 -59.04
N CYS L 36 -7.91 -46.35 -59.10
CA CYS L 36 -8.64 -46.29 -60.36
C CYS L 36 -10.09 -45.90 -60.11
N PRO L 37 -10.43 -44.61 -60.32
CA PRO L 37 -11.75 -44.08 -59.99
C PRO L 37 -12.91 -44.86 -60.58
N THR L 38 -12.91 -45.11 -61.89
CA THR L 38 -13.93 -45.98 -62.48
C THR L 38 -13.62 -47.44 -62.17
N ALA L 39 -14.67 -48.26 -62.06
CA ALA L 39 -14.50 -49.71 -61.99
C ALA L 39 -14.29 -50.20 -63.40
N GLN L 40 -13.84 -51.44 -63.51
CA GLN L 40 -13.48 -51.99 -64.81
C GLN L 40 -13.84 -53.46 -64.79
N LEU L 41 -13.85 -54.06 -65.98
CA LEU L 41 -13.85 -55.52 -66.08
C LEU L 41 -13.06 -56.00 -67.29
N ILE L 42 -12.34 -57.09 -67.07
CA ILE L 42 -11.30 -57.53 -67.95
C ILE L 42 -11.73 -58.87 -68.53
N ALA L 43 -12.15 -58.84 -69.79
CA ALA L 43 -12.47 -60.06 -70.49
C ALA L 43 -11.18 -60.61 -71.05
N THR L 44 -10.93 -61.89 -70.79
CA THR L 44 -9.68 -62.54 -71.19
C THR L 44 -10.02 -63.53 -72.31
N LEU L 45 -9.36 -63.41 -73.45
CA LEU L 45 -9.76 -64.12 -74.67
C LEU L 45 -9.12 -65.51 -74.81
N LYS L 46 -9.48 -66.21 -75.87
CA LYS L 46 -8.99 -67.58 -76.08
C LYS L 46 -7.50 -67.61 -76.32
N ASN L 47 -7.04 -66.73 -77.20
CA ASN L 47 -5.63 -66.68 -77.57
C ASN L 47 -4.72 -66.15 -76.45
N GLY L 48 -5.29 -65.41 -75.52
CA GLY L 48 -4.54 -64.99 -74.33
C GLY L 48 -4.66 -63.52 -73.95
N ARG L 49 -5.03 -62.68 -74.91
CA ARG L 49 -5.12 -61.23 -74.66
C ARG L 49 -6.21 -60.99 -73.63
N LYS L 50 -6.21 -59.78 -73.11
CA LYS L 50 -7.26 -59.32 -72.23
C LYS L 50 -7.79 -58.04 -72.82
N ILE L 51 -9.07 -57.76 -72.58
CA ILE L 51 -9.67 -56.53 -73.09
C ILE L 51 -10.58 -55.88 -72.06
N CYS L 52 -10.79 -54.59 -72.28
CA CYS L 52 -11.59 -53.79 -71.39
C CYS L 52 -12.88 -53.47 -72.09
N LEU L 53 -14.01 -53.73 -71.43
CA LEU L 53 -15.29 -53.57 -72.07
C LEU L 53 -16.08 -52.46 -71.40
N ASP L 54 -16.94 -51.81 -72.19
CA ASP L 54 -17.55 -50.52 -71.81
C ASP L 54 -18.62 -50.77 -70.73
N LEU L 55 -18.62 -49.91 -69.73
CA LEU L 55 -19.62 -49.93 -68.69
C LEU L 55 -20.74 -48.94 -69.03
N GLN L 56 -20.54 -48.14 -70.08
CA GLN L 56 -21.61 -47.27 -70.60
C GLN L 56 -22.65 -48.07 -71.36
N ALA L 57 -22.23 -49.15 -72.02
CA ALA L 57 -23.17 -50.05 -72.70
C ALA L 57 -23.90 -50.89 -71.66
N PRO L 58 -24.94 -51.63 -72.08
CA PRO L 58 -25.65 -52.56 -71.19
C PRO L 58 -24.94 -53.90 -70.97
N LEU L 59 -23.63 -53.90 -71.15
CA LEU L 59 -22.71 -54.87 -70.56
C LEU L 59 -22.50 -54.51 -69.07
N TYR L 60 -23.17 -53.45 -68.59
CA TYR L 60 -22.93 -52.88 -67.26
C TYR L 60 -23.88 -53.36 -66.18
N LYS L 61 -25.09 -53.79 -66.56
CA LYS L 61 -26.05 -54.26 -65.57
C LYS L 61 -25.72 -55.67 -65.06
N LYS L 62 -24.85 -56.36 -65.80
CA LYS L 62 -24.20 -57.59 -65.34
C LYS L 62 -22.94 -57.36 -64.49
N ILE L 63 -22.71 -56.11 -64.07
CA ILE L 63 -21.59 -55.75 -63.19
C ILE L 63 -22.15 -55.39 -61.83
N ILE L 64 -22.96 -54.32 -61.79
CA ILE L 64 -23.55 -53.82 -60.53
C ILE L 64 -23.76 -55.08 -59.75
N LYS L 65 -24.73 -55.87 -60.20
CA LYS L 65 -25.19 -57.00 -59.37
C LYS L 65 -24.14 -58.06 -59.26
N LYS L 66 -23.37 -58.30 -60.33
CA LYS L 66 -22.36 -59.36 -60.33
C LYS L 66 -21.43 -59.34 -59.11
N LEU L 67 -20.57 -58.34 -59.02
CA LEU L 67 -19.65 -58.28 -57.91
C LEU L 67 -20.28 -57.60 -56.69
N LEU L 68 -21.20 -56.70 -56.95
CA LEU L 68 -21.62 -55.72 -55.98
C LEU L 68 -23.12 -55.80 -55.71
N ASP M 1 15.08 56.65 17.66
CA ASP M 1 13.89 57.03 16.84
C ASP M 1 13.71 56.06 15.68
N ILE M 2 12.44 55.74 15.39
CA ILE M 2 12.12 54.92 14.24
C ILE M 2 11.67 55.81 13.10
N GLN M 3 12.43 55.81 12.00
CA GLN M 3 12.01 56.49 10.78
C GLN M 3 10.89 55.68 10.11
N MET M 4 9.68 56.25 10.08
CA MET M 4 8.53 55.64 9.41
C MET M 4 8.36 56.27 8.03
N THR M 5 8.62 55.48 6.98
CA THR M 5 8.69 55.99 5.62
C THR M 5 7.48 55.61 4.79
N GLN M 6 6.68 56.62 4.42
CA GLN M 6 5.53 56.42 3.56
C GLN M 6 5.92 56.94 2.18
N ILE M 7 6.26 56.01 1.28
CA ILE M 7 7.06 56.40 0.11
C ILE M 7 6.39 57.28 -0.91
N THR M 8 5.08 57.09 -1.13
CA THR M 8 4.32 57.89 -2.09
C THR M 8 3.64 59.07 -1.41
N SER M 9 4.22 60.26 -1.62
CA SER M 9 3.65 61.51 -1.12
C SER M 9 2.16 61.64 -1.47
N SER M 10 1.83 61.53 -2.75
CA SER M 10 0.43 61.41 -3.19
C SER M 10 0.30 60.33 -4.27
N LEU M 11 -0.92 59.86 -4.47
CA LEU M 11 -1.20 58.74 -5.36
C LEU M 11 -2.53 58.91 -6.07
N SER M 12 -2.52 58.70 -7.38
CA SER M 12 -3.69 58.91 -8.23
C SER M 12 -4.44 57.59 -8.38
N ALA M 13 -5.74 57.59 -8.11
CA ALA M 13 -6.56 56.37 -8.21
C ALA M 13 -8.00 56.70 -8.54
N SER M 14 -8.49 56.17 -9.65
CA SER M 14 -9.86 56.41 -10.09
C SER M 14 -10.86 55.80 -9.12
N LEU M 15 -12.04 56.38 -9.05
CA LEU M 15 -13.10 55.93 -8.16
C LEU M 15 -13.49 54.49 -8.38
N GLY M 16 -13.86 53.78 -7.31
CA GLY M 16 -14.27 52.37 -7.41
C GLY M 16 -13.11 51.39 -7.60
N ASP M 17 -11.88 51.87 -7.36
CA ASP M 17 -10.66 51.08 -7.58
C ASP M 17 -10.22 50.34 -6.32
N ARG M 18 -9.14 49.59 -6.44
CA ARG M 18 -8.47 48.98 -5.30
C ARG M 18 -7.16 49.74 -5.09
N VAL M 19 -6.94 50.20 -3.87
CA VAL M 19 -5.78 51.05 -3.56
C VAL M 19 -4.90 50.40 -2.50
N THR M 20 -3.60 50.37 -2.76
CA THR M 20 -2.63 49.93 -1.77
C THR M 20 -1.74 51.11 -1.43
N ILE M 21 -1.48 51.30 -0.14
CA ILE M 21 -0.72 52.48 0.34
C ILE M 21 0.30 51.94 1.36
N SER M 22 1.56 51.95 0.95
CA SER M 22 2.62 51.26 1.68
C SER M 22 3.29 52.17 2.69
N CYS M 23 3.70 51.57 3.80
CA CYS M 23 4.38 52.27 4.88
C CYS M 23 5.47 51.38 5.42
N SER M 24 6.72 51.79 5.21
CA SER M 24 7.87 51.00 5.60
C SER M 24 8.50 51.60 6.86
N ALA M 25 9.15 50.77 7.67
CA ALA M 25 9.69 51.19 8.97
C ALA M 25 11.20 50.98 9.03
N SER M 26 11.91 51.90 9.66
CA SER M 26 13.38 51.86 9.71
C SER M 26 13.87 50.58 10.39
N GLN M 27 13.19 50.21 11.46
CA GLN M 27 13.55 49.03 12.23
C GLN M 27 12.29 48.21 12.53
N GLY M 28 12.49 46.98 12.99
CA GLY M 28 11.39 46.08 13.24
C GLY M 28 10.50 46.63 14.33
N ILE M 29 9.26 46.93 13.97
CA ILE M 29 8.20 47.07 14.98
C ILE M 29 7.47 45.73 15.00
N ASN M 30 6.84 45.40 16.12
CA ASN M 30 6.18 44.10 16.24
C ASN M 30 4.72 44.17 15.86
N ASN M 31 4.50 44.33 14.55
CA ASN M 31 3.22 44.73 14.00
C ASN M 31 2.39 45.55 14.97
N TYR M 32 3.02 46.57 15.54
CA TYR M 32 2.34 47.48 16.45
C TYR M 32 2.11 48.81 15.71
N LEU M 33 1.75 48.69 14.44
CA LEU M 33 1.50 49.82 13.55
C LEU M 33 0.06 50.29 13.66
N SER M 34 -0.22 51.49 13.18
CA SER M 34 -1.59 51.98 13.07
C SER M 34 -1.82 52.58 11.72
N TRP M 35 -3.08 52.93 11.44
CA TRP M 35 -3.41 53.70 10.26
C TRP M 35 -4.42 54.77 10.62
N TYR M 36 -4.25 55.95 10.05
CA TYR M 36 -5.11 57.08 10.32
C TYR M 36 -5.51 57.71 9.01
N ARG M 37 -6.69 58.31 9.00
CA ARG M 37 -7.19 59.03 7.84
C ARG M 37 -7.58 60.43 8.27
N GLN M 38 -7.16 61.42 7.50
CA GLN M 38 -7.50 62.81 7.77
C GLN M 38 -8.30 63.40 6.63
N LYS M 39 -9.58 63.64 6.86
CA LYS M 39 -10.44 64.31 5.87
C LYS M 39 -9.85 65.69 5.57
N PRO M 40 -9.90 66.12 4.29
CA PRO M 40 -9.19 67.35 3.87
C PRO M 40 -9.26 68.47 4.90
N ASP M 41 -10.42 68.58 5.53
CA ASP M 41 -10.65 69.56 6.56
C ASP M 41 -10.72 68.94 7.94
N GLY M 42 -11.49 67.87 8.04
CA GLY M 42 -11.95 67.36 9.31
C GLY M 42 -10.87 66.79 10.19
N THR M 43 -11.31 66.32 11.34
CA THR M 43 -10.46 65.63 12.28
C THR M 43 -9.81 64.43 11.60
N VAL M 44 -8.88 63.77 12.29
CA VAL M 44 -8.37 62.48 11.86
C VAL M 44 -9.04 61.39 12.69
N LYS M 45 -9.18 60.21 12.12
CA LYS M 45 -9.81 59.11 12.83
C LYS M 45 -9.02 57.81 12.64
N LEU M 46 -8.99 57.00 13.70
CA LEU M 46 -8.26 55.75 13.69
C LEU M 46 -8.95 54.77 12.76
N LEU M 47 -8.16 54.18 11.88
CA LEU M 47 -8.69 53.28 10.88
C LEU M 47 -8.38 51.86 11.29
N ILE M 48 -7.09 51.53 11.35
CA ILE M 48 -6.64 50.20 11.75
C ILE M 48 -5.66 50.33 12.90
N TYR M 49 -5.76 49.43 13.88
CA TYR M 49 -4.74 49.29 14.90
C TYR M 49 -4.10 47.90 14.80
N TYR M 50 -3.12 47.64 15.66
CA TYR M 50 -2.24 46.47 15.53
C TYR M 50 -1.53 46.47 14.18
N THR M 51 -1.86 45.57 13.28
CA THR M 51 -1.41 45.75 11.90
C THR M 51 -2.58 45.62 10.95
N SER M 52 -3.64 44.95 11.40
CA SER M 52 -4.80 44.64 10.56
C SER M 52 -6.16 44.68 11.25
N SER M 53 -6.21 44.77 12.58
CA SER M 53 -7.48 44.87 13.30
C SER M 53 -8.14 46.23 13.12
N LEU M 54 -9.37 46.23 12.60
CA LEU M 54 -10.04 47.47 12.26
C LEU M 54 -10.72 48.07 13.50
N HIS M 55 -10.70 49.39 13.59
CA HIS M 55 -11.36 50.13 14.66
C HIS M 55 -12.87 50.02 14.45
N SER M 56 -13.66 50.20 15.52
CA SER M 56 -15.10 50.15 15.41
C SER M 56 -15.62 51.28 14.53
N GLY M 57 -16.66 50.98 13.75
CA GLY M 57 -17.26 51.97 12.84
C GLY M 57 -16.45 52.21 11.57
N VAL M 58 -15.52 51.31 11.27
CA VAL M 58 -14.74 51.41 10.05
C VAL M 58 -15.34 50.46 9.02
N PRO M 59 -15.51 50.92 7.78
CA PRO M 59 -16.00 50.05 6.70
C PRO M 59 -15.21 48.77 6.53
N SER M 60 -15.81 47.78 5.87
CA SER M 60 -15.20 46.47 5.71
C SER M 60 -14.12 46.49 4.65
N ARG M 61 -14.26 47.39 3.67
CA ARG M 61 -13.28 47.49 2.58
C ARG M 61 -11.85 47.84 3.02
N PHE M 62 -11.71 48.45 4.19
CA PHE M 62 -10.40 48.74 4.78
C PHE M 62 -9.79 47.50 5.41
N SER M 63 -8.60 47.11 4.96
CA SER M 63 -7.93 45.96 5.55
C SER M 63 -6.42 46.18 5.62
N GLY M 64 -5.88 46.11 6.83
CA GLY M 64 -4.45 46.26 7.04
C GLY M 64 -3.71 44.94 6.90
N SER M 65 -2.39 45.02 6.71
CA SER M 65 -1.56 43.83 6.58
C SER M 65 -0.09 44.19 6.73
N GLY M 66 0.76 43.16 6.80
CA GLY M 66 2.20 43.33 6.90
C GLY M 66 2.87 42.60 8.06
N SER M 67 4.20 42.61 8.06
CA SER M 67 4.99 42.04 9.15
C SER M 67 6.44 42.53 9.11
N GLY M 68 6.99 42.85 10.28
CA GLY M 68 8.38 43.27 10.38
C GLY M 68 8.56 44.76 10.12
N THR M 69 9.17 45.10 8.99
CA THR M 69 9.42 46.49 8.62
C THR M 69 8.49 47.02 7.54
N ASP M 70 7.79 46.14 6.83
CA ASP M 70 6.90 46.54 5.75
C ASP M 70 5.45 46.29 6.10
N TYR M 71 4.60 47.26 5.76
CA TYR M 71 3.16 47.18 6.04
C TYR M 71 2.37 47.86 4.95
N SER M 72 1.10 47.47 4.82
CA SER M 72 0.21 48.08 3.86
C SER M 72 -1.18 48.24 4.44
N LEU M 73 -1.81 49.35 4.08
CA LEU M 73 -3.25 49.51 4.20
C LEU M 73 -3.78 49.34 2.79
N THR M 74 -4.98 48.82 2.66
CA THR M 74 -5.54 48.63 1.34
C THR M 74 -7.06 48.81 1.36
N ILE M 75 -7.55 49.50 0.35
CA ILE M 75 -8.94 49.88 0.26
C ILE M 75 -9.52 49.35 -1.04
N SER M 76 -10.35 48.30 -0.94
CA SER M 76 -11.12 47.80 -2.08
C SER M 76 -12.25 48.76 -2.41
N ASN M 77 -12.72 48.71 -3.66
CA ASN M 77 -13.70 49.66 -4.22
C ASN M 77 -13.73 51.04 -3.53
N LEU M 78 -12.77 51.88 -3.91
CA LEU M 78 -12.61 53.22 -3.34
C LEU M 78 -13.88 54.05 -3.48
N GLU M 79 -14.22 54.75 -2.41
CA GLU M 79 -15.37 55.64 -2.39
C GLU M 79 -14.93 57.07 -2.13
N PRO M 80 -15.72 58.07 -2.59
CA PRO M 80 -15.28 59.47 -2.55
C PRO M 80 -15.10 60.07 -1.15
N GLU M 81 -15.60 59.39 -0.12
CA GLU M 81 -15.31 59.78 1.26
C GLU M 81 -13.85 59.52 1.65
N ASP M 82 -13.15 58.72 0.84
CA ASP M 82 -11.79 58.29 1.13
C ASP M 82 -10.73 59.15 0.47
N ILE M 83 -11.12 60.06 -0.40
CA ILE M 83 -10.16 61.02 -0.92
C ILE M 83 -9.68 61.89 0.24
N ALA M 84 -8.45 61.63 0.67
CA ALA M 84 -7.92 62.18 1.91
C ALA M 84 -6.43 61.88 2.01
N THR M 85 -5.81 62.28 3.12
CA THR M 85 -4.44 61.86 3.43
C THR M 85 -4.50 60.71 4.44
N TYR M 86 -3.55 59.78 4.32
CA TYR M 86 -3.47 58.64 5.22
C TYR M 86 -2.11 58.56 5.89
N PHE M 87 -2.09 58.23 7.18
CA PHE M 87 -0.88 58.23 7.98
C PHE M 87 -0.70 56.90 8.67
N CYS M 88 0.53 56.41 8.73
CA CYS M 88 0.84 55.26 9.56
C CYS M 88 1.65 55.71 10.77
N GLN M 89 1.25 55.22 11.94
CA GLN M 89 2.02 55.39 13.16
C GLN M 89 2.58 54.05 13.56
N GLN M 90 3.61 54.06 14.39
CA GLN M 90 4.02 52.87 15.13
C GLN M 90 3.91 53.21 16.60
N PHE M 91 3.64 52.20 17.42
CA PHE M 91 3.60 52.42 18.87
C PHE M 91 4.36 51.34 19.66
N SER M 92 5.35 50.74 19.01
CA SER M 92 6.12 49.67 19.63
C SER M 92 7.04 50.26 20.69
N LYS M 93 7.67 51.39 20.40
CA LYS M 93 8.48 52.05 21.42
C LYS M 93 8.49 53.57 21.25
N LEU M 94 8.79 54.25 22.36
CA LEU M 94 9.00 55.69 22.33
C LEU M 94 10.27 56.02 21.57
N PRO M 95 10.32 57.19 20.92
CA PRO M 95 9.25 58.17 20.81
C PRO M 95 8.33 57.75 19.68
N TYR M 96 7.04 58.03 19.83
CA TYR M 96 6.06 57.63 18.84
C TYR M 96 6.24 58.47 17.58
N THR M 97 6.38 57.80 16.45
CA THR M 97 6.71 58.44 15.20
C THR M 97 5.61 58.12 14.19
N PHE M 98 5.32 59.07 13.32
CA PHE M 98 4.32 58.88 12.27
C PHE M 98 4.97 58.78 10.89
N GLY M 99 4.15 58.47 9.89
CA GLY M 99 4.60 58.47 8.51
C GLY M 99 4.51 59.88 7.93
N GLY M 100 5.12 60.05 6.77
CA GLY M 100 5.04 61.32 6.04
C GLY M 100 3.64 61.64 5.54
N GLY M 101 2.84 60.59 5.34
CA GLY M 101 1.47 60.75 4.89
C GLY M 101 1.37 60.47 3.40
N THR M 102 0.25 59.87 3.00
CA THR M 102 -0.03 59.66 1.59
C THR M 102 -1.37 60.31 1.23
N LYS M 103 -1.31 61.29 0.33
CA LYS M 103 -2.49 62.01 -0.17
C LYS M 103 -3.11 61.22 -1.30
N LEU M 104 -4.43 61.08 -1.26
CA LEU M 104 -5.16 60.31 -2.24
C LEU M 104 -5.95 61.26 -3.12
N GLU M 105 -5.65 61.25 -4.41
CA GLU M 105 -6.33 62.10 -5.38
C GLU M 105 -6.87 61.27 -6.54
N ILE M 106 -7.85 61.81 -7.26
CA ILE M 106 -8.63 61.04 -8.26
C ILE M 106 -8.16 61.29 -9.69
N LYS M 107 -7.82 60.21 -10.40
CA LYS M 107 -7.21 60.32 -11.73
C LYS M 107 -8.23 60.78 -12.76
N ARG M 108 -7.81 61.74 -13.58
CA ARG M 108 -8.56 62.13 -14.78
C ARG M 108 -7.59 62.15 -15.96
N ALA M 109 -8.11 62.36 -17.17
CA ALA M 109 -7.26 62.41 -18.37
C ALA M 109 -6.51 63.75 -18.45
N ASP M 110 -5.20 63.68 -18.23
CA ASP M 110 -4.36 64.88 -18.13
C ASP M 110 -4.67 65.97 -19.17
N ALA M 111 -4.94 67.18 -18.67
CA ALA M 111 -5.22 68.34 -19.52
C ALA M 111 -4.18 69.43 -19.26
N ALA M 112 -3.94 70.26 -20.28
CA ALA M 112 -2.91 71.30 -20.24
C ALA M 112 -3.44 72.56 -19.55
N PRO M 113 -2.53 73.44 -19.09
CA PRO M 113 -2.94 74.63 -18.33
C PRO M 113 -3.25 75.84 -19.22
N THR M 114 -4.30 76.57 -18.87
CA THR M 114 -4.62 77.84 -19.52
C THR M 114 -3.83 78.93 -18.81
N VAL M 115 -2.76 79.39 -19.46
CA VAL M 115 -1.82 80.31 -18.82
C VAL M 115 -2.20 81.75 -19.13
N SER M 116 -2.30 82.57 -18.08
CA SER M 116 -2.60 83.98 -18.22
C SER M 116 -1.52 84.78 -17.49
N ILE M 117 -1.03 85.84 -18.12
CA ILE M 117 -0.01 86.69 -17.49
C ILE M 117 -0.59 88.08 -17.27
N PHE M 118 -0.13 88.74 -16.21
CA PHE M 118 -0.64 90.05 -15.83
C PHE M 118 0.50 90.99 -15.42
N PRO M 119 0.50 92.23 -15.96
CA PRO M 119 1.47 93.20 -15.49
C PRO M 119 1.04 93.80 -14.15
N PRO M 120 1.98 94.38 -13.41
CA PRO M 120 1.64 95.00 -12.13
C PRO M 120 0.74 96.21 -12.35
N SER M 121 -0.32 96.32 -11.56
CA SER M 121 -1.33 97.35 -11.75
C SER M 121 -0.80 98.75 -11.42
N SER M 122 -1.45 99.76 -11.99
CA SER M 122 -1.09 101.16 -11.74
C SER M 122 -1.26 101.52 -10.26
N GLU M 123 -2.31 101.00 -9.63
CA GLU M 123 -2.56 101.22 -8.19
C GLU M 123 -1.36 100.83 -7.33
N GLN M 124 -0.66 99.76 -7.72
CA GLN M 124 0.50 99.26 -7.00
C GLN M 124 1.78 100.03 -7.33
N LEU M 125 1.91 100.45 -8.59
CA LEU M 125 3.07 101.25 -9.01
C LEU M 125 3.13 102.59 -8.25
N THR M 126 1.94 103.15 -7.97
CA THR M 126 1.81 104.32 -7.11
C THR M 126 2.35 104.04 -5.71
N SER M 127 1.99 102.87 -5.18
CA SER M 127 2.45 102.43 -3.87
C SER M 127 3.98 102.28 -3.79
N GLY M 128 4.63 101.98 -4.91
CA GLY M 128 6.08 101.82 -4.97
C GLY M 128 6.50 100.37 -4.91
N GLY M 129 5.76 99.51 -5.61
CA GLY M 129 6.06 98.08 -5.71
C GLY M 129 5.61 97.56 -7.06
N ALA M 130 6.00 96.34 -7.40
CA ALA M 130 5.67 95.76 -8.72
C ALA M 130 5.63 94.24 -8.69
N SER M 131 4.42 93.68 -8.71
CA SER M 131 4.23 92.22 -8.73
C SER M 131 3.69 91.76 -10.07
N VAL M 132 4.49 90.96 -10.79
CA VAL M 132 4.06 90.37 -12.04
C VAL M 132 3.45 89.01 -11.70
N VAL M 133 2.20 88.81 -12.08
CA VAL M 133 1.46 87.58 -11.73
C VAL M 133 1.24 86.71 -12.96
N CYS M 134 1.28 85.40 -12.76
CA CYS M 134 1.00 84.44 -13.82
C CYS M 134 0.12 83.33 -13.26
N PHE M 135 -1.09 83.21 -13.79
CA PHE M 135 -1.99 82.13 -13.42
C PHE M 135 -1.81 80.97 -14.39
N LEU M 136 -1.72 79.76 -13.84
CA LEU M 136 -1.70 78.53 -14.62
C LEU M 136 -2.85 77.69 -14.10
N ASN M 137 -3.95 77.66 -14.85
CA ASN M 137 -5.23 77.15 -14.34
C ASN M 137 -5.75 75.89 -15.01
N ASN M 138 -6.49 75.10 -14.22
CA ASN M 138 -7.18 73.90 -14.69
C ASN M 138 -6.33 72.94 -15.51
N PHE M 139 -5.40 72.26 -14.84
CA PHE M 139 -4.53 71.28 -15.48
C PHE M 139 -4.45 70.01 -14.66
N TYR M 140 -3.81 68.99 -15.25
CA TYR M 140 -3.55 67.71 -14.59
C TYR M 140 -2.41 67.01 -15.32
N PRO M 141 -1.47 66.39 -14.59
CA PRO M 141 -1.41 66.24 -13.13
C PRO M 141 -0.72 67.41 -12.44
N LYS M 142 -0.85 67.46 -11.11
CA LYS M 142 -0.19 68.44 -10.23
C LYS M 142 1.25 68.82 -10.63
N ASP M 143 1.97 67.85 -11.21
CA ASP M 143 3.37 68.04 -11.64
C ASP M 143 3.47 69.13 -12.71
N ILE M 144 3.94 70.31 -12.32
CA ILE M 144 4.11 71.43 -13.24
C ILE M 144 5.34 72.27 -12.85
N ASN M 145 5.93 72.96 -13.82
CA ASN M 145 7.16 73.72 -13.60
C ASN M 145 7.11 75.09 -14.27
N VAL M 146 7.67 76.11 -13.62
CA VAL M 146 7.57 77.50 -14.07
C VAL M 146 8.94 78.17 -14.22
N LYS M 147 9.14 78.89 -15.33
CA LYS M 147 10.33 79.72 -15.57
C LYS M 147 9.91 81.18 -15.74
N TRP M 148 10.50 82.08 -14.96
CA TRP M 148 10.31 83.53 -15.15
C TRP M 148 11.50 84.11 -15.91
N LYS M 149 11.24 84.84 -17.00
CA LYS M 149 12.30 85.41 -17.84
C LYS M 149 12.12 86.90 -18.10
N ILE M 150 13.03 87.70 -17.55
CA ILE M 150 13.05 89.14 -17.79
C ILE M 150 14.07 89.42 -18.89
N ASP M 151 13.61 90.06 -19.97
CA ASP M 151 14.44 90.33 -21.15
C ASP M 151 15.21 89.10 -21.62
N GLY M 152 14.51 87.96 -21.64
CA GLY M 152 15.07 86.72 -22.19
C GLY M 152 16.01 85.91 -21.31
N SER M 153 16.47 86.47 -20.19
CA SER M 153 17.34 85.74 -19.26
C SER M 153 16.61 85.49 -17.96
N GLU M 154 16.61 84.23 -17.50
CA GLU M 154 15.72 83.82 -16.42
C GLU M 154 16.08 84.40 -15.07
N ARG M 155 15.10 84.39 -14.17
CA ARG M 155 15.27 84.90 -12.82
C ARG M 155 14.47 84.04 -11.86
N GLN M 156 15.12 83.57 -10.80
CA GLN M 156 14.46 82.73 -9.79
C GLN M 156 14.49 83.42 -8.43
N ASN M 157 14.50 84.75 -8.44
CA ASN M 157 14.87 85.50 -7.24
C ASN M 157 13.67 85.87 -6.37
N GLY M 158 12.73 86.62 -6.92
CA GLY M 158 11.56 87.09 -6.17
C GLY M 158 10.30 86.30 -6.43
N VAL M 159 10.46 85.02 -6.79
CA VAL M 159 9.34 84.18 -7.20
C VAL M 159 8.65 83.54 -6.00
N LEU M 160 7.34 83.31 -6.12
CA LEU M 160 6.56 82.60 -5.11
C LEU M 160 5.42 81.84 -5.76
N ASN M 161 5.40 80.52 -5.60
CA ASN M 161 4.41 79.66 -6.24
C ASN M 161 3.46 79.02 -5.23
N SER M 162 2.16 79.18 -5.48
CA SER M 162 1.11 78.64 -4.61
C SER M 162 0.19 77.75 -5.42
N TRP M 163 0.09 76.47 -5.04
CA TRP M 163 -0.77 75.51 -5.74
C TRP M 163 -2.07 75.35 -4.98
N THR M 164 -3.14 75.01 -5.69
CA THR M 164 -4.43 74.74 -5.05
C THR M 164 -4.54 73.27 -4.70
N ASP M 165 -5.56 72.94 -3.91
CA ASP M 165 -5.99 71.56 -3.77
C ASP M 165 -6.62 71.12 -5.08
N GLN M 166 -6.79 69.82 -5.27
CA GLN M 166 -7.47 69.31 -6.47
C GLN M 166 -8.90 69.80 -6.45
N ASP M 167 -9.34 70.40 -7.55
CA ASP M 167 -10.68 70.98 -7.60
C ASP M 167 -11.70 69.87 -7.40
N SER M 168 -12.49 70.01 -6.34
CA SER M 168 -13.55 69.05 -6.02
C SER M 168 -14.52 68.87 -7.20
N LYS M 169 -14.76 69.96 -7.92
CA LYS M 169 -15.61 69.95 -9.09
C LYS M 169 -15.12 69.02 -10.20
N ASP M 170 -13.93 69.29 -10.74
CA ASP M 170 -13.47 68.66 -12.01
C ASP M 170 -12.07 68.01 -11.98
N SER M 171 -11.52 67.82 -10.79
CA SER M 171 -10.27 67.09 -10.61
C SER M 171 -9.07 67.70 -11.35
N THR M 172 -9.01 69.04 -11.36
CA THR M 172 -7.91 69.74 -12.00
C THR M 172 -7.23 70.68 -11.04
N TYR M 173 -5.90 70.69 -11.08
CA TYR M 173 -5.10 71.56 -10.25
C TYR M 173 -4.88 72.89 -10.93
N SER M 174 -4.59 73.92 -10.14
CA SER M 174 -4.33 75.27 -10.62
C SER M 174 -3.28 75.91 -9.73
N MET M 175 -2.37 76.69 -10.32
CA MET M 175 -1.32 77.34 -9.52
C MET M 175 -1.10 78.80 -9.91
N SER M 176 -0.42 79.51 -9.01
CA SER M 176 -0.26 80.96 -9.07
C SER M 176 1.20 81.33 -8.86
N SER M 177 1.81 81.98 -9.84
CA SER M 177 3.23 82.38 -9.74
C SER M 177 3.38 83.90 -9.64
N THR M 178 3.83 84.36 -8.48
CA THR M 178 3.98 85.80 -8.20
C THR M 178 5.46 86.21 -8.22
N LEU M 179 5.81 87.12 -9.13
CA LEU M 179 7.17 87.67 -9.21
C LEU M 179 7.20 89.05 -8.56
N THR M 180 7.61 89.10 -7.29
CA THR M 180 7.69 90.36 -6.55
C THR M 180 9.00 91.09 -6.88
N LEU M 181 8.89 92.35 -7.28
CA LEU M 181 10.04 93.16 -7.70
C LEU M 181 9.99 94.58 -7.17
N THR M 182 11.17 95.09 -6.80
CA THR M 182 11.34 96.52 -6.53
C THR M 182 10.91 97.30 -7.77
N LYS M 183 10.12 98.36 -7.55
CA LYS M 183 9.43 99.05 -8.66
C LYS M 183 10.40 99.81 -9.59
N ASP M 184 11.57 100.18 -9.07
CA ASP M 184 12.60 100.83 -9.88
C ASP M 184 13.30 99.87 -10.84
N GLU M 185 13.70 98.69 -10.33
CA GLU M 185 14.36 97.68 -11.16
C GLU M 185 13.37 96.92 -12.05
N TYR M 186 12.07 97.07 -11.76
CA TYR M 186 11.02 96.65 -12.70
C TYR M 186 11.08 97.50 -13.96
N GLU M 187 11.30 98.80 -13.79
CA GLU M 187 11.36 99.73 -14.92
C GLU M 187 12.72 99.75 -15.64
N ARG M 188 13.72 99.08 -15.07
CA ARG M 188 15.02 98.90 -15.74
C ARG M 188 14.99 97.83 -16.82
N HIS M 189 13.87 97.11 -16.96
CA HIS M 189 13.73 96.07 -17.98
C HIS M 189 12.35 96.19 -18.66
N ASN M 190 12.20 95.56 -19.83
CA ASN M 190 10.98 95.71 -20.63
C ASN M 190 10.18 94.43 -20.88
N SER M 191 10.86 93.35 -21.25
CA SER M 191 10.21 92.06 -21.58
C SER M 191 9.99 91.19 -20.34
N TYR M 192 8.74 90.82 -20.08
CA TYR M 192 8.40 89.93 -18.96
C TYR M 192 7.67 88.68 -19.46
N THR M 193 8.30 87.53 -19.25
CA THR M 193 7.83 86.27 -19.79
C THR M 193 7.65 85.26 -18.66
N CYS M 194 6.66 84.39 -18.82
CA CYS M 194 6.35 83.35 -17.85
C CYS M 194 6.13 82.01 -18.57
N GLU M 195 7.18 81.18 -18.59
CA GLU M 195 7.12 79.86 -19.23
C GLU M 195 6.59 78.80 -18.28
N ALA M 196 6.05 77.72 -18.84
CA ALA M 196 5.46 76.65 -18.05
C ALA M 196 5.64 75.29 -18.72
N THR M 197 6.52 74.46 -18.17
CA THR M 197 6.71 73.09 -18.65
C THR M 197 5.68 72.18 -17.99
N HIS M 198 5.06 71.33 -18.79
CA HIS M 198 4.05 70.40 -18.30
C HIS M 198 4.09 69.11 -19.13
N LYS M 199 3.57 68.03 -18.56
CA LYS M 199 3.52 66.74 -19.23
C LYS M 199 2.84 66.78 -20.60
N THR M 200 1.85 67.66 -20.77
CA THR M 200 0.97 67.65 -21.94
C THR M 200 1.60 68.07 -23.27
N SER M 201 2.77 68.70 -23.24
CA SER M 201 3.53 68.95 -24.48
C SER M 201 5.02 69.04 -24.21
N THR M 202 5.82 68.79 -25.25
CA THR M 202 7.27 68.71 -25.12
C THR M 202 7.90 70.06 -24.83
N SER M 203 7.77 70.99 -25.77
CA SER M 203 8.26 72.35 -25.57
C SER M 203 7.20 73.14 -24.77
N PRO M 204 7.66 74.12 -23.96
CA PRO M 204 6.79 74.76 -22.95
C PRO M 204 5.77 75.72 -23.52
N ILE M 205 4.76 76.06 -22.71
CA ILE M 205 3.76 77.08 -23.06
C ILE M 205 4.19 78.42 -22.45
N VAL M 206 4.23 79.46 -23.29
CA VAL M 206 4.82 80.74 -22.93
C VAL M 206 3.79 81.86 -23.07
N LYS M 207 3.64 82.65 -22.03
CA LYS M 207 2.85 83.89 -22.08
C LYS M 207 3.73 85.05 -21.65
N SER M 208 3.58 86.17 -22.35
CA SER M 208 4.49 87.30 -22.15
C SER M 208 3.83 88.65 -22.45
N PHE M 209 4.48 89.71 -21.99
CA PHE M 209 4.08 91.08 -22.31
C PHE M 209 5.28 92.00 -22.26
N ASN M 210 5.18 93.11 -22.98
CA ASN M 210 6.20 94.17 -22.96
C ASN M 210 5.66 95.47 -22.38
N ARG M 211 6.56 96.36 -22.03
CA ARG M 211 6.20 97.67 -21.48
C ARG M 211 6.39 98.71 -22.57
N ASN M 212 5.32 99.44 -22.91
CA ASN M 212 5.35 100.41 -24.00
C ASN M 212 4.24 101.47 -23.91
N GLU N 1 -21.06 59.25 21.66
CA GLU N 1 -19.72 59.62 21.11
C GLU N 1 -18.69 59.85 22.22
N VAL N 2 -17.46 59.43 21.96
CA VAL N 2 -16.30 59.94 22.66
C VAL N 2 -15.96 61.27 21.98
N LYS N 3 -15.84 62.33 22.76
CA LYS N 3 -15.59 63.66 22.18
C LYS N 3 -14.43 64.35 22.87
N LEU N 4 -13.65 65.09 22.08
CA LEU N 4 -12.51 65.83 22.58
C LEU N 4 -12.49 67.27 22.05
N VAL N 5 -13.05 68.18 22.84
CA VAL N 5 -13.01 69.60 22.52
C VAL N 5 -11.67 70.16 23.01
N GLU N 6 -11.13 71.12 22.28
CA GLU N 6 -9.83 71.69 22.56
C GLU N 6 -9.92 73.20 22.51
N SER N 7 -9.04 73.89 23.22
CA SER N 7 -9.14 75.35 23.32
C SER N 7 -7.86 75.99 23.84
N GLY N 8 -7.84 77.32 23.82
CA GLY N 8 -6.69 78.08 24.30
C GLY N 8 -5.70 78.42 23.21
N GLY N 9 -5.92 77.90 22.01
CA GLY N 9 -5.03 78.14 20.90
C GLY N 9 -5.16 79.55 20.39
N GLY N 10 -4.05 80.13 19.98
CA GLY N 10 -4.06 81.48 19.47
C GLY N 10 -2.72 81.91 18.95
N LEU N 11 -2.57 83.22 18.77
CA LEU N 11 -1.33 83.80 18.32
C LEU N 11 -0.48 84.13 19.54
N VAL N 12 0.81 83.77 19.50
CA VAL N 12 1.74 84.16 20.55
C VAL N 12 3.07 84.62 19.96
N LYS N 13 3.69 85.56 20.67
CA LYS N 13 4.98 86.11 20.28
C LYS N 13 6.07 85.10 20.65
N PRO N 14 7.11 84.97 19.80
CA PRO N 14 8.26 84.11 20.09
C PRO N 14 8.82 84.28 21.51
N GLY N 15 9.24 83.18 22.13
CA GLY N 15 9.69 83.18 23.52
C GLY N 15 8.58 83.42 24.53
N GLY N 16 7.33 83.15 24.13
CA GLY N 16 6.17 83.42 24.98
C GLY N 16 5.66 82.17 25.68
N SER N 17 4.41 82.23 26.13
CA SER N 17 3.76 81.13 26.83
C SER N 17 2.31 80.99 26.39
N LEU N 18 1.76 79.79 26.57
CA LEU N 18 0.36 79.52 26.26
C LEU N 18 -0.05 78.18 26.87
N LYS N 19 -1.30 78.09 27.31
CA LYS N 19 -1.81 76.86 27.91
C LYS N 19 -2.99 76.35 27.12
N LEU N 20 -2.81 75.20 26.46
CA LEU N 20 -3.87 74.56 25.71
C LEU N 20 -4.71 73.72 26.64
N SER N 21 -5.99 73.61 26.33
CA SER N 21 -6.90 72.79 27.10
C SER N 21 -7.60 71.80 26.17
N CYS N 22 -8.00 70.66 26.73
CA CYS N 22 -8.71 69.63 26.00
C CYS N 22 -9.77 69.02 26.91
N ALA N 23 -11.04 69.34 26.64
CA ALA N 23 -12.16 68.84 27.43
C ALA N 23 -12.60 67.47 26.93
N ALA N 24 -12.70 66.51 27.83
CA ALA N 24 -13.04 65.14 27.48
C ALA N 24 -14.48 64.82 27.84
N SER N 25 -15.10 63.95 27.05
CA SER N 25 -16.50 63.58 27.26
C SER N 25 -16.85 62.27 26.54
N GLY N 26 -17.48 61.35 27.27
CA GLY N 26 -17.92 60.07 26.69
C GLY N 26 -17.14 58.85 27.16
N PHE N 27 -16.34 58.98 28.22
CA PHE N 27 -15.56 57.86 28.76
C PHE N 27 -14.99 58.14 30.15
N ALA N 28 -14.49 57.10 30.79
CA ALA N 28 -13.87 57.21 32.12
C ALA N 28 -12.49 57.86 32.04
N PHE N 29 -12.48 59.17 31.86
CA PHE N 29 -11.26 59.93 31.61
C PHE N 29 -10.09 59.58 32.53
N SER N 30 -10.36 59.33 33.81
CA SER N 30 -9.31 59.05 34.77
C SER N 30 -8.56 57.75 34.47
N ARG N 31 -9.23 56.78 33.87
CA ARG N 31 -8.63 55.48 33.56
C ARG N 31 -8.21 55.39 32.08
N TYR N 32 -7.65 56.47 31.54
CA TYR N 32 -7.18 56.49 30.13
C TYR N 32 -5.92 57.32 29.96
N ASP N 33 -4.93 56.76 29.26
CA ASP N 33 -3.72 57.50 28.93
C ASP N 33 -4.07 58.53 27.87
N MET N 34 -3.57 59.76 28.05
CA MET N 34 -3.88 60.87 27.15
C MET N 34 -2.62 61.51 26.56
N SER N 35 -2.75 62.00 25.34
CA SER N 35 -1.60 62.48 24.58
C SER N 35 -1.90 63.73 23.74
N TRP N 36 -0.84 64.40 23.31
CA TRP N 36 -0.93 65.57 22.43
C TRP N 36 -0.12 65.32 21.17
N VAL N 37 -0.72 65.63 20.02
CA VAL N 37 -0.05 65.51 18.73
C VAL N 37 -0.27 66.79 17.95
N ARG N 38 0.70 67.17 17.14
CA ARG N 38 0.60 68.39 16.36
C ARG N 38 0.90 68.18 14.89
N GLN N 39 0.22 68.97 14.06
CA GLN N 39 0.36 68.90 12.62
C GLN N 39 1.03 70.19 12.15
N THR N 40 2.24 70.07 11.61
CA THR N 40 2.99 71.24 11.16
C THR N 40 2.26 71.89 9.97
N PRO N 41 2.55 73.18 9.69
CA PRO N 41 1.97 73.76 8.48
C PRO N 41 2.47 73.01 7.25
N GLU N 42 3.77 72.72 7.25
CA GLU N 42 4.42 71.82 6.30
C GLU N 42 3.53 70.61 5.96
N LYS N 43 2.92 70.03 7.00
CA LYS N 43 1.72 69.15 6.94
C LYS N 43 1.86 67.92 7.85
N ARG N 44 2.98 67.20 7.73
CA ARG N 44 3.43 66.16 8.69
C ARG N 44 2.85 66.17 10.12
N LEU N 45 2.77 64.98 10.71
CA LEU N 45 2.31 64.80 12.09
C LEU N 45 3.49 64.61 13.03
N GLU N 46 3.32 64.97 14.30
CA GLU N 46 4.42 64.97 15.27
C GLU N 46 3.92 64.71 16.68
N TRP N 47 4.41 63.64 17.30
CA TRP N 47 4.03 63.34 18.69
C TRP N 47 4.63 64.39 19.60
N VAL N 48 3.86 64.81 20.60
CA VAL N 48 4.27 65.90 21.49
C VAL N 48 4.38 65.50 22.95
N ALA N 49 3.38 64.77 23.45
CA ALA N 49 3.35 64.41 24.88
C ALA N 49 2.39 63.25 25.18
N THR N 50 2.65 62.53 26.27
CA THR N 50 1.74 61.51 26.78
C THR N 50 1.79 61.51 28.29
N ILE N 51 0.70 61.11 28.92
CA ILE N 51 0.62 61.03 30.38
C ILE N 51 -0.10 59.75 30.85
N THR N 52 0.52 59.04 31.79
CA THR N 52 -0.03 57.80 32.31
C THR N 52 -1.27 58.08 33.14
N SER N 53 -2.29 57.24 32.97
CA SER N 53 -3.58 57.42 33.62
C SER N 53 -3.55 56.96 35.07
N GLY N 54 -2.63 56.07 35.42
CA GLY N 54 -2.31 55.81 36.82
C GLY N 54 -1.57 57.01 37.40
N ASP N 55 -2.18 58.18 37.26
CA ASP N 55 -1.56 59.53 37.47
C ASP N 55 -0.10 59.72 37.00
N ASN N 56 0.65 58.62 36.91
CA ASN N 56 2.11 58.63 37.02
C ASN N 56 2.84 59.67 36.17
N TYR N 57 3.40 59.23 35.05
CA TYR N 57 4.51 59.94 34.43
C TYR N 57 4.05 60.81 33.28
N THR N 58 5.01 61.53 32.71
CA THR N 58 4.82 62.22 31.47
C THR N 58 6.01 61.88 30.57
N TYR N 59 5.75 61.77 29.28
CA TYR N 59 6.77 61.44 28.29
C TYR N 59 6.71 62.46 27.16
N TYR N 60 7.85 63.10 26.86
CA TYR N 60 7.95 64.05 25.74
C TYR N 60 9.08 63.63 24.79
N PRO N 61 9.02 64.07 23.53
CA PRO N 61 10.15 63.84 22.63
C PRO N 61 11.23 64.89 22.83
N ASP N 62 12.38 64.70 22.20
CA ASP N 62 13.52 65.58 22.40
C ASP N 62 13.22 67.03 21.97
N SER N 63 12.48 67.17 20.88
CA SER N 63 12.22 68.49 20.30
C SER N 63 11.49 69.47 21.23
N VAL N 64 10.85 68.99 22.32
CA VAL N 64 10.12 69.89 23.21
C VAL N 64 10.27 69.61 24.71
N LYS N 65 11.29 68.85 25.12
CA LYS N 65 11.45 68.51 26.54
C LYS N 65 11.71 69.78 27.35
N GLY N 66 11.13 69.83 28.54
CA GLY N 66 11.37 70.94 29.46
C GLY N 66 10.60 72.21 29.11
N ARG N 67 10.35 72.44 27.82
CA ARG N 67 9.58 73.59 27.37
C ARG N 67 8.09 73.33 27.55
N PHE N 68 7.67 72.12 27.20
CA PHE N 68 6.27 71.72 27.27
C PHE N 68 6.03 70.90 28.54
N THR N 69 4.82 71.02 29.08
CA THR N 69 4.46 70.36 30.33
C THR N 69 3.01 69.87 30.28
N ILE N 70 2.83 68.60 29.95
CA ILE N 70 1.52 67.99 29.93
C ILE N 70 1.02 67.80 31.36
N SER N 71 -0.30 67.85 31.55
CA SER N 71 -0.91 67.65 32.86
C SER N 71 -2.41 67.45 32.74
N ARG N 72 -2.98 66.73 33.69
CA ARG N 72 -4.41 66.40 33.66
C ARG N 72 -5.13 66.96 34.88
N ASP N 73 -6.46 66.91 34.83
CA ASP N 73 -7.30 67.15 35.99
C ASP N 73 -8.53 66.27 35.87
N ASN N 74 -8.46 65.09 36.48
CA ASN N 74 -9.52 64.08 36.37
C ASN N 74 -10.85 64.56 36.94
N ALA N 75 -10.80 65.48 37.89
CA ALA N 75 -11.99 66.13 38.43
C ALA N 75 -12.75 66.85 37.32
N ARG N 76 -12.03 67.65 36.55
CA ARG N 76 -12.64 68.49 35.50
C ARG N 76 -12.87 67.74 34.19
N ASN N 77 -12.22 66.59 34.02
CA ASN N 77 -12.15 65.89 32.72
C ASN N 77 -11.46 66.77 31.69
N THR N 78 -10.29 67.28 32.04
CA THR N 78 -9.57 68.21 31.20
C THR N 78 -8.07 67.92 31.19
N LEU N 79 -7.48 68.05 30.01
CA LEU N 79 -6.07 67.80 29.78
C LEU N 79 -5.42 69.10 29.34
N TYR N 80 -4.35 69.49 30.01
CA TYR N 80 -3.64 70.72 29.69
C TYR N 80 -2.29 70.41 29.06
N LEU N 81 -1.89 71.23 28.10
CA LEU N 81 -0.52 71.25 27.61
C LEU N 81 0.07 72.65 27.84
N GLN N 82 0.93 72.74 28.85
CA GLN N 82 1.54 74.02 29.23
C GLN N 82 2.78 74.26 28.38
N MET N 83 2.65 75.12 27.39
CA MET N 83 3.76 75.48 26.51
C MET N 83 4.44 76.73 27.04
N SER N 84 5.76 76.82 26.86
CA SER N 84 6.52 78.03 27.19
C SER N 84 7.85 78.03 26.43
N ARG N 85 8.42 79.22 26.27
CA ARG N 85 9.59 79.43 25.42
C ARG N 85 9.30 78.92 24.00
N LEU N 86 8.18 79.38 23.43
CA LEU N 86 7.74 78.97 22.10
C LEU N 86 8.74 79.36 21.03
N ARG N 87 8.59 78.77 19.85
CA ARG N 87 9.50 79.05 18.73
C ARG N 87 8.76 79.18 17.42
N SER N 88 9.52 79.43 16.36
CA SER N 88 9.02 79.38 14.99
C SER N 88 8.49 77.99 14.65
N GLU N 89 9.24 76.96 15.05
CA GLU N 89 8.91 75.58 14.69
C GLU N 89 7.60 75.12 15.30
N ASP N 90 7.33 75.58 16.52
CA ASP N 90 6.14 75.16 17.27
C ASP N 90 4.83 75.64 16.66
N THR N 91 4.91 76.51 15.65
CA THR N 91 3.74 76.88 14.86
C THR N 91 3.15 75.61 14.26
N ALA N 92 1.94 75.26 14.69
CA ALA N 92 1.28 74.04 14.20
C ALA N 92 -0.15 73.95 14.71
N LEU N 93 -0.87 72.94 14.21
CA LEU N 93 -2.21 72.62 14.69
C LEU N 93 -2.07 71.52 15.73
N TYR N 94 -2.54 71.77 16.95
CA TYR N 94 -2.33 70.86 18.08
C TYR N 94 -3.59 70.06 18.43
N TYR N 95 -3.54 68.75 18.18
CA TYR N 95 -4.62 67.83 18.56
C TYR N 95 -4.33 67.17 19.90
N CYS N 96 -5.34 67.07 20.76
CA CYS N 96 -5.26 66.19 21.94
C CYS N 96 -5.87 64.87 21.51
N THR N 97 -5.36 63.78 22.09
CA THR N 97 -5.76 62.43 21.66
C THR N 97 -5.88 61.47 22.82
N ARG N 98 -6.54 60.35 22.57
CA ARG N 98 -6.71 59.31 23.58
C ARG N 98 -5.98 58.04 23.14
N GLN N 99 -4.96 57.67 23.90
CA GLN N 99 -4.31 56.38 23.77
C GLN N 99 -5.22 55.37 24.43
N GLY N 100 -4.79 54.11 24.47
CA GLY N 100 -5.14 53.27 25.61
C GLY N 100 -5.70 51.90 25.37
N LEU N 101 -6.01 51.26 26.51
CA LEU N 101 -6.77 50.03 26.58
C LEU N 101 -5.99 48.86 26.03
N LEU N 102 -6.46 48.23 24.95
CA LEU N 102 -5.85 47.01 24.48
C LEU N 102 -4.57 47.22 23.70
N TYR N 103 -4.55 48.18 22.78
CA TYR N 103 -3.44 48.23 21.82
C TYR N 103 -2.64 49.54 21.70
N TYR N 104 -3.00 50.58 22.45
CA TYR N 104 -2.15 51.78 22.56
C TYR N 104 -1.83 52.52 21.26
N ALA N 105 -2.85 52.77 20.47
CA ALA N 105 -2.74 53.75 19.41
C ALA N 105 -3.66 54.87 19.82
N MET N 106 -3.59 55.98 19.10
CA MET N 106 -4.47 57.08 19.39
C MET N 106 -5.80 56.80 18.69
N ASP N 107 -6.81 56.38 19.45
CA ASP N 107 -8.09 55.96 18.85
C ASP N 107 -9.07 57.12 18.60
N TYR N 108 -8.97 58.16 19.42
CA TYR N 108 -9.81 59.34 19.28
C TYR N 108 -9.00 60.63 19.35
N TRP N 109 -9.27 61.52 18.41
CA TRP N 109 -8.59 62.80 18.27
C TRP N 109 -9.63 63.91 18.28
N GLY N 110 -9.26 65.07 18.81
CA GLY N 110 -10.17 66.21 18.83
C GLY N 110 -10.24 66.93 17.49
N GLN N 111 -11.02 68.01 17.44
CA GLN N 111 -11.13 68.85 16.25
C GLN N 111 -9.76 69.43 15.89
N GLY N 112 -9.09 69.98 16.91
CA GLY N 112 -7.75 70.54 16.75
C GLY N 112 -7.80 72.03 17.00
N THR N 113 -7.09 72.50 18.02
CA THR N 113 -6.94 73.94 18.27
C THR N 113 -5.60 74.41 17.69
N SER N 114 -5.63 75.56 17.03
CA SER N 114 -4.51 76.01 16.23
C SER N 114 -3.59 76.93 17.02
N VAL N 115 -2.30 76.85 16.71
CA VAL N 115 -1.29 77.69 17.34
C VAL N 115 -0.39 78.30 16.26
N ASN N 116 -0.81 79.45 15.76
CA ASN N 116 0.02 80.32 14.92
C ASN N 116 1.00 81.05 15.86
N VAL N 117 2.30 81.07 15.52
CA VAL N 117 3.32 81.69 16.40
C VAL N 117 4.29 82.58 15.63
N SER N 118 4.10 83.89 15.74
CA SER N 118 4.89 84.87 15.01
C SER N 118 4.93 86.21 15.73
N SER N 119 5.83 87.08 15.30
CA SER N 119 5.99 88.40 15.89
C SER N 119 5.15 89.51 15.23
N ALA N 120 4.47 89.23 14.12
CA ALA N 120 3.74 90.28 13.35
C ALA N 120 2.42 90.77 14.00
N LYS N 121 2.14 92.07 13.86
CA LYS N 121 0.88 92.68 14.32
C LYS N 121 -0.17 92.75 13.21
N THR N 122 -1.45 92.83 13.58
CA THR N 122 -2.56 92.81 12.60
C THR N 122 -2.42 93.90 11.56
N THR N 123 -2.65 93.56 10.30
CA THR N 123 -2.50 94.50 9.19
C THR N 123 -3.56 94.20 8.14
N PRO N 124 -4.36 95.22 7.75
CA PRO N 124 -5.29 95.00 6.63
C PRO N 124 -4.58 94.83 5.28
N PRO N 125 -5.30 94.28 4.29
CA PRO N 125 -4.69 93.93 3.01
C PRO N 125 -4.69 95.07 1.99
N SER N 126 -3.58 95.23 1.28
CA SER N 126 -3.58 95.97 0.03
C SER N 126 -4.25 95.06 -1.00
N VAL N 127 -5.07 95.63 -1.87
CA VAL N 127 -5.74 94.86 -2.92
C VAL N 127 -5.45 95.53 -4.25
N TYR N 128 -4.90 94.78 -5.20
CA TYR N 128 -4.58 95.31 -6.52
C TYR N 128 -5.33 94.48 -7.56
N PRO N 129 -5.99 95.15 -8.54
CA PRO N 129 -6.73 94.43 -9.56
C PRO N 129 -5.80 93.85 -10.63
N LEU N 130 -6.16 92.69 -11.16
CA LEU N 130 -5.39 92.05 -12.21
C LEU N 130 -6.20 91.97 -13.48
N ALA N 131 -5.79 92.76 -14.47
CA ALA N 131 -6.43 92.79 -15.79
C ALA N 131 -5.38 92.77 -16.89
N PRO N 132 -5.74 92.25 -18.07
CA PRO N 132 -4.77 92.10 -19.15
C PRO N 132 -4.43 93.46 -19.76
N GLY N 133 -3.13 93.81 -19.77
CA GLY N 133 -2.66 95.13 -20.18
C GLY N 133 -2.06 95.19 -21.59
N CYS N 134 -2.51 96.18 -22.36
CA CYS N 134 -1.90 96.52 -23.66
C CYS N 134 -1.90 95.39 -24.70
N GLY N 135 -0.78 94.68 -24.86
CA GLY N 135 -0.54 93.78 -26.00
C GLY N 135 -1.57 92.72 -26.32
N ASP N 136 -1.68 91.76 -25.40
CA ASP N 136 -2.18 90.40 -25.70
C ASP N 136 -3.70 90.15 -25.60
N THR N 137 -4.43 90.72 -26.56
CA THR N 137 -5.88 90.78 -26.59
C THR N 137 -6.48 89.55 -27.27
N THR N 138 -7.79 89.48 -27.16
CA THR N 138 -8.63 88.53 -27.88
C THR N 138 -8.66 87.04 -27.31
N GLY N 139 -9.47 86.24 -27.98
CA GLY N 139 -9.82 84.88 -27.52
C GLY N 139 -11.22 84.84 -26.94
N SER N 140 -11.76 83.65 -26.74
CA SER N 140 -13.16 83.48 -26.53
C SER N 140 -13.55 83.42 -25.04
N SER N 141 -12.59 83.18 -24.16
CA SER N 141 -12.74 83.39 -22.71
C SER N 141 -11.66 84.35 -22.27
N VAL N 142 -11.86 84.98 -21.11
CA VAL N 142 -10.86 85.88 -20.53
C VAL N 142 -10.75 85.67 -19.02
N THR N 143 -9.52 85.62 -18.52
CA THR N 143 -9.25 85.40 -17.11
C THR N 143 -8.74 86.67 -16.47
N LEU N 144 -9.25 86.96 -15.27
CA LEU N 144 -8.90 88.16 -14.52
C LEU N 144 -8.58 87.75 -13.10
N GLY N 145 -8.26 88.71 -12.23
CA GLY N 145 -8.00 88.39 -10.83
C GLY N 145 -7.78 89.55 -9.89
N CYS N 146 -7.43 89.22 -8.65
CA CYS N 146 -7.16 90.21 -7.61
C CYS N 146 -5.97 89.79 -6.75
N LEU N 147 -4.91 90.59 -6.76
CA LEU N 147 -3.76 90.35 -5.89
C LEU N 147 -3.98 90.97 -4.53
N VAL N 148 -3.79 90.19 -3.47
CA VAL N 148 -4.00 90.66 -2.09
C VAL N 148 -2.68 90.59 -1.31
N LYS N 149 -1.98 91.72 -1.22
CA LYS N 149 -0.64 91.78 -0.64
C LYS N 149 -0.67 92.29 0.80
N GLY N 150 0.39 91.98 1.54
CA GLY N 150 0.69 92.61 2.83
C GLY N 150 -0.39 92.61 3.91
N TYR N 151 -0.82 91.42 4.34
CA TYR N 151 -1.84 91.31 5.39
C TYR N 151 -1.48 90.27 6.44
N PHE N 152 -2.17 90.34 7.57
CA PHE N 152 -1.96 89.46 8.72
C PHE N 152 -3.08 89.70 9.73
N PRO N 153 -3.57 88.63 10.38
CA PRO N 153 -3.28 87.22 10.20
C PRO N 153 -4.02 86.61 9.01
N GLU N 154 -3.47 85.52 8.49
CA GLU N 154 -4.09 84.80 7.39
C GLU N 154 -5.54 84.43 7.79
N SER N 155 -6.48 84.74 6.91
CA SER N 155 -7.92 84.54 7.15
C SER N 155 -8.78 85.19 6.05
N VAL N 156 -8.13 85.87 5.10
CA VAL N 156 -8.82 86.59 4.03
C VAL N 156 -9.71 85.66 3.18
N THR N 157 -10.86 86.17 2.74
CA THR N 157 -11.84 85.38 1.98
C THR N 157 -12.39 86.14 0.76
N VAL N 158 -11.67 86.03 -0.36
CA VAL N 158 -11.99 86.73 -1.61
C VAL N 158 -13.19 86.09 -2.36
N THR N 159 -14.26 86.86 -2.56
CA THR N 159 -15.45 86.42 -3.32
C THR N 159 -15.71 87.34 -4.53
N TRP N 160 -16.31 86.80 -5.58
CA TRP N 160 -16.50 87.54 -6.84
C TRP N 160 -17.97 87.85 -7.15
N ASN N 161 -18.27 89.13 -7.41
CA ASN N 161 -19.62 89.60 -7.78
C ASN N 161 -20.73 89.13 -6.82
N SER N 162 -20.41 89.07 -5.52
CA SER N 162 -21.26 88.41 -4.54
C SER N 162 -21.52 86.96 -4.98
N GLY N 163 -20.44 86.23 -5.23
CA GLY N 163 -20.49 84.84 -5.69
C GLY N 163 -21.40 84.56 -6.88
N SER N 164 -21.48 85.50 -7.82
CA SER N 164 -22.29 85.33 -9.02
C SER N 164 -21.53 84.46 -10.03
N LEU N 165 -20.37 84.96 -10.48
CA LEU N 165 -19.43 84.16 -11.26
C LEU N 165 -18.49 83.45 -10.27
N SER N 166 -19.01 82.42 -9.61
CA SER N 166 -18.26 81.64 -8.61
C SER N 166 -17.68 80.33 -9.17
N SER N 167 -18.32 79.78 -10.19
CA SER N 167 -17.72 78.72 -11.00
C SER N 167 -16.73 79.37 -11.96
N SER N 168 -15.63 78.68 -12.23
CA SER N 168 -14.50 79.24 -12.98
C SER N 168 -13.72 80.24 -12.14
N VAL N 169 -13.53 79.92 -10.86
CA VAL N 169 -12.77 80.75 -9.92
C VAL N 169 -11.72 79.89 -9.21
N HIS N 170 -10.54 80.45 -8.99
CA HIS N 170 -9.46 79.76 -8.29
C HIS N 170 -8.82 80.70 -7.27
N THR N 171 -9.09 80.46 -5.99
CA THR N 171 -8.41 81.18 -4.92
C THR N 171 -7.23 80.35 -4.46
N PHE N 172 -6.05 80.97 -4.40
CA PHE N 172 -4.82 80.25 -4.12
C PHE N 172 -4.44 80.38 -2.64
N PRO N 173 -3.80 79.34 -2.07
CA PRO N 173 -3.35 79.44 -0.69
C PRO N 173 -2.35 80.58 -0.49
N ALA N 174 -2.45 81.22 0.67
CA ALA N 174 -1.60 82.36 0.97
C ALA N 174 -0.21 81.90 1.37
N LEU N 175 0.80 82.35 0.62
CA LEU N 175 2.18 82.20 1.04
C LEU N 175 2.57 83.37 1.95
N LEU N 176 3.59 83.16 2.77
CA LEU N 176 4.06 84.17 3.70
C LEU N 176 5.37 84.74 3.19
N GLN N 177 5.36 86.00 2.74
CA GLN N 177 6.58 86.67 2.29
C GLN N 177 6.85 87.95 3.10
N SER N 178 8.09 88.06 3.59
CA SER N 178 8.53 89.24 4.31
C SER N 178 7.65 89.53 5.54
N GLY N 179 7.34 88.49 6.31
CA GLY N 179 6.58 88.63 7.54
C GLY N 179 5.07 88.86 7.39
N LEU N 180 4.61 89.07 6.15
CA LEU N 180 3.19 89.33 5.89
C LEU N 180 2.66 88.42 4.79
N TYR N 181 1.35 88.14 4.83
CA TYR N 181 0.74 87.18 3.90
C TYR N 181 0.42 87.80 2.55
N THR N 182 0.45 86.95 1.53
CA THR N 182 0.16 87.32 0.15
C THR N 182 -0.63 86.19 -0.49
N MET N 183 -1.76 86.51 -1.09
CA MET N 183 -2.53 85.52 -1.84
C MET N 183 -3.11 86.18 -3.07
N SER N 184 -3.63 85.37 -3.98
CA SER N 184 -4.29 85.89 -5.17
C SER N 184 -5.53 85.06 -5.46
N SER N 185 -6.34 85.56 -6.38
CA SER N 185 -7.57 84.88 -6.79
C SER N 185 -7.82 85.19 -8.25
N SER N 186 -8.07 84.15 -9.05
CA SER N 186 -8.36 84.33 -10.47
C SER N 186 -9.81 83.93 -10.74
N VAL N 187 -10.34 84.47 -11.83
CA VAL N 187 -11.72 84.20 -12.24
C VAL N 187 -11.81 84.27 -13.76
N THR N 188 -12.54 83.32 -14.34
CA THR N 188 -12.65 83.22 -15.79
C THR N 188 -14.11 83.37 -16.20
N VAL N 189 -14.33 84.16 -17.25
CA VAL N 189 -15.66 84.41 -17.80
C VAL N 189 -15.60 84.44 -19.34
N PRO N 190 -16.77 84.27 -19.99
CA PRO N 190 -16.82 84.47 -21.44
C PRO N 190 -16.28 85.83 -21.86
N SER N 191 -15.43 85.85 -22.89
CA SER N 191 -14.73 87.06 -23.33
C SER N 191 -15.69 88.21 -23.65
N SER N 192 -16.77 87.89 -24.35
CA SER N 192 -17.78 88.87 -24.73
C SER N 192 -18.31 89.65 -23.52
N THR N 193 -18.72 88.91 -22.50
CA THR N 193 -19.48 89.48 -21.39
C THR N 193 -18.68 90.22 -20.32
N TRP N 194 -17.35 90.35 -20.46
CA TRP N 194 -16.59 91.11 -19.46
C TRP N 194 -16.66 92.62 -19.63
N PRO N 195 -15.97 93.19 -20.64
CA PRO N 195 -15.81 94.65 -20.66
C PRO N 195 -17.12 95.41 -20.43
N SER N 196 -18.23 94.84 -20.88
CA SER N 196 -19.57 95.39 -20.67
C SER N 196 -20.13 95.17 -19.25
N GLN N 197 -19.99 93.95 -18.73
CA GLN N 197 -20.57 93.60 -17.43
C GLN N 197 -19.69 94.09 -16.27
N THR N 198 -20.33 94.37 -15.13
CA THR N 198 -19.61 94.73 -13.91
C THR N 198 -18.95 93.49 -13.31
N VAL N 199 -17.65 93.59 -13.00
CA VAL N 199 -16.90 92.48 -12.40
C VAL N 199 -16.07 92.97 -11.20
N THR N 200 -16.56 92.63 -10.00
CA THR N 200 -15.99 93.14 -8.75
C THR N 200 -15.51 92.00 -7.87
N CYS N 201 -14.28 92.13 -7.37
CA CYS N 201 -13.73 91.19 -6.39
C CYS N 201 -13.85 91.81 -5.00
N SER N 202 -14.41 91.06 -4.05
CA SER N 202 -14.64 91.54 -2.68
C SER N 202 -13.73 90.79 -1.71
N VAL N 203 -12.83 91.51 -1.06
CA VAL N 203 -11.79 90.91 -0.21
C VAL N 203 -12.05 91.24 1.27
N ALA N 204 -12.74 90.34 1.96
CA ALA N 204 -13.04 90.49 3.40
C ALA N 204 -11.93 89.86 4.24
N HIS N 205 -11.42 90.60 5.22
CA HIS N 205 -10.34 90.16 6.09
C HIS N 205 -10.74 90.46 7.53
N PRO N 206 -11.73 89.70 8.07
CA PRO N 206 -12.36 90.01 9.36
C PRO N 206 -11.40 90.27 10.53
N ALA N 207 -10.17 89.76 10.44
CA ALA N 207 -9.17 89.97 11.49
C ALA N 207 -8.84 91.45 11.73
N SER N 208 -8.75 92.23 10.65
CA SER N 208 -8.54 93.68 10.74
C SER N 208 -9.84 94.47 10.55
N SER N 209 -10.97 93.76 10.53
CA SER N 209 -12.30 94.38 10.50
C SER N 209 -12.59 95.10 9.17
N THR N 210 -12.02 94.59 8.08
CA THR N 210 -11.97 95.28 6.79
C THR N 210 -12.71 94.53 5.68
N THR N 211 -13.19 95.26 4.67
CA THR N 211 -13.71 94.68 3.42
C THR N 211 -13.40 95.60 2.24
N VAL N 212 -12.59 95.12 1.30
CA VAL N 212 -12.09 95.95 0.18
C VAL N 212 -12.62 95.44 -1.16
N ASP N 213 -13.59 96.14 -1.74
CA ASP N 213 -14.09 95.80 -3.09
C ASP N 213 -13.19 96.41 -4.17
N LYS N 214 -13.22 95.84 -5.37
CA LYS N 214 -12.49 96.40 -6.51
C LYS N 214 -13.03 95.91 -7.85
N LYS N 215 -13.58 96.83 -8.63
CA LYS N 215 -14.00 96.53 -10.00
C LYS N 215 -12.77 96.41 -10.89
N LEU N 216 -12.88 95.60 -11.93
CA LEU N 216 -11.76 95.37 -12.83
C LEU N 216 -11.92 96.20 -14.10
N GLU N 217 -11.07 97.22 -14.24
CA GLU N 217 -11.16 98.14 -15.36
C GLU N 217 -10.21 97.67 -16.48
N PRO N 218 -10.68 97.70 -17.74
CA PRO N 218 -9.81 97.26 -18.85
C PRO N 218 -8.61 98.15 -19.17
N SER N 219 -7.87 97.77 -20.22
CA SER N 219 -6.75 98.56 -20.75
C SER N 219 -6.63 98.35 -22.27
N GLU O 4 18.74 41.94 17.22
CA GLU O 4 17.78 43.07 17.36
C GLU O 4 17.93 43.75 18.72
N ASP O 5 18.63 44.89 18.73
CA ASP O 5 18.83 45.67 19.95
C ASP O 5 17.61 45.62 20.88
N GLY O 6 17.73 44.81 21.93
CA GLY O 6 16.60 44.43 22.77
C GLY O 6 16.15 45.48 23.77
N ASP O 7 15.07 46.18 23.41
CA ASP O 7 14.38 47.03 24.35
C ASP O 7 13.64 46.13 25.34
N LEU O 8 12.99 46.75 26.30
CA LEU O 8 12.18 46.03 27.26
C LEU O 8 11.03 45.38 26.51
N GLN O 9 10.44 44.33 27.08
CA GLN O 9 9.33 43.62 26.43
C GLN O 9 8.10 43.47 27.32
N CYS O 10 7.02 43.02 26.71
CA CYS O 10 5.83 42.66 27.45
C CYS O 10 6.15 41.42 28.27
N LEU O 11 5.51 41.31 29.43
CA LEU O 11 5.63 40.09 30.24
C LEU O 11 4.90 38.97 29.53
N CYS O 12 3.84 39.33 28.79
CA CYS O 12 2.99 38.39 28.08
C CYS O 12 3.16 38.55 26.59
N VAL O 13 4.19 37.92 26.05
CA VAL O 13 4.41 37.97 24.61
C VAL O 13 3.53 36.91 23.95
N LYS O 14 3.40 35.76 24.59
CA LYS O 14 2.51 34.70 24.11
C LYS O 14 1.59 34.24 25.22
N THR O 15 0.49 33.59 24.83
CA THR O 15 -0.66 33.35 25.71
C THR O 15 -1.29 31.99 25.46
N THR O 16 -2.21 31.60 26.35
CA THR O 16 -3.10 30.46 26.11
C THR O 16 -4.51 30.75 26.59
N SER O 17 -5.50 30.21 25.87
CA SER O 17 -6.89 30.19 26.33
C SER O 17 -7.11 28.98 27.23
N GLN O 18 -6.19 28.02 27.10
CA GLN O 18 -6.34 26.71 27.73
C GLN O 18 -5.81 26.74 29.16
N VAL O 19 -6.71 26.94 30.11
CA VAL O 19 -6.36 26.78 31.53
C VAL O 19 -7.58 26.50 32.38
N ARG O 20 -7.39 25.69 33.43
CA ARG O 20 -8.45 25.35 34.36
C ARG O 20 -8.66 26.53 35.30
N PRO O 21 -9.86 27.12 35.29
CA PRO O 21 -10.16 28.25 36.18
C PRO O 21 -10.15 27.87 37.66
N ARG O 22 -10.44 26.61 37.96
CA ARG O 22 -10.22 26.05 39.31
C ARG O 22 -8.83 26.37 39.91
N HIS O 23 -7.80 26.44 39.07
CA HIS O 23 -6.42 26.69 39.53
C HIS O 23 -6.12 28.16 39.88
N ILE O 24 -6.85 29.09 39.28
CA ILE O 24 -6.45 30.50 39.31
C ILE O 24 -6.84 31.23 40.60
N THR O 25 -5.87 31.50 41.46
CA THR O 25 -6.18 32.14 42.75
C THR O 25 -6.37 33.65 42.64
N SER O 26 -5.91 34.23 41.55
CA SER O 26 -5.91 35.68 41.43
C SER O 26 -5.76 36.13 39.97
N LEU O 27 -5.96 37.42 39.75
CA LEU O 27 -5.99 37.94 38.39
C LEU O 27 -5.62 39.41 38.34
N GLU O 28 -4.44 39.69 37.78
CA GLU O 28 -3.96 41.05 37.59
C GLU O 28 -4.19 41.47 36.15
N VAL O 29 -4.58 42.73 35.96
CA VAL O 29 -4.73 43.31 34.63
C VAL O 29 -3.94 44.59 34.56
N ILE O 30 -3.21 44.76 33.46
CA ILE O 30 -2.50 46.01 33.24
C ILE O 30 -2.81 46.55 31.85
N LYS O 31 -2.89 47.88 31.78
CA LYS O 31 -3.35 48.57 30.58
C LYS O 31 -2.32 48.36 29.50
N ALA O 32 -2.56 48.98 28.36
CA ALA O 32 -1.53 49.13 27.37
C ALA O 32 -0.66 50.28 27.83
N GLY O 33 0.60 50.25 27.47
CA GLY O 33 1.54 51.28 27.87
C GLY O 33 2.63 51.52 26.84
N PRO O 34 3.48 52.52 27.11
CA PRO O 34 4.60 52.79 26.23
C PRO O 34 5.68 51.71 26.32
N HIS O 35 5.65 50.93 27.39
CA HIS O 35 6.60 49.84 27.56
C HIS O 35 6.00 48.48 27.24
N CYS O 36 4.71 48.46 26.92
CA CYS O 36 4.10 47.26 26.36
C CYS O 36 2.84 47.65 25.56
N PRO O 37 2.97 47.71 24.23
CA PRO O 37 1.88 48.17 23.37
C PRO O 37 0.54 47.46 23.58
N THR O 38 0.51 46.13 23.55
CA THR O 38 -0.72 45.42 23.89
C THR O 38 -0.94 45.40 25.41
N ALA O 39 -2.20 45.38 25.82
CA ALA O 39 -2.51 45.18 27.23
C ALA O 39 -2.43 43.71 27.49
N GLN O 40 -2.43 43.36 28.77
CA GLN O 40 -2.22 41.98 29.16
C GLN O 40 -3.04 41.72 30.41
N LEU O 41 -3.22 40.45 30.75
CA LEU O 41 -3.68 40.09 32.09
C LEU O 41 -3.05 38.79 32.55
N ILE O 42 -2.70 38.78 33.84
CA ILE O 42 -1.83 37.80 34.41
C ILE O 42 -2.64 37.00 35.42
N ALA O 43 -2.99 35.79 35.03
CA ALA O 43 -3.67 34.88 35.94
C ALA O 43 -2.59 34.19 36.76
N THR O 44 -2.76 34.20 38.08
CA THR O 44 -1.78 33.66 39.00
C THR O 44 -2.39 32.40 39.61
N LEU O 45 -1.69 31.27 39.49
CA LEU O 45 -2.27 29.96 39.81
C LEU O 45 -2.09 29.54 41.27
N LYS O 46 -2.63 28.38 41.62
CA LYS O 46 -2.61 27.92 43.02
C LYS O 46 -1.20 27.63 43.46
N ASN O 47 -0.46 26.91 42.61
CA ASN O 47 0.89 26.50 42.95
C ASN O 47 1.89 27.66 42.95
N GLY O 48 1.56 28.73 42.25
CA GLY O 48 2.37 29.95 42.31
C GLY O 48 2.71 30.58 40.97
N ARG O 49 2.65 29.80 39.89
CA ARG O 49 3.01 30.31 38.56
C ARG O 49 2.05 31.41 38.18
N LYS O 50 2.42 32.15 37.14
CA LYS O 50 1.54 33.14 36.55
C LYS O 50 1.45 32.82 35.08
N ILE O 51 0.32 33.14 34.46
CA ILE O 51 0.14 32.89 33.04
C ILE O 51 -0.55 34.03 32.34
N CYS O 52 -0.34 34.07 31.04
CA CYS O 52 -0.86 35.11 30.20
C CYS O 52 -1.97 34.53 29.39
N LEU O 53 -3.14 35.18 29.40
CA LEU O 53 -4.29 34.61 28.73
C LEU O 53 -4.73 35.49 27.59
N ASP O 54 -5.34 34.88 26.58
CA ASP O 54 -5.55 35.54 25.30
C ASP O 54 -6.62 36.59 25.40
N LEU O 55 -6.38 37.69 24.73
CA LEU O 55 -7.37 38.76 24.60
C LEU O 55 -8.14 38.62 23.28
N GLN O 56 -7.69 37.73 22.40
CA GLN O 56 -8.42 37.43 21.17
C GLN O 56 -9.63 36.55 21.45
N ALA O 57 -9.52 35.69 22.46
CA ALA O 57 -10.66 34.88 22.88
C ALA O 57 -11.65 35.76 23.65
N PRO O 58 -12.87 35.23 23.92
CA PRO O 58 -13.87 35.94 24.75
C PRO O 58 -13.61 35.89 26.27
N LEU O 59 -12.34 35.69 26.63
CA LEU O 59 -11.78 36.08 27.92
C LEU O 59 -11.52 37.60 27.94
N TYR O 60 -11.85 38.28 26.83
CA TYR O 60 -11.48 39.68 26.59
C TYR O 60 -12.58 40.67 26.96
N LYS O 61 -13.83 40.23 26.92
CA LYS O 61 -14.95 41.14 27.25
C LYS O 61 -15.08 41.37 28.75
N LYS O 62 -14.43 40.51 29.54
CA LYS O 62 -14.19 40.74 30.98
C LYS O 62 -12.93 41.58 31.29
N ILE O 63 -12.33 42.21 30.27
CA ILE O 63 -11.19 43.11 30.43
C ILE O 63 -11.66 44.54 30.16
N ILE O 64 -12.09 44.78 28.92
CA ILE O 64 -12.52 46.10 28.45
C ILE O 64 -13.38 46.80 29.51
N LYS O 65 -14.37 46.07 30.02
CA LYS O 65 -15.21 46.53 31.10
C LYS O 65 -14.46 46.57 32.43
N LYS O 66 -13.76 45.50 32.74
CA LYS O 66 -13.10 45.33 34.03
C LYS O 66 -12.28 46.54 34.49
N LEU O 67 -11.14 46.76 33.87
CA LEU O 67 -10.24 47.83 34.30
C LEU O 67 -10.66 49.16 33.70
N LEU O 68 -11.27 49.09 32.52
CA LEU O 68 -11.39 50.24 31.66
C LEU O 68 -12.84 50.54 31.31
N ASP P 1 -21.96 -65.46 44.18
CA ASP P 1 -21.03 -64.57 44.94
C ASP P 1 -20.05 -65.39 45.76
N ILE P 2 -18.81 -64.92 45.81
CA ILE P 2 -17.79 -65.56 46.63
C ILE P 2 -17.64 -64.76 47.93
N GLN P 3 -17.96 -65.40 49.05
CA GLN P 3 -17.70 -64.81 50.35
C GLN P 3 -16.19 -64.86 50.63
N MET P 4 -15.56 -63.69 50.69
CA MET P 4 -14.13 -63.58 51.05
C MET P 4 -14.00 -63.20 52.52
N THR P 5 -13.49 -64.14 53.32
CA THR P 5 -13.48 -64.01 54.78
C THR P 5 -12.09 -63.70 55.34
N GLN P 6 -11.94 -62.50 55.88
CA GLN P 6 -10.70 -62.08 56.52
C GLN P 6 -10.95 -62.15 58.03
N ILE P 7 -10.47 -63.22 58.65
CA ILE P 7 -10.96 -63.68 59.96
C ILE P 7 -10.69 -62.71 61.13
N THR P 8 -9.52 -62.07 61.12
CA THR P 8 -9.13 -61.12 62.17
C THR P 8 -9.43 -59.68 61.78
N SER P 9 -10.49 -59.12 62.37
CA SER P 9 -10.88 -57.72 62.20
C SER P 9 -9.70 -56.78 62.39
N SER P 10 -9.03 -56.87 63.54
CA SER P 10 -7.75 -56.19 63.76
C SER P 10 -6.75 -57.11 64.47
N LEU P 11 -5.47 -56.77 64.38
CA LEU P 11 -4.39 -57.64 64.86
C LEU P 11 -3.23 -56.83 65.44
N SER P 12 -2.74 -57.25 66.60
CA SER P 12 -1.72 -56.51 67.36
C SER P 12 -0.34 -57.06 67.04
N ALA P 13 0.58 -56.18 66.68
CA ALA P 13 1.93 -56.60 66.34
C ALA P 13 2.95 -55.50 66.60
N SER P 14 3.92 -55.78 67.47
CA SER P 14 4.96 -54.81 67.81
C SER P 14 5.82 -54.52 66.60
N LEU P 15 6.38 -53.32 66.55
CA LEU P 15 7.18 -52.89 65.42
C LEU P 15 8.44 -53.77 65.20
N GLY P 16 8.85 -53.93 63.94
CA GLY P 16 9.98 -54.80 63.60
C GLY P 16 9.69 -56.29 63.62
N ASP P 17 8.40 -56.65 63.66
CA ASP P 17 7.94 -58.05 63.78
C ASP P 17 7.69 -58.69 62.43
N ARG P 18 7.30 -59.96 62.46
CA ARG P 18 6.83 -60.66 61.27
C ARG P 18 5.32 -60.86 61.43
N VAL P 19 4.57 -60.44 60.42
CA VAL P 19 3.10 -60.45 60.49
C VAL P 19 2.50 -61.33 59.41
N THR P 20 1.57 -62.19 59.79
CA THR P 20 0.78 -62.97 58.85
C THR P 20 -0.67 -62.55 58.96
N ILE P 21 -1.32 -62.42 57.81
CA ILE P 21 -2.64 -61.84 57.71
C ILE P 21 -3.45 -62.71 56.75
N SER P 22 -4.35 -63.52 57.29
CA SER P 22 -5.00 -64.58 56.53
C SER P 22 -6.32 -64.14 55.89
N CYS P 23 -6.58 -64.68 54.70
CA CYS P 23 -7.79 -64.37 53.96
C CYS P 23 -8.28 -65.66 53.32
N SER P 24 -9.44 -66.13 53.76
CA SER P 24 -10.00 -67.39 53.30
C SER P 24 -11.17 -67.09 52.34
N ALA P 25 -11.43 -68.00 51.40
CA ALA P 25 -12.42 -67.81 50.34
C ALA P 25 -13.49 -68.88 50.39
N SER P 26 -14.75 -68.49 50.12
CA SER P 26 -15.88 -69.42 50.21
C SER P 26 -15.75 -70.60 49.25
N GLN P 27 -15.29 -70.31 48.04
CA GLN P 27 -15.10 -71.33 47.00
C GLN P 27 -13.70 -71.16 46.42
N GLY P 28 -13.28 -72.15 45.66
CA GLY P 28 -11.97 -72.13 45.04
C GLY P 28 -11.87 -71.00 44.05
N ILE P 29 -10.97 -70.06 44.33
CA ILE P 29 -10.48 -69.15 43.29
C ILE P 29 -9.15 -69.73 42.82
N ASN P 30 -8.77 -69.43 41.58
CA ASN P 30 -7.55 -70.03 41.03
C ASN P 30 -6.34 -69.14 41.25
N ASN P 31 -5.92 -69.09 42.52
CA ASN P 31 -5.00 -68.07 43.03
C ASN P 31 -5.05 -66.79 42.23
N TYR P 32 -6.27 -66.28 42.04
CA TYR P 32 -6.49 -65.02 41.36
C TYR P 32 -6.88 -63.97 42.40
N LEU P 33 -6.21 -64.04 43.55
CA LEU P 33 -6.48 -63.08 44.62
C LEU P 33 -5.57 -61.86 44.54
N SER P 34 -5.90 -60.86 45.32
CA SER P 34 -5.06 -59.66 45.40
C SER P 34 -4.88 -59.26 46.84
N TRP P 35 -4.02 -58.28 47.06
CA TRP P 35 -3.90 -57.66 48.36
C TRP P 35 -3.80 -56.17 48.19
N TYR P 36 -4.47 -55.45 49.10
CA TYR P 36 -4.49 -53.99 49.06
C TYR P 36 -4.20 -53.46 50.45
N ARG P 37 -3.61 -52.27 50.49
CA ARG P 37 -3.31 -51.61 51.74
C ARG P 37 -3.91 -50.20 51.68
N GLN P 38 -4.61 -49.82 52.75
CA GLN P 38 -5.19 -48.49 52.84
C GLN P 38 -4.60 -47.74 54.02
N LYS P 39 -3.80 -46.71 53.72
CA LYS P 39 -3.25 -45.84 54.75
C LYS P 39 -4.41 -45.18 55.49
N PRO P 40 -4.30 -45.02 56.83
CA PRO P 40 -5.43 -44.58 57.65
C PRO P 40 -6.27 -43.50 56.98
N ASP P 41 -5.60 -42.60 56.29
CA ASP P 41 -6.24 -41.54 55.55
C ASP P 41 -6.20 -41.75 54.07
N GLY P 42 -5.01 -42.11 53.59
CA GLY P 42 -4.68 -42.01 52.18
C GLY P 42 -5.44 -42.97 51.29
N THR P 43 -5.14 -42.87 50.01
CA THR P 43 -5.65 -43.78 49.02
C THR P 43 -5.30 -45.22 49.41
N VAL P 44 -5.84 -46.19 48.66
CA VAL P 44 -5.38 -47.57 48.76
C VAL P 44 -4.47 -47.88 47.58
N LYS P 45 -3.53 -48.80 47.77
CA LYS P 45 -2.60 -49.15 46.71
C LYS P 45 -2.43 -50.66 46.62
N LEU P 46 -2.28 -51.14 45.39
CA LEU P 46 -2.14 -52.56 45.13
C LEU P 46 -0.80 -53.05 45.66
N LEU P 47 -0.86 -54.13 46.43
CA LEU P 47 0.32 -54.67 47.07
C LEU P 47 0.79 -55.89 46.31
N ILE P 48 -0.05 -56.93 46.30
CA ILE P 48 0.24 -58.18 45.60
C ILE P 48 -0.90 -58.49 44.65
N TYR P 49 -0.56 -58.97 43.45
CA TYR P 49 -1.54 -59.55 42.55
C TYR P 49 -1.23 -61.03 42.32
N TYR P 50 -2.08 -61.69 41.54
CA TYR P 50 -2.09 -63.15 41.44
C TYR P 50 -2.29 -63.79 42.82
N THR P 51 -1.29 -64.43 43.38
CA THR P 51 -1.39 -64.79 44.79
C THR P 51 -0.16 -64.33 45.54
N SER P 52 0.93 -64.13 44.80
CA SER P 52 2.24 -63.80 45.38
C SER P 52 3.11 -62.82 44.58
N SER P 53 2.74 -62.51 43.33
CA SER P 53 3.51 -61.55 42.54
C SER P 53 3.30 -60.12 43.02
N LEU P 54 4.39 -59.45 43.39
CA LEU P 54 4.32 -58.13 43.96
C LEU P 54 4.18 -57.05 42.88
N HIS P 55 3.40 -56.01 43.17
CA HIS P 55 3.23 -54.87 42.27
C HIS P 55 4.52 -54.07 42.27
N SER P 56 4.76 -53.29 41.22
CA SER P 56 5.95 -52.45 41.13
C SER P 56 5.94 -51.40 42.24
N GLY P 57 7.12 -51.11 42.78
CA GLY P 57 7.25 -50.12 43.85
C GLY P 57 6.81 -50.61 45.21
N VAL P 58 6.67 -51.94 45.36
CA VAL P 58 6.33 -52.53 46.64
C VAL P 58 7.61 -53.05 47.28
N PRO P 59 7.82 -52.78 48.58
CA PRO P 59 8.96 -53.32 49.31
C PRO P 59 9.11 -54.84 49.20
N SER P 60 10.32 -55.31 49.47
CA SER P 60 10.67 -56.72 49.28
C SER P 60 10.12 -57.56 50.46
N ARG P 61 9.93 -56.94 51.63
CA ARG P 61 9.36 -57.63 52.80
C ARG P 61 7.93 -58.17 52.65
N PHE P 62 7.16 -57.59 51.73
CA PHE P 62 5.82 -58.08 51.40
C PHE P 62 5.89 -59.32 50.51
N SER P 63 5.30 -60.42 50.96
CA SER P 63 5.26 -61.64 50.16
C SER P 63 3.94 -62.38 50.33
N GLY P 64 3.23 -62.58 49.22
CA GLY P 64 1.96 -63.31 49.22
C GLY P 64 2.16 -64.81 49.06
N SER P 65 1.13 -65.58 49.40
CA SER P 65 1.19 -67.04 49.30
C SER P 65 -0.20 -67.64 49.42
N GLY P 66 -0.30 -68.95 49.16
CA GLY P 66 -1.56 -69.68 49.27
C GLY P 66 -1.98 -70.46 48.02
N SER P 67 -3.03 -71.26 48.18
CA SER P 67 -3.61 -72.02 47.06
C SER P 67 -5.02 -72.53 47.40
N GLY P 68 -5.94 -72.43 46.45
CA GLY P 68 -7.30 -72.93 46.62
C GLY P 68 -8.22 -71.94 47.30
N THR P 69 -8.58 -72.22 48.55
CA THR P 69 -9.48 -71.34 49.33
C THR P 69 -8.76 -70.53 50.40
N ASP P 70 -7.52 -70.91 50.75
CA ASP P 70 -6.76 -70.23 51.80
C ASP P 70 -5.56 -69.49 51.23
N TYR P 71 -5.35 -68.26 51.73
CA TYR P 71 -4.26 -67.42 51.28
C TYR P 71 -3.75 -66.58 52.43
N SER P 72 -2.50 -66.12 52.29
CA SER P 72 -1.88 -65.25 53.28
C SER P 72 -1.03 -64.18 52.61
N LEU P 73 -1.07 -62.99 53.20
CA LEU P 73 -0.06 -61.97 52.97
C LEU P 73 0.81 -62.00 54.20
N THR P 74 2.09 -61.69 54.04
CA THR P 74 2.98 -61.70 55.18
C THR P 74 4.08 -60.64 55.04
N ILE P 75 4.34 -59.96 56.16
CA ILE P 75 5.24 -58.81 56.17
C ILE P 75 6.33 -59.07 57.19
N SER P 76 7.54 -59.35 56.72
CA SER P 76 8.73 -59.46 57.57
C SER P 76 9.16 -58.06 58.03
N ASN P 77 9.87 -58.01 59.16
CA ASN P 77 10.24 -56.75 59.85
C ASN P 77 9.31 -55.55 59.59
N LEU P 78 8.18 -55.55 60.29
CA LEU P 78 7.14 -54.52 60.15
C LEU P 78 7.72 -53.12 60.35
N GLU P 79 7.33 -52.19 59.48
CA GLU P 79 7.77 -50.79 59.56
C GLU P 79 6.49 -49.91 59.76
N PRO P 80 6.63 -48.74 60.43
CA PRO P 80 5.46 -47.95 60.87
C PRO P 80 4.62 -47.37 59.74
N GLU P 81 5.13 -47.40 58.51
CA GLU P 81 4.32 -47.07 57.32
C GLU P 81 3.24 -48.11 57.04
N ASP P 82 3.36 -49.28 57.67
CA ASP P 82 2.46 -50.41 57.42
C ASP P 82 1.31 -50.51 58.41
N ILE P 83 1.32 -49.69 59.46
CA ILE P 83 0.16 -49.61 60.37
C ILE P 83 -1.02 -49.05 59.55
N ALA P 84 -1.93 -49.95 59.19
CA ALA P 84 -2.97 -49.66 58.20
C ALA P 84 -3.99 -50.79 58.18
N THR P 85 -4.99 -50.68 57.31
CA THR P 85 -5.91 -51.78 57.04
C THR P 85 -5.50 -52.49 55.75
N TYR P 86 -5.69 -53.80 55.70
CA TYR P 86 -5.33 -54.59 54.53
C TYR P 86 -6.53 -55.37 54.03
N PHE P 87 -6.69 -55.43 52.72
CA PHE P 87 -7.85 -56.04 52.09
C PHE P 87 -7.41 -57.09 51.07
N CYS P 88 -8.11 -58.21 51.02
CA CYS P 88 -7.92 -59.17 49.94
C CYS P 88 -9.12 -59.12 49.01
N GLN P 89 -8.84 -59.07 47.71
CA GLN P 89 -9.86 -59.21 46.67
C GLN P 89 -9.63 -60.52 45.97
N GLN P 90 -10.66 -61.02 45.31
CA GLN P 90 -10.51 -62.07 44.31
C GLN P 90 -10.99 -61.51 42.99
N PHE P 91 -10.44 -62.00 41.89
CA PHE P 91 -10.88 -61.58 40.57
C PHE P 91 -11.08 -62.74 39.61
N SER P 92 -11.35 -63.92 40.17
CA SER P 92 -11.52 -65.12 39.37
C SER P 92 -12.85 -65.04 38.62
N LYS P 93 -13.89 -64.56 39.27
CA LYS P 93 -15.15 -64.36 38.60
C LYS P 93 -15.94 -63.22 39.15
N LEU P 94 -16.86 -62.70 38.33
CA LEU P 94 -17.85 -61.74 38.78
C LEU P 94 -18.83 -62.40 39.74
N PRO P 95 -19.38 -61.63 40.69
CA PRO P 95 -19.06 -60.24 40.96
C PRO P 95 -17.80 -60.19 41.81
N TYR P 96 -16.99 -59.15 41.61
CA TYR P 96 -15.74 -59.02 42.35
C TYR P 96 -16.04 -58.68 43.80
N THR P 97 -15.48 -59.47 44.71
CA THR P 97 -15.77 -59.37 46.12
C THR P 97 -14.47 -59.12 46.88
N PHE P 98 -14.55 -58.34 47.94
CA PHE P 98 -13.39 -58.04 48.78
C PHE P 98 -13.49 -58.72 50.14
N GLY P 99 -12.42 -58.63 50.91
CA GLY P 99 -12.41 -59.13 52.27
C GLY P 99 -12.97 -58.09 53.21
N GLY P 100 -13.25 -58.50 54.45
CA GLY P 100 -13.73 -57.59 55.49
C GLY P 100 -12.68 -56.56 55.89
N GLY P 101 -11.42 -56.92 55.69
CA GLY P 101 -10.29 -56.04 56.01
C GLY P 101 -9.67 -56.43 57.34
N THR P 102 -8.36 -56.27 57.42
CA THR P 102 -7.64 -56.48 58.68
C THR P 102 -6.85 -55.23 59.06
N LYS P 103 -7.22 -54.65 60.20
CA LYS P 103 -6.58 -53.45 60.74
C LYS P 103 -5.34 -53.86 61.52
N LEU P 104 -4.25 -53.16 61.29
CA LEU P 104 -2.98 -53.46 61.92
C LEU P 104 -2.64 -52.40 62.96
N GLU P 105 -2.51 -52.81 64.22
CA GLU P 105 -2.23 -51.89 65.33
C GLU P 105 -1.05 -52.39 66.15
N ILE P 106 -0.44 -51.50 66.93
CA ILE P 106 0.86 -51.78 67.58
C ILE P 106 0.70 -52.14 69.05
N LYS P 107 1.27 -53.29 69.43
CA LYS P 107 1.10 -53.83 70.77
C LYS P 107 1.86 -53.03 71.82
N ARG P 108 1.18 -52.75 72.93
CA ARG P 108 1.80 -52.20 74.14
C ARG P 108 1.33 -53.04 75.33
N ALA P 109 1.89 -52.78 76.51
CA ALA P 109 1.50 -53.51 77.73
C ALA P 109 0.15 -53.04 78.26
N ASP P 110 -0.87 -53.91 78.10
CA ASP P 110 -2.27 -53.55 78.41
C ASP P 110 -2.46 -52.76 79.71
N ALA P 111 -3.11 -51.60 79.59
CA ALA P 111 -3.41 -50.72 80.73
C ALA P 111 -4.92 -50.56 80.88
N ALA P 112 -5.36 -50.31 82.12
CA ALA P 112 -6.79 -50.23 82.44
C ALA P 112 -7.34 -48.83 82.15
N PRO P 113 -8.68 -48.70 82.03
CA PRO P 113 -9.27 -47.42 81.66
C PRO P 113 -9.58 -46.51 82.84
N THR P 114 -9.32 -45.21 82.69
CA THR P 114 -9.75 -44.21 83.67
C THR P 114 -11.19 -43.80 83.35
N VAL P 115 -12.14 -44.30 84.16
CA VAL P 115 -13.56 -44.12 83.89
C VAL P 115 -14.10 -42.88 84.60
N SER P 116 -14.79 -42.02 83.85
CA SER P 116 -15.44 -40.83 84.38
C SER P 116 -16.91 -40.84 83.97
N ILE P 117 -17.81 -40.53 84.89
CA ILE P 117 -19.24 -40.47 84.60
C ILE P 117 -19.74 -39.04 84.78
N PHE P 118 -20.74 -38.67 83.98
CA PHE P 118 -21.27 -37.30 84.00
C PHE P 118 -22.80 -37.30 83.92
N PRO P 119 -23.46 -36.51 84.79
CA PRO P 119 -24.90 -36.37 84.67
C PRO P 119 -25.26 -35.39 83.56
N PRO P 120 -26.50 -35.46 83.06
CA PRO P 120 -26.92 -34.53 82.02
C PRO P 120 -26.95 -33.10 82.56
N SER P 121 -26.42 -32.16 81.79
CA SER P 121 -26.29 -30.77 82.24
C SER P 121 -27.63 -30.06 82.36
N SER P 122 -27.67 -29.02 83.18
CA SER P 122 -28.86 -28.19 83.36
C SER P 122 -29.30 -27.54 82.05
N GLU P 123 -28.34 -27.07 81.25
CA GLU P 123 -28.61 -26.48 79.95
C GLU P 123 -29.45 -27.39 79.05
N GLN P 124 -29.20 -28.69 79.13
CA GLN P 124 -29.91 -29.69 78.34
C GLN P 124 -31.27 -30.06 78.93
N LEU P 125 -31.36 -30.09 80.26
CA LEU P 125 -32.62 -30.38 80.93
C LEU P 125 -33.67 -29.30 80.62
N THR P 126 -33.22 -28.06 80.47
CA THR P 126 -34.05 -26.96 79.98
C THR P 126 -34.58 -27.25 78.57
N SER P 127 -33.70 -27.75 77.72
CA SER P 127 -34.05 -28.12 76.36
C SER P 127 -35.12 -29.22 76.28
N GLY P 128 -35.15 -30.08 77.30
CA GLY P 128 -36.12 -31.19 77.36
C GLY P 128 -35.53 -32.50 76.89
N GLY P 129 -34.27 -32.76 77.27
CA GLY P 129 -33.58 -34.01 76.96
C GLY P 129 -32.60 -34.34 78.09
N ALA P 130 -32.06 -35.55 78.07
CA ALA P 130 -31.15 -35.99 79.14
C ALA P 130 -30.17 -37.06 78.66
N SER P 131 -28.92 -36.66 78.46
CA SER P 131 -27.86 -37.58 78.06
C SER P 131 -26.86 -37.81 79.18
N VAL P 132 -26.80 -39.06 79.65
CA VAL P 132 -25.82 -39.46 80.65
C VAL P 132 -24.59 -39.96 79.90
N VAL P 133 -23.44 -39.34 80.15
CA VAL P 133 -22.20 -39.67 79.44
C VAL P 133 -21.19 -40.37 80.34
N CYS P 134 -20.45 -41.31 79.75
CA CYS P 134 -19.41 -42.03 80.46
C CYS P 134 -18.17 -42.13 79.57
N PHE P 135 -17.07 -41.52 79.99
CA PHE P 135 -15.80 -41.63 79.28
C PHE P 135 -14.98 -42.77 79.87
N LEU P 136 -14.42 -43.59 78.98
CA LEU P 136 -13.50 -44.65 79.35
C LEU P 136 -12.23 -44.40 78.55
N ASN P 137 -11.21 -43.85 79.20
CA ASN P 137 -10.05 -43.28 78.50
C ASN P 137 -8.71 -43.99 78.73
N ASN P 138 -7.84 -43.93 77.70
CA ASN P 138 -6.47 -44.45 77.74
C ASN P 138 -6.33 -45.88 78.27
N PHE P 139 -6.76 -46.85 77.47
CA PHE P 139 -6.68 -48.25 77.83
C PHE P 139 -6.15 -49.08 76.66
N TYR P 140 -5.88 -50.35 76.95
CA TYR P 140 -5.46 -51.32 75.95
C TYR P 140 -5.72 -52.72 76.50
N PRO P 141 -6.20 -53.66 75.66
CA PRO P 141 -6.52 -53.53 74.24
C PRO P 141 -7.92 -52.98 73.96
N LYS P 142 -8.16 -52.59 72.71
CA LYS P 142 -9.47 -52.14 72.22
C LYS P 142 -10.68 -52.90 72.77
N ASP P 143 -10.51 -54.19 73.06
CA ASP P 143 -11.56 -55.05 73.60
C ASP P 143 -12.05 -54.53 74.95
N ILE P 144 -13.21 -53.89 74.96
CA ILE P 144 -13.81 -53.37 76.18
C ILE P 144 -15.33 -53.49 76.10
N ASN P 145 -15.97 -53.59 77.27
CA ASN P 145 -17.40 -53.82 77.33
C ASN P 145 -18.05 -52.91 78.37
N VAL P 146 -19.24 -52.40 78.06
CA VAL P 146 -19.91 -51.42 78.92
C VAL P 146 -21.33 -51.87 79.30
N LYS P 147 -21.67 -51.72 80.59
CA LYS P 147 -23.00 -51.98 81.12
C LYS P 147 -23.58 -50.69 81.70
N TRP P 148 -24.76 -50.29 81.25
CA TRP P 148 -25.47 -49.15 81.84
C TRP P 148 -26.55 -49.68 82.78
N LYS P 149 -26.57 -49.20 84.01
CA LYS P 149 -27.53 -49.66 85.03
C LYS P 149 -28.28 -48.53 85.72
N ILE P 150 -29.58 -48.44 85.45
CA ILE P 150 -30.46 -47.47 86.10
C ILE P 150 -31.16 -48.16 87.27
N ASP P 151 -30.98 -47.61 88.47
CA ASP P 151 -31.51 -48.20 89.71
C ASP P 151 -31.17 -49.69 89.82
N GLY P 152 -29.94 -50.05 89.48
CA GLY P 152 -29.45 -51.41 89.67
C GLY P 152 -29.83 -52.45 88.61
N SER P 153 -30.78 -52.14 87.72
CA SER P 153 -31.17 -53.08 86.66
C SER P 153 -30.75 -52.51 85.31
N GLU P 154 -30.07 -53.32 84.50
CA GLU P 154 -29.38 -52.80 83.32
C GLU P 154 -30.31 -52.37 82.21
N ARG P 155 -29.78 -51.55 81.31
CA ARG P 155 -30.54 -51.03 80.20
C ARG P 155 -29.62 -50.92 79.00
N GLN P 156 -30.04 -51.48 77.87
CA GLN P 156 -29.27 -51.44 76.63
C GLN P 156 -30.03 -50.69 75.54
N ASN P 157 -30.86 -49.75 75.94
CA ASN P 157 -31.89 -49.22 75.04
C ASN P 157 -31.42 -47.98 74.27
N GLY P 158 -31.07 -46.92 74.99
CA GLY P 158 -30.67 -45.66 74.36
C GLY P 158 -29.18 -45.43 74.32
N VAL P 159 -28.40 -46.53 74.29
CA VAL P 159 -26.95 -46.47 74.40
C VAL P 159 -26.31 -46.23 73.03
N LEU P 160 -25.16 -45.54 73.04
CA LEU P 160 -24.37 -45.33 71.82
C LEU P 160 -22.89 -45.25 72.18
N ASN P 161 -22.10 -46.16 71.63
CA ASN P 161 -20.68 -46.25 71.96
C ASN P 161 -19.81 -45.87 70.77
N SER P 162 -18.88 -44.94 71.00
CA SER P 162 -17.96 -44.44 69.97
C SER P 162 -16.53 -44.64 70.43
N TRP P 163 -15.76 -45.43 69.69
CA TRP P 163 -14.36 -45.70 70.04
C TRP P 163 -13.46 -44.81 69.20
N THR P 164 -12.29 -44.48 69.73
CA THR P 164 -11.31 -43.71 68.98
C THR P 164 -10.40 -44.63 68.18
N ASP P 165 -9.63 -44.04 67.28
CA ASP P 165 -8.49 -44.75 66.69
C ASP P 165 -7.44 -44.93 67.79
N GLN P 166 -6.49 -45.81 67.55
CA GLN P 166 -5.39 -46.00 68.50
C GLN P 166 -4.59 -44.70 68.55
N ASP P 167 -4.37 -44.19 69.76
CA ASP P 167 -3.69 -42.91 69.92
C ASP P 167 -2.29 -43.01 69.33
N SER P 168 -2.03 -42.19 68.33
CA SER P 168 -0.72 -42.13 67.69
C SER P 168 0.40 -41.88 68.71
N LYS P 169 0.09 -41.05 69.72
CA LYS P 169 1.02 -40.67 70.84
C LYS P 169 1.48 -41.93 71.61
N ASP P 170 0.53 -42.64 72.23
CA ASP P 170 0.86 -43.67 73.24
C ASP P 170 0.20 -45.05 73.08
N SER P 171 -0.39 -45.31 71.91
CA SER P 171 -0.94 -46.63 71.58
C SER P 171 -2.04 -47.10 72.54
N THR P 172 -2.90 -46.17 72.97
CA THR P 172 -4.02 -46.49 73.87
C THR P 172 -5.34 -46.05 73.28
N TYR P 173 -6.34 -46.92 73.41
CA TYR P 173 -7.66 -46.64 72.91
C TYR P 173 -8.47 -45.93 73.98
N SER P 174 -9.51 -45.22 73.55
CA SER P 174 -10.43 -44.52 74.44
C SER P 174 -11.82 -44.55 73.83
N MET P 175 -12.84 -44.71 74.66
CA MET P 175 -14.21 -44.76 74.16
C MET P 175 -15.21 -43.93 74.97
N SER P 176 -16.36 -43.69 74.36
CA SER P 176 -17.36 -42.77 74.86
C SER P 176 -18.73 -43.42 74.82
N SER P 177 -19.38 -43.56 75.98
CA SER P 177 -20.69 -44.19 76.07
C SER P 177 -21.79 -43.18 76.43
N THR P 178 -22.68 -42.91 75.48
CA THR P 178 -23.75 -41.93 75.63
C THR P 178 -25.11 -42.63 75.84
N LEU P 179 -25.74 -42.39 76.98
CA LEU P 179 -27.07 -42.91 77.27
C LEU P 179 -28.13 -41.82 77.06
N THR P 180 -28.75 -41.80 75.89
CA THR P 180 -29.76 -40.81 75.55
C THR P 180 -31.11 -41.22 76.13
N LEU P 181 -31.74 -40.31 76.89
CA LEU P 181 -33.00 -40.59 77.55
C LEU P 181 -33.98 -39.43 77.46
N THR P 182 -35.26 -39.77 77.32
CA THR P 182 -36.35 -38.82 77.49
C THR P 182 -36.25 -38.19 78.89
N LYS P 183 -36.38 -36.87 78.96
CA LYS P 183 -36.05 -36.14 80.19
C LYS P 183 -37.03 -36.42 81.34
N ASP P 184 -38.26 -36.83 81.00
CA ASP P 184 -39.26 -37.20 82.00
C ASP P 184 -38.95 -38.55 82.66
N GLU P 185 -38.63 -39.56 81.85
CA GLU P 185 -38.30 -40.89 82.36
C GLU P 185 -36.88 -40.95 82.94
N TYR P 186 -36.07 -39.92 82.67
CA TYR P 186 -34.81 -39.71 83.39
C TYR P 186 -35.10 -39.38 84.86
N GLU P 187 -36.13 -38.56 85.08
CA GLU P 187 -36.51 -38.15 86.44
C GLU P 187 -37.37 -39.18 87.18
N ARG P 188 -37.81 -40.23 86.49
CA ARG P 188 -38.52 -41.35 87.13
C ARG P 188 -37.59 -42.33 87.84
N HIS P 189 -36.27 -42.14 87.71
CA HIS P 189 -35.27 -42.98 88.36
C HIS P 189 -34.18 -42.12 89.00
N ASN P 190 -33.41 -42.70 89.91
CA ASN P 190 -32.41 -41.93 90.68
C ASN P 190 -30.95 -42.37 90.50
N SER P 191 -30.69 -43.68 90.56
CA SER P 191 -29.33 -44.23 90.48
C SER P 191 -28.90 -44.47 89.03
N TYR P 192 -27.78 -43.85 88.63
CA TYR P 192 -27.23 -44.03 87.29
C TYR P 192 -25.79 -44.54 87.37
N THR P 193 -25.57 -45.75 86.86
CA THR P 193 -24.31 -46.44 86.97
C THR P 193 -23.79 -46.83 85.59
N CYS P 194 -22.46 -46.82 85.46
CA CYS P 194 -21.80 -47.17 84.20
C CYS P 194 -20.64 -48.12 84.50
N GLU P 195 -20.88 -49.42 84.31
CA GLU P 195 -19.87 -50.46 84.52
C GLU P 195 -19.02 -50.68 83.29
N ALA P 196 -17.82 -51.20 83.48
CA ALA P 196 -16.90 -51.42 82.38
C ALA P 196 -16.04 -52.67 82.62
N THR P 197 -16.33 -53.74 81.90
CA THR P 197 -15.51 -54.95 81.94
C THR P 197 -14.32 -54.81 80.99
N HIS P 198 -13.14 -55.17 81.47
CA HIS P 198 -11.93 -55.09 80.69
C HIS P 198 -10.98 -56.23 81.09
N LYS P 199 -10.05 -56.55 80.20
CA LYS P 199 -9.05 -57.60 80.43
C LYS P 199 -8.22 -57.38 81.71
N THR P 200 -7.99 -56.13 82.08
CA THR P 200 -7.05 -55.79 83.15
C THR P 200 -7.46 -56.18 84.57
N SER P 201 -8.73 -56.49 84.79
CA SER P 201 -9.15 -57.06 86.07
C SER P 201 -10.40 -57.93 85.91
N THR P 202 -10.60 -58.85 86.85
CA THR P 202 -11.69 -59.83 86.77
C THR P 202 -13.06 -59.18 86.94
N SER P 203 -13.31 -58.59 88.11
CA SER P 203 -14.56 -57.88 88.36
C SER P 203 -14.45 -56.45 87.79
N PRO P 204 -15.59 -55.89 87.33
CA PRO P 204 -15.58 -54.66 86.54
C PRO P 204 -15.28 -53.39 87.33
N ILE P 205 -14.93 -52.32 86.62
CA ILE P 205 -14.75 -50.98 87.22
C ILE P 205 -16.04 -50.18 87.05
N VAL P 206 -16.54 -49.63 88.15
CA VAL P 206 -17.86 -49.03 88.21
C VAL P 206 -17.78 -47.57 88.65
N LYS P 207 -18.41 -46.69 87.87
CA LYS P 207 -18.57 -45.28 88.25
C LYS P 207 -20.06 -44.95 88.21
N SER P 208 -20.51 -44.17 89.21
CA SER P 208 -21.93 -43.93 89.40
C SER P 208 -22.22 -42.58 90.05
N PHE P 209 -23.49 -42.17 89.96
CA PHE P 209 -23.97 -40.98 90.65
C PHE P 209 -25.47 -41.11 90.93
N ASN P 210 -25.94 -40.40 91.95
CA ASN P 210 -27.36 -40.31 92.28
C ASN P 210 -27.89 -38.91 92.10
N ARG P 211 -29.21 -38.80 92.05
CA ARG P 211 -29.89 -37.52 91.91
C ARG P 211 -30.45 -37.12 93.28
N ASN P 212 -30.05 -35.96 93.78
CA ASN P 212 -30.45 -35.51 95.12
C ASN P 212 -30.34 -33.99 95.30
N GLU Q 1 3.88 -40.68 37.45
CA GLU Q 1 2.76 -41.31 38.19
C GLU Q 1 1.54 -41.59 37.29
N VAL Q 2 0.88 -42.71 37.55
CA VAL Q 2 -0.48 -42.93 37.12
C VAL Q 2 -1.36 -42.23 38.15
N LYS Q 3 -2.25 -41.35 37.72
CA LYS Q 3 -3.05 -40.57 38.64
C LYS Q 3 -4.53 -40.63 38.28
N LEU Q 4 -5.37 -40.67 39.32
CA LEU Q 4 -6.82 -40.74 39.16
C LEU Q 4 -7.53 -39.73 40.07
N VAL Q 5 -7.82 -38.56 39.51
CA VAL Q 5 -8.59 -37.53 40.21
C VAL Q 5 -10.07 -37.85 40.02
N GLU Q 6 -10.87 -37.56 41.05
CA GLU Q 6 -12.29 -37.89 41.05
C GLU Q 6 -13.08 -36.68 41.52
N SER Q 7 -14.33 -36.58 41.11
CA SER Q 7 -15.12 -35.38 41.40
C SER Q 7 -16.62 -35.61 41.22
N GLY Q 8 -17.40 -34.61 41.61
CA GLY Q 8 -18.85 -34.65 41.48
C GLY Q 8 -19.55 -35.18 42.71
N GLY Q 9 -18.79 -35.62 43.70
CA GLY Q 9 -19.35 -36.18 44.93
C GLY Q 9 -19.96 -35.09 45.79
N GLY Q 10 -21.06 -35.42 46.46
CA GLY Q 10 -21.71 -34.46 47.33
C GLY Q 10 -22.87 -35.06 48.09
N LEU Q 11 -23.68 -34.18 48.66
CA LEU Q 11 -24.90 -34.59 49.37
C LEU Q 11 -26.05 -34.66 48.38
N VAL Q 12 -26.82 -35.74 48.42
CA VAL Q 12 -28.02 -35.84 47.60
C VAL Q 12 -29.17 -36.41 48.41
N LYS Q 13 -30.37 -35.97 48.07
CA LYS Q 13 -31.60 -36.42 48.72
C LYS Q 13 -31.95 -37.80 48.17
N PRO Q 14 -32.48 -38.71 49.04
CA PRO Q 14 -32.96 -40.03 48.61
C PRO Q 14 -33.83 -39.99 47.35
N GLY Q 15 -33.67 -40.99 46.48
CA GLY Q 15 -34.36 -41.03 45.18
C GLY Q 15 -33.88 -39.98 44.19
N GLY Q 16 -32.66 -39.47 44.39
CA GLY Q 16 -32.11 -38.42 43.55
C GLY Q 16 -31.17 -38.93 42.48
N SER Q 17 -30.34 -38.04 41.96
CA SER Q 17 -29.36 -38.37 40.92
C SER Q 17 -28.04 -37.65 41.16
N LEU Q 18 -26.97 -38.19 40.59
CA LEU Q 18 -25.65 -37.59 40.68
C LEU Q 18 -24.71 -38.26 39.68
N LYS Q 19 -23.79 -37.50 39.11
CA LYS Q 19 -22.84 -38.02 38.14
C LYS Q 19 -21.41 -37.81 38.65
N LEU Q 20 -20.73 -38.93 38.96
CA LEU Q 20 -19.35 -38.87 39.41
C LEU Q 20 -18.44 -38.86 38.20
N SER Q 21 -17.29 -38.19 38.35
CA SER Q 21 -16.29 -38.13 37.30
C SER Q 21 -14.96 -38.61 37.84
N CYS Q 22 -14.12 -39.15 36.95
CA CYS Q 22 -12.80 -39.62 37.31
C CYS Q 22 -11.83 -39.31 36.17
N ALA Q 23 -10.96 -38.32 36.40
CA ALA Q 23 -9.99 -37.88 35.39
C ALA Q 23 -8.74 -38.74 35.46
N ALA Q 24 -8.32 -39.27 34.31
CA ALA Q 24 -7.19 -40.18 34.24
C ALA Q 24 -5.97 -39.48 33.66
N SER Q 25 -4.79 -39.89 34.12
CA SER Q 25 -3.53 -39.28 33.70
C SER Q 25 -2.33 -40.18 34.00
N GLY Q 26 -1.49 -40.39 32.99
CA GLY Q 26 -0.27 -41.19 33.13
C GLY Q 26 -0.28 -42.53 32.42
N PHE Q 27 -1.24 -42.76 31.53
CA PHE Q 27 -1.33 -44.02 30.78
C PHE Q 27 -2.27 -43.93 29.58
N ALA Q 28 -2.22 -44.97 28.73
CA ALA Q 28 -3.08 -45.05 27.54
C ALA Q 28 -4.51 -45.40 27.93
N PHE Q 29 -5.23 -44.43 28.48
CA PHE Q 29 -6.57 -44.64 29.03
C PHE Q 29 -7.50 -45.48 28.17
N SER Q 30 -7.45 -45.30 26.86
CA SER Q 30 -8.35 -46.02 25.95
C SER Q 30 -8.12 -47.52 25.94
N ARG Q 31 -6.88 -47.94 26.19
CA ARG Q 31 -6.53 -49.36 26.20
C ARG Q 31 -6.44 -49.93 27.63
N TYR Q 32 -7.36 -49.53 28.50
CA TYR Q 32 -7.39 -50.05 29.88
C TYR Q 32 -8.83 -50.22 30.39
N ASP Q 33 -9.11 -51.36 31.00
CA ASP Q 33 -10.39 -51.59 31.64
C ASP Q 33 -10.47 -50.75 32.91
N MET Q 34 -11.61 -50.09 33.12
CA MET Q 34 -11.78 -49.18 34.25
C MET Q 34 -12.98 -49.58 35.11
N SER Q 35 -12.88 -49.29 36.40
CA SER Q 35 -13.88 -49.75 37.38
C SER Q 35 -14.15 -48.74 38.48
N TRP Q 36 -15.27 -48.94 39.19
CA TRP Q 36 -15.65 -48.13 40.34
C TRP Q 36 -15.84 -49.02 41.56
N VAL Q 37 -15.27 -48.60 42.68
CA VAL Q 37 -15.41 -49.32 43.95
C VAL Q 37 -15.77 -48.32 45.02
N ARG Q 38 -16.55 -48.77 46.00
CA ARG Q 38 -16.99 -47.88 47.06
C ARG Q 38 -16.73 -48.47 48.45
N GLN Q 39 -16.46 -47.58 49.39
CA GLN Q 39 -16.18 -47.95 50.77
C GLN Q 39 -17.32 -47.46 51.64
N THR Q 40 -18.06 -48.39 52.25
CA THR Q 40 -19.22 -48.03 53.07
C THR Q 40 -18.74 -47.28 54.32
N PRO Q 41 -19.64 -46.54 54.97
CA PRO Q 41 -19.23 -45.92 56.24
C PRO Q 41 -18.89 -47.01 57.25
N GLU Q 42 -19.73 -48.04 57.28
CA GLU Q 42 -19.48 -49.28 58.01
C GLU Q 42 -17.99 -49.70 57.90
N LYS Q 43 -17.42 -49.60 56.70
CA LYS Q 43 -15.94 -49.55 56.42
C LYS Q 43 -15.59 -50.43 55.20
N ARG Q 44 -16.05 -51.69 55.21
CA ARG Q 44 -16.03 -52.61 54.04
C ARG Q 44 -15.93 -52.01 52.63
N LEU Q 45 -15.33 -52.78 51.72
CA LEU Q 45 -15.21 -52.40 50.31
C LEU Q 45 -16.25 -53.14 49.47
N GLU Q 46 -16.64 -52.54 48.35
CA GLU Q 46 -17.73 -53.07 47.53
C GLU Q 46 -17.53 -52.73 46.06
N TRP Q 47 -17.44 -53.75 45.21
CA TRP Q 47 -17.32 -53.53 43.77
C TRP Q 47 -18.61 -52.93 43.25
N VAL Q 48 -18.50 -51.97 42.33
CA VAL Q 48 -19.67 -51.25 41.83
C VAL Q 48 -19.87 -51.38 40.33
N ALA Q 49 -18.79 -51.24 39.54
CA ALA Q 49 -18.90 -51.27 38.08
C ALA Q 49 -17.57 -51.52 37.39
N THR Q 50 -17.63 -52.06 36.17
CA THR Q 50 -16.45 -52.21 35.32
C THR Q 50 -16.85 -52.02 33.88
N ILE Q 51 -15.92 -51.54 33.07
CA ILE Q 51 -16.17 -51.32 31.63
C ILE Q 51 -14.98 -51.78 30.77
N THR Q 52 -15.28 -52.56 29.73
CA THR Q 52 -14.26 -53.09 28.83
C THR Q 52 -13.67 -51.98 28.00
N SER Q 53 -12.35 -52.03 27.84
CA SER Q 53 -11.59 -50.99 27.15
C SER Q 53 -11.71 -51.12 25.64
N GLY Q 54 -12.00 -52.32 25.15
CA GLY Q 54 -12.43 -52.50 23.76
C GLY Q 54 -13.84 -51.94 23.60
N ASP Q 55 -14.00 -50.68 24.01
CA ASP Q 55 -15.30 -50.00 24.24
C ASP Q 55 -16.45 -50.82 24.87
N ASN Q 56 -16.38 -52.14 24.72
CA ASN Q 56 -17.56 -53.02 24.75
C ASN Q 56 -18.52 -52.79 25.93
N TYR Q 57 -18.44 -53.66 26.93
CA TYR Q 57 -19.56 -53.90 27.81
C TYR Q 57 -19.43 -53.13 29.11
N THR Q 58 -20.46 -53.25 29.95
CA THR Q 58 -20.40 -52.81 31.32
C THR Q 58 -20.91 -53.95 32.19
N TYR Q 59 -20.33 -54.08 33.38
CA TYR Q 59 -20.71 -55.12 34.32
C TYR Q 59 -20.97 -54.48 35.68
N TYR Q 60 -22.14 -54.75 36.25
CA TYR Q 60 -22.50 -54.26 37.59
C TYR Q 60 -22.91 -55.44 38.48
N PRO Q 61 -22.83 -55.26 39.81
CA PRO Q 61 -23.34 -56.28 40.72
C PRO Q 61 -24.84 -56.12 40.90
N ASP Q 62 -25.48 -57.08 41.55
CA ASP Q 62 -26.93 -57.07 41.70
C ASP Q 62 -27.41 -55.85 42.49
N SER Q 63 -26.64 -55.45 43.49
CA SER Q 63 -27.05 -54.38 44.39
C SER Q 63 -27.27 -53.02 43.72
N VAL Q 64 -26.77 -52.82 42.50
CA VAL Q 64 -26.94 -51.53 41.82
C VAL Q 64 -27.27 -51.60 40.32
N LYS Q 65 -27.72 -52.74 39.81
CA LYS Q 65 -28.00 -52.88 38.37
C LYS Q 65 -29.12 -51.92 37.97
N GLY Q 66 -28.99 -51.32 36.80
CA GLY Q 66 -30.04 -50.47 36.25
C GLY Q 66 -30.10 -49.09 36.86
N ARG Q 67 -29.72 -48.97 38.14
CA ARG Q 67 -29.67 -47.67 38.82
C ARG Q 67 -28.41 -46.92 38.45
N PHE Q 68 -27.29 -47.65 38.40
CA PHE Q 68 -26.00 -47.08 38.09
C PHE Q 68 -25.64 -47.36 36.63
N THR Q 69 -24.90 -46.42 36.02
CA THR Q 69 -24.55 -46.51 34.61
C THR Q 69 -23.12 -46.00 34.38
N ILE Q 70 -22.17 -46.92 34.34
CA ILE Q 70 -20.77 -46.58 34.06
C ILE Q 70 -20.63 -46.18 32.59
N SER Q 71 -19.67 -45.30 32.31
CA SER Q 71 -19.41 -44.88 30.94
C SER Q 71 -18.09 -44.13 30.86
N ARG Q 72 -17.46 -44.17 29.70
CA ARG Q 72 -16.15 -43.55 29.50
C ARG Q 72 -16.20 -42.48 28.42
N ASP Q 73 -15.13 -41.71 28.33
CA ASP Q 73 -14.89 -40.81 27.20
C ASP Q 73 -13.39 -40.76 26.97
N ASN Q 74 -12.91 -41.62 26.07
CA ASN Q 74 -11.48 -41.74 25.80
C ASN Q 74 -10.86 -40.45 25.24
N ALA Q 75 -11.67 -39.63 24.59
CA ALA Q 75 -11.24 -38.31 24.14
C ALA Q 75 -10.79 -37.46 25.33
N ARG Q 76 -11.63 -37.41 26.37
CA ARG Q 76 -11.39 -36.56 27.53
C ARG Q 76 -10.45 -37.21 28.56
N ASN Q 77 -10.26 -38.53 28.47
CA ASN Q 77 -9.59 -39.32 29.52
C ASN Q 77 -10.37 -39.24 30.83
N THR Q 78 -11.67 -39.51 30.73
CA THR Q 78 -12.57 -39.37 31.86
C THR Q 78 -13.56 -40.52 31.94
N LEU Q 79 -13.81 -40.98 33.16
CA LEU Q 79 -14.73 -42.06 33.43
C LEU Q 79 -15.87 -41.53 34.28
N TYR Q 80 -17.10 -41.79 33.84
CA TYR Q 80 -18.28 -41.33 34.56
C TYR Q 80 -19.00 -42.50 35.20
N LEU Q 81 -19.56 -42.26 36.38
CA LEU Q 81 -20.52 -43.17 36.99
C LEU Q 81 -21.82 -42.43 37.21
N GLN Q 82 -22.81 -42.72 36.35
CA GLN Q 82 -24.12 -42.07 36.41
C GLN Q 82 -25.03 -42.78 37.40
N MET Q 83 -25.18 -42.19 38.59
CA MET Q 83 -26.03 -42.75 39.62
C MET Q 83 -27.42 -42.13 39.52
N SER Q 84 -28.44 -42.91 39.84
CA SER Q 84 -29.81 -42.41 39.95
C SER Q 84 -30.66 -43.35 40.80
N ARG Q 85 -31.76 -42.81 41.34
CA ARG Q 85 -32.59 -43.53 42.33
C ARG Q 85 -31.72 -43.97 43.51
N LEU Q 86 -30.97 -43.01 44.08
CA LEU Q 86 -30.06 -43.28 45.19
C LEU Q 86 -30.80 -43.78 46.42
N ARG Q 87 -30.06 -44.33 47.37
CA ARG Q 87 -30.66 -44.88 48.59
C ARG Q 87 -29.82 -44.54 49.82
N SER Q 88 -30.31 -44.99 50.96
CA SER Q 88 -29.56 -44.95 52.21
C SER Q 88 -28.26 -45.74 52.10
N GLU Q 89 -28.33 -46.92 51.49
CA GLU Q 89 -27.18 -47.85 51.43
C GLU Q 89 -26.05 -47.28 50.58
N ASP Q 90 -26.42 -46.55 49.53
CA ASP Q 90 -25.43 -46.01 48.58
C ASP Q 90 -24.54 -44.92 49.18
N THR Q 91 -24.86 -44.47 50.40
CA THR Q 91 -23.97 -43.59 51.15
C THR Q 91 -22.62 -44.29 51.33
N ALA Q 92 -21.59 -43.73 50.71
CA ALA Q 92 -20.25 -44.33 50.77
C ALA Q 92 -19.20 -43.42 50.13
N LEU Q 93 -17.94 -43.82 50.26
CA LEU Q 93 -16.83 -43.17 49.58
C LEU Q 93 -16.57 -43.93 48.28
N TYR Q 94 -16.64 -43.24 47.15
CA TYR Q 94 -16.55 -43.89 45.83
C TYR Q 94 -15.20 -43.68 45.16
N TYR Q 95 -14.41 -44.74 45.04
CA TYR Q 95 -13.13 -44.73 44.32
C TYR Q 95 -13.32 -45.20 42.88
N CYS Q 96 -12.69 -44.52 41.93
CA CYS Q 96 -12.54 -45.05 40.57
C CYS Q 96 -11.19 -45.77 40.58
N THR Q 97 -11.07 -46.83 39.77
CA THR Q 97 -9.89 -47.68 39.78
C THR Q 97 -9.52 -48.16 38.38
N ARG Q 98 -8.30 -48.66 38.24
CA ARG Q 98 -7.82 -49.20 36.99
C ARG Q 98 -7.56 -50.69 37.13
N GLN Q 99 -8.32 -51.48 36.38
CA GLN Q 99 -8.06 -52.90 36.22
C GLN Q 99 -6.92 -53.02 35.22
N GLY Q 100 -6.55 -54.25 34.89
CA GLY Q 100 -6.06 -54.50 33.54
C GLY Q 100 -4.78 -55.25 33.33
N LEU Q 101 -4.45 -55.36 32.05
CA LEU Q 101 -3.16 -55.84 31.58
C LEU Q 101 -3.00 -57.32 31.86
N LEU Q 102 -2.02 -57.70 32.67
CA LEU Q 102 -1.68 -59.11 32.81
C LEU Q 102 -2.63 -59.86 33.73
N TYR Q 103 -2.97 -59.29 34.88
CA TYR Q 103 -3.64 -60.10 35.91
C TYR Q 103 -4.98 -59.59 36.47
N TYR Q 104 -5.46 -58.43 36.02
CA TYR Q 104 -6.84 -57.99 36.33
C TYR Q 104 -7.18 -57.82 37.80
N ALA Q 105 -6.33 -57.14 38.53
CA ALA Q 105 -6.71 -56.60 39.82
C ALA Q 105 -6.73 -55.10 39.65
N MET Q 106 -7.24 -54.39 40.64
CA MET Q 106 -7.26 -52.96 40.59
C MET Q 106 -5.89 -52.47 41.05
N ASP Q 107 -5.05 -52.04 40.11
CA ASP Q 107 -3.66 -51.67 40.45
C ASP Q 107 -3.51 -50.22 40.91
N TYR Q 108 -4.39 -49.35 40.42
CA TYR Q 108 -4.37 -47.93 40.81
C TYR Q 108 -5.77 -47.42 41.15
N TRP Q 109 -5.83 -46.71 42.28
CA TRP Q 109 -7.06 -46.18 42.83
C TRP Q 109 -6.90 -44.68 43.02
N GLY Q 110 -7.98 -43.94 42.87
CA GLY Q 110 -7.95 -42.49 43.08
C GLY Q 110 -7.98 -42.11 44.56
N GLN Q 111 -7.99 -40.80 44.83
CA GLN Q 111 -8.10 -40.27 46.19
C GLN Q 111 -9.41 -40.73 46.83
N GLY Q 112 -10.50 -40.56 46.08
CA GLY Q 112 -11.83 -40.99 46.50
C GLY Q 112 -12.70 -39.78 46.66
N THR Q 113 -13.78 -39.70 45.89
CA THR Q 113 -14.79 -38.64 46.06
C THR Q 113 -15.96 -39.21 46.86
N SER Q 114 -16.45 -38.41 47.82
CA SER Q 114 -17.39 -38.89 48.81
C SER Q 114 -18.83 -38.63 48.42
N VAL Q 115 -19.70 -39.54 48.81
CA VAL Q 115 -21.13 -39.44 48.55
C VAL Q 115 -21.91 -39.71 49.83
N ASN Q 116 -22.13 -38.64 50.61
CA ASN Q 116 -23.06 -38.65 51.73
C ASN Q 116 -24.49 -38.54 51.13
N VAL Q 117 -25.43 -39.38 51.57
CA VAL Q 117 -26.79 -39.41 50.99
C VAL Q 117 -27.87 -39.49 52.07
N SER Q 118 -28.52 -38.36 52.33
CA SER Q 118 -29.53 -38.26 53.39
C SER Q 118 -30.53 -37.14 53.09
N SER Q 119 -31.64 -37.14 53.83
CA SER Q 119 -32.72 -36.13 53.67
C SER Q 119 -32.45 -34.83 54.51
N ALA Q 120 -31.52 -34.91 55.46
CA ALA Q 120 -31.40 -33.87 56.49
C ALA Q 120 -30.86 -32.53 55.97
N LYS Q 121 -31.42 -31.44 56.50
CA LYS Q 121 -30.97 -30.08 56.17
C LYS Q 121 -29.96 -29.62 57.21
N THR Q 122 -29.12 -28.66 56.83
CA THR Q 122 -28.04 -28.15 57.70
C THR Q 122 -28.60 -27.68 59.04
N THR Q 123 -27.93 -28.04 60.12
CA THR Q 123 -28.37 -27.70 61.47
C THR Q 123 -27.17 -27.42 62.36
N PRO Q 124 -27.13 -26.25 63.03
CA PRO Q 124 -26.04 -26.01 63.96
C PRO Q 124 -26.15 -26.87 65.22
N PRO Q 125 -25.05 -27.00 65.98
CA PRO Q 125 -24.99 -27.92 67.10
C PRO Q 125 -25.45 -27.32 68.42
N SER Q 126 -26.23 -28.08 69.19
CA SER Q 126 -26.41 -27.80 70.61
C SER Q 126 -25.11 -28.23 71.28
N VAL Q 127 -24.65 -27.46 72.25
CA VAL Q 127 -23.43 -27.77 73.00
C VAL Q 127 -23.75 -27.74 74.48
N TYR Q 128 -23.49 -28.85 75.18
CA TYR Q 128 -23.76 -28.95 76.60
C TYR Q 128 -22.45 -29.26 77.33
N PRO Q 129 -22.17 -28.55 78.43
CA PRO Q 129 -20.92 -28.78 79.16
C PRO Q 129 -21.00 -30.02 80.03
N LEU Q 130 -19.89 -30.72 80.17
CA LEU Q 130 -19.81 -31.92 81.00
C LEU Q 130 -18.86 -31.69 82.17
N ALA Q 131 -19.44 -31.61 83.37
CA ALA Q 131 -18.68 -31.40 84.60
C ALA Q 131 -19.19 -32.36 85.68
N PRO Q 132 -18.31 -32.72 86.64
CA PRO Q 132 -18.70 -33.69 87.67
C PRO Q 132 -19.67 -33.07 88.67
N GLY Q 133 -20.85 -33.68 88.84
CA GLY Q 133 -21.96 -33.02 89.56
C GLY Q 133 -22.16 -32.95 91.08
N CYS Q 134 -21.79 -33.97 91.86
CA CYS Q 134 -21.79 -33.84 93.36
C CYS Q 134 -20.62 -34.51 94.10
N GLY Q 135 -20.80 -35.77 94.53
CA GLY Q 135 -19.92 -36.43 95.50
C GLY Q 135 -18.56 -37.05 95.19
N ASP Q 136 -18.25 -37.45 93.95
CA ASP Q 136 -16.99 -38.19 93.63
C ASP Q 136 -15.67 -37.39 93.75
N THR Q 137 -15.12 -37.29 94.96
CA THR Q 137 -14.02 -36.37 95.27
C THR Q 137 -12.64 -36.70 94.65
N THR Q 138 -12.23 -38.00 94.65
CA THR Q 138 -10.78 -38.48 94.68
C THR Q 138 -9.87 -37.44 94.03
N GLY Q 139 -10.20 -37.03 92.81
CA GLY Q 139 -9.59 -35.80 92.25
C GLY Q 139 -8.10 -35.68 92.43
N SER Q 140 -7.37 -36.71 92.02
CA SER Q 140 -6.03 -36.53 91.55
C SER Q 140 -6.09 -36.70 90.06
N SER Q 141 -5.90 -35.54 89.44
CA SER Q 141 -6.43 -35.24 88.11
C SER Q 141 -7.97 -35.20 88.04
N VAL Q 142 -8.48 -34.39 87.12
CA VAL Q 142 -9.93 -34.32 86.87
C VAL Q 142 -10.23 -34.23 85.36
N THR Q 143 -11.23 -34.99 84.93
CA THR Q 143 -11.61 -35.06 83.52
C THR Q 143 -12.94 -34.36 83.32
N LEU Q 144 -13.02 -33.56 82.26
CA LEU Q 144 -14.21 -32.80 81.90
C LEU Q 144 -14.53 -33.02 80.43
N GLY Q 145 -15.57 -32.37 79.90
CA GLY Q 145 -15.88 -32.52 78.48
C GLY Q 145 -17.00 -31.64 77.95
N CYS Q 146 -17.34 -31.85 76.68
CA CYS Q 146 -18.40 -31.11 76.00
C CYS Q 146 -19.20 -32.03 75.10
N LEU Q 147 -20.50 -32.17 75.38
CA LEU Q 147 -21.40 -32.95 74.53
C LEU Q 147 -21.93 -32.05 73.41
N VAL Q 148 -21.83 -32.53 72.17
CA VAL Q 148 -22.29 -31.77 70.99
C VAL Q 148 -23.41 -32.54 70.26
N LYS Q 149 -24.65 -32.17 70.55
CA LYS Q 149 -25.82 -32.90 70.07
C LYS Q 149 -26.47 -32.22 68.86
N GLY Q 150 -27.22 -33.00 68.09
CA GLY Q 150 -28.14 -32.49 67.06
C GLY Q 150 -27.58 -31.54 66.00
N TYR Q 151 -26.61 -32.02 65.22
CA TYR Q 151 -26.02 -31.21 64.15
C TYR Q 151 -25.87 -31.99 62.84
N PHE Q 152 -25.66 -31.24 61.76
CA PHE Q 152 -25.53 -31.78 60.41
C PHE Q 152 -25.06 -30.66 59.48
N PRO Q 153 -24.19 -30.97 58.50
CA PRO Q 153 -23.49 -32.22 58.26
C PRO Q 153 -22.29 -32.40 59.17
N GLU Q 154 -21.89 -33.66 59.36
CA GLU Q 154 -20.72 -34.00 60.17
C GLU Q 154 -19.50 -33.22 59.63
N SER Q 155 -18.79 -32.56 60.52
CA SER Q 155 -17.64 -31.69 60.19
C SER Q 155 -17.15 -30.89 61.40
N VAL Q 156 -17.84 -31.01 62.53
CA VAL Q 156 -17.53 -30.25 63.75
C VAL Q 156 -16.11 -30.49 64.26
N THR Q 157 -15.47 -29.45 64.77
CA THR Q 157 -14.06 -29.52 65.24
C THR Q 157 -13.85 -28.86 66.61
N VAL Q 158 -14.06 -29.64 67.66
CA VAL Q 158 -13.98 -29.17 69.05
C VAL Q 158 -12.52 -28.99 69.52
N THR Q 159 -12.16 -27.75 69.92
CA THR Q 159 -10.82 -27.43 70.46
C THR Q 159 -10.93 -26.83 71.88
N TRP Q 160 -9.90 -27.02 72.70
CA TRP Q 160 -9.95 -26.62 74.12
C TRP Q 160 -8.99 -25.48 74.46
N ASN Q 161 -9.51 -24.42 75.07
CA ASN Q 161 -8.71 -23.25 75.51
C ASN Q 161 -7.82 -22.65 74.41
N SER Q 162 -8.32 -22.64 73.18
CA SER Q 162 -7.50 -22.35 72.00
C SER Q 162 -6.29 -23.30 71.97
N GLY Q 163 -6.57 -24.59 72.04
CA GLY Q 163 -5.54 -25.65 72.06
C GLY Q 163 -4.43 -25.47 73.08
N SER Q 164 -4.75 -24.93 74.24
CA SER Q 164 -3.77 -24.74 75.31
C SER Q 164 -3.55 -26.08 76.03
N LEU Q 165 -4.62 -26.59 76.66
CA LEU Q 165 -4.65 -27.96 77.19
C LEU Q 165 -5.12 -28.89 76.09
N SER Q 166 -4.23 -29.17 75.12
CA SER Q 166 -4.53 -30.02 73.95
C SER Q 166 -4.00 -31.46 74.12
N SER Q 167 -2.94 -31.63 74.90
CA SER Q 167 -2.53 -32.95 75.37
C SER Q 167 -3.46 -33.34 76.52
N SER Q 168 -3.78 -34.63 76.61
CA SER Q 168 -4.81 -35.14 77.54
C SER Q 168 -6.22 -34.77 77.06
N VAL Q 169 -6.44 -34.87 75.75
CA VAL Q 169 -7.74 -34.59 75.13
C VAL Q 169 -8.15 -35.76 74.24
N HIS Q 170 -9.43 -36.10 74.24
CA HIS Q 170 -9.95 -37.18 73.41
C HIS Q 170 -11.25 -36.74 72.74
N THR Q 171 -11.19 -36.49 71.45
CA THR Q 171 -12.40 -36.21 70.67
C THR Q 171 -12.87 -37.50 70.02
N PHE Q 172 -14.14 -37.83 70.19
CA PHE Q 172 -14.69 -39.10 69.74
C PHE Q 172 -15.39 -38.98 68.39
N PRO Q 173 -15.35 -40.03 67.56
CA PRO Q 173 -16.08 -39.98 66.30
C PRO Q 173 -17.58 -39.80 66.48
N ALA Q 174 -18.19 -39.03 65.56
CA ALA Q 174 -19.60 -38.72 65.66
C ALA Q 174 -20.44 -39.88 65.18
N LEU Q 175 -21.30 -40.37 66.06
CA LEU Q 175 -22.34 -41.32 65.67
C LEU Q 175 -23.56 -40.55 65.17
N LEU Q 176 -24.38 -41.22 64.37
CA LEU Q 176 -25.57 -40.60 63.79
C LEU Q 176 -26.79 -41.17 64.49
N GLN Q 177 -27.46 -40.34 65.29
CA GLN Q 177 -28.70 -40.76 65.97
C GLN Q 177 -29.87 -39.86 65.60
N SER Q 178 -30.98 -40.50 65.21
CA SER Q 178 -32.22 -39.80 64.90
C SER Q 178 -32.02 -38.76 63.79
N GLY Q 179 -31.31 -39.14 62.73
CA GLY Q 179 -31.11 -38.27 61.57
C GLY Q 179 -30.10 -37.15 61.72
N LEU Q 180 -29.59 -36.95 62.94
CA LEU Q 180 -28.64 -35.86 63.24
C LEU Q 180 -27.43 -36.41 63.98
N TYR Q 181 -26.29 -35.72 63.82
CA TYR Q 181 -25.03 -36.19 64.39
C TYR Q 181 -24.87 -35.82 65.87
N THR Q 182 -24.12 -36.66 66.57
CA THR Q 182 -23.82 -36.48 67.98
C THR Q 182 -22.37 -36.89 68.22
N MET Q 183 -21.59 -36.04 68.84
CA MET Q 183 -20.23 -36.38 69.24
C MET Q 183 -19.93 -35.77 70.59
N SER Q 184 -18.82 -36.20 71.19
CA SER Q 184 -18.38 -35.64 72.46
C SER Q 184 -16.86 -35.46 72.46
N SER Q 185 -16.36 -34.74 73.44
CA SER Q 185 -14.94 -34.49 73.58
C SER Q 185 -14.60 -34.40 75.07
N SER Q 186 -13.58 -35.13 75.50
CA SER Q 186 -13.14 -35.10 76.90
C SER Q 186 -11.76 -34.46 76.98
N VAL Q 187 -11.45 -33.92 78.16
CA VAL Q 187 -10.17 -33.28 78.42
C VAL Q 187 -9.78 -33.48 79.88
N THR Q 188 -8.51 -33.79 80.12
CA THR Q 188 -8.03 -34.08 81.47
C THR Q 188 -6.95 -33.06 81.85
N VAL Q 189 -7.04 -32.57 83.08
CA VAL Q 189 -6.08 -31.60 83.64
C VAL Q 189 -5.79 -31.92 85.10
N PRO Q 190 -4.68 -31.38 85.64
CA PRO Q 190 -4.41 -31.50 87.07
C PRO Q 190 -5.59 -30.98 87.90
N SER Q 191 -5.98 -31.74 88.92
CA SER Q 191 -7.17 -31.43 89.74
C SER Q 191 -7.12 -30.03 90.35
N SER Q 192 -5.95 -29.67 90.88
CA SER Q 192 -5.73 -28.37 91.49
C SER Q 192 -6.10 -27.22 90.57
N THR Q 193 -5.58 -27.27 89.34
CA THR Q 193 -5.62 -26.12 88.45
C THR Q 193 -6.94 -25.94 87.67
N TRP Q 194 -7.96 -26.75 87.89
CA TRP Q 194 -9.25 -26.53 87.19
C TRP Q 194 -10.10 -25.42 87.82
N PRO Q 195 -10.74 -25.69 88.99
CA PRO Q 195 -11.78 -24.76 89.45
C PRO Q 195 -11.34 -23.29 89.41
N SER Q 196 -10.05 -23.04 89.63
CA SER Q 196 -9.46 -21.71 89.54
C SER Q 196 -9.24 -21.21 88.11
N GLN Q 197 -8.68 -22.06 87.24
CA GLN Q 197 -8.33 -21.68 85.87
C GLN Q 197 -9.56 -21.68 84.95
N THR Q 198 -9.54 -20.83 83.93
CA THR Q 198 -10.57 -20.80 82.91
C THR Q 198 -10.41 -22.01 81.99
N VAL Q 199 -11.50 -22.75 81.77
CA VAL Q 199 -11.49 -23.93 80.89
C VAL Q 199 -12.68 -23.89 79.93
N THR Q 200 -12.40 -23.58 78.66
CA THR Q 200 -13.41 -23.34 77.65
C THR Q 200 -13.26 -24.31 76.48
N CYS Q 201 -14.37 -24.94 76.09
CA CYS Q 201 -14.40 -25.77 74.88
C CYS Q 201 -15.02 -24.97 73.75
N SER Q 202 -14.35 -24.94 72.60
CA SER Q 202 -14.80 -24.17 71.44
C SER Q 202 -15.21 -25.12 70.31
N VAL Q 203 -16.49 -25.07 69.93
CA VAL Q 203 -17.07 -26.02 68.99
C VAL Q 203 -17.42 -25.33 67.67
N ALA Q 204 -16.50 -25.37 66.71
CA ALA Q 204 -16.70 -24.78 65.38
C ALA Q 204 -17.32 -25.80 64.43
N HIS Q 205 -18.38 -25.40 63.74
CA HIS Q 205 -19.10 -26.26 62.81
C HIS Q 205 -19.33 -25.48 61.51
N PRO Q 206 -18.24 -25.29 60.72
CA PRO Q 206 -18.25 -24.37 59.58
C PRO Q 206 -19.38 -24.58 58.56
N ALA Q 207 -19.96 -25.77 58.54
CA ALA Q 207 -21.10 -26.07 57.66
C ALA Q 207 -22.31 -25.17 57.89
N SER Q 208 -22.63 -24.89 59.16
CA SER Q 208 -23.71 -23.96 59.51
C SER Q 208 -23.19 -22.58 59.88
N SER Q 209 -21.89 -22.34 59.66
CA SER Q 209 -21.28 -21.03 59.82
C SER Q 209 -21.20 -20.60 61.30
N THR Q 210 -21.07 -21.57 62.20
CA THR Q 210 -21.25 -21.35 63.64
C THR Q 210 -19.98 -21.63 64.45
N THR Q 211 -19.85 -20.99 65.61
CA THR Q 211 -18.82 -21.32 66.61
C THR Q 211 -19.37 -21.11 68.02
N VAL Q 212 -19.47 -22.17 68.80
CA VAL Q 212 -20.10 -22.13 70.13
C VAL Q 212 -19.09 -22.43 71.24
N ASP Q 213 -18.68 -21.39 71.98
CA ASP Q 213 -17.79 -21.56 73.14
C ASP Q 213 -18.61 -21.95 74.37
N LYS Q 214 -17.95 -22.58 75.34
CA LYS Q 214 -18.59 -22.91 76.62
C LYS Q 214 -17.56 -23.17 77.72
N LYS Q 215 -17.55 -22.29 78.74
CA LYS Q 215 -16.75 -22.50 79.94
C LYS Q 215 -17.38 -23.58 80.79
N LEU Q 216 -16.55 -24.30 81.52
CA LEU Q 216 -17.03 -25.39 82.37
C LEU Q 216 -17.13 -24.95 83.82
N GLU Q 217 -18.38 -24.82 84.29
CA GLU Q 217 -18.64 -24.31 85.63
C GLU Q 217 -18.80 -25.50 86.59
N PRO Q 218 -18.19 -25.43 87.79
CA PRO Q 218 -18.29 -26.54 88.74
C PRO Q 218 -19.68 -26.77 89.35
N SER Q 219 -19.76 -27.75 90.23
CA SER Q 219 -20.99 -28.07 90.97
C SER Q 219 -20.64 -28.67 92.33
N GLU R 4 -17.50 -77.93 40.99
CA GLU R 4 -17.54 -76.44 40.86
C GLU R 4 -18.28 -76.04 39.58
N ASP R 5 -19.55 -75.63 39.74
CA ASP R 5 -20.37 -75.17 38.62
C ASP R 5 -19.53 -74.38 37.62
N GLY R 6 -19.19 -75.03 36.50
CA GLY R 6 -18.20 -74.52 35.58
C GLY R 6 -18.60 -73.28 34.82
N ASP R 7 -18.05 -72.16 35.24
CA ASP R 7 -18.15 -70.93 34.47
C ASP R 7 -17.26 -71.07 33.25
N LEU R 8 -17.26 -70.05 32.41
CA LEU R 8 -16.39 -70.02 31.24
C LEU R 8 -14.95 -70.01 31.72
N GLN R 9 -14.03 -70.44 30.87
CA GLN R 9 -12.62 -70.48 31.24
C GLN R 9 -11.69 -69.77 30.27
N CYS R 10 -10.45 -69.63 30.67
CA CYS R 10 -9.42 -69.12 29.79
C CYS R 10 -9.18 -70.15 28.71
N LEU R 11 -8.81 -69.68 27.52
CA LEU R 11 -8.41 -70.57 26.44
C LEU R 11 -7.07 -71.19 26.79
N CYS R 12 -6.26 -70.44 27.54
CA CYS R 12 -4.92 -70.86 27.93
C CYS R 12 -4.84 -71.09 29.42
N VAL R 13 -5.25 -72.29 29.85
CA VAL R 13 -5.20 -72.61 31.27
C VAL R 13 -3.80 -73.08 31.58
N LYS R 14 -3.21 -73.84 30.66
CA LYS R 14 -1.83 -74.29 30.82
C LYS R 14 -1.04 -73.95 29.57
N THR R 15 0.28 -73.93 29.72
CA THR R 15 1.18 -73.32 28.75
C THR R 15 2.47 -74.10 28.61
N THR R 16 3.28 -73.74 27.62
CA THR R 16 4.66 -74.20 27.51
C THR R 16 5.59 -73.10 27.07
N SER R 17 6.81 -73.11 27.59
CA SER R 17 7.89 -72.27 27.09
C SER R 17 8.53 -72.94 25.89
N GLN R 18 8.32 -74.25 25.79
CA GLN R 18 9.03 -75.11 24.85
C GLN R 18 8.34 -75.09 23.50
N VAL R 19 8.80 -74.26 22.59
CA VAL R 19 8.37 -74.31 21.20
C VAL R 19 9.38 -73.69 20.25
N ARG R 20 9.47 -74.24 19.06
CA ARG R 20 10.37 -73.74 18.04
C ARG R 20 9.75 -72.49 17.43
N PRO R 21 10.43 -71.33 17.55
CA PRO R 21 9.94 -70.09 16.95
C PRO R 21 9.86 -70.11 15.42
N ARG R 22 10.73 -70.90 14.79
CA ARG R 22 10.61 -71.23 13.36
C ARG R 22 9.18 -71.63 12.91
N HIS R 23 8.44 -72.31 13.78
CA HIS R 23 7.08 -72.79 13.44
C HIS R 23 6.00 -71.70 13.50
N ILE R 24 6.20 -70.67 14.30
CA ILE R 24 5.11 -69.75 14.64
C ILE R 24 4.82 -68.70 13.58
N THR R 25 3.72 -68.86 12.84
CA THR R 25 3.40 -67.93 11.76
C THR R 25 2.79 -66.62 12.26
N SER R 26 2.28 -66.62 13.49
CA SER R 26 1.53 -65.48 13.97
C SER R 26 1.40 -65.49 15.48
N LEU R 27 0.90 -64.39 16.03
CA LEU R 27 0.89 -64.21 17.46
C LEU R 27 -0.21 -63.25 17.89
N GLU R 28 -1.23 -63.79 18.56
CA GLU R 28 -2.31 -63.00 19.12
C GLU R 28 -2.10 -62.80 20.61
N VAL R 29 -2.41 -61.61 21.11
CA VAL R 29 -2.36 -61.31 22.53
C VAL R 29 -3.69 -60.74 22.95
N ILE R 30 -4.20 -61.21 24.08
CA ILE R 30 -5.42 -60.66 24.65
C ILE R 30 -5.21 -60.31 26.11
N LYS R 31 -5.84 -59.21 26.51
CA LYS R 31 -5.63 -58.61 27.83
C LYS R 31 -6.18 -59.56 28.87
N ALA R 32 -6.09 -59.13 30.12
CA ALA R 32 -6.84 -59.78 31.17
C ALA R 32 -8.26 -59.25 31.07
N GLY R 33 -9.21 -60.07 31.48
CA GLY R 33 -10.62 -59.70 31.42
C GLY R 33 -11.43 -60.31 32.54
N PRO R 34 -12.72 -59.95 32.62
CA PRO R 34 -13.62 -60.55 33.59
C PRO R 34 -13.94 -62.01 33.26
N HIS R 35 -13.71 -62.43 32.03
CA HIS R 35 -13.93 -63.80 31.63
C HIS R 35 -12.64 -64.61 31.52
N CYS R 36 -11.50 -63.96 31.76
CA CYS R 36 -10.25 -64.67 31.95
C CYS R 36 -9.27 -63.80 32.75
N PRO R 37 -9.15 -64.06 34.06
CA PRO R 37 -8.35 -63.24 34.95
C PRO R 37 -6.91 -63.00 34.50
N THR R 38 -6.17 -64.05 34.18
CA THR R 38 -4.83 -63.86 33.60
C THR R 38 -4.96 -63.46 32.13
N ALA R 39 -3.98 -62.69 31.66
CA ALA R 39 -3.87 -62.42 30.23
C ALA R 39 -3.20 -63.62 29.61
N GLN R 40 -3.25 -63.67 28.29
CA GLN R 40 -2.75 -64.83 27.56
C GLN R 40 -2.16 -64.34 26.26
N LEU R 41 -1.40 -65.21 25.60
CA LEU R 41 -1.06 -64.98 24.20
C LEU R 41 -0.97 -66.30 23.44
N ILE R 42 -1.47 -66.25 22.21
CA ILE R 42 -1.77 -67.42 21.44
C ILE R 42 -0.86 -67.41 20.22
N ALA R 43 0.15 -68.26 20.27
CA ALA R 43 1.03 -68.43 19.13
C ALA R 43 0.37 -69.43 18.21
N THR R 44 0.29 -69.07 16.93
CA THR R 44 -0.38 -69.89 15.95
C THR R 44 0.69 -70.44 15.01
N LEU R 45 0.74 -71.76 14.86
CA LEU R 45 1.86 -72.43 14.19
C LEU R 45 1.68 -72.57 12.67
N LYS R 46 2.69 -73.14 12.01
CA LYS R 46 2.66 -73.27 10.56
C LYS R 46 1.58 -74.21 10.11
N ASN R 47 1.51 -75.37 10.76
CA ASN R 47 0.54 -76.40 10.39
C ASN R 47 -0.90 -76.05 10.74
N GLY R 48 -1.09 -75.14 11.69
CA GLY R 48 -2.41 -74.60 11.97
C GLY R 48 -2.80 -74.54 13.43
N ARG R 49 -2.13 -75.33 14.27
CA ARG R 49 -2.47 -75.37 15.70
C ARG R 49 -2.20 -74.02 16.31
N LYS R 50 -2.72 -73.83 17.51
CA LYS R 50 -2.43 -72.65 18.31
C LYS R 50 -1.95 -73.14 19.64
N ILE R 51 -1.08 -72.36 20.28
CA ILE R 51 -0.53 -72.74 21.57
C ILE R 51 -0.45 -71.57 22.51
N CYS R 52 -0.41 -71.90 23.79
CA CYS R 52 -0.39 -70.93 24.84
C CYS R 52 0.98 -70.94 25.43
N LEU R 53 1.60 -69.77 25.55
CA LEU R 53 2.97 -69.71 26.01
C LEU R 53 3.03 -68.96 27.32
N ASP R 54 4.05 -69.32 28.10
CA ASP R 54 4.11 -68.94 29.50
C ASP R 54 4.44 -67.47 29.65
N LEU R 55 3.75 -66.81 30.58
CA LEU R 55 4.03 -65.43 30.92
C LEU R 55 4.96 -65.37 32.14
N GLN R 56 5.20 -66.51 32.78
CA GLN R 56 6.19 -66.59 33.86
C GLN R 56 7.61 -66.56 33.32
N ALA R 57 7.81 -67.12 32.12
CA ALA R 57 9.11 -67.06 31.46
C ALA R 57 9.34 -65.66 30.91
N PRO R 58 10.57 -65.36 30.46
CA PRO R 58 10.87 -64.08 29.81
C PRO R 58 10.42 -63.96 28.34
N LEU R 59 9.42 -64.76 27.98
CA LEU R 59 8.52 -64.50 26.86
C LEU R 59 7.49 -63.41 27.25
N TYR R 60 7.60 -62.90 28.49
CA TYR R 60 6.59 -62.01 29.08
C TYR R 60 6.90 -60.53 28.94
N LYS R 61 8.18 -60.18 28.80
CA LYS R 61 8.56 -58.77 28.70
C LYS R 61 8.27 -58.22 27.29
N LYS R 62 8.06 -59.13 26.35
CA LYS R 62 7.48 -58.79 25.03
C LYS R 62 5.93 -58.77 24.99
N ILE R 63 5.30 -58.79 26.17
CA ILE R 63 3.84 -58.67 26.30
C ILE R 63 3.51 -57.30 26.90
N ILE R 64 3.97 -57.11 28.15
CA ILE R 64 3.70 -55.90 28.93
C ILE R 64 3.86 -54.65 28.05
N LYS R 65 4.97 -54.57 27.34
CA LYS R 65 5.22 -53.53 26.37
C LYS R 65 4.35 -53.66 25.14
N LYS R 66 4.28 -54.86 24.58
CA LYS R 66 3.59 -55.12 23.31
C LYS R 66 2.19 -54.50 23.22
N LEU R 67 1.24 -55.09 23.92
CA LEU R 67 -0.15 -54.65 23.82
C LEU R 67 -0.39 -53.46 24.73
N LEU R 68 0.35 -53.41 25.82
CA LEU R 68 -0.01 -52.59 26.95
C LEU R 68 1.10 -51.59 27.30
N ASP S 1 22.41 -24.85 -54.52
CA ASP S 1 23.18 -23.57 -54.50
C ASP S 1 23.17 -22.96 -53.11
N ILE S 2 24.31 -22.40 -52.72
CA ILE S 2 24.42 -21.67 -51.46
C ILE S 2 24.29 -20.19 -51.73
N GLN S 3 23.25 -19.56 -51.19
CA GLN S 3 23.11 -18.12 -51.24
C GLN S 3 24.10 -17.49 -50.24
N MET S 4 25.09 -16.78 -50.76
CA MET S 4 26.07 -16.05 -49.94
C MET S 4 25.66 -14.58 -49.84
N THR S 5 25.24 -14.15 -48.66
CA THR S 5 24.63 -12.84 -48.47
C THR S 5 25.56 -11.85 -47.77
N GLN S 6 25.97 -10.83 -48.51
CA GLN S 6 26.81 -9.77 -47.97
C GLN S 6 25.89 -8.57 -47.76
N ILE S 7 25.47 -8.35 -46.51
CA ILE S 7 24.30 -7.55 -46.19
C ILE S 7 24.40 -6.05 -46.54
N THR S 8 25.58 -5.46 -46.35
CA THR S 8 25.81 -4.03 -46.65
C THR S 8 26.42 -3.83 -48.05
N SER S 9 25.59 -3.38 -48.98
CA SER S 9 26.02 -3.03 -50.34
C SER S 9 27.25 -2.13 -50.35
N SER S 10 27.18 -0.99 -49.67
CA SER S 10 28.36 -0.14 -49.40
C SER S 10 28.35 0.36 -47.96
N LEU S 11 29.52 0.80 -47.50
CA LEU S 11 29.74 1.15 -46.12
C LEU S 11 30.72 2.31 -45.98
N SER S 12 30.36 3.31 -45.19
CA SER S 12 31.14 4.56 -45.02
C SER S 12 32.06 4.41 -43.81
N ALA S 13 33.35 4.65 -44.00
CA ALA S 13 34.31 4.52 -42.90
C ALA S 13 35.48 5.46 -43.10
N SER S 14 35.70 6.36 -42.14
CA SER S 14 36.80 7.32 -42.20
C SER S 14 38.14 6.61 -42.14
N LEU S 15 39.15 7.23 -42.73
CA LEU S 15 40.47 6.64 -42.82
C LEU S 15 41.10 6.43 -41.42
N GLY S 16 41.91 5.38 -41.28
CA GLY S 16 42.51 5.03 -39.98
C GLY S 16 41.57 4.35 -38.99
N ASP S 17 40.42 3.89 -39.49
CA ASP S 17 39.36 3.28 -38.65
C ASP S 17 39.51 1.77 -38.55
N ARG S 18 38.60 1.15 -37.80
CA ARG S 18 38.48 -0.30 -37.75
C ARG S 18 37.17 -0.66 -38.47
N VAL S 19 37.25 -1.56 -39.44
CA VAL S 19 36.12 -1.89 -40.29
C VAL S 19 35.77 -3.37 -40.16
N THR S 20 34.49 -3.66 -39.98
CA THR S 20 33.99 -5.02 -40.03
C THR S 20 33.02 -5.14 -41.19
N ILE S 21 33.13 -6.26 -41.90
CA ILE S 21 32.44 -6.45 -43.16
C ILE S 21 31.89 -7.89 -43.15
N SER S 22 30.57 -8.01 -42.94
CA SER S 22 29.96 -9.31 -42.63
C SER S 22 29.46 -10.02 -43.88
N CYS S 23 29.57 -11.34 -43.87
CA CYS S 23 29.14 -12.18 -44.97
C CYS S 23 28.49 -13.41 -44.38
N SER S 24 27.18 -13.53 -44.61
CA SER S 24 26.40 -14.63 -44.07
C SER S 24 26.08 -15.64 -45.17
N ALA S 25 25.92 -16.92 -44.81
CA ALA S 25 25.75 -18.02 -45.77
C ALA S 25 24.42 -18.72 -45.57
N SER S 26 23.77 -19.11 -46.65
CA SER S 26 22.44 -19.72 -46.59
C SER S 26 22.45 -21.01 -45.77
N GLN S 27 23.51 -21.77 -45.96
CA GLN S 27 23.68 -23.07 -45.37
C GLN S 27 25.06 -23.16 -44.74
N GLY S 28 25.26 -24.14 -43.86
CA GLY S 28 26.55 -24.32 -43.22
C GLY S 28 27.61 -24.66 -44.26
N ILE S 29 28.59 -23.78 -44.39
CA ILE S 29 29.86 -24.14 -45.00
C ILE S 29 30.82 -24.46 -43.86
N ASN S 30 31.83 -25.29 -44.12
CA ASN S 30 32.75 -25.70 -43.04
C ASN S 30 33.97 -24.79 -42.97
N ASN S 31 33.74 -23.57 -42.49
CA ASN S 31 34.69 -22.45 -42.60
C ASN S 31 35.58 -22.62 -43.82
N TYR S 32 34.96 -22.90 -44.97
CA TYR S 32 35.68 -22.99 -46.24
C TYR S 32 35.39 -21.73 -47.08
N LEU S 33 35.34 -20.60 -46.38
CA LEU S 33 35.07 -19.30 -46.97
C LEU S 33 36.35 -18.65 -47.49
N SER S 34 36.20 -17.64 -48.34
CA SER S 34 37.34 -16.84 -48.76
C SER S 34 36.99 -15.37 -48.68
N TRP S 35 38.00 -14.52 -48.89
CA TRP S 35 37.76 -13.09 -49.02
C TRP S 35 38.60 -12.58 -50.17
N TYR S 36 38.02 -11.66 -50.93
CA TYR S 36 38.67 -11.09 -52.07
C TYR S 36 38.50 -9.58 -52.03
N ARG S 37 39.47 -8.89 -52.61
CA ARG S 37 39.41 -7.44 -52.71
C ARG S 37 39.62 -7.07 -54.17
N GLN S 38 38.78 -6.17 -54.68
CA GLN S 38 38.90 -5.68 -56.04
C GLN S 38 39.15 -4.19 -56.05
N LYS S 39 40.36 -3.79 -56.44
CA LYS S 39 40.70 -2.37 -56.60
C LYS S 39 39.77 -1.77 -57.65
N PRO S 40 39.31 -0.53 -57.43
CA PRO S 40 38.28 0.07 -58.29
C PRO S 40 38.45 -0.28 -59.76
N ASP S 41 39.69 -0.31 -60.21
CA ASP S 41 40.04 -0.67 -61.56
C ASP S 41 40.67 -2.04 -61.66
N GLY S 42 41.62 -2.29 -60.78
CA GLY S 42 42.57 -3.37 -60.95
C GLY S 42 41.96 -4.75 -60.82
N THR S 43 42.83 -5.74 -60.97
CA THR S 43 42.45 -7.12 -60.75
C THR S 43 41.89 -7.28 -59.34
N VAL S 44 41.40 -8.49 -59.05
CA VAL S 44 41.07 -8.86 -57.69
C VAL S 44 42.19 -9.76 -57.13
N LYS S 45 42.38 -9.72 -55.82
CA LYS S 45 43.42 -10.53 -55.21
C LYS S 45 42.90 -11.20 -53.94
N LEU S 46 43.37 -12.43 -53.73
CA LEU S 46 42.95 -13.22 -52.58
C LEU S 46 43.49 -12.62 -51.31
N LEU S 47 42.60 -12.44 -50.34
CA LEU S 47 42.94 -11.78 -49.10
C LEU S 47 43.09 -12.84 -48.02
N ILE S 48 41.99 -13.53 -47.72
CA ILE S 48 41.96 -14.58 -46.71
C ILE S 48 41.39 -15.85 -47.35
N TYR S 49 41.99 -17.00 -47.02
CA TYR S 49 41.39 -18.29 -47.33
C TYR S 49 41.04 -19.03 -46.03
N TYR S 50 40.47 -20.22 -46.18
CA TYR S 50 39.84 -20.93 -45.07
C TYR S 50 38.76 -20.08 -44.42
N THR S 51 38.96 -19.59 -43.21
CA THR S 51 38.08 -18.58 -42.69
C THR S 51 38.87 -17.39 -42.17
N SER S 52 40.14 -17.63 -41.82
CA SER S 52 41.00 -16.64 -41.20
C SER S 52 42.48 -16.68 -41.61
N SER S 53 42.93 -17.73 -42.32
CA SER S 53 44.33 -17.76 -42.80
C SER S 53 44.57 -16.76 -43.89
N LEU S 54 45.54 -15.89 -43.70
CA LEU S 54 45.83 -14.86 -44.65
C LEU S 54 46.73 -15.37 -45.77
N HIS S 55 46.48 -14.89 -46.99
CA HIS S 55 47.28 -15.23 -48.17
C HIS S 55 48.63 -14.54 -48.02
N SER S 56 49.65 -15.05 -48.70
CA SER S 56 50.97 -14.43 -48.67
C SER S 56 50.95 -13.03 -49.27
N GLY S 57 51.72 -12.13 -48.68
CA GLY S 57 51.78 -10.75 -49.15
C GLY S 57 50.58 -9.90 -48.74
N VAL S 58 49.81 -10.37 -47.77
CA VAL S 58 48.68 -9.62 -47.25
C VAL S 58 49.10 -8.95 -45.96
N PRO S 59 48.77 -7.67 -45.79
CA PRO S 59 49.05 -6.96 -44.54
C PRO S 59 48.50 -7.65 -43.29
N SER S 60 49.08 -7.30 -42.14
CA SER S 60 48.79 -7.96 -40.88
C SER S 60 47.43 -7.45 -40.32
N ARG S 61 47.03 -6.24 -40.68
CA ARG S 61 45.73 -5.65 -40.26
C ARG S 61 44.47 -6.40 -40.73
N PHE S 62 44.59 -7.17 -41.81
CA PHE S 62 43.52 -8.02 -42.30
C PHE S 62 43.40 -9.30 -41.47
N SER S 63 42.24 -9.54 -40.88
CA SER S 63 42.02 -10.76 -40.11
C SER S 63 40.61 -11.30 -40.30
N GLY S 64 40.51 -12.53 -40.79
CA GLY S 64 39.22 -13.19 -40.97
C GLY S 64 38.76 -13.93 -39.72
N SER S 65 37.47 -14.22 -39.65
CA SER S 65 36.90 -14.93 -38.51
C SER S 65 35.52 -15.47 -38.86
N GLY S 66 34.98 -16.29 -37.96
CA GLY S 66 33.64 -16.86 -38.14
C GLY S 66 33.54 -18.37 -38.03
N SER S 67 32.30 -18.88 -38.00
CA SER S 67 32.03 -20.32 -37.97
C SER S 67 30.58 -20.62 -38.33
N GLY S 68 30.37 -21.64 -39.13
CA GLY S 68 29.01 -22.06 -39.50
C GLY S 68 28.46 -21.28 -40.68
N THR S 69 27.47 -20.43 -40.43
CA THR S 69 26.85 -19.62 -41.48
C THR S 69 27.27 -18.17 -41.47
N ASP S 70 27.87 -17.71 -40.37
CA ASP S 70 28.27 -16.30 -40.23
C ASP S 70 29.77 -16.15 -40.23
N TYR S 71 30.25 -15.13 -40.95
CA TYR S 71 31.68 -14.86 -41.06
C TYR S 71 31.93 -13.36 -41.18
N SER S 72 33.14 -12.94 -40.82
CA SER S 72 33.54 -11.54 -40.93
C SER S 72 34.97 -11.44 -41.39
N LEU S 73 35.22 -10.44 -42.23
CA LEU S 73 36.55 -9.92 -42.47
C LEU S 73 36.62 -8.63 -41.68
N THR S 74 37.80 -8.29 -41.19
CA THR S 74 37.94 -7.06 -40.43
C THR S 74 39.32 -6.43 -40.62
N ILE S 75 39.31 -5.10 -40.79
CA ILE S 75 40.50 -4.35 -41.15
C ILE S 75 40.74 -3.29 -40.09
N SER S 76 41.74 -3.50 -39.24
CA SER S 76 42.18 -2.48 -38.29
C SER S 76 42.93 -1.38 -39.02
N ASN S 77 42.97 -0.19 -38.42
CA ASN S 77 43.52 1.04 -39.05
C ASN S 77 43.49 1.06 -40.59
N LEU S 78 42.30 1.37 -41.13
CA LEU S 78 42.08 1.37 -42.58
C LEU S 78 43.06 2.33 -43.28
N GLU S 79 43.56 1.86 -44.42
CA GLU S 79 44.47 2.64 -45.25
C GLU S 79 43.85 2.86 -46.62
N PRO S 80 44.22 3.95 -47.30
CA PRO S 80 43.54 4.35 -48.54
C PRO S 80 43.70 3.37 -49.72
N GLU S 81 44.63 2.42 -49.63
CA GLU S 81 44.73 1.31 -50.61
C GLU S 81 43.55 0.34 -50.50
N ASP S 82 42.81 0.42 -49.39
CA ASP S 82 41.72 -0.51 -49.10
C ASP S 82 40.34 0.00 -49.51
N ILE S 83 40.25 1.25 -49.94
CA ILE S 83 39.00 1.72 -50.51
C ILE S 83 38.74 0.95 -51.80
N ALA S 84 37.78 0.03 -51.73
CA ALA S 84 37.58 -0.97 -52.76
C ALA S 84 36.28 -1.73 -52.50
N THR S 85 35.98 -2.70 -53.34
CA THR S 85 34.90 -3.64 -53.07
C THR S 85 35.50 -4.93 -52.51
N TYR S 86 34.77 -5.57 -51.61
CA TYR S 86 35.22 -6.83 -51.01
C TYR S 86 34.18 -7.92 -51.23
N PHE S 87 34.65 -9.13 -51.54
CA PHE S 87 33.78 -10.25 -51.87
C PHE S 87 34.12 -11.45 -50.99
N CYS S 88 33.09 -12.16 -50.55
CA CYS S 88 33.31 -13.46 -49.91
C CYS S 88 32.86 -14.56 -50.85
N GLN S 89 33.69 -15.58 -50.99
CA GLN S 89 33.33 -16.80 -51.69
C GLN S 89 33.23 -17.91 -50.66
N GLN S 90 32.53 -18.97 -51.03
CA GLN S 90 32.62 -20.24 -50.33
C GLN S 90 33.13 -21.28 -51.31
N PHE S 91 33.83 -22.28 -50.82
CA PHE S 91 34.30 -23.36 -51.69
C PHE S 91 34.05 -24.75 -51.09
N SER S 92 33.04 -24.85 -50.23
CA SER S 92 32.71 -26.09 -49.57
C SER S 92 32.10 -27.06 -50.55
N LYS S 93 31.20 -26.57 -51.39
CA LYS S 93 30.64 -27.42 -52.42
C LYS S 93 30.29 -26.66 -53.67
N LEU S 94 30.23 -27.39 -54.78
CA LEU S 94 29.74 -26.84 -56.03
C LEU S 94 28.25 -26.54 -55.91
N PRO S 95 27.76 -25.53 -56.64
CA PRO S 95 28.51 -24.63 -57.49
C PRO S 95 29.10 -23.54 -56.63
N TYR S 96 30.29 -23.07 -56.98
CA TYR S 96 30.95 -22.05 -56.19
C TYR S 96 30.20 -20.74 -56.34
N THR S 97 29.86 -20.14 -55.21
CA THR S 97 29.03 -18.94 -55.19
C THR S 97 29.78 -17.84 -54.46
N PHE S 98 29.59 -16.59 -54.90
CA PHE S 98 30.21 -15.43 -54.27
C PHE S 98 29.19 -14.59 -53.53
N GLY S 99 29.69 -13.60 -52.81
CA GLY S 99 28.83 -12.63 -52.14
C GLY S 99 28.45 -11.52 -53.10
N GLY S 100 27.47 -10.72 -52.70
CA GLY S 100 27.04 -9.56 -53.48
C GLY S 100 28.11 -8.49 -53.57
N GLY S 101 29.01 -8.47 -52.59
CA GLY S 101 30.10 -7.52 -52.54
C GLY S 101 29.77 -6.37 -51.62
N THR S 102 30.80 -5.87 -50.93
CA THR S 102 30.66 -4.68 -50.10
C THR S 102 31.65 -3.62 -50.55
N LYS S 103 31.12 -2.48 -51.00
CA LYS S 103 31.91 -1.34 -51.45
C LYS S 103 32.30 -0.50 -50.24
N LEU S 104 33.56 -0.11 -50.19
CA LEU S 104 34.09 0.65 -49.07
C LEU S 104 34.35 2.09 -49.54
N GLU S 105 33.67 3.04 -48.91
CA GLU S 105 33.82 4.43 -49.26
C GLU S 105 34.15 5.25 -48.02
N ILE S 106 34.74 6.43 -48.21
CA ILE S 106 35.32 7.23 -47.11
C ILE S 106 34.39 8.36 -46.67
N LYS S 107 34.08 8.39 -45.37
CA LYS S 107 33.12 9.35 -44.83
C LYS S 107 33.70 10.77 -44.81
N ARG S 108 32.92 11.74 -45.30
CA ARG S 108 33.24 13.17 -45.18
C ARG S 108 32.01 13.85 -44.60
N ALA S 109 32.14 15.14 -44.28
CA ALA S 109 31.00 15.90 -43.74
C ALA S 109 30.00 16.25 -44.84
N ASP S 110 28.84 15.59 -44.79
CA ASP S 110 27.82 15.69 -45.85
C ASP S 110 27.59 17.12 -46.37
N ALA S 111 27.72 17.28 -47.69
CA ALA S 111 27.51 18.56 -48.37
C ALA S 111 26.37 18.43 -49.38
N ALA S 112 25.69 19.55 -49.65
CA ALA S 112 24.51 19.58 -50.52
C ALA S 112 24.91 19.68 -51.99
N PRO S 113 24.00 19.33 -52.91
CA PRO S 113 24.34 19.30 -54.34
C PRO S 113 24.12 20.63 -55.05
N THR S 114 25.03 20.99 -55.95
CA THR S 114 24.87 22.16 -56.83
C THR S 114 24.08 21.70 -58.07
N VAL S 115 22.80 22.08 -58.11
CA VAL S 115 21.90 21.58 -59.15
C VAL S 115 21.85 22.54 -60.34
N SER S 116 22.02 21.99 -61.54
CA SER S 116 21.94 22.76 -62.77
C SER S 116 20.97 22.08 -63.71
N ILE S 117 20.10 22.86 -64.34
CA ILE S 117 19.13 22.30 -65.30
C ILE S 117 19.39 22.86 -66.69
N PHE S 118 19.11 22.04 -67.70
CA PHE S 118 19.40 22.39 -69.09
C PHE S 118 18.24 22.01 -70.02
N PRO S 119 17.82 22.94 -70.89
CA PRO S 119 16.81 22.58 -71.88
C PRO S 119 17.45 21.80 -73.03
N PRO S 120 16.64 21.06 -73.80
CA PRO S 120 17.18 20.33 -74.94
C PRO S 120 17.68 21.30 -76.01
N SER S 121 18.86 21.01 -76.56
CA SER S 121 19.51 21.92 -77.50
C SER S 121 18.79 21.98 -78.83
N SER S 122 19.01 23.08 -79.54
CA SER S 122 18.45 23.27 -80.88
C SER S 122 18.91 22.19 -81.87
N GLU S 123 20.19 21.81 -81.76
CA GLU S 123 20.77 20.75 -82.61
C GLU S 123 19.97 19.45 -82.53
N GLN S 124 19.46 19.15 -81.34
CA GLN S 124 18.68 17.94 -81.09
C GLN S 124 17.22 18.09 -81.53
N LEU S 125 16.65 19.28 -81.36
CA LEU S 125 15.28 19.55 -81.78
C LEU S 125 15.13 19.40 -83.30
N THR S 126 16.18 19.77 -84.04
CA THR S 126 16.28 19.52 -85.48
C THR S 126 16.22 18.03 -85.78
N SER S 127 16.96 17.25 -84.99
CA SER S 127 16.99 15.79 -85.12
C SER S 127 15.62 15.14 -84.89
N GLY S 128 14.78 15.77 -84.08
CA GLY S 128 13.44 15.26 -83.78
C GLY S 128 13.39 14.52 -82.47
N GLY S 129 14.09 15.04 -81.46
CA GLY S 129 14.10 14.48 -80.11
C GLY S 129 14.27 15.60 -79.11
N ALA S 130 14.08 15.29 -77.82
CA ALA S 130 14.17 16.31 -76.77
C ALA S 130 14.55 15.72 -75.42
N SER S 131 15.80 15.94 -75.01
CA SER S 131 16.30 15.47 -73.72
C SER S 131 16.53 16.63 -72.78
N VAL S 132 15.77 16.66 -71.68
CA VAL S 132 15.97 17.65 -70.63
C VAL S 132 16.94 17.04 -69.61
N VAL S 133 18.05 17.72 -69.37
CA VAL S 133 19.11 17.21 -68.49
C VAL S 133 19.19 18.00 -67.19
N CYS S 134 19.51 17.31 -66.11
CA CYS S 134 19.68 17.93 -64.81
C CYS S 134 20.91 17.33 -64.14
N PHE S 135 21.93 18.16 -63.90
CA PHE S 135 23.11 17.73 -63.16
C PHE S 135 22.95 18.05 -61.68
N LEU S 136 23.29 17.08 -60.83
CA LEU S 136 23.32 17.25 -59.39
C LEU S 136 24.73 16.87 -58.95
N ASN S 137 25.56 17.87 -58.68
CA ASN S 137 27.01 17.67 -58.55
C ASN S 137 27.60 17.93 -57.17
N ASN S 138 28.67 17.20 -56.86
CA ASN S 138 29.46 17.35 -55.63
C ASN S 138 28.63 17.38 -54.35
N PHE S 139 28.11 16.22 -53.97
CA PHE S 139 27.33 16.07 -52.75
C PHE S 139 27.75 14.83 -51.97
N TYR S 140 27.21 14.70 -50.76
CA TYR S 140 27.42 13.53 -49.90
C TYR S 140 26.31 13.48 -48.86
N PRO S 141 25.79 12.29 -48.55
CA PRO S 141 26.15 10.97 -49.07
C PRO S 141 25.44 10.61 -50.38
N LYS S 142 25.93 9.55 -51.03
CA LYS S 142 25.34 8.98 -52.25
C LYS S 142 23.80 8.97 -52.28
N ASP S 143 23.18 8.82 -51.11
CA ASP S 143 21.72 8.80 -50.98
C ASP S 143 21.07 10.11 -51.46
N ILE S 144 20.48 10.10 -52.64
CA ILE S 144 19.82 11.28 -53.21
C ILE S 144 18.59 10.86 -54.02
N ASN S 145 17.62 11.77 -54.15
CA ASN S 145 16.35 11.45 -54.82
C ASN S 145 15.91 12.59 -55.75
N VAL S 146 15.34 12.24 -56.90
CA VAL S 146 15.01 13.22 -57.95
C VAL S 146 13.54 13.13 -58.38
N LYS S 147 12.90 14.29 -58.50
CA LYS S 147 11.53 14.42 -59.03
C LYS S 147 11.55 15.28 -60.28
N TRP S 148 11.00 14.76 -61.38
CA TRP S 148 10.81 15.54 -62.60
C TRP S 148 9.35 16.00 -62.67
N LYS S 149 9.15 17.30 -62.88
CA LYS S 149 7.80 17.88 -62.93
C LYS S 149 7.56 18.75 -64.17
N ILE S 150 6.68 18.27 -65.05
CA ILE S 150 6.26 19.02 -66.24
C ILE S 150 4.94 19.72 -65.92
N ASP S 151 4.93 21.05 -66.06
CA ASP S 151 3.78 21.88 -65.72
C ASP S 151 3.22 21.56 -64.33
N GLY S 152 4.11 21.38 -63.36
CA GLY S 152 3.72 21.18 -61.97
C GLY S 152 3.26 19.79 -61.54
N SER S 153 3.01 18.89 -62.49
CA SER S 153 2.61 17.52 -62.16
C SER S 153 3.71 16.55 -62.57
N GLU S 154 4.12 15.68 -61.65
CA GLU S 154 5.35 14.89 -61.83
C GLU S 154 5.24 13.83 -62.92
N ARG S 155 6.40 13.39 -63.39
CA ARG S 155 6.49 12.37 -64.41
C ARG S 155 7.70 11.49 -64.14
N GLN S 156 7.49 10.18 -64.12
CA GLN S 156 8.56 9.22 -63.87
C GLN S 156 8.75 8.31 -65.08
N ASN S 157 8.44 8.83 -66.26
CA ASN S 157 8.25 7.97 -67.43
C ASN S 157 9.52 7.76 -68.26
N GLY S 158 10.09 8.85 -68.77
CA GLY S 158 11.28 8.78 -69.61
C GLY S 158 12.58 9.13 -68.90
N VAL S 159 12.61 8.89 -67.58
CA VAL S 159 13.74 9.31 -66.74
C VAL S 159 14.86 8.26 -66.77
N LEU S 160 16.09 8.73 -66.62
CA LEU S 160 17.26 7.85 -66.50
C LEU S 160 18.33 8.51 -65.63
N ASN S 161 18.69 7.86 -64.53
CA ASN S 161 19.63 8.43 -63.56
C ASN S 161 20.95 7.65 -63.52
N SER S 162 22.06 8.37 -63.68
CA SER S 162 23.39 7.78 -63.69
C SER S 162 24.25 8.45 -62.61
N TRP S 163 24.73 7.67 -61.65
CA TRP S 163 25.57 8.18 -60.55
C TRP S 163 27.03 7.92 -60.85
N THR S 164 27.92 8.76 -60.34
CA THR S 164 29.36 8.57 -60.51
C THR S 164 29.91 7.72 -59.37
N ASP S 165 31.16 7.29 -59.52
CA ASP S 165 31.92 6.78 -58.40
C ASP S 165 32.22 7.93 -57.44
N GLN S 166 32.61 7.62 -56.21
CA GLN S 166 33.01 8.64 -55.26
C GLN S 166 34.26 9.32 -55.79
N ASP S 167 34.23 10.65 -55.87
CA ASP S 167 35.35 11.40 -56.45
C ASP S 167 36.61 11.14 -55.63
N SER S 168 37.62 10.57 -56.28
CA SER S 168 38.91 10.27 -55.66
C SER S 168 39.51 11.52 -55.02
N LYS S 169 39.30 12.66 -55.67
CA LYS S 169 39.78 13.95 -55.20
C LYS S 169 39.21 14.34 -53.84
N ASP S 170 37.88 14.50 -53.76
CA ASP S 170 37.22 15.15 -52.61
C ASP S 170 36.07 14.38 -51.95
N SER S 171 35.93 13.10 -52.27
CA SER S 171 34.95 12.22 -51.61
C SER S 171 33.49 12.67 -51.75
N THR S 172 33.14 13.19 -52.92
CA THR S 172 31.79 13.66 -53.18
C THR S 172 31.21 12.98 -54.41
N TYR S 173 29.96 12.57 -54.30
CA TYR S 173 29.25 11.92 -55.39
C TYR S 173 28.57 12.97 -56.25
N SER S 174 28.29 12.60 -57.50
CA SER S 174 27.60 13.45 -58.45
C SER S 174 26.72 12.58 -59.35
N MET S 175 25.53 13.07 -59.70
CA MET S 175 24.63 12.30 -60.56
C MET S 175 23.99 13.11 -61.68
N SER S 176 23.44 12.40 -62.65
CA SER S 176 22.94 12.97 -63.90
C SER S 176 21.56 12.42 -64.19
N SER S 177 20.56 13.31 -64.29
CA SER S 177 19.17 12.89 -64.56
C SER S 177 18.72 13.34 -65.96
N THR S 178 18.51 12.36 -66.84
CA THR S 178 18.12 12.63 -68.23
C THR S 178 16.64 12.30 -68.45
N LEU S 179 15.85 13.31 -68.85
CA LEU S 179 14.45 13.12 -69.18
C LEU S 179 14.27 13.08 -70.70
N THR S 180 14.23 11.87 -71.26
CA THR S 180 14.06 11.69 -72.70
C THR S 180 12.59 11.82 -73.09
N LEU S 181 12.30 12.68 -74.07
CA LEU S 181 10.92 12.95 -74.50
C LEU S 181 10.80 13.04 -76.00
N THR S 182 9.68 12.53 -76.52
CA THR S 182 9.27 12.79 -77.90
C THR S 182 9.17 14.30 -78.10
N LYS S 183 9.71 14.79 -79.21
CA LYS S 183 9.91 16.23 -79.41
C LYS S 183 8.59 16.99 -79.59
N ASP S 184 7.54 16.30 -80.04
CA ASP S 184 6.21 16.89 -80.20
C ASP S 184 5.53 17.11 -78.85
N GLU S 185 5.55 16.09 -77.99
CA GLU S 185 4.93 16.19 -76.67
C GLU S 185 5.79 16.98 -75.69
N TYR S 186 7.04 17.25 -76.06
CA TYR S 186 7.86 18.23 -75.36
C TYR S 186 7.28 19.63 -75.57
N GLU S 187 6.82 19.91 -76.79
CA GLU S 187 6.25 21.22 -77.13
C GLU S 187 4.78 21.38 -76.72
N ARG S 188 4.15 20.29 -76.27
CA ARG S 188 2.79 20.35 -75.71
C ARG S 188 2.76 20.87 -74.26
N HIS S 189 3.93 21.09 -73.65
CA HIS S 189 4.03 21.61 -72.29
C HIS S 189 5.10 22.71 -72.22
N ASN S 190 5.06 23.52 -71.16
CA ASN S 190 5.95 24.69 -71.05
C ASN S 190 6.93 24.69 -69.87
N SER S 191 6.42 24.36 -68.68
CA SER S 191 7.23 24.37 -67.44
C SER S 191 7.97 23.04 -67.21
N TYR S 192 9.29 23.11 -67.10
CA TYR S 192 10.12 21.93 -66.82
C TYR S 192 10.94 22.12 -65.56
N THR S 193 10.67 21.29 -64.56
CA THR S 193 11.26 21.41 -63.23
C THR S 193 11.95 20.13 -62.83
N CYS S 194 13.04 20.27 -62.08
CA CYS S 194 13.82 19.14 -61.60
C CYS S 194 14.13 19.33 -60.11
N GLU S 195 13.34 18.65 -59.26
CA GLU S 195 13.52 18.70 -57.81
C GLU S 195 14.52 17.66 -57.33
N ALA S 196 15.11 17.90 -56.17
CA ALA S 196 16.11 17.00 -55.61
C ALA S 196 16.06 16.97 -54.08
N THR S 197 15.56 15.88 -53.52
CA THR S 197 15.55 15.68 -52.08
C THR S 197 16.88 15.10 -51.64
N HIS S 198 17.45 15.66 -50.56
CA HIS S 198 18.71 15.20 -50.03
C HIS S 198 18.73 15.37 -48.51
N LYS S 199 19.61 14.63 -47.85
CA LYS S 199 19.76 14.70 -46.40
C LYS S 199 20.03 16.10 -45.86
N THR S 200 20.72 16.93 -46.65
CA THR S 200 21.23 18.23 -46.17
C THR S 200 20.18 19.32 -45.89
N SER S 201 18.95 19.14 -46.37
CA SER S 201 17.85 20.05 -45.98
C SER S 201 16.49 19.35 -46.07
N THR S 202 15.53 19.86 -45.31
CA THR S 202 14.20 19.23 -45.20
C THR S 202 13.41 19.33 -46.51
N SER S 203 13.10 20.56 -46.93
CA SER S 203 12.41 20.78 -48.19
C SER S 203 13.44 20.76 -49.35
N PRO S 204 13.02 20.31 -50.55
CA PRO S 204 13.95 20.00 -51.63
C PRO S 204 14.54 21.22 -52.32
N ILE S 205 15.63 21.00 -53.07
CA ILE S 205 16.24 22.04 -53.91
C ILE S 205 15.72 21.90 -55.35
N VAL S 206 15.21 23.01 -55.90
CA VAL S 206 14.47 22.99 -57.15
C VAL S 206 15.12 23.90 -58.18
N LYS S 207 15.36 23.37 -59.37
CA LYS S 207 15.83 24.15 -60.52
C LYS S 207 14.85 23.94 -61.68
N SER S 208 14.55 25.01 -62.40
CA SER S 208 13.51 24.98 -63.42
C SER S 208 13.74 25.98 -64.54
N PHE S 209 13.00 25.78 -65.64
CA PHE S 209 12.99 26.71 -66.77
C PHE S 209 11.66 26.61 -67.52
N ASN S 210 11.31 27.70 -68.21
CA ASN S 210 10.13 27.73 -69.07
C ASN S 210 10.51 27.93 -70.53
N ARG S 211 9.55 27.65 -71.41
CA ARG S 211 9.75 27.82 -72.84
C ARG S 211 9.04 29.10 -73.28
N ASN S 212 9.79 30.02 -73.88
CA ASN S 212 9.25 31.32 -74.27
C ASN S 212 10.08 32.03 -75.35
N GLU T 1 56.43 -13.40 -59.68
CA GLU T 1 54.93 -13.33 -59.72
C GLU T 1 54.31 -14.55 -60.41
N VAL T 2 53.19 -14.99 -59.87
CA VAL T 2 52.25 -15.82 -60.62
C VAL T 2 51.42 -14.87 -61.47
N LYS T 3 51.35 -15.11 -62.77
CA LYS T 3 50.67 -14.18 -63.67
C LYS T 3 49.69 -14.92 -64.58
N LEU T 4 48.56 -14.27 -64.84
CA LEU T 4 47.50 -14.83 -65.69
C LEU T 4 47.01 -13.81 -66.72
N VAL T 5 47.58 -13.86 -67.92
CA VAL T 5 47.13 -13.02 -69.03
C VAL T 5 45.96 -13.72 -69.70
N GLU T 6 45.00 -12.93 -70.20
CA GLU T 6 43.78 -13.46 -70.79
C GLU T 6 43.52 -12.75 -72.11
N SER T 7 42.82 -13.40 -73.02
CA SER T 7 42.62 -12.83 -74.36
C SER T 7 41.47 -13.50 -75.11
N GLY T 8 41.14 -12.94 -76.28
CA GLY T 8 40.09 -13.46 -77.14
C GLY T 8 38.74 -12.82 -76.91
N GLY T 9 38.65 -11.94 -75.91
CA GLY T 9 37.39 -11.31 -75.56
C GLY T 9 37.01 -10.26 -76.58
N GLY T 10 35.71 -10.12 -76.86
CA GLY T 10 35.22 -9.14 -77.82
C GLY T 10 33.71 -9.07 -77.89
N LEU T 11 33.21 -8.40 -78.93
CA LEU T 11 31.77 -8.31 -79.19
C LEU T 11 31.35 -9.51 -80.03
N VAL T 12 30.25 -10.16 -79.64
CA VAL T 12 29.69 -11.24 -80.46
C VAL T 12 28.17 -11.12 -80.53
N LYS T 13 27.62 -11.54 -81.66
CA LYS T 13 26.18 -11.53 -81.90
C LYS T 13 25.56 -12.72 -81.17
N PRO T 14 24.34 -12.54 -80.61
CA PRO T 14 23.61 -13.64 -79.95
C PRO T 14 23.59 -14.92 -80.75
N GLY T 15 23.68 -16.05 -80.05
CA GLY T 15 23.74 -17.37 -80.69
C GLY T 15 25.06 -17.62 -81.42
N GLY T 16 26.11 -16.89 -81.04
CA GLY T 16 27.40 -16.98 -81.71
C GLY T 16 28.38 -17.86 -80.96
N SER T 17 29.66 -17.68 -81.26
CA SER T 17 30.73 -18.45 -80.64
C SER T 17 31.94 -17.55 -80.37
N LEU T 18 32.77 -17.99 -79.42
CA LEU T 18 34.00 -17.28 -79.08
C LEU T 18 34.88 -18.18 -78.19
N LYS T 19 36.19 -18.07 -78.36
CA LYS T 19 37.13 -18.88 -77.58
C LYS T 19 38.06 -17.96 -76.78
N LEU T 20 37.91 -17.99 -75.47
CA LEU T 20 38.77 -17.21 -74.58
C LEU T 20 40.04 -17.99 -74.31
N SER T 21 41.14 -17.27 -74.11
CA SER T 21 42.42 -17.88 -73.76
C SER T 21 42.96 -17.24 -72.48
N CYS T 22 43.75 -18.02 -71.76
CA CYS T 22 44.37 -17.56 -70.52
C CYS T 22 45.79 -18.15 -70.42
N ALA T 23 46.79 -17.28 -70.62
CA ALA T 23 48.19 -17.69 -70.58
C ALA T 23 48.71 -17.66 -69.15
N ALA T 24 49.32 -18.77 -68.73
CA ALA T 24 49.80 -18.92 -67.36
C ALA T 24 51.32 -18.79 -67.28
N SER T 25 51.80 -18.25 -66.16
CA SER T 25 53.24 -18.01 -65.97
C SER T 25 53.58 -17.82 -64.50
N GLY T 26 54.60 -18.55 -64.03
CA GLY T 26 55.07 -18.44 -62.66
C GLY T 26 54.78 -19.63 -61.76
N PHE T 27 54.38 -20.76 -62.35
CA PHE T 27 54.09 -21.98 -61.58
C PHE T 27 53.99 -23.23 -62.45
N ALA T 28 53.96 -24.39 -61.79
CA ALA T 28 53.83 -25.67 -62.49
C ALA T 28 52.39 -25.88 -62.99
N PHE T 29 52.05 -25.19 -64.07
CA PHE T 29 50.68 -25.16 -64.59
C PHE T 29 49.99 -26.53 -64.67
N SER T 30 50.72 -27.57 -65.05
CA SER T 30 50.15 -28.90 -65.21
C SER T 30 49.65 -29.51 -63.90
N ARG T 31 50.27 -29.14 -62.78
CA ARG T 31 49.88 -29.65 -61.47
C ARG T 31 49.01 -28.65 -60.68
N TYR T 32 48.08 -27.97 -61.37
CA TYR T 32 47.17 -27.01 -60.72
C TYR T 32 45.76 -27.04 -61.33
N ASP T 33 44.74 -27.09 -60.47
CA ASP T 33 43.35 -26.97 -60.94
C ASP T 33 43.09 -25.54 -61.37
N MET T 34 42.44 -25.38 -62.52
CA MET T 34 42.19 -24.06 -63.12
C MET T 34 40.72 -23.82 -63.37
N SER T 35 40.31 -22.56 -63.26
CA SER T 35 38.89 -22.18 -63.29
C SER T 35 38.62 -20.87 -64.02
N TRP T 36 37.36 -20.65 -64.38
CA TRP T 36 36.90 -19.43 -65.00
C TRP T 36 35.79 -18.82 -64.18
N VAL T 37 35.87 -17.51 -63.94
CA VAL T 37 34.84 -16.78 -63.20
C VAL T 37 34.51 -15.52 -63.98
N ARG T 38 33.27 -15.08 -63.90
CA ARG T 38 32.83 -13.90 -64.63
C ARG T 38 32.11 -12.90 -63.74
N GLN T 39 32.28 -11.63 -64.08
CA GLN T 39 31.68 -10.53 -63.36
C GLN T 39 30.62 -9.88 -64.25
N THR T 40 29.37 -9.96 -63.83
CA THR T 40 28.26 -9.43 -64.64
C THR T 40 28.38 -7.90 -64.69
N PRO T 41 27.73 -7.25 -65.67
CA PRO T 41 27.71 -5.79 -65.66
C PRO T 41 27.00 -5.29 -64.41
N GLU T 42 25.88 -5.94 -64.09
CA GLU T 42 25.17 -5.79 -62.82
C GLU T 42 26.15 -5.65 -61.63
N LYS T 43 27.17 -6.51 -61.63
CA LYS T 43 28.43 -6.37 -60.87
C LYS T 43 28.89 -7.68 -60.21
N ARG T 44 27.98 -8.32 -59.48
CA ARG T 44 28.13 -9.69 -58.97
C ARG T 44 29.14 -10.62 -59.67
N LEU T 45 29.67 -11.57 -58.90
CA LEU T 45 30.59 -12.58 -59.42
C LEU T 45 29.86 -13.90 -59.63
N GLU T 46 30.38 -14.72 -60.55
CA GLU T 46 29.69 -15.95 -60.95
C GLU T 46 30.69 -17.01 -61.40
N TRP T 47 30.70 -18.16 -60.73
CA TRP T 47 31.56 -19.27 -61.12
C TRP T 47 31.10 -19.82 -62.45
N VAL T 48 32.06 -20.15 -63.31
CA VAL T 48 31.74 -20.60 -64.67
C VAL T 48 32.24 -22.00 -64.99
N ALA T 49 33.47 -22.31 -64.61
CA ALA T 49 34.06 -23.61 -64.96
C ALA T 49 35.27 -23.96 -64.10
N THR T 50 35.56 -25.25 -63.97
CA THR T 50 36.78 -25.73 -63.33
C THR T 50 37.25 -27.00 -64.02
N ILE T 51 38.56 -27.23 -64.00
CA ILE T 51 39.14 -28.44 -64.61
C ILE T 51 40.23 -29.05 -63.72
N THR T 52 40.14 -30.37 -63.50
CA THR T 52 41.09 -31.09 -62.66
C THR T 52 42.44 -31.17 -63.33
N SER T 53 43.49 -30.97 -62.53
CA SER T 53 44.86 -30.90 -63.03
C SER T 53 45.47 -32.28 -63.27
N GLY T 54 44.97 -33.29 -62.56
CA GLY T 54 45.19 -34.64 -63.00
C GLY T 54 44.29 -34.30 -64.15
N ASP T 55 44.68 -34.39 -65.43
CA ASP T 55 43.86 -34.03 -66.62
C ASP T 55 42.33 -34.12 -66.53
N ASN T 56 41.83 -34.80 -65.48
CA ASN T 56 40.53 -35.46 -65.50
C ASN T 56 39.36 -34.61 -66.00
N TYR T 57 38.54 -34.10 -65.07
CA TYR T 57 37.17 -33.75 -65.38
C TYR T 57 37.02 -32.26 -65.62
N THR T 58 35.80 -31.88 -65.97
CA THR T 58 35.41 -30.49 -66.02
C THR T 58 34.09 -30.37 -65.27
N TYR T 59 33.91 -29.26 -64.58
CA TYR T 59 32.70 -29.01 -63.80
C TYR T 59 32.16 -27.64 -64.18
N TYR T 60 30.89 -27.58 -64.57
CA TYR T 60 30.22 -26.32 -64.88
C TYR T 60 28.95 -26.17 -64.04
N PRO T 61 28.47 -24.93 -63.85
CA PRO T 61 27.19 -24.73 -63.19
C PRO T 61 26.05 -24.91 -64.17
N ASP T 62 24.82 -24.94 -63.67
CA ASP T 62 23.66 -25.20 -64.50
C ASP T 62 23.49 -24.14 -65.58
N SER T 63 23.78 -22.89 -65.23
CA SER T 63 23.53 -21.78 -66.14
C SER T 63 24.31 -21.83 -67.46
N VAL T 64 25.35 -22.66 -67.55
CA VAL T 64 26.13 -22.74 -68.80
C VAL T 64 26.57 -24.13 -69.24
N LYS T 65 25.93 -25.18 -68.72
CA LYS T 65 26.34 -26.55 -69.07
C LYS T 65 26.11 -26.79 -70.56
N GLY T 66 27.04 -27.51 -71.19
CA GLY T 66 26.90 -27.90 -72.60
C GLY T 66 27.20 -26.79 -73.58
N ARG T 67 26.94 -25.54 -73.19
CA ARG T 67 27.25 -24.38 -74.03
C ARG T 67 28.73 -24.04 -73.93
N PHE T 68 29.26 -24.08 -72.71
CA PHE T 68 30.65 -23.74 -72.45
C PHE T 68 31.47 -25.01 -72.31
N THR T 69 32.74 -24.92 -72.72
CA THR T 69 33.63 -26.07 -72.72
C THR T 69 35.04 -25.65 -72.32
N ILE T 70 35.36 -25.83 -71.05
CA ILE T 70 36.70 -25.54 -70.53
C ILE T 70 37.68 -26.59 -71.05
N SER T 71 38.94 -26.20 -71.22
CA SER T 71 39.98 -27.13 -71.68
C SER T 71 41.35 -26.50 -71.49
N ARG T 72 42.36 -27.35 -71.31
CA ARG T 72 43.72 -26.89 -71.04
C ARG T 72 44.67 -27.37 -72.12
N ASP T 73 45.88 -26.82 -72.11
CA ASP T 73 47.00 -27.33 -72.90
C ASP T 73 48.28 -27.11 -72.09
N ASN T 74 48.67 -28.12 -71.32
CA ASN T 74 49.81 -28.03 -70.42
C ASN T 74 51.13 -27.77 -71.15
N ALA T 75 51.20 -28.20 -72.41
CA ALA T 75 52.35 -27.88 -73.27
C ALA T 75 52.51 -26.38 -73.41
N ARG T 76 51.42 -25.70 -73.74
CA ARG T 76 51.44 -24.25 -74.02
C ARG T 76 51.37 -23.40 -72.76
N ASN T 77 50.96 -24.00 -71.63
CA ASN T 77 50.59 -23.26 -70.42
C ASN T 77 49.44 -22.32 -70.68
N THR T 78 48.37 -22.87 -71.26
CA THR T 78 47.22 -22.07 -71.67
C THR T 78 45.91 -22.78 -71.37
N LEU T 79 44.94 -21.99 -70.90
CA LEU T 79 43.62 -22.48 -70.56
C LEU T 79 42.59 -21.83 -71.48
N TYR T 80 41.76 -22.64 -72.11
CA TYR T 80 40.75 -22.15 -73.01
C TYR T 80 39.36 -22.30 -72.40
N LEU T 81 38.50 -21.34 -72.68
CA LEU T 81 37.07 -21.48 -72.43
C LEU T 81 36.33 -21.33 -73.75
N GLN T 82 35.86 -22.46 -74.29
CA GLN T 82 35.16 -22.48 -75.56
C GLN T 82 33.68 -22.19 -75.34
N MET T 83 33.27 -20.96 -75.64
CA MET T 83 31.88 -20.55 -75.51
C MET T 83 31.16 -20.74 -76.85
N SER T 84 29.88 -21.10 -76.78
CA SER T 84 29.02 -21.17 -77.98
C SER T 84 27.55 -21.09 -77.58
N ARG T 85 26.72 -20.69 -78.54
CA ARG T 85 25.31 -20.39 -78.27
C ARG T 85 25.19 -19.32 -77.18
N LEU T 86 25.92 -18.23 -77.36
CA LEU T 86 25.96 -17.14 -76.38
C LEU T 86 24.58 -16.50 -76.18
N ARG T 87 24.44 -15.72 -75.13
CA ARG T 87 23.17 -15.08 -74.81
C ARG T 87 23.36 -13.65 -74.32
N SER T 88 22.25 -13.00 -74.02
CA SER T 88 22.24 -11.70 -73.35
C SER T 88 22.91 -11.78 -71.98
N GLU T 89 22.62 -12.84 -71.23
CA GLU T 89 23.09 -12.98 -69.85
C GLU T 89 24.60 -13.14 -69.79
N ASP T 90 25.16 -13.81 -70.79
CA ASP T 90 26.59 -14.12 -70.82
C ASP T 90 27.47 -12.88 -71.00
N THR T 91 26.86 -11.74 -71.29
CA THR T 91 27.57 -10.47 -71.29
C THR T 91 28.20 -10.24 -69.92
N ALA T 92 29.52 -10.26 -69.86
CA ALA T 92 30.24 -10.09 -68.60
C ALA T 92 31.75 -9.96 -68.79
N LEU T 93 32.45 -9.67 -67.71
CA LEU T 93 33.91 -9.67 -67.69
C LEU T 93 34.39 -11.03 -67.19
N TYR T 94 35.18 -11.73 -68.00
CA TYR T 94 35.57 -13.10 -67.72
C TYR T 94 37.01 -13.22 -67.21
N TYR T 95 37.17 -13.58 -65.94
CA TYR T 95 38.48 -13.84 -65.34
C TYR T 95 38.81 -15.34 -65.37
N CYS T 96 40.04 -15.68 -65.72
CA CYS T 96 40.56 -17.03 -65.48
C CYS T 96 41.26 -16.99 -64.12
N THR T 97 41.23 -18.11 -63.40
CA THR T 97 41.73 -18.16 -62.03
C THR T 97 42.45 -19.47 -61.72
N ARG T 98 43.20 -19.47 -60.63
CA ARG T 98 43.91 -20.65 -60.18
C ARG T 98 43.35 -21.10 -58.83
N GLN T 99 42.76 -22.30 -58.82
CA GLN T 99 42.40 -22.98 -57.59
C GLN T 99 43.67 -23.59 -57.03
N GLY T 100 43.56 -24.32 -55.92
CA GLY T 100 44.44 -25.46 -55.72
C GLY T 100 45.15 -25.62 -54.41
N LEU T 101 45.96 -26.69 -54.41
CA LEU T 101 46.93 -26.96 -53.37
C LEU T 101 46.26 -27.33 -52.06
N LEU T 102 46.45 -26.53 -51.01
CA LEU T 102 46.00 -26.92 -49.69
C LEU T 102 44.51 -26.71 -49.49
N TYR T 103 43.97 -25.56 -49.88
CA TYR T 103 42.63 -25.19 -49.44
C TYR T 103 41.58 -24.83 -50.51
N TYR T 104 41.96 -24.86 -51.79
CA TYR T 104 40.97 -24.75 -52.89
C TYR T 104 40.09 -23.52 -52.92
N ALA T 105 40.70 -22.35 -52.80
CA ALA T 105 40.04 -21.11 -53.17
C ALA T 105 40.79 -20.62 -54.39
N MET T 106 40.25 -19.60 -55.04
CA MET T 106 40.91 -19.03 -56.19
C MET T 106 41.94 -18.05 -55.66
N ASP T 107 43.22 -18.45 -55.67
CA ASP T 107 44.27 -17.62 -55.06
C ASP T 107 44.84 -16.55 -56.01
N TYR T 108 44.81 -16.83 -57.31
CA TYR T 108 45.28 -15.89 -58.32
C TYR T 108 44.29 -15.73 -59.48
N TRP T 109 44.04 -14.49 -59.84
CA TRP T 109 43.10 -14.11 -60.88
C TRP T 109 43.82 -13.25 -61.90
N GLY T 110 43.42 -13.35 -63.17
CA GLY T 110 44.00 -12.53 -64.22
C GLY T 110 43.45 -11.11 -64.23
N GLN T 111 43.91 -10.32 -65.20
CA GLN T 111 43.43 -8.94 -65.40
C GLN T 111 41.93 -8.95 -65.71
N GLY T 112 41.53 -9.82 -66.64
CA GLY T 112 40.14 -10.01 -67.02
C GLY T 112 39.96 -9.57 -68.46
N THR T 113 39.54 -10.50 -69.32
CA THR T 113 39.19 -10.17 -70.70
C THR T 113 37.66 -10.04 -70.81
N SER T 114 37.20 -9.01 -71.53
CA SER T 114 35.80 -8.62 -71.50
C SER T 114 35.02 -9.24 -72.65
N VAL T 115 33.75 -9.53 -72.38
CA VAL T 115 32.84 -10.11 -73.37
C VAL T 115 31.51 -9.34 -73.36
N ASN T 116 31.46 -8.30 -74.17
CA ASN T 116 30.22 -7.60 -74.48
C ASN T 116 29.47 -8.45 -75.54
N VAL T 117 28.17 -8.69 -75.35
CA VAL T 117 27.39 -9.57 -76.26
C VAL T 117 26.02 -9.00 -76.61
N SER T 118 25.90 -8.48 -77.83
CA SER T 118 24.66 -7.84 -78.28
C SER T 118 24.53 -7.89 -79.79
N SER T 119 23.33 -7.59 -80.27
CA SER T 119 23.04 -7.57 -81.71
C SER T 119 23.19 -6.21 -82.38
N ALA T 120 23.39 -5.14 -81.61
CA ALA T 120 23.42 -3.78 -82.17
C ALA T 120 24.67 -3.62 -83.03
N LYS T 121 24.53 -2.88 -84.13
CA LYS T 121 25.66 -2.59 -85.00
C LYS T 121 26.32 -1.29 -84.55
N THR T 122 27.60 -1.14 -84.87
CA THR T 122 28.38 0.05 -84.48
C THR T 122 27.66 1.32 -84.96
N THR T 123 27.54 2.33 -84.09
CA THR T 123 26.87 3.63 -84.42
C THR T 123 27.66 4.76 -83.78
N PRO T 124 28.07 5.77 -84.59
CA PRO T 124 28.74 6.92 -83.97
C PRO T 124 27.74 7.75 -83.15
N PRO T 125 28.25 8.62 -82.28
CA PRO T 125 27.41 9.35 -81.34
C PRO T 125 26.87 10.66 -81.90
N SER T 126 25.61 10.94 -81.63
CA SER T 126 25.10 12.30 -81.73
C SER T 126 25.63 13.04 -80.50
N VAL T 127 26.03 14.30 -80.68
CA VAL T 127 26.53 15.11 -79.59
C VAL T 127 25.77 16.42 -79.56
N TYR T 128 25.16 16.74 -78.43
CA TYR T 128 24.39 17.96 -78.28
C TYR T 128 24.98 18.78 -77.14
N PRO T 129 25.17 20.09 -77.34
CA PRO T 129 25.74 20.93 -76.30
C PRO T 129 24.71 21.30 -75.25
N LEU T 130 25.16 21.42 -74.01
CA LEU T 130 24.29 21.79 -72.90
C LEU T 130 24.72 23.13 -72.33
N ALA T 131 23.90 24.15 -72.55
CA ALA T 131 24.14 25.49 -72.05
C ALA T 131 22.86 26.08 -71.45
N PRO T 132 23.00 27.01 -70.49
CA PRO T 132 21.82 27.56 -69.81
C PRO T 132 21.04 28.52 -70.72
N GLY T 133 19.75 28.26 -70.90
CA GLY T 133 18.92 29.11 -71.77
C GLY T 133 18.24 30.21 -70.98
N CYS T 134 18.19 31.41 -71.56
CA CYS T 134 17.41 32.54 -71.04
C CYS T 134 17.79 32.97 -69.60
N GLY T 135 17.04 32.52 -68.59
CA GLY T 135 17.14 33.06 -67.21
C GLY T 135 18.56 33.32 -66.72
N ASP T 136 18.86 34.57 -66.41
CA ASP T 136 20.25 35.04 -66.31
C ASP T 136 20.98 34.80 -64.97
N THR T 137 20.39 34.01 -64.05
CA THR T 137 20.81 33.85 -62.58
C THR T 137 22.25 34.16 -62.12
N THR T 138 23.22 33.36 -62.56
CA THR T 138 24.68 33.56 -62.27
C THR T 138 25.20 33.69 -60.79
N GLY T 139 25.05 32.61 -60.04
CA GLY T 139 25.68 32.39 -58.73
C GLY T 139 27.15 32.89 -58.46
N SER T 140 27.97 32.81 -59.52
CA SER T 140 29.47 33.22 -59.53
C SER T 140 30.34 32.10 -60.16
N SER T 141 29.74 30.92 -60.25
CA SER T 141 30.26 29.82 -61.08
C SER T 141 29.15 29.46 -62.06
N VAL T 142 29.51 28.81 -63.16
CA VAL T 142 28.53 28.32 -64.12
C VAL T 142 28.89 26.91 -64.60
N THR T 143 27.89 26.05 -64.69
CA THR T 143 28.06 24.66 -65.08
C THR T 143 27.47 24.44 -66.47
N LEU T 144 28.21 23.71 -67.30
CA LEU T 144 27.82 23.42 -68.69
C LEU T 144 28.00 21.93 -68.93
N GLY T 145 27.72 21.47 -70.15
CA GLY T 145 27.92 20.06 -70.46
C GLY T 145 27.71 19.65 -71.90
N CYS T 146 27.80 18.34 -72.14
CA CYS T 146 27.62 17.75 -73.47
C CYS T 146 26.84 16.44 -73.37
N LEU T 147 25.67 16.38 -74.00
CA LEU T 147 24.88 15.15 -74.06
C LEU T 147 25.34 14.32 -75.26
N VAL T 148 25.62 13.05 -75.03
CA VAL T 148 26.09 12.13 -76.07
C VAL T 148 25.10 10.98 -76.27
N LYS T 149 24.23 11.11 -77.26
CA LYS T 149 23.12 10.18 -77.48
C LYS T 149 23.42 9.16 -78.58
N GLY T 150 22.72 8.03 -78.54
CA GLY T 150 22.66 7.08 -79.66
C GLY T 150 23.97 6.56 -80.22
N TYR T 151 24.75 5.89 -79.40
CA TYR T 151 26.02 5.30 -79.84
C TYR T 151 26.22 3.86 -79.35
N PHE T 152 27.17 3.18 -79.98
CA PHE T 152 27.48 1.78 -79.70
C PHE T 152 28.77 1.42 -80.45
N PRO T 153 29.65 0.60 -79.85
CA PRO T 153 29.64 0.09 -78.48
C PRO T 153 30.13 1.11 -77.48
N GLU T 154 29.71 0.92 -76.22
CA GLU T 154 30.14 1.78 -75.13
C GLU T 154 31.69 1.80 -75.08
N SER T 155 32.25 3.00 -75.04
CA SER T 155 33.71 3.22 -75.09
C SER T 155 34.06 4.72 -75.23
N VAL T 156 33.04 5.57 -75.36
CA VAL T 156 33.22 6.99 -75.59
C VAL T 156 34.00 7.66 -74.46
N THR T 157 34.85 8.63 -74.80
CA THR T 157 35.73 9.31 -73.84
C THR T 157 35.73 10.84 -74.01
N VAL T 158 34.78 11.49 -73.35
CA VAL T 158 34.58 12.94 -73.43
C VAL T 158 35.62 13.72 -72.63
N THR T 159 36.40 14.58 -73.32
CA THR T 159 37.40 15.45 -72.67
C THR T 159 37.11 16.93 -72.98
N TRP T 160 37.50 17.83 -72.07
CA TRP T 160 37.16 19.25 -72.19
C TRP T 160 38.39 20.14 -72.45
N ASN T 161 38.31 20.96 -73.50
CA ASN T 161 39.38 21.93 -73.85
C ASN T 161 40.77 21.31 -73.96
N SER T 162 40.85 20.08 -74.46
CA SER T 162 42.06 19.27 -74.38
C SER T 162 42.52 19.16 -72.92
N GLY T 163 41.59 18.72 -72.06
CA GLY T 163 41.82 18.58 -70.62
C GLY T 163 42.41 19.80 -69.91
N SER T 164 42.02 20.99 -70.34
CA SER T 164 42.48 22.24 -69.72
C SER T 164 41.68 22.48 -68.44
N LEU T 165 40.37 22.67 -68.58
CA LEU T 165 39.45 22.68 -67.44
C LEU T 165 39.00 21.25 -67.18
N SER T 166 39.89 20.45 -66.58
CA SER T 166 39.64 19.03 -66.29
C SER T 166 39.23 18.79 -64.82
N SER T 167 39.67 19.67 -63.92
CA SER T 167 39.14 19.71 -62.57
C SER T 167 37.80 20.45 -62.64
N SER T 168 36.84 20.02 -61.81
CA SER T 168 35.46 20.50 -61.87
C SER T 168 34.72 19.92 -63.09
N VAL T 169 34.98 18.63 -63.35
CA VAL T 169 34.35 17.90 -64.45
C VAL T 169 33.75 16.60 -63.92
N HIS T 170 32.59 16.24 -64.43
CA HIS T 170 31.92 14.99 -64.04
C HIS T 170 31.39 14.27 -65.27
N THR T 171 32.05 13.18 -65.65
CA THR T 171 31.54 12.32 -66.72
C THR T 171 30.73 11.20 -66.08
N PHE T 172 29.52 10.98 -66.56
CA PHE T 172 28.60 10.02 -65.96
C PHE T 172 28.61 8.68 -66.71
N PRO T 173 28.39 7.57 -65.98
CA PRO T 173 28.34 6.28 -66.66
C PRO T 173 27.23 6.21 -67.69
N ALA T 174 27.50 5.52 -68.78
CA ALA T 174 26.54 5.42 -69.88
C ALA T 174 25.46 4.40 -69.54
N LEU T 175 24.21 4.85 -69.53
CA LEU T 175 23.06 3.96 -69.48
C LEU T 175 22.70 3.52 -70.89
N LEU T 176 22.03 2.38 -71.00
CA LEU T 176 21.64 1.83 -72.29
C LEU T 176 20.14 2.03 -72.47
N GLN T 177 19.76 2.91 -73.38
CA GLN T 177 18.33 3.14 -73.69
C GLN T 177 18.03 2.86 -75.16
N SER T 178 16.99 2.06 -75.39
CA SER T 178 16.52 1.77 -76.74
C SER T 178 17.62 1.14 -77.61
N GLY T 179 18.36 0.19 -77.05
CA GLY T 179 19.39 -0.55 -77.79
C GLY T 179 20.69 0.18 -78.04
N LEU T 180 20.75 1.47 -77.70
CA LEU T 180 21.92 2.31 -77.92
C LEU T 180 22.31 3.05 -76.65
N TYR T 181 23.60 3.37 -76.52
CA TYR T 181 24.12 4.01 -75.30
C TYR T 181 23.89 5.51 -75.28
N THR T 182 23.78 6.03 -74.06
CA THR T 182 23.57 7.45 -73.79
C THR T 182 24.40 7.81 -72.56
N MET T 183 25.23 8.84 -72.67
CA MET T 183 25.95 9.37 -71.51
C MET T 183 26.00 10.88 -71.60
N SER T 184 26.41 11.52 -70.50
CA SER T 184 26.58 12.96 -70.47
C SER T 184 27.83 13.32 -69.70
N SER T 185 28.24 14.57 -69.80
CA SER T 185 29.42 15.07 -69.11
C SER T 185 29.19 16.54 -68.76
N SER T 186 29.44 16.88 -67.49
CA SER T 186 29.28 18.26 -67.05
C SER T 186 30.64 18.84 -66.70
N VAL T 187 30.73 20.17 -66.74
CA VAL T 187 31.96 20.88 -66.43
C VAL T 187 31.62 22.24 -65.81
N THR T 188 32.33 22.60 -64.75
CA THR T 188 32.08 23.83 -64.03
C THR T 188 33.30 24.75 -64.09
N VAL T 189 33.04 26.04 -64.34
CA VAL T 189 34.08 27.05 -64.42
C VAL T 189 33.61 28.35 -63.75
N PRO T 190 34.56 29.24 -63.42
CA PRO T 190 34.17 30.56 -62.94
C PRO T 190 33.25 31.28 -63.93
N SER T 191 32.18 31.88 -63.41
CA SER T 191 31.13 32.50 -64.24
C SER T 191 31.68 33.55 -65.19
N SER T 192 32.58 34.39 -64.69
CA SER T 192 33.21 35.44 -65.47
C SER T 192 33.86 34.91 -66.74
N THR T 193 34.68 33.87 -66.58
CA THR T 193 35.58 33.43 -67.64
C THR T 193 34.95 32.52 -68.72
N TRP T 194 33.64 32.25 -68.66
CA TRP T 194 33.02 31.43 -69.73
C TRP T 194 32.72 32.21 -71.01
N PRO T 195 31.67 33.07 -71.00
CA PRO T 195 31.19 33.60 -72.28
C PRO T 195 32.32 34.15 -73.16
N SER T 196 33.36 34.69 -72.54
CA SER T 196 34.54 35.19 -73.23
C SER T 196 35.50 34.08 -73.72
N GLN T 197 35.79 33.11 -72.85
CA GLN T 197 36.75 32.04 -73.17
C GLN T 197 36.13 30.96 -74.06
N THR T 198 36.97 30.32 -74.87
CA THR T 198 36.54 29.19 -75.69
C THR T 198 36.36 27.96 -74.80
N VAL T 199 35.22 27.29 -74.91
CA VAL T 199 34.93 26.08 -74.13
C VAL T 199 34.37 24.97 -75.03
N THR T 200 35.22 23.98 -75.31
CA THR T 200 34.92 22.92 -76.27
C THR T 200 34.96 21.55 -75.61
N CYS T 201 33.92 20.75 -75.85
CA CYS T 201 33.89 19.36 -75.42
C CYS T 201 34.23 18.46 -76.61
N SER T 202 35.18 17.56 -76.40
CA SER T 202 35.66 16.67 -77.46
C SER T 202 35.26 15.23 -77.14
N VAL T 203 34.43 14.65 -78.01
CA VAL T 203 33.84 13.33 -77.77
C VAL T 203 34.41 12.30 -78.76
N ALA T 204 35.46 11.59 -78.31
CA ALA T 204 36.09 10.54 -79.12
C ALA T 204 35.43 9.20 -78.84
N HIS T 205 35.07 8.49 -79.91
CA HIS T 205 34.40 7.20 -79.82
C HIS T 205 35.12 6.24 -80.77
N PRO T 206 36.34 5.81 -80.41
CA PRO T 206 37.22 5.08 -81.32
C PRO T 206 36.61 3.86 -82.01
N ALA T 207 35.56 3.29 -81.42
CA ALA T 207 34.86 2.15 -81.99
C ALA T 207 34.30 2.42 -83.39
N SER T 208 33.73 3.61 -83.59
CA SER T 208 33.23 4.03 -84.92
C SER T 208 34.20 4.96 -85.64
N SER T 209 35.41 5.08 -85.09
CA SER T 209 36.51 5.81 -85.72
C SER T 209 36.23 7.34 -85.80
N THR T 210 35.52 7.85 -84.79
CA THR T 210 34.96 9.21 -84.82
C THR T 210 35.51 10.12 -83.70
N THR T 211 35.51 11.43 -83.94
CA THR T 211 35.78 12.43 -82.89
C THR T 211 34.96 13.69 -83.18
N VAL T 212 34.04 14.01 -82.26
CA VAL T 212 33.10 15.11 -82.47
C VAL T 212 33.31 16.23 -81.45
N ASP T 213 33.91 17.35 -81.89
CA ASP T 213 34.07 18.52 -81.03
C ASP T 213 32.80 19.36 -81.02
N LYS T 214 32.63 20.15 -79.97
CA LYS T 214 31.51 21.09 -79.90
C LYS T 214 31.77 22.23 -78.91
N LYS T 215 31.87 23.45 -79.42
CA LYS T 215 31.95 24.65 -78.58
C LYS T 215 30.58 24.94 -77.98
N LEU T 216 30.58 25.53 -76.80
CA LEU T 216 29.34 25.83 -76.11
C LEU T 216 28.96 27.29 -76.29
N GLU T 217 27.91 27.53 -77.06
CA GLU T 217 27.47 28.88 -77.40
C GLU T 217 26.40 29.33 -76.41
N PRO T 218 26.48 30.58 -75.91
CA PRO T 218 25.49 31.05 -74.94
C PRO T 218 24.07 31.29 -75.49
N SER T 219 23.19 31.80 -74.62
CA SER T 219 21.83 32.20 -75.00
C SER T 219 21.41 33.40 -74.15
N GLU U 4 18.52 -32.11 -43.34
CA GLU U 4 19.68 -31.20 -43.63
C GLU U 4 20.66 -31.87 -44.60
N ASP U 5 20.58 -31.48 -45.87
CA ASP U 5 21.46 -32.02 -46.93
C ASP U 5 22.92 -32.26 -46.55
N GLY U 6 23.28 -33.55 -46.56
CA GLY U 6 24.65 -34.06 -46.68
C GLY U 6 25.20 -34.35 -48.08
N ASP U 7 26.06 -33.46 -48.55
CA ASP U 7 26.87 -33.71 -49.73
C ASP U 7 27.93 -34.75 -49.37
N LEU U 8 28.74 -35.12 -50.34
CA LEU U 8 29.86 -36.02 -50.09
C LEU U 8 30.83 -35.32 -49.15
N GLN U 9 31.67 -36.08 -48.45
CA GLN U 9 32.61 -35.48 -47.51
C GLN U 9 34.05 -35.89 -47.75
N CYS U 10 34.95 -35.20 -47.05
CA CYS U 10 36.35 -35.57 -47.02
C CYS U 10 36.47 -36.88 -46.27
N LEU U 11 37.45 -37.68 -46.65
CA LEU U 11 37.76 -38.91 -45.92
C LEU U 11 38.38 -38.53 -44.58
N CYS U 12 39.08 -37.40 -44.57
CA CYS U 12 39.77 -36.90 -43.39
C CYS U 12 39.11 -35.63 -42.89
N VAL U 13 38.06 -35.79 -42.10
CA VAL U 13 37.38 -34.64 -41.53
C VAL U 13 38.12 -34.21 -40.28
N LYS U 14 38.60 -35.19 -39.51
CA LYS U 14 39.41 -34.91 -38.32
C LYS U 14 40.69 -35.72 -38.38
N THR U 15 41.67 -35.28 -37.60
CA THR U 15 43.05 -35.70 -37.75
C THR U 15 43.75 -35.82 -36.40
N THR U 16 44.97 -36.38 -36.42
CA THR U 16 45.87 -36.31 -35.27
C THR U 16 47.31 -36.08 -35.72
N SER U 17 48.06 -35.33 -34.91
CA SER U 17 49.51 -35.21 -35.05
C SER U 17 50.19 -36.39 -34.34
N GLN U 18 49.44 -37.02 -33.44
CA GLN U 18 49.95 -38.03 -32.52
C GLN U 18 49.95 -39.40 -33.16
N VAL U 19 51.07 -39.81 -33.74
CA VAL U 19 51.23 -41.19 -34.21
C VAL U 19 52.70 -41.57 -34.30
N ARG U 20 52.97 -42.85 -34.01
CA ARG U 20 54.31 -43.39 -34.07
C ARG U 20 54.66 -43.62 -35.54
N PRO U 21 55.70 -42.93 -36.07
CA PRO U 21 56.13 -43.15 -37.46
C PRO U 21 56.64 -44.56 -37.75
N ARG U 22 57.19 -45.23 -36.74
CA ARG U 22 57.50 -46.67 -36.80
C ARG U 22 56.36 -47.54 -37.37
N HIS U 23 55.10 -47.18 -37.09
CA HIS U 23 53.94 -47.94 -37.54
C HIS U 23 53.59 -47.75 -39.02
N ILE U 24 53.92 -46.61 -39.60
CA ILE U 24 53.37 -46.21 -40.90
C ILE U 24 54.06 -46.87 -42.10
N THR U 25 53.40 -47.83 -42.73
CA THR U 25 54.01 -48.54 -43.86
C THR U 25 53.95 -47.76 -45.17
N SER U 26 53.09 -46.75 -45.24
CA SER U 26 52.86 -46.06 -46.50
C SER U 26 52.17 -44.72 -46.28
N LEU U 27 52.08 -43.93 -47.35
CA LEU U 27 51.61 -42.57 -47.23
C LEU U 27 51.03 -42.07 -48.56
N GLU U 28 49.71 -41.89 -48.59
CA GLU U 28 49.02 -41.33 -49.75
C GLU U 28 48.70 -39.86 -49.51
N VAL U 29 48.84 -39.06 -50.55
CA VAL U 29 48.46 -37.65 -50.51
C VAL U 29 47.53 -37.35 -51.65
N ILE U 30 46.47 -36.62 -51.36
CA ILE U 30 45.55 -36.18 -52.40
C ILE U 30 45.32 -34.67 -52.28
N LYS U 31 45.18 -34.03 -53.44
CA LYS U 31 45.10 -32.58 -53.55
C LYS U 31 43.83 -32.11 -52.91
N ALA U 32 43.61 -30.81 -52.97
CA ALA U 32 42.30 -30.28 -52.70
C ALA U 32 41.46 -30.47 -53.95
N GLY U 33 40.16 -30.60 -53.78
CA GLY U 33 39.25 -30.81 -54.90
C GLY U 33 37.88 -30.22 -54.65
N PRO U 34 37.01 -30.31 -55.67
CA PRO U 34 35.64 -29.84 -55.52
C PRO U 34 34.82 -30.75 -54.61
N HIS U 35 35.30 -31.97 -54.40
CA HIS U 35 34.63 -32.91 -53.51
C HIS U 35 35.30 -33.02 -52.15
N CYS U 36 36.41 -32.32 -51.96
CA CYS U 36 36.98 -32.15 -50.63
C CYS U 36 37.85 -30.88 -50.60
N PRO U 37 37.32 -29.77 -50.05
CA PRO U 37 37.98 -28.47 -50.10
C PRO U 37 39.39 -28.48 -49.56
N THR U 38 39.60 -29.01 -48.35
CA THR U 38 40.96 -29.16 -47.84
C THR U 38 41.63 -30.36 -48.51
N ALA U 39 42.95 -30.28 -48.67
CA ALA U 39 43.72 -31.44 -49.09
C ALA U 39 43.94 -32.30 -47.85
N GLN U 40 44.39 -33.52 -48.08
CA GLN U 40 44.51 -34.49 -47.01
C GLN U 40 45.73 -35.34 -47.29
N LEU U 41 46.17 -36.09 -46.29
CA LEU U 41 47.09 -37.21 -46.54
C LEU U 41 46.84 -38.36 -45.57
N ILE U 42 46.94 -39.56 -46.12
CA ILE U 42 46.44 -40.76 -45.48
C ILE U 42 47.64 -41.64 -45.18
N ALA U 43 48.01 -41.68 -43.91
CA ALA U 43 49.05 -42.57 -43.47
C ALA U 43 48.42 -43.92 -43.22
N THR U 44 49.01 -44.96 -43.78
CA THR U 44 48.48 -46.31 -43.70
C THR U 44 49.42 -47.13 -42.81
N LEU U 45 48.89 -47.74 -41.76
CA LEU U 45 49.71 -48.33 -40.70
C LEU U 45 50.09 -49.79 -40.96
N LYS U 46 50.88 -50.37 -40.04
CA LYS U 46 51.36 -51.74 -40.22
C LYS U 46 50.23 -52.74 -40.15
N ASN U 47 49.37 -52.59 -39.16
CA ASN U 47 48.26 -53.51 -38.96
C ASN U 47 47.17 -53.40 -40.01
N GLY U 48 47.09 -52.25 -40.68
CA GLY U 48 46.18 -52.10 -41.82
C GLY U 48 45.33 -50.85 -41.83
N ARG U 49 45.14 -50.24 -40.66
CA ARG U 49 44.31 -49.02 -40.57
C ARG U 49 44.94 -47.91 -41.39
N LYS U 50 44.15 -46.87 -41.61
CA LYS U 50 44.65 -45.66 -42.23
C LYS U 50 44.29 -44.54 -41.30
N ILE U 51 45.10 -43.48 -41.31
CA ILE U 51 44.82 -42.32 -40.48
C ILE U 51 45.08 -41.02 -41.21
N CYS U 52 44.44 -39.98 -40.69
CA CYS U 52 44.51 -38.67 -41.27
C CYS U 52 45.36 -37.82 -40.37
N LEU U 53 46.35 -37.15 -40.94
CA LEU U 53 47.28 -36.40 -40.12
C LEU U 53 47.17 -34.93 -40.43
N ASP U 54 47.48 -34.11 -39.43
CA ASP U 54 47.14 -32.71 -39.43
C ASP U 54 48.03 -31.95 -40.40
N LEU U 55 47.43 -31.04 -41.16
CA LEU U 55 48.16 -30.15 -42.03
C LEU U 55 48.42 -28.81 -41.34
N GLN U 56 47.81 -28.59 -40.16
CA GLN U 56 48.10 -27.43 -39.35
C GLN U 56 49.45 -27.56 -38.65
N ALA U 57 49.82 -28.79 -38.30
CA ALA U 57 51.14 -29.05 -37.74
C ALA U 57 52.19 -28.96 -38.84
N PRO U 58 53.48 -28.94 -38.48
CA PRO U 58 54.58 -28.98 -39.46
C PRO U 58 54.88 -30.36 -40.06
N LEU U 59 53.86 -31.22 -40.05
CA LEU U 59 53.74 -32.37 -40.95
C LEU U 59 53.28 -31.86 -42.33
N TYR U 60 53.12 -30.54 -42.47
CA TYR U 60 52.52 -29.92 -43.65
C TYR U 60 53.52 -29.42 -44.68
N LYS U 61 54.74 -29.11 -44.25
CA LYS U 61 55.75 -28.60 -45.18
C LYS U 61 56.35 -29.72 -46.03
N LYS U 62 56.14 -30.96 -45.59
CA LYS U 62 56.39 -32.15 -46.42
C LYS U 62 55.21 -32.55 -47.34
N ILE U 63 54.23 -31.65 -47.49
CA ILE U 63 53.10 -31.84 -48.40
C ILE U 63 53.24 -30.87 -49.56
N ILE U 64 53.20 -29.58 -49.24
CA ILE U 64 53.26 -28.51 -50.23
C ILE U 64 54.34 -28.78 -51.29
N LYS U 65 55.53 -29.12 -50.82
CA LYS U 65 56.64 -29.52 -51.66
C LYS U 65 56.38 -30.89 -52.29
N LYS U 66 55.97 -31.86 -51.46
CA LYS U 66 55.80 -33.23 -51.90
C LYS U 66 55.06 -33.28 -53.23
N LEU U 67 53.81 -32.80 -53.19
CA LEU U 67 53.04 -32.43 -54.40
C LEU U 67 53.52 -31.90 -55.81
N LEU U 68 54.26 -30.80 -55.83
CA LEU U 68 54.45 -30.00 -57.05
C LEU U 68 55.92 -29.89 -57.40
N ASP V 1 3.31 20.79 35.30
CA ASP V 1 4.57 20.17 35.80
C ASP V 1 5.46 19.73 34.64
N ILE V 2 6.76 19.93 34.80
CA ILE V 2 7.72 19.43 33.82
C ILE V 2 8.32 18.12 34.31
N GLN V 3 8.07 17.05 33.57
CA GLN V 3 8.73 15.76 33.85
C GLN V 3 10.20 15.85 33.40
N MET V 4 11.11 15.79 34.37
CA MET V 4 12.55 15.78 34.10
C MET V 4 13.07 14.34 34.14
N THR V 5 13.47 13.81 32.98
CA THR V 5 13.79 12.39 32.85
C THR V 5 15.29 12.14 32.73
N GLN V 6 15.86 11.49 33.75
CA GLN V 6 17.26 11.11 33.77
C GLN V 6 17.30 9.62 33.48
N ILE V 7 17.61 9.26 32.23
CA ILE V 7 17.29 7.94 31.66
C ILE V 7 18.02 6.75 32.33
N THR V 8 19.29 6.95 32.69
CA THR V 8 20.10 5.91 33.32
C THR V 8 20.10 6.01 34.85
N SER V 9 19.36 5.11 35.50
CA SER V 9 19.34 4.95 36.97
C SER V 9 20.73 4.99 37.56
N SER V 10 21.56 4.04 37.12
CA SER V 10 22.99 4.02 37.46
C SER V 10 23.83 3.69 36.23
N LEU V 11 25.12 4.00 36.31
CA LEU V 11 26.02 3.90 35.18
C LEU V 11 27.43 3.52 35.62
N SER V 12 28.02 2.55 34.92
CA SER V 12 29.33 1.97 35.28
C SER V 12 30.43 2.67 34.50
N ALA V 13 31.44 3.18 35.18
CA ALA V 13 32.54 3.90 34.53
C ALA V 13 33.84 3.75 35.32
N SER V 14 34.86 3.20 34.68
CA SER V 14 36.16 3.01 35.33
C SER V 14 36.81 4.35 35.64
N LEU V 15 37.64 4.38 36.67
CA LEU V 15 38.29 5.63 37.11
C LEU V 15 39.18 6.22 36.01
N GLY V 16 39.28 7.54 35.97
CA GLY V 16 40.07 8.23 34.94
C GLY V 16 39.41 8.32 33.57
N ASP V 17 38.12 8.02 33.50
CA ASP V 17 37.35 7.97 32.25
C ASP V 17 36.69 9.31 31.93
N ARG V 18 35.99 9.34 30.80
CA ARG V 18 35.13 10.47 30.43
C ARG V 18 33.68 9.99 30.55
N VAL V 19 32.87 10.73 31.30
CA VAL V 19 31.50 10.32 31.60
C VAL V 19 30.51 11.33 31.09
N THR V 20 29.47 10.85 30.39
CA THR V 20 28.34 11.70 30.01
C THR V 20 27.08 11.19 30.73
N ILE V 21 26.28 12.13 31.24
CA ILE V 21 25.07 11.85 32.05
C ILE V 21 23.97 12.69 31.49
N SER V 22 23.02 12.06 30.81
CA SER V 22 21.99 12.79 30.09
C SER V 22 20.73 13.02 30.93
N CYS V 23 20.11 14.17 30.70
CA CYS V 23 18.91 14.56 31.39
C CYS V 23 17.97 15.22 30.37
N SER V 24 16.84 14.57 30.06
CA SER V 24 15.84 15.09 29.06
C SER V 24 14.70 15.72 29.84
N ALA V 25 14.05 16.67 29.20
CA ALA V 25 12.95 17.43 29.80
C ALA V 25 11.67 17.25 29.00
N SER V 26 10.54 17.17 29.69
CA SER V 26 9.24 16.94 29.05
C SER V 26 8.89 18.04 28.06
N GLN V 27 9.18 19.27 28.46
CA GLN V 27 8.88 20.42 27.62
C GLN V 27 10.10 21.35 27.62
N GLY V 28 10.10 22.30 26.70
CA GLY V 28 11.22 23.20 26.54
C GLY V 28 11.41 24.03 27.81
N ILE V 29 12.57 23.84 28.45
CA ILE V 29 13.07 24.84 29.41
C ILE V 29 14.09 25.68 28.64
N ASN V 30 14.31 26.92 29.07
CA ASN V 30 15.19 27.82 28.34
C ASN V 30 16.61 27.77 28.87
N ASN V 31 17.28 26.65 28.59
CA ASN V 31 18.54 26.25 29.26
C ASN V 31 18.62 26.83 30.67
N TYR V 32 17.55 26.67 31.44
CA TYR V 32 17.52 27.11 32.83
C TYR V 32 17.64 25.88 33.74
N LEU V 33 18.49 24.94 33.31
CA LEU V 33 18.72 23.69 33.99
C LEU V 33 19.80 23.85 35.05
N SER V 34 19.90 22.89 35.97
CA SER V 34 21.00 22.84 36.92
C SER V 34 21.58 21.45 37.00
N TRP V 35 22.68 21.31 37.71
CA TRP V 35 23.22 20.00 38.02
C TRP V 35 23.66 19.99 39.47
N TYR V 36 23.40 18.87 40.13
CA TYR V 36 23.73 18.72 41.54
C TYR V 36 24.43 17.37 41.72
N ARG V 37 25.29 17.31 42.73
CA ARG V 37 25.97 16.09 43.07
C ARG V 37 25.74 15.83 44.56
N GLN V 38 25.39 14.58 44.88
CA GLN V 38 25.18 14.18 46.26
C GLN V 38 26.16 13.08 46.65
N LYS V 39 27.12 13.42 47.52
CA LYS V 39 28.07 12.45 48.05
C LYS V 39 27.29 11.37 48.81
N PRO V 40 27.71 10.10 48.70
CA PRO V 40 26.92 8.96 49.22
C PRO V 40 26.27 9.25 50.59
N ASP V 41 27.01 9.94 51.46
CA ASP V 41 26.49 10.35 52.80
C ASP V 41 26.23 11.87 52.81
N GLY V 42 27.15 12.66 52.27
CA GLY V 42 27.18 14.09 52.51
C GLY V 42 26.04 14.89 51.91
N THR V 43 26.09 16.20 52.17
CA THR V 43 25.15 17.13 51.57
C THR V 43 25.22 17.01 50.04
N VAL V 44 24.34 17.74 49.38
CA VAL V 44 24.45 17.95 47.95
C VAL V 44 25.01 19.34 47.67
N LYS V 45 25.69 19.49 46.54
CA LYS V 45 26.28 20.77 46.20
C LYS V 45 26.05 21.10 44.73
N LEU V 46 25.83 22.38 44.47
CA LEU V 46 25.55 22.86 43.12
C LEU V 46 26.79 22.73 42.27
N LEU V 47 26.61 22.12 41.10
CA LEU V 47 27.72 21.84 40.22
C LEU V 47 27.69 22.85 39.08
N ILE V 48 26.64 22.80 38.28
CA ILE V 48 26.45 23.70 37.13
C ILE V 48 25.10 24.39 37.27
N TYR V 49 25.07 25.69 36.95
CA TYR V 49 23.82 26.41 36.80
C TYR V 49 23.71 26.92 35.36
N TYR V 50 22.59 27.58 35.05
CA TYR V 50 22.21 27.81 33.68
C TYR V 50 22.48 26.40 33.13
N THR V 51 22.92 26.30 31.90
CA THR V 51 23.06 24.98 31.29
C THR V 51 24.49 24.49 31.34
N SER V 52 25.44 25.43 31.44
CA SER V 52 26.87 25.13 31.36
C SER V 52 27.79 25.98 32.26
N SER V 53 27.28 27.05 32.85
CA SER V 53 28.09 27.88 33.76
C SER V 53 28.36 27.18 35.09
N LEU V 54 29.65 27.00 35.43
CA LEU V 54 30.03 26.24 36.64
C LEU V 54 29.93 27.13 37.85
N HIS V 55 29.52 26.52 38.97
CA HIS V 55 29.46 27.18 40.25
C HIS V 55 30.90 27.38 40.73
N SER V 56 31.11 28.36 41.61
CA SER V 56 32.44 28.61 42.16
C SER V 56 32.93 27.40 42.97
N GLY V 57 34.23 27.13 42.87
CA GLY V 57 34.83 26.01 43.59
C GLY V 57 34.55 24.65 42.97
N VAL V 58 34.10 24.65 41.72
CA VAL V 58 33.88 23.41 41.01
C VAL V 58 35.08 23.16 40.11
N PRO V 59 35.59 21.91 40.08
CA PRO V 59 36.68 21.54 39.18
C PRO V 59 36.41 21.87 37.72
N SER V 60 37.49 21.96 36.95
CA SER V 60 37.44 22.40 35.56
C SER V 60 36.92 21.26 34.66
N ARG V 61 37.13 20.01 35.08
CA ARG V 61 36.64 18.83 34.33
C ARG V 61 35.12 18.71 34.16
N PHE V 62 34.36 19.35 35.05
CA PHE V 62 32.91 19.42 34.93
C PHE V 62 32.48 20.46 33.89
N SER V 63 31.72 20.03 32.89
CA SER V 63 31.21 20.95 31.87
C SER V 63 29.81 20.56 31.43
N GLY V 64 28.87 21.50 31.60
CA GLY V 64 27.48 21.31 31.18
C GLY V 64 27.25 21.71 29.73
N SER V 65 26.15 21.23 29.16
CA SER V 65 25.82 21.53 27.76
C SER V 65 24.38 21.16 27.47
N GLY V 66 23.91 21.56 26.29
CA GLY V 66 22.54 21.25 25.84
C GLY V 66 21.71 22.45 25.41
N SER V 67 20.54 22.17 24.84
CA SER V 67 19.58 23.21 24.46
C SER V 67 18.19 22.61 24.20
N GLY V 68 17.15 23.30 24.68
CA GLY V 68 15.77 22.87 24.46
C GLY V 68 15.30 21.87 25.50
N THR V 69 15.12 20.63 25.07
CA THR V 69 14.65 19.56 25.96
C THR V 69 15.75 18.59 26.38
N ASP V 70 16.89 18.60 25.69
CA ASP V 70 17.99 17.67 25.97
C ASP V 70 19.19 18.40 26.54
N TYR V 71 19.80 17.81 27.56
CA TYR V 71 20.97 18.39 28.22
C TYR V 71 21.89 17.30 28.71
N SER V 72 23.16 17.66 28.89
CA SER V 72 24.15 16.74 29.41
C SER V 72 25.09 17.44 30.37
N LEU V 73 25.47 16.71 31.41
CA LEU V 73 26.65 17.03 32.22
C LEU V 73 27.71 16.04 31.77
N THR V 74 28.97 16.46 31.81
CA THR V 74 30.03 15.57 31.39
C THR V 74 31.32 15.82 32.20
N ILE V 75 31.95 14.73 32.59
CA ILE V 75 33.09 14.76 33.49
C ILE V 75 34.26 14.08 32.81
N SER V 76 35.24 14.86 32.36
CA SER V 76 36.50 14.32 31.85
C SER V 76 37.36 13.80 33.00
N ASN V 77 38.27 12.88 32.69
CA ASN V 77 39.09 12.15 33.70
C ASN V 77 38.45 12.04 35.09
N LEU V 78 37.52 11.10 35.20
CA LEU V 78 36.78 10.87 36.43
C LEU V 78 37.71 10.61 37.62
N GLU V 79 37.37 11.20 38.75
CA GLU V 79 38.12 11.01 39.99
C GLU V 79 37.23 10.41 41.06
N PRO V 80 37.81 9.69 42.03
CA PRO V 80 37.01 8.90 42.98
C PRO V 80 36.14 9.72 43.94
N GLU V 81 36.36 11.04 44.01
CA GLU V 81 35.45 11.94 44.73
C GLU V 81 34.10 12.09 44.02
N ASP V 82 34.04 11.66 42.76
CA ASP V 82 32.85 11.83 41.92
C ASP V 82 31.92 10.62 41.90
N ILE V 83 32.35 9.52 42.49
CA ILE V 83 31.45 8.38 42.66
C ILE V 83 30.33 8.82 43.59
N ALA V 84 29.16 9.05 43.01
CA ALA V 84 28.05 9.69 43.70
C ALA V 84 26.78 9.61 42.83
N THR V 85 25.69 10.20 43.32
CA THR V 85 24.50 10.38 42.50
C THR V 85 24.47 11.81 41.98
N TYR V 86 23.96 11.99 40.76
CA TYR V 86 23.85 13.31 40.13
C TYR V 86 22.42 13.61 39.74
N PHE V 87 22.00 14.84 39.97
CA PHE V 87 20.62 15.25 39.74
C PHE V 87 20.57 16.47 38.83
N CYS V 88 19.61 16.50 37.92
CA CYS V 88 19.34 17.73 37.17
C CYS V 88 18.04 18.33 37.64
N GLN V 89 18.06 19.63 37.88
CA GLN V 89 16.85 20.42 38.15
C GLN V 89 16.61 21.32 36.96
N GLN V 90 15.37 21.78 36.85
CA GLN V 90 15.06 22.92 36.00
C GLN V 90 14.50 24.01 36.89
N PHE V 91 14.68 25.26 36.49
CA PHE V 91 14.09 26.37 37.25
C PHE V 91 13.43 27.41 36.35
N SER V 92 12.98 26.96 35.18
CA SER V 92 12.35 27.85 34.21
C SER V 92 10.97 28.26 34.72
N LYS V 93 10.24 27.31 35.29
CA LYS V 93 8.97 27.66 35.91
C LYS V 93 8.59 26.74 37.05
N LEU V 94 7.71 27.24 37.91
CA LEU V 94 7.12 26.46 38.96
C LEU V 94 6.21 25.38 38.37
N PRO V 95 6.09 24.23 39.05
CA PRO V 95 6.78 23.87 40.26
C PRO V 95 8.14 23.34 39.88
N TYR V 96 9.14 23.59 40.73
CA TYR V 96 10.51 23.16 40.43
C TYR V 96 10.59 21.65 40.55
N THR V 97 11.10 21.03 39.49
CA THR V 97 11.12 19.58 39.41
C THR V 97 12.55 19.12 39.20
N PHE V 98 12.89 17.97 39.78
CA PHE V 98 14.23 17.40 39.66
C PHE V 98 14.22 16.17 38.78
N GLY V 99 15.40 15.65 38.47
CA GLY V 99 15.54 14.41 37.75
C GLY V 99 15.45 13.23 38.70
N GLY V 100 15.32 12.03 38.14
CA GLY V 100 15.33 10.81 38.92
C GLY V 100 16.66 10.52 39.60
N GLY V 101 17.72 11.06 39.01
CA GLY V 101 19.07 10.90 39.56
C GLY V 101 19.82 9.82 38.81
N THR V 102 21.14 10.02 38.65
CA THR V 102 21.99 9.01 38.07
C THR V 102 23.12 8.67 39.05
N LYS V 103 23.15 7.41 39.48
CA LYS V 103 24.16 6.89 40.38
C LYS V 103 25.39 6.47 39.58
N LEU V 104 26.56 6.86 40.06
CA LEU V 104 27.80 6.59 39.37
C LEU V 104 28.58 5.54 40.15
N GLU V 105 28.83 4.41 39.51
CA GLU V 105 29.56 3.30 40.14
C GLU V 105 30.73 2.87 39.26
N ILE V 106 31.71 2.20 39.87
CA ILE V 106 33.01 1.93 39.22
C ILE V 106 33.09 0.50 38.68
N LYS V 107 33.42 0.39 37.39
CA LYS V 107 33.41 -0.89 36.70
C LYS V 107 34.59 -1.76 37.14
N ARG V 108 34.29 -3.03 37.42
CA ARG V 108 35.32 -4.04 37.65
C ARG V 108 34.97 -5.23 36.76
N ALA V 109 35.84 -6.23 36.71
CA ALA V 109 35.60 -7.43 35.92
C ALA V 109 34.58 -8.34 36.59
N ASP V 110 33.37 -8.40 36.00
CA ASP V 110 32.23 -9.11 36.59
C ASP V 110 32.58 -10.47 37.21
N ALA V 111 32.23 -10.64 38.49
CA ALA V 111 32.45 -11.88 39.23
C ALA V 111 31.12 -12.46 39.69
N ALA V 112 31.07 -13.78 39.85
CA ALA V 112 29.84 -14.50 40.19
C ALA V 112 29.60 -14.49 41.70
N PRO V 113 28.35 -14.75 42.14
CA PRO V 113 28.03 -14.66 43.56
C PRO V 113 28.25 -15.96 44.34
N THR V 114 28.77 -15.84 45.56
CA THR V 114 28.89 -16.97 46.47
C THR V 114 27.57 -17.11 47.22
N VAL V 115 26.76 -18.10 46.84
CA VAL V 115 25.41 -18.25 47.35
C VAL V 115 25.39 -19.18 48.56
N SER V 116 24.76 -18.71 49.64
CA SER V 116 24.60 -19.51 50.86
C SER V 116 23.13 -19.52 51.24
N ILE V 117 22.60 -20.69 51.60
CA ILE V 117 21.21 -20.82 52.02
C ILE V 117 21.14 -21.25 53.48
N PHE V 118 20.10 -20.79 54.17
CA PHE V 118 19.95 -21.05 55.60
C PHE V 118 18.50 -21.42 55.95
N PRO V 119 18.30 -22.51 56.73
CA PRO V 119 16.96 -22.80 57.19
C PRO V 119 16.60 -21.91 58.37
N PRO V 120 15.29 -21.77 58.66
CA PRO V 120 14.87 -20.97 59.80
C PRO V 120 15.32 -21.60 61.10
N SER V 121 15.86 -20.78 62.01
CA SER V 121 16.45 -21.28 63.24
C SER V 121 15.39 -21.82 64.21
N SER V 122 15.84 -22.69 65.10
CA SER V 122 14.98 -23.26 66.14
C SER V 122 14.39 -22.18 67.05
N GLU V 123 15.21 -21.18 67.40
CA GLU V 123 14.77 -20.05 68.22
C GLU V 123 13.52 -19.37 67.66
N GLN V 124 13.45 -19.27 66.33
CA GLN V 124 12.34 -18.65 65.63
C GLN V 124 11.13 -19.57 65.50
N LEU V 125 11.38 -20.87 65.31
CA LEU V 125 10.30 -21.86 65.21
C LEU V 125 9.51 -21.93 66.52
N THR V 126 10.20 -21.76 67.64
CA THR V 126 9.57 -21.60 68.95
C THR V 126 8.65 -20.39 68.99
N SER V 127 9.13 -19.28 68.43
CA SER V 127 8.35 -18.04 68.35
C SER V 127 7.06 -18.19 67.53
N GLY V 128 7.07 -19.10 66.56
CA GLY V 128 5.91 -19.35 65.71
C GLY V 128 6.01 -18.63 64.37
N GLY V 129 7.21 -18.63 63.80
CA GLY V 129 7.48 -18.05 62.48
C GLY V 129 8.59 -18.81 61.79
N ALA V 130 8.80 -18.55 60.51
CA ALA V 130 9.80 -19.29 59.73
C ALA V 130 10.33 -18.47 58.55
N SER V 131 11.56 -17.97 58.67
CA SER V 131 12.20 -17.21 57.61
C SER V 131 13.36 -18.00 57.02
N VAL V 132 13.23 -18.33 55.74
CA VAL V 132 14.30 -18.97 55.00
C VAL V 132 15.13 -17.87 54.35
N VAL V 133 16.42 -17.83 54.66
CA VAL V 133 17.32 -16.77 54.18
C VAL V 133 18.30 -17.30 53.14
N CYS V 134 18.62 -16.46 52.16
CA CYS V 134 19.59 -16.79 51.14
C CYS V 134 20.49 -15.58 50.90
N PHE V 135 21.78 -15.72 51.19
CA PHE V 135 22.76 -14.66 50.91
C PHE V 135 23.38 -14.90 49.54
N LEU V 136 23.48 -13.84 48.76
CA LEU V 136 24.17 -13.85 47.47
C LEU V 136 25.22 -12.74 47.56
N ASN V 137 26.48 -13.13 47.78
CA ASN V 137 27.53 -12.18 48.18
C ASN V 137 28.65 -11.98 47.17
N ASN V 138 29.21 -10.77 47.20
CA ASN V 138 30.38 -10.38 46.39
C ASN V 138 30.29 -10.75 44.91
N PHE V 139 29.44 -10.02 44.18
CA PHE V 139 29.28 -10.21 42.75
C PHE V 139 29.27 -8.88 42.02
N TYR V 140 29.29 -8.98 40.68
CA TYR V 140 29.19 -7.82 39.80
C TYR V 140 28.73 -8.30 38.43
N PRO V 141 27.83 -7.54 37.76
CA PRO V 141 27.23 -6.27 38.17
C PRO V 141 25.98 -6.45 39.03
N LYS V 142 25.55 -5.34 39.63
CA LYS V 142 24.31 -5.26 40.43
C LYS V 142 23.14 -6.07 39.89
N ASP V 143 23.06 -6.19 38.56
CA ASP V 143 22.00 -6.93 37.89
C ASP V 143 21.99 -8.41 38.28
N ILE V 144 21.06 -8.80 39.14
CA ILE V 144 20.93 -10.19 39.59
C ILE V 144 19.46 -10.55 39.81
N ASN V 145 19.13 -11.82 39.69
CA ASN V 145 17.74 -12.28 39.78
C ASN V 145 17.62 -13.54 40.63
N VAL V 146 16.55 -13.63 41.42
CA VAL V 146 16.38 -14.71 42.39
C VAL V 146 15.04 -15.45 42.21
N LYS V 147 15.11 -16.78 42.25
CA LYS V 147 13.92 -17.65 42.23
C LYS V 147 13.86 -18.47 43.52
N TRP V 148 12.74 -18.40 44.23
CA TRP V 148 12.50 -19.26 45.39
C TRP V 148 11.61 -20.42 44.98
N LYS V 149 12.03 -21.65 45.28
CA LYS V 149 11.28 -22.85 44.90
C LYS V 149 11.04 -23.81 46.06
N ILE V 150 9.77 -23.93 46.47
CA ILE V 150 9.36 -24.88 47.50
C ILE V 150 8.84 -26.14 46.82
N ASP V 151 9.46 -27.29 47.15
CA ASP V 151 9.13 -28.56 46.51
C ASP V 151 9.10 -28.47 44.98
N GLY V 152 10.08 -27.78 44.42
CA GLY V 152 10.24 -27.70 42.97
C GLY V 152 9.35 -26.73 42.19
N SER V 153 8.32 -26.18 42.83
CA SER V 153 7.44 -25.21 42.17
C SER V 153 7.63 -23.83 42.82
N GLU V 154 7.87 -22.81 42.00
CA GLU V 154 8.33 -21.52 42.52
C GLU V 154 7.27 -20.76 43.31
N ARG V 155 7.74 -19.81 44.11
CA ARG V 155 6.89 -18.98 44.94
C ARG V 155 7.47 -17.58 45.01
N GLN V 156 6.63 -16.59 44.73
CA GLN V 156 7.05 -15.19 44.76
C GLN V 156 6.25 -14.41 45.79
N ASN V 157 5.80 -15.11 46.85
CA ASN V 157 4.75 -14.58 47.70
C ASN V 157 5.29 -13.80 48.90
N GLY V 158 6.08 -14.47 49.75
CA GLY V 158 6.61 -13.84 50.97
C GLY V 158 8.06 -13.41 50.86
N VAL V 159 8.49 -13.08 49.63
CA VAL V 159 9.90 -12.77 49.35
C VAL V 159 10.21 -11.30 49.65
N LEU V 160 11.44 -11.03 50.05
CA LEU V 160 11.93 -9.66 50.27
C LEU V 160 13.42 -9.59 49.98
N ASN V 161 13.80 -8.77 49.00
CA ASN V 161 15.19 -8.67 48.57
C ASN V 161 15.80 -7.32 48.91
N SER V 162 16.95 -7.35 49.58
CA SER V 162 17.66 -6.15 50.00
C SER V 162 19.09 -6.18 49.44
N TRP V 163 19.43 -5.19 48.61
CA TRP V 163 20.75 -5.09 48.00
C TRP V 163 21.62 -4.12 48.80
N THR V 164 22.94 -4.31 48.78
CA THR V 164 23.86 -3.38 49.44
C THR V 164 24.29 -2.30 48.47
N ASP V 165 24.94 -1.27 49.00
CA ASP V 165 25.68 -0.34 48.17
C ASP V 165 26.89 -1.08 47.60
N GLN V 166 27.52 -0.52 46.57
CA GLN V 166 28.73 -1.11 46.02
C GLN V 166 29.81 -1.06 47.09
N ASP V 167 30.44 -2.20 47.37
CA ASP V 167 31.43 -2.27 48.43
C ASP V 167 32.59 -1.31 48.12
N SER V 168 32.79 -0.34 49.01
CA SER V 168 33.87 0.64 48.88
C SER V 168 35.22 -0.05 48.73
N LYS V 169 35.38 -1.16 49.43
CA LYS V 169 36.59 -1.97 49.38
C LYS V 169 36.91 -2.49 47.98
N ASP V 170 36.03 -3.33 47.42
CA ASP V 170 36.34 -4.13 46.23
C ASP V 170 35.34 -4.05 45.07
N SER V 171 34.43 -3.08 45.11
CA SER V 171 33.52 -2.81 44.00
C SER V 171 32.60 -3.98 43.65
N THR V 172 32.13 -4.71 44.67
CA THR V 172 31.23 -5.83 44.46
C THR V 172 29.95 -5.66 45.26
N TYR V 173 28.84 -5.99 44.61
CA TYR V 173 27.54 -5.89 45.25
C TYR V 173 27.21 -7.21 45.94
N SER V 174 26.31 -7.14 46.91
CA SER V 174 25.85 -8.30 47.67
C SER V 174 24.39 -8.11 48.01
N MET V 175 23.60 -9.17 47.96
CA MET V 175 22.17 -9.07 48.29
C MET V 175 21.65 -10.18 49.19
N SER V 176 20.47 -9.94 49.76
CA SER V 176 19.89 -10.79 50.80
C SER V 176 18.44 -11.08 50.47
N SER V 177 18.10 -12.37 50.31
CA SER V 177 16.74 -12.77 49.97
C SER V 177 16.06 -13.50 51.13
N THR V 178 15.04 -12.86 51.71
CA THR V 178 14.33 -13.39 52.88
C THR V 178 12.94 -13.91 52.47
N LEU V 179 12.70 -15.21 52.68
CA LEU V 179 11.40 -15.82 52.42
C LEU V 179 10.64 -16.01 53.74
N THR V 180 9.77 -15.05 54.05
CA THR V 180 8.98 -15.10 55.28
C THR V 180 7.76 -16.01 55.10
N LEU V 181 7.60 -16.96 56.00
CA LEU V 181 6.52 -17.94 55.92
C LEU V 181 5.87 -18.22 57.26
N THR V 182 4.56 -18.41 57.23
CA THR V 182 3.81 -18.96 58.38
C THR V 182 4.43 -20.32 58.75
N LYS V 183 4.65 -20.53 60.04
CA LYS V 183 5.46 -21.66 60.51
C LYS V 183 4.77 -23.02 60.28
N ASP V 184 3.44 -23.01 60.20
CA ASP V 184 2.66 -24.22 59.93
C ASP V 184 2.78 -24.65 58.47
N GLU V 185 2.62 -23.71 57.53
CA GLU V 185 2.73 -24.01 56.11
C GLU V 185 4.20 -24.17 55.66
N TYR V 186 5.13 -23.76 56.52
CA TYR V 186 6.54 -24.11 56.34
C TYR V 186 6.73 -25.62 56.51
N GLU V 187 6.03 -26.19 57.49
CA GLU V 187 6.14 -27.62 57.77
C GLU V 187 5.26 -28.49 56.86
N ARG V 188 4.40 -27.87 56.05
CA ARG V 188 3.62 -28.59 55.04
C ARG V 188 4.43 -28.93 53.78
N HIS V 189 5.68 -28.45 53.70
CA HIS V 189 6.56 -28.74 52.57
C HIS V 189 7.96 -29.11 53.08
N ASN V 190 8.77 -29.73 52.22
CA ASN V 190 10.10 -30.24 52.62
C ASN V 190 11.31 -29.63 51.91
N SER V 191 11.24 -29.51 50.59
CA SER V 191 12.35 -29.00 49.77
C SER V 191 12.33 -27.48 49.65
N TYR V 192 13.41 -26.82 50.06
CA TYR V 192 13.55 -25.37 49.94
C TYR V 192 14.78 -25.00 49.12
N THR V 193 14.54 -24.35 47.99
CA THR V 193 15.59 -24.05 47.02
C THR V 193 15.62 -22.56 46.72
N CYS V 194 16.82 -22.05 46.47
CA CYS V 194 17.04 -20.63 46.17
C CYS V 194 17.96 -20.52 44.95
N GLU V 195 17.36 -20.30 43.78
CA GLU V 195 18.10 -20.14 42.51
C GLU V 195 18.51 -18.68 42.31
N ALA V 196 19.56 -18.49 41.51
CA ALA V 196 20.08 -17.15 41.25
C ALA V 196 20.64 -17.04 39.83
N THR V 197 19.91 -16.34 38.96
CA THR V 197 20.40 -16.06 37.60
C THR V 197 21.30 -14.84 37.62
N HIS V 198 22.44 -14.94 36.95
CA HIS V 198 23.39 -13.84 36.87
C HIS V 198 24.09 -13.87 35.52
N LYS V 199 24.65 -12.73 35.14
CA LYS V 199 25.38 -12.58 33.88
C LYS V 199 26.54 -13.60 33.71
N THR V 200 27.16 -13.99 34.82
CA THR V 200 28.40 -14.77 34.78
C THR V 200 28.28 -16.22 34.28
N SER V 201 27.06 -16.76 34.21
CA SER V 201 26.85 -18.07 33.57
C SER V 201 25.43 -18.19 33.03
N THR V 202 25.25 -19.07 32.06
CA THR V 202 23.97 -19.23 31.37
C THR V 202 22.89 -19.83 32.26
N SER V 203 23.11 -21.07 32.72
CA SER V 203 22.18 -21.71 33.65
C SER V 203 22.49 -21.24 35.08
N PRO V 204 21.45 -21.17 35.94
CA PRO V 204 21.56 -20.52 37.25
C PRO V 204 22.37 -21.29 38.29
N ILE V 205 22.78 -20.59 39.35
CA ILE V 205 23.44 -21.22 40.50
C ILE V 205 22.39 -21.48 41.59
N VAL V 206 22.35 -22.73 42.07
CA VAL V 206 21.27 -23.20 42.94
C VAL V 206 21.83 -23.71 44.26
N LYS V 207 21.25 -23.23 45.36
CA LYS V 207 21.56 -23.74 46.70
C LYS V 207 20.25 -24.16 47.36
N SER V 208 20.28 -25.29 48.05
CA SER V 208 19.06 -25.89 48.57
C SER V 208 19.29 -26.71 49.84
N PHE V 209 18.19 -27.01 50.53
CA PHE V 209 18.21 -27.90 51.69
C PHE V 209 16.84 -28.58 51.85
N ASN V 210 16.86 -29.74 52.50
CA ASN V 210 15.63 -30.46 52.84
C ASN V 210 15.43 -30.55 54.36
N ARG V 211 14.21 -30.88 54.76
CA ARG V 211 13.86 -31.03 56.16
C ARG V 211 13.78 -32.53 56.48
N ASN V 212 14.59 -32.98 57.44
CA ASN V 212 14.68 -34.40 57.78
C ASN V 212 15.21 -34.66 59.19
N GLU W 1 32.82 30.12 54.40
CA GLU W 1 31.73 29.22 53.92
C GLU W 1 30.34 29.84 54.12
N VAL W 2 29.47 29.60 53.15
CA VAL W 2 28.03 29.73 53.36
C VAL W 2 27.60 28.41 54.01
N LYS W 3 26.90 28.50 55.14
CA LYS W 3 26.54 27.31 55.90
C LYS W 3 25.06 27.30 56.26
N LEU W 4 24.45 26.11 56.20
CA LEU W 4 23.04 25.93 56.50
C LEU W 4 22.83 24.75 57.45
N VAL W 5 22.75 25.04 58.75
CA VAL W 5 22.43 24.03 59.75
C VAL W 5 20.92 23.91 59.82
N GLU W 6 20.44 22.69 60.08
CA GLU W 6 19.01 22.39 60.10
C GLU W 6 18.69 21.58 61.33
N SER W 7 17.45 21.66 61.81
CA SER W 7 17.08 21.02 63.07
C SER W 7 15.57 20.87 63.23
N GLY W 8 15.18 20.16 64.29
CA GLY W 8 13.76 19.95 64.61
C GLY W 8 13.19 18.67 64.04
N GLY W 9 13.98 17.96 63.24
CA GLY W 9 13.53 16.75 62.58
C GLY W 9 13.41 15.62 63.59
N GLY W 10 12.41 14.76 63.39
CA GLY W 10 12.21 13.62 64.28
C GLY W 10 11.09 12.71 63.83
N LEU W 11 10.67 11.82 64.73
CA LEU W 11 9.55 10.93 64.49
C LEU W 11 8.26 11.62 64.89
N VAL W 12 7.24 11.55 64.04
CA VAL W 12 5.92 12.08 64.38
C VAL W 12 4.83 11.11 63.93
N LYS W 13 3.75 11.10 64.70
CA LYS W 13 2.59 10.26 64.41
C LYS W 13 1.78 10.92 63.30
N PRO W 14 1.20 10.10 62.39
CA PRO W 14 0.33 10.60 61.31
C PRO W 14 -0.73 11.59 61.80
N GLY W 15 -1.00 12.61 60.99
CA GLY W 15 -1.90 13.69 61.38
C GLY W 15 -1.36 14.61 62.46
N GLY W 16 -0.04 14.63 62.62
CA GLY W 16 0.61 15.41 63.68
C GLY W 16 1.16 16.72 63.18
N SER W 17 2.09 17.30 63.95
CA SER W 17 2.73 18.56 63.61
C SER W 17 4.22 18.53 63.95
N LEU W 18 4.97 19.41 63.29
CA LEU W 18 6.41 19.55 63.54
C LEU W 18 6.91 20.83 62.89
N LYS W 19 7.89 21.48 63.52
CA LYS W 19 8.47 22.71 62.99
C LYS W 19 9.96 22.52 62.76
N LEU W 20 10.35 22.54 61.49
CA LEU W 20 11.76 22.44 61.12
C LEU W 20 12.39 23.81 61.18
N SER W 21 13.67 23.84 61.51
CA SER W 21 14.44 25.09 61.55
C SER W 21 15.68 24.95 60.68
N CYS W 22 16.15 26.08 60.15
CA CYS W 22 17.34 26.12 59.32
C CYS W 22 18.13 27.41 59.63
N ALA W 23 19.25 27.26 60.33
CA ALA W 23 20.09 28.39 60.72
C ALA W 23 21.05 28.74 59.60
N ALA W 24 21.07 30.02 59.23
CA ALA W 24 21.89 30.50 58.11
C ALA W 24 23.12 31.24 58.61
N SER W 25 24.21 31.14 57.85
CA SER W 25 25.48 31.77 58.22
C SER W 25 26.44 31.89 57.04
N GLY W 26 26.97 33.08 56.84
CA GLY W 26 27.93 33.34 55.76
C GLY W 26 27.42 34.22 54.62
N PHE W 27 26.29 34.89 54.81
CA PHE W 27 25.72 35.77 53.78
C PHE W 27 24.62 36.69 54.32
N ALA W 28 24.23 37.66 53.51
CA ALA W 28 23.16 38.61 53.87
C ALA W 28 21.79 37.95 53.78
N PHE W 29 21.48 37.12 54.78
CA PHE W 29 20.27 36.29 54.78
C PHE W 29 18.99 37.03 54.36
N SER W 30 18.83 38.27 54.78
CA SER W 30 17.61 39.04 54.49
C SER W 30 17.44 39.32 53.00
N ARG W 31 18.53 39.45 52.26
CA ARG W 31 18.48 39.71 50.83
C ARG W 31 18.68 38.44 49.96
N TYR W 32 18.10 37.33 50.38
CA TYR W 32 18.19 36.06 49.63
C TYR W 32 16.89 35.26 49.70
N ASP W 33 16.43 34.77 48.54
CA ASP W 33 15.29 33.87 48.49
C ASP W 33 15.69 32.51 49.05
N MET W 34 14.83 31.94 49.91
CA MET W 34 15.13 30.68 50.60
C MET W 34 14.06 29.63 50.33
N SER W 35 14.49 28.37 50.31
CA SER W 35 13.62 27.27 49.91
C SER W 35 13.85 25.99 50.72
N TRP W 36 12.88 25.08 50.63
CA TRP W 36 12.95 23.76 51.26
C TRP W 36 12.79 22.69 50.21
N VAL W 37 13.64 21.69 50.24
CA VAL W 37 13.54 20.54 49.35
C VAL W 37 13.67 19.27 50.18
N ARG W 38 12.99 18.21 49.74
CA ARG W 38 13.03 16.95 50.47
C ARG W 38 13.38 15.77 49.57
N GLN W 39 14.05 14.79 50.17
CA GLN W 39 14.48 13.59 49.49
C GLN W 39 13.69 12.42 50.04
N THR W 40 12.86 11.79 49.21
CA THR W 40 12.02 10.68 49.65
C THR W 40 12.91 9.49 50.01
N PRO W 41 12.38 8.53 50.79
CA PRO W 41 13.16 7.31 51.02
C PRO W 41 13.39 6.58 49.71
N GLU W 42 12.32 6.49 48.92
CA GLU W 42 12.37 6.05 47.52
C GLU W 42 13.64 6.56 46.80
N LYS W 43 13.94 7.84 47.00
CA LYS W 43 15.27 8.48 46.77
C LYS W 43 15.16 9.86 46.11
N ARG W 44 14.43 9.91 45.00
CA ARG W 44 14.00 11.17 44.35
C ARG W 44 13.98 12.46 45.18
N LEU W 45 14.17 13.59 44.50
CA LEU W 45 14.11 14.91 45.12
C LEU W 45 12.78 15.58 44.82
N GLU W 46 12.36 16.49 45.70
CA GLU W 46 11.03 17.09 45.61
C GLU W 46 11.03 18.49 46.19
N TRP W 47 10.68 19.47 45.36
CA TRP W 47 10.58 20.85 45.83
C TRP W 47 9.42 20.96 46.80
N VAL W 48 9.61 21.72 47.87
CA VAL W 48 8.60 21.83 48.92
C VAL W 48 8.09 23.25 49.15
N ALA W 49 8.99 24.23 49.20
CA ALA W 49 8.59 25.61 49.48
C ALA W 49 9.66 26.63 49.07
N THR W 50 9.22 27.86 48.80
CA THR W 50 10.12 28.99 48.56
C THR W 50 9.52 30.25 49.15
N ILE W 51 10.37 31.19 49.55
CA ILE W 51 9.92 32.46 50.10
C ILE W 51 10.75 33.65 49.56
N THR W 52 10.05 34.69 49.09
CA THR W 52 10.69 35.87 48.52
C THR W 52 11.40 36.66 49.61
N SER W 53 12.59 37.14 49.28
CA SER W 53 13.45 37.82 50.25
C SER W 53 13.01 39.27 50.44
N GLY W 54 12.33 39.84 49.47
CA GLY W 54 11.60 41.09 49.68
C GLY W 54 10.39 40.82 50.57
N ASP W 55 10.66 40.21 51.72
CA ASP W 55 9.67 39.58 52.62
C ASP W 55 8.49 38.82 51.97
N ASN W 56 8.17 39.16 50.73
CA ASN W 56 6.83 38.99 50.16
C ASN W 56 6.21 37.60 50.36
N TYR W 57 6.24 36.77 49.32
CA TYR W 57 5.29 35.69 49.16
C TYR W 57 5.88 34.36 49.60
N THR W 58 5.03 33.34 49.55
CA THR W 58 5.47 31.97 49.72
C THR W 58 4.85 31.17 48.58
N TYR W 59 5.59 30.19 48.08
CA TYR W 59 5.14 29.36 46.98
C TYR W 59 5.32 27.91 47.39
N TYR W 60 4.26 27.12 47.29
CA TYR W 60 4.31 25.68 47.56
C TYR W 60 3.78 24.90 46.35
N PRO W 61 4.17 23.62 46.22
CA PRO W 61 3.57 22.77 45.20
C PRO W 61 2.23 22.21 45.68
N ASP W 62 1.49 21.58 44.78
CA ASP W 62 0.15 21.09 45.10
C ASP W 62 0.19 20.04 46.20
N SER W 63 1.21 19.20 46.21
CA SER W 63 1.27 18.09 47.14
C SER W 63 1.29 18.49 48.61
N VAL W 64 1.59 19.76 48.94
CA VAL W 64 1.65 20.18 50.34
C VAL W 64 1.05 21.56 50.65
N LYS W 65 0.23 22.11 49.76
CA LYS W 65 -0.35 23.45 50.00
C LYS W 65 -1.24 23.42 51.24
N GLY W 66 -1.18 24.50 52.02
CA GLY W 66 -2.05 24.65 53.17
C GLY W 66 -1.62 23.84 54.39
N ARG W 67 -0.99 22.69 54.17
CA ARG W 67 -0.47 21.86 55.24
C ARG W 67 0.85 22.41 55.74
N PHE W 68 1.70 22.82 54.80
CA PHE W 68 3.03 23.35 55.11
C PHE W 68 3.01 24.87 55.06
N THR W 69 3.83 25.49 55.90
CA THR W 69 3.88 26.95 56.02
C THR W 69 5.32 27.42 56.22
N ILE W 70 5.97 27.82 55.13
CA ILE W 70 7.32 28.37 55.18
C ILE W 70 7.28 29.76 55.82
N SER W 71 8.37 30.13 56.49
CA SER W 71 8.45 31.44 57.12
C SER W 71 9.89 31.72 57.54
N ARG W 72 10.26 33.00 57.58
CA ARG W 72 11.62 33.40 57.91
C ARG W 72 11.65 34.28 59.15
N ASP W 73 12.85 34.50 59.67
CA ASP W 73 13.09 35.51 60.70
C ASP W 73 14.48 36.09 60.45
N ASN W 74 14.53 37.19 59.71
CA ASN W 74 15.78 37.81 59.32
C ASN W 74 16.61 38.29 60.50
N ALA W 75 15.94 38.61 61.61
CA ALA W 75 16.62 38.95 62.86
C ALA W 75 17.50 37.79 63.32
N ARG W 76 16.92 36.60 63.36
CA ARG W 76 17.60 35.41 63.87
C ARG W 76 18.51 34.74 62.83
N ASN W 77 18.32 35.07 61.55
CA ASN W 77 18.94 34.33 60.44
C ASN W 77 18.48 32.88 60.44
N THR W 78 17.17 32.70 60.49
CA THR W 78 16.58 31.38 60.60
C THR W 78 15.34 31.24 59.72
N LEU W 79 15.23 30.07 59.09
CA LEU W 79 14.12 29.75 58.21
C LEU W 79 13.35 28.58 58.80
N TYR W 80 12.03 28.74 58.94
CA TYR W 80 11.19 27.71 59.50
C TYR W 80 10.31 27.09 58.42
N LEU W 81 10.08 25.78 58.54
CA LEU W 81 9.03 25.11 57.77
C LEU W 81 8.04 24.48 58.75
N GLN W 82 6.88 25.12 58.87
CA GLN W 82 5.85 24.66 59.79
C GLN W 82 4.98 23.61 59.12
N MET W 83 5.22 22.34 59.48
CA MET W 83 4.46 21.23 58.93
C MET W 83 3.31 20.90 59.86
N SER W 84 2.19 20.47 59.29
CA SER W 84 1.04 19.98 60.07
C SER W 84 0.15 19.10 59.19
N ARG W 85 -0.65 18.26 59.84
CA ARG W 85 -1.43 17.23 59.16
C ARG W 85 -0.50 16.35 58.30
N LEU W 86 0.56 15.85 58.92
CA LEU W 86 1.57 15.02 58.24
C LEU W 86 0.96 13.73 57.69
N ARG W 87 1.70 13.07 56.81
CA ARG W 87 1.22 11.84 56.19
C ARG W 87 2.33 10.81 56.06
N SER W 88 1.97 9.66 55.51
CA SER W 88 2.92 8.62 55.12
C SER W 88 3.92 9.15 54.10
N GLU W 89 3.42 9.89 53.11
CA GLU W 89 4.24 10.35 51.98
C GLU W 89 5.29 11.34 52.44
N ASP W 90 4.96 12.16 53.43
CA ASP W 90 5.84 13.22 53.89
C ASP W 90 7.09 12.70 54.61
N THR W 91 7.14 11.39 54.86
CA THR W 91 8.36 10.75 55.34
C THR W 91 9.47 11.00 54.34
N ALA W 92 10.49 11.76 54.76
CA ALA W 92 11.60 12.11 53.87
C ALA W 92 12.71 12.83 54.61
N LEU W 93 13.83 13.07 53.91
CA LEU W 93 14.93 13.90 54.42
C LEU W 93 14.74 15.31 53.88
N TYR W 94 14.63 16.28 54.79
CA TYR W 94 14.28 17.66 54.41
C TYR W 94 15.49 18.59 54.44
N TYR W 95 15.92 19.05 53.27
CA TYR W 95 16.99 20.04 53.14
C TYR W 95 16.42 21.45 53.02
N CYS W 96 17.03 22.42 53.71
CA CYS W 96 16.77 23.83 53.43
C CYS W 96 17.85 24.27 52.44
N THR W 97 17.51 25.22 51.58
CA THR W 97 18.39 25.63 50.49
C THR W 97 18.34 27.12 50.22
N ARG W 98 19.34 27.61 49.49
CA ARG W 98 19.40 29.01 49.12
C ARG W 98 19.28 29.17 47.61
N GLN W 99 18.20 29.82 47.18
CA GLN W 99 18.04 30.24 45.80
C GLN W 99 18.87 31.48 45.62
N GLY W 100 18.84 32.07 44.44
CA GLY W 100 18.96 33.51 44.35
C GLY W 100 19.94 34.13 43.38
N LEU W 101 19.97 35.46 43.46
CA LEU W 101 20.96 36.29 42.80
C LEU W 101 20.79 36.27 41.28
N LEU W 102 21.77 35.78 40.55
CA LEU W 102 21.75 35.90 39.10
C LEU W 102 20.84 34.90 38.41
N TYR W 103 20.89 33.64 38.82
CA TYR W 103 20.26 32.58 38.00
C TYR W 103 19.23 31.67 38.68
N TYR W 104 18.98 31.84 39.98
CA TYR W 104 17.86 31.14 40.65
C TYR W 104 17.87 29.62 40.59
N ALA W 105 19.00 29.01 40.90
CA ALA W 105 19.02 27.61 41.23
C ALA W 105 19.37 27.56 42.71
N MET W 106 19.25 26.38 43.30
CA MET W 106 19.61 26.23 44.70
C MET W 106 21.12 26.03 44.75
N ASP W 107 21.85 27.07 45.16
CA ASP W 107 23.32 27.02 45.11
C ASP W 107 23.94 26.40 46.36
N TYR W 108 23.25 26.54 47.50
CA TYR W 108 23.73 25.97 48.75
C TYR W 108 22.62 25.23 49.49
N TRP W 109 22.96 24.03 49.96
CA TRP W 109 22.05 23.13 50.64
C TRP W 109 22.64 22.77 51.99
N GLY W 110 21.78 22.55 52.99
CA GLY W 110 22.25 22.14 54.31
C GLY W 110 22.60 20.66 54.39
N GLN W 111 22.99 20.21 55.57
CA GLN W 111 23.30 18.81 55.81
C GLN W 111 22.06 17.95 55.56
N GLY W 112 20.94 18.39 56.13
CA GLY W 112 19.65 17.72 55.95
C GLY W 112 19.19 17.18 57.29
N THR W 113 18.03 17.66 57.76
CA THR W 113 17.40 17.09 58.96
C THR W 113 16.28 16.12 58.55
N SER W 114 16.23 14.98 59.22
CA SER W 114 15.40 13.87 58.77
C SER W 114 14.03 13.87 59.44
N VAL W 115 13.03 13.41 58.69
CA VAL W 115 11.66 13.31 59.17
C VAL W 115 11.09 11.93 58.84
N ASN W 116 11.31 10.99 59.76
CA ASN W 116 10.64 9.70 59.74
C ASN W 116 9.20 9.91 60.29
N VAL W 117 8.18 9.39 59.61
CA VAL W 117 6.77 9.61 60.02
C VAL W 117 5.92 8.34 59.98
N SER W 118 5.64 7.78 61.15
CA SER W 118 4.91 6.53 61.27
C SER W 118 4.21 6.42 62.61
N SER W 119 3.30 5.46 62.71
CA SER W 119 2.53 5.23 63.93
C SER W 119 3.12 4.19 64.89
N ALA W 120 4.15 3.46 64.46
CA ALA W 120 4.65 2.33 65.25
C ALA W 120 5.34 2.80 66.54
N LYS W 121 5.19 2.02 67.62
CA LYS W 121 5.86 2.30 68.89
C LYS W 121 7.17 1.53 68.97
N THR W 122 8.10 2.01 69.80
CA THR W 122 9.43 1.40 69.93
C THR W 122 9.35 -0.08 70.29
N THR W 123 10.15 -0.91 69.62
CA THR W 123 10.14 -2.35 69.84
C THR W 123 11.56 -2.91 69.71
N PRO W 124 12.03 -3.66 70.72
CA PRO W 124 13.36 -4.27 70.56
C PRO W 124 13.34 -5.42 69.56
N PRO W 125 14.53 -5.82 69.07
CA PRO W 125 14.63 -6.80 68.01
C PRO W 125 14.65 -8.26 68.48
N SER W 126 13.93 -9.12 67.78
CA SER W 126 14.19 -10.56 67.86
C SER W 126 15.46 -10.81 67.06
N VAL W 127 16.32 -11.69 67.56
CA VAL W 127 17.56 -12.03 66.86
C VAL W 127 17.64 -13.54 66.74
N TYR W 128 17.78 -14.02 65.51
CA TYR W 128 17.86 -15.44 65.25
C TYR W 128 19.20 -15.74 64.55
N PRO W 129 19.92 -16.79 65.00
CA PRO W 129 21.19 -17.11 64.38
C PRO W 129 21.01 -17.86 63.07
N LEU W 130 21.91 -17.62 62.13
CA LEU W 130 21.88 -18.29 60.84
C LEU W 130 23.11 -19.16 60.68
N ALA W 131 22.90 -20.48 60.71
CA ALA W 131 23.96 -21.46 60.53
C ALA W 131 23.51 -22.55 59.56
N PRO W 132 24.46 -23.19 58.86
CA PRO W 132 24.09 -24.20 57.86
C PRO W 132 23.61 -25.50 58.53
N GLY W 133 22.40 -25.94 58.17
CA GLY W 133 21.82 -27.13 58.77
C GLY W 133 22.13 -28.37 57.96
N CYS W 134 22.43 -29.47 58.64
CA CYS W 134 22.57 -30.80 58.03
C CYS W 134 23.66 -30.89 56.94
N GLY W 135 23.26 -30.79 55.66
CA GLY W 135 24.15 -31.06 54.52
C GLY W 135 25.56 -30.49 54.67
N ASP W 136 26.56 -31.38 54.65
CA ASP W 136 27.90 -31.06 55.17
C ASP W 136 28.86 -30.32 54.20
N THR W 137 28.36 -29.84 53.05
CA THR W 137 29.17 -29.33 51.86
C THR W 137 30.64 -28.84 52.00
N THR W 138 30.85 -27.72 52.68
CA THR W 138 32.20 -27.16 52.97
C THR W 138 33.23 -26.89 51.83
N GLY W 139 32.89 -25.96 50.94
CA GLY W 139 33.79 -25.37 49.95
C GLY W 139 35.31 -25.04 50.31
N SER W 140 35.51 -24.65 51.58
CA SER W 140 36.87 -24.24 52.19
C SER W 140 36.75 -22.90 52.95
N SER W 141 35.66 -22.18 52.65
CA SER W 141 35.19 -21.06 53.46
C SER W 141 33.76 -21.40 53.87
N VAL W 142 33.29 -20.75 54.93
CA VAL W 142 31.90 -20.93 55.37
C VAL W 142 31.29 -19.58 55.75
N THR W 143 30.04 -19.38 55.32
CA THR W 143 29.33 -18.13 55.57
C THR W 143 28.22 -18.37 56.58
N LEU W 144 28.09 -17.44 57.52
CA LEU W 144 27.10 -17.51 58.59
C LEU W 144 26.39 -16.16 58.67
N GLY W 145 25.46 -16.01 59.61
CA GLY W 145 24.78 -14.73 59.78
C GLY W 145 23.83 -14.62 60.95
N CYS W 146 23.15 -13.48 61.03
CA CYS W 146 22.17 -13.19 62.08
C CYS W 146 20.96 -12.46 61.52
N LEU W 147 19.79 -13.08 61.63
CA LEU W 147 18.53 -12.44 61.22
C LEU W 147 17.98 -11.60 62.36
N VAL W 148 17.64 -10.35 62.08
CA VAL W 148 17.13 -9.41 63.09
C VAL W 148 15.72 -8.95 62.72
N LYS W 149 14.71 -9.60 63.31
CA LYS W 149 13.31 -9.39 62.94
C LYS W 149 12.59 -8.46 63.92
N GLY W 150 11.50 -7.85 63.45
CA GLY W 150 10.52 -7.17 64.30
C GLY W 150 11.04 -6.10 65.26
N TYR W 151 11.63 -5.04 64.71
CA TYR W 151 12.13 -3.93 65.53
C TYR W 151 11.76 -2.56 64.96
N PHE W 152 11.89 -1.55 65.80
CA PHE W 152 11.54 -0.16 65.46
C PHE W 152 12.05 0.75 66.60
N PRO W 153 12.56 1.94 66.27
CA PRO W 153 12.86 2.49 64.96
C PRO W 153 14.15 1.95 64.37
N GLU W 154 14.24 2.00 63.04
CA GLU W 154 15.45 1.59 62.33
C GLU W 154 16.65 2.37 62.90
N SER W 155 17.69 1.63 63.25
CA SER W 155 18.91 2.18 63.90
C SER W 155 19.86 1.08 64.38
N VAL W 156 19.44 -0.18 64.22
CA VAL W 156 20.21 -1.33 64.69
C VAL W 156 21.61 -1.39 64.06
N THR W 157 22.60 -1.81 64.84
CA THR W 157 24.00 -1.85 64.39
C THR W 157 24.69 -3.18 64.77
N VAL W 158 24.56 -4.16 63.88
CA VAL W 158 25.10 -5.51 64.07
C VAL W 158 26.62 -5.58 63.86
N THR W 159 27.37 -5.96 64.89
CA THR W 159 28.84 -6.14 64.81
C THR W 159 29.23 -7.58 65.19
N TRP W 160 30.35 -8.06 64.63
CA TRP W 160 30.76 -9.45 64.81
C TRP W 160 32.05 -9.61 65.63
N ASN W 161 31.98 -10.44 66.67
CA ASN W 161 33.13 -10.75 67.55
C ASN W 161 33.85 -9.52 68.09
N SER W 162 33.08 -8.48 68.41
CA SER W 162 33.65 -7.15 68.68
C SER W 162 34.52 -6.71 67.51
N GLY W 163 33.93 -6.72 66.32
CA GLY W 163 34.62 -6.35 65.07
C GLY W 163 35.95 -7.03 64.81
N SER W 164 36.09 -8.29 65.23
CA SER W 164 37.32 -9.05 65.02
C SER W 164 37.34 -9.56 63.57
N LEU W 165 36.37 -10.40 63.22
CA LEU W 165 36.13 -10.80 61.83
C LEU W 165 35.18 -9.77 61.21
N SER W 166 35.70 -8.58 60.90
CA SER W 166 34.91 -7.48 60.35
C SER W 166 35.07 -7.35 58.81
N SER W 167 36.21 -7.78 58.29
CA SER W 167 36.36 -8.00 56.85
C SER W 167 35.67 -9.32 56.50
N SER W 168 35.06 -9.37 55.32
CA SER W 168 34.22 -10.51 54.91
C SER W 168 32.88 -10.48 55.65
N VAL W 169 32.31 -9.28 55.82
CA VAL W 169 31.02 -9.07 56.48
C VAL W 169 30.13 -8.22 55.58
N HIS W 170 28.84 -8.56 55.54
CA HIS W 170 27.87 -7.81 54.76
C HIS W 170 26.61 -7.57 55.58
N THR W 171 26.41 -6.34 56.03
CA THR W 171 25.16 -5.94 56.69
C THR W 171 24.23 -5.34 55.65
N PHE W 172 23.01 -5.83 55.58
CA PHE W 172 22.06 -5.43 54.55
C PHE W 172 21.10 -4.35 55.04
N PRO W 173 20.68 -3.45 54.14
CA PRO W 173 19.72 -2.43 54.55
C PRO W 173 18.42 -3.03 55.06
N ALA W 174 17.84 -2.41 56.07
CA ALA W 174 16.62 -2.90 56.67
C ALA W 174 15.41 -2.57 55.80
N LEU W 175 14.68 -3.59 55.37
CA LEU W 175 13.38 -3.41 54.75
C LEU W 175 12.32 -3.35 55.83
N LEU W 176 11.18 -2.73 55.51
CA LEU W 176 10.10 -2.56 56.44
C LEU W 176 8.98 -3.52 56.06
N GLN W 177 8.75 -4.55 56.88
CA GLN W 177 7.65 -5.50 56.63
C GLN W 177 6.69 -5.55 57.81
N SER W 178 5.40 -5.41 57.50
CA SER W 178 4.34 -5.51 58.49
C SER W 178 4.52 -4.49 59.62
N GLY W 179 4.84 -3.24 59.27
CA GLY W 179 4.95 -2.15 60.24
C GLY W 179 6.23 -2.13 61.08
N LEU W 180 7.05 -3.18 60.97
CA LEU W 180 8.28 -3.31 61.76
C LEU W 180 9.46 -3.64 60.85
N TYR W 181 10.66 -3.24 61.29
CA TYR W 181 11.86 -3.42 60.48
C TYR W 181 12.45 -4.82 60.57
N THR W 182 13.11 -5.21 59.48
CA THR W 182 13.78 -6.50 59.37
C THR W 182 15.08 -6.29 58.61
N MET W 183 16.18 -6.77 59.18
CA MET W 183 17.47 -6.72 58.48
C MET W 183 18.24 -8.00 58.79
N SER W 184 19.30 -8.24 58.03
CA SER W 184 20.17 -9.38 58.27
C SER W 184 21.63 -8.96 58.11
N SER W 185 22.52 -9.84 58.54
CA SER W 185 23.95 -9.60 58.43
C SER W 185 24.67 -10.93 58.23
N SER W 186 25.53 -10.99 57.22
CA SER W 186 26.28 -12.21 56.93
C SER W 186 27.75 -11.97 57.23
N VAL W 187 28.47 -13.06 57.48
CA VAL W 187 29.90 -13.01 57.77
C VAL W 187 30.56 -14.28 57.26
N THR W 188 31.72 -14.14 56.63
CA THR W 188 32.43 -15.26 56.03
C THR W 188 33.81 -15.43 56.69
N VAL W 189 34.15 -16.68 56.98
CA VAL W 189 35.43 -17.03 57.61
C VAL W 189 35.97 -18.32 57.00
N PRO W 190 37.29 -18.57 57.16
CA PRO W 190 37.85 -19.86 56.76
C PRO W 190 37.10 -21.03 57.41
N SER W 191 36.78 -22.04 56.61
CA SER W 191 35.96 -23.18 57.04
C SER W 191 36.52 -23.88 58.28
N SER W 192 37.83 -24.10 58.26
CA SER W 192 38.53 -24.74 59.37
C SER W 192 38.25 -24.06 60.72
N THR W 193 38.43 -22.74 60.75
CA THR W 193 38.47 -21.99 62.00
C THR W 193 37.10 -21.64 62.61
N TRP W 194 35.99 -22.06 62.02
CA TRP W 194 34.67 -21.78 62.64
C TRP W 194 34.31 -22.71 63.79
N PRO W 195 33.93 -23.97 63.49
CA PRO W 195 33.34 -24.80 64.55
C PRO W 195 34.12 -24.77 65.87
N SER W 196 35.44 -24.64 65.78
CA SER W 196 36.33 -24.52 66.93
C SER W 196 36.30 -23.13 67.59
N GLN W 197 36.39 -22.08 66.78
CA GLN W 197 36.46 -20.70 67.29
C GLN W 197 35.09 -20.16 67.73
N THR W 198 35.09 -19.25 68.69
CA THR W 198 33.87 -18.57 69.11
C THR W 198 33.48 -17.53 68.07
N VAL W 199 32.22 -17.57 67.64
CA VAL W 199 31.69 -16.61 66.64
C VAL W 199 30.35 -16.02 67.11
N THR W 200 30.39 -14.77 67.54
CA THR W 200 29.25 -14.09 68.17
C THR W 200 28.85 -12.85 67.39
N CYS W 201 27.56 -12.73 67.11
CA CYS W 201 27.01 -11.52 66.50
C CYS W 201 26.34 -10.69 67.60
N SER W 202 26.70 -9.40 67.66
CA SER W 202 26.20 -8.49 68.68
C SER W 202 25.29 -7.44 68.05
N VAL W 203 24.01 -7.44 68.45
CA VAL W 203 22.99 -6.61 67.82
C VAL W 203 22.52 -5.52 68.79
N ALA W 204 23.14 -4.35 68.68
CA ALA W 204 22.77 -3.20 69.52
C ALA W 204 21.70 -2.37 68.81
N HIS W 205 20.64 -2.05 69.55
CA HIS W 205 19.52 -1.27 69.03
C HIS W 205 19.20 -0.17 70.04
N PRO W 206 20.07 0.85 70.14
CA PRO W 206 20.01 1.86 71.21
C PRO W 206 18.65 2.53 71.42
N ALA W 207 17.81 2.51 70.40
CA ALA W 207 16.47 3.10 70.48
C ALA W 207 15.61 2.46 71.57
N SER W 208 15.69 1.13 71.70
CA SER W 208 14.98 0.41 72.76
C SER W 208 15.90 0.05 73.93
N SER W 209 17.11 0.60 73.92
CA SER W 209 18.05 0.47 75.03
C SER W 209 18.57 -0.97 75.21
N THR W 210 18.68 -1.70 74.09
CA THR W 210 18.93 -3.15 74.09
C THR W 210 20.26 -3.53 73.41
N THR W 211 20.82 -4.68 73.81
CA THR W 211 21.95 -5.30 73.11
C THR W 211 21.84 -6.81 73.21
N VAL W 212 21.68 -7.48 72.06
CA VAL W 212 21.42 -8.93 72.04
C VAL W 212 22.57 -9.67 71.35
N ASP W 213 23.41 -10.35 72.13
CA ASP W 213 24.48 -11.19 71.58
C ASP W 213 23.94 -12.56 71.19
N LYS W 214 24.62 -13.24 70.28
CA LYS W 214 24.27 -14.61 69.91
C LYS W 214 25.44 -15.35 69.27
N LYS W 215 25.92 -16.39 69.94
CA LYS W 215 26.92 -17.30 69.37
C LYS W 215 26.26 -18.19 68.33
N LEU W 216 27.03 -18.60 67.34
CA LEU W 216 26.51 -19.43 66.26
C LEU W 216 26.89 -20.89 66.47
N GLU W 217 25.88 -21.69 66.82
CA GLU W 217 26.09 -23.10 67.15
C GLU W 217 25.87 -23.95 65.89
N PRO W 218 26.77 -24.92 65.64
CA PRO W 218 26.62 -25.76 64.44
C PRO W 218 25.42 -26.72 64.43
N SER W 219 25.34 -27.53 63.38
CA SER W 219 24.34 -28.59 63.25
C SER W 219 24.91 -29.76 62.47
N GLU X 4 2.70 26.37 22.99
CA GLU X 4 3.27 26.21 24.37
C GLU X 4 2.57 27.15 25.35
N ASP X 5 1.63 26.59 26.12
CA ASP X 5 0.89 27.35 27.14
C ASP X 5 1.78 28.41 27.80
N GLY X 6 1.60 29.65 27.37
CA GLY X 6 2.51 30.72 27.71
C GLY X 6 2.42 31.16 29.16
N ASP X 7 3.42 30.75 29.94
CA ASP X 7 3.59 31.29 31.27
C ASP X 7 4.06 32.72 31.12
N LEU X 8 4.16 33.40 32.25
CA LEU X 8 4.67 34.75 32.29
C LEU X 8 6.13 34.73 31.87
N GLN X 9 6.65 35.86 31.41
CA GLN X 9 8.04 35.92 30.96
C GLN X 9 8.84 37.02 31.61
N CYS X 10 10.15 36.97 31.38
CA CYS X 10 11.04 38.03 31.79
C CYS X 10 10.73 39.26 30.95
N LEU X 11 10.93 40.43 31.53
CA LEU X 11 10.79 41.68 30.79
C LEU X 11 11.95 41.79 29.83
N CYS X 12 13.08 41.21 30.24
CA CYS X 12 14.31 41.25 29.45
C CYS X 12 14.67 39.88 28.94
N VAL X 13 14.08 39.49 27.82
CA VAL X 13 14.37 38.19 27.22
C VAL X 13 15.64 38.33 26.40
N LYS X 14 15.78 39.46 25.71
CA LYS X 14 16.99 39.74 24.95
C LYS X 14 17.52 41.11 25.33
N THR X 15 18.79 41.32 25.01
CA THR X 15 19.57 42.42 25.57
C THR X 15 20.54 42.99 24.55
N THR X 16 21.16 44.12 24.89
CA THR X 16 22.30 44.66 24.14
C THR X 16 23.34 45.23 25.08
N SER X 17 24.61 45.09 24.69
CA SER X 17 25.72 45.77 25.35
C SER X 17 25.86 47.16 24.74
N GLN X 18 25.30 47.33 23.55
CA GLN X 18 25.49 48.52 22.74
C GLN X 18 24.52 49.61 23.13
N VAL X 19 24.94 50.52 23.99
CA VAL X 19 24.17 51.72 24.27
C VAL X 19 25.03 52.85 24.80
N ARG X 20 24.67 54.08 24.44
CA ARG X 20 25.38 55.26 24.88
C ARG X 20 25.00 55.54 26.32
N PRO X 21 25.97 55.51 27.25
CA PRO X 21 25.69 55.81 28.65
C PRO X 21 25.23 57.24 28.90
N ARG X 22 25.66 58.17 28.05
CA ARG X 22 25.11 59.55 28.00
C ARG X 22 23.57 59.61 28.02
N HIS X 23 22.90 58.65 27.39
CA HIS X 23 21.44 58.61 27.32
C HIS X 23 20.73 58.16 28.62
N ILE X 24 21.40 57.34 29.43
CA ILE X 24 20.72 56.60 30.51
C ILE X 24 20.46 57.44 31.76
N THR X 25 19.21 57.84 31.98
CA THR X 25 18.90 58.70 33.14
C THR X 25 18.79 57.91 34.45
N SER X 26 18.62 56.59 34.36
CA SER X 26 18.36 55.80 35.54
C SER X 26 18.65 54.32 35.31
N LEU X 27 18.61 53.54 36.39
CA LEU X 27 18.99 52.15 36.32
C LEU X 27 18.33 51.31 37.42
N GLU X 28 17.39 50.45 37.02
CA GLU X 28 16.72 49.53 37.94
C GLU X 28 17.35 48.15 37.81
N VAL X 29 17.47 47.45 38.94
CA VAL X 29 17.94 46.07 38.96
C VAL X 29 16.96 45.23 39.73
N ILE X 30 16.63 44.06 39.20
CA ILE X 30 15.77 43.12 39.92
C ILE X 30 16.42 41.74 39.94
N LYS X 31 16.20 41.05 41.06
CA LYS X 31 16.88 39.79 41.34
C LYS X 31 16.38 38.76 40.37
N ALA X 32 16.88 37.54 40.54
CA ALA X 32 16.27 36.41 39.90
C ALA X 32 15.06 36.04 40.73
N GLY X 33 14.06 35.45 40.09
CA GLY X 33 12.83 35.05 40.78
C GLY X 33 12.19 33.82 40.16
N PRO X 34 11.11 33.35 40.78
CA PRO X 34 10.36 32.23 40.23
C PRO X 34 9.59 32.61 38.97
N HIS X 35 9.39 33.90 38.75
CA HIS X 35 8.72 34.39 37.55
C HIS X 35 9.68 34.93 36.50
N CYS X 36 10.98 34.96 36.82
CA CYS X 36 12.00 35.22 35.84
C CYS X 36 13.33 34.64 36.29
N PRO X 37 13.71 33.46 35.77
CA PRO X 37 14.90 32.73 36.23
C PRO X 37 16.19 33.54 36.22
N THR X 38 16.53 34.19 35.11
CA THR X 38 17.68 35.09 35.11
C THR X 38 17.30 36.42 35.78
N ALA X 39 18.29 37.07 36.39
CA ALA X 39 18.10 38.42 36.89
C ALA X 39 18.26 39.34 35.71
N GLN X 40 17.88 40.59 35.88
CA GLN X 40 17.87 41.54 34.79
C GLN X 40 18.23 42.90 35.35
N LEU X 41 18.54 43.84 34.47
CA LEU X 41 18.58 45.25 34.86
C LEU X 41 18.14 46.14 33.71
N ILE X 42 17.39 47.16 34.09
CA ILE X 42 16.61 47.94 33.17
C ILE X 42 17.19 49.35 33.18
N ALA X 43 17.92 49.68 32.12
CA ALA X 43 18.40 51.03 31.95
C ALA X 43 17.28 51.83 31.31
N THR X 44 16.98 52.99 31.88
CA THR X 44 15.89 53.83 31.42
C THR X 44 16.50 55.08 30.81
N LEU X 45 16.16 55.38 29.56
CA LEU X 45 16.86 56.40 28.77
C LEU X 45 16.28 57.81 28.93
N LYS X 46 16.91 58.78 28.27
CA LYS X 46 16.49 60.17 28.40
C LYS X 46 15.11 60.40 27.82
N ASN X 47 14.90 59.87 26.62
CA ASN X 47 13.64 60.07 25.92
C ASN X 47 12.47 59.29 26.53
N GLY X 48 12.77 58.25 27.30
CA GLY X 48 11.75 57.55 28.07
C GLY X 48 11.76 56.04 27.97
N ARG X 49 12.37 55.50 26.91
CA ARG X 49 12.40 54.04 26.71
C ARG X 49 13.17 53.40 27.83
N LYS X 50 13.05 52.09 27.92
CA LYS X 50 13.82 51.30 28.84
C LYS X 50 14.49 50.22 28.02
N ILE X 51 15.66 49.78 28.46
CA ILE X 51 16.37 48.72 27.76
C ILE X 51 16.99 47.72 28.70
N CYS X 52 17.26 46.55 28.15
CA CYS X 52 17.79 45.44 28.89
C CYS X 52 19.22 45.25 28.46
N LEU X 53 20.13 45.20 29.43
CA LEU X 53 21.55 45.15 29.10
C LEU X 53 22.14 43.83 29.57
N ASP X 54 23.17 43.38 28.86
CA ASP X 54 23.65 42.00 28.94
C ASP X 54 24.41 41.81 30.26
N LEU X 55 24.15 40.68 30.90
CA LEU X 55 24.85 40.30 32.11
C LEU X 55 26.02 39.38 31.75
N GLN X 56 26.10 38.96 30.48
CA GLN X 56 27.26 38.21 29.99
C GLN X 56 28.47 39.12 29.80
N ALA X 57 28.22 40.38 29.44
CA ALA X 57 29.30 41.38 29.32
C ALA X 57 29.74 41.80 30.71
N PRO X 58 30.86 42.55 30.81
CA PRO X 58 31.32 43.10 32.10
C PRO X 58 30.58 44.36 32.56
N LEU X 59 29.34 44.51 32.08
CA LEU X 59 28.30 45.30 32.71
C LEU X 59 27.71 44.53 33.91
N TYR X 60 28.24 43.32 34.17
CA TYR X 60 27.68 42.38 35.14
C TYR X 60 28.34 42.43 36.52
N LYS X 61 29.58 42.88 36.60
CA LYS X 61 30.28 42.95 37.88
C LYS X 61 29.81 44.15 38.73
N LYS X 62 29.15 45.09 38.06
CA LYS X 62 28.38 46.15 38.75
C LYS X 62 26.94 45.76 39.13
N ILE X 63 26.62 44.46 39.04
CA ILE X 63 25.31 43.91 39.48
C ILE X 63 25.53 43.10 40.73
N ILE X 64 26.32 42.02 40.60
CA ILE X 64 26.56 41.07 41.68
C ILE X 64 26.81 41.81 43.00
N LYS X 65 27.70 42.79 42.95
CA LYS X 65 27.98 43.66 44.06
C LYS X 65 26.82 44.61 44.36
N LYS X 66 26.30 45.25 43.31
CA LYS X 66 25.29 46.29 43.45
C LYS X 66 24.12 45.89 44.36
N LEU X 67 23.28 45.00 43.87
CA LEU X 67 22.09 44.61 44.62
C LEU X 67 22.42 43.65 45.78
N LEU X 68 23.63 43.06 45.83
CA LEU X 68 24.03 42.18 46.98
C LEU X 68 23.40 42.57 48.34
N GLU X 69 23.24 43.87 48.61
CA GLU X 69 22.41 44.32 49.75
C GLU X 69 20.95 44.47 49.36
#